data_8R1D
#
_entry.id   8R1D
#
_cell.length_a   1.00
_cell.length_b   1.00
_cell.length_c   1.00
_cell.angle_alpha   90.00
_cell.angle_beta   90.00
_cell.angle_gamma   90.00
#
_symmetry.space_group_name_H-M   'P 1'
#
loop_
_entity.id
_entity.type
_entity.pdbx_description
1 polymer 'SD1-3 Fab Heavy Chain'
2 polymer 'SD1-3 Fab Light Chain'
3 polymer 'Spike glycoprotein,Fibritin'
4 non-polymer 2-acetamido-2-deoxy-beta-D-glucopyranose
5 water water
#
loop_
_entity_poly.entity_id
_entity_poly.type
_entity_poly.pdbx_seq_one_letter_code
_entity_poly.pdbx_strand_id
1 'polypeptide(L)'
;QVQLVESGGGLVQPGGSLRLSCTASGVTFSSYAMSWVRQAPGKGLEWVSGISGSGDSTYYADSVKGRFTISRDNSKNTLY
LQMNSLRVEDTAVYYCATHYCSGGSCPFDYWGQGTLVTVSS
;
F,D,H
2 'polypeptide(L)'
;PSALTQPPSVSVSPGQTASITCSGDKLGNKYAYWYQQKPGQSPVLVIFQDTMRPSGIPERFSASNSGNTATLTISGTQSI
DEADYYCQAWDSNTAVFGGGTKLTVL
;
L,E,G
3 'polypeptide(L)'
;MFVFLVLLPLVSSQCVNLITRTQSYTNSFTRGVYYPDKVFRSSVLHSTQDLFLPFFSNVTWFHAIHVSGTNGTKRFDNPV
LPFNDGVYFASTEKSNIIRGWIFGTTLDSKTQSLLIVNNATNVVIKVCEFQFCNDPFLDVYYHKNNKSWMESEFRVYSSA
NNCTFEYVSQPFLMDLEGKQGNFKNLREFVFKNIDGYFKIYSKHTPINLGRDLPQGFSALEPLVDLPIGINITRFQTLLA
LHRSYLTPGDSSSGWTAGAAAYYVGYLQPRTFLLKYNENGTITDAVDCALDPLSETKCTLKSFTVEKGIYQTSNFRVQPT
ESIVRFPNITNLCPFDEVFNATRFASVYAWNRKRISNCVADYSVLYNFAPFFAFKCYGVSPTKLNDLCFTNVYADSFVIR
GNEVSQIAPGQTGNIADYNYKLPDDFTGCVIAWNSNKLDSKVGGNYNYQYRLFRKSNLKPFERDISTEIYQAGNKPCNGV
AGFNCYFPLRSYGFRPTYGVGHQPYRVVVLSFELLHAPATVCGPKKSTNLVKNKCVNFNFNGLTGTGVLTESNKKFLPFQ
QFGRDIADTTDAVRDPQTLEILDITPCSFGGVSVITPGTNTSNQVAVLYQGVNCTEVPVAIHADQLTPTWRVYSTGSNVF
QTRAGCLIGAEYVNNSYECDIPIGAGICASYQTQTKSHRRARSVASQSIIAYTMSLGAENLVAYSNNSIAIPTNFTISVT
TEILPVSMTKTSVDCTMYICGDSTECSNLLLQYGSFCTQLKRALTGIAVEQDKNTQEVFAQVKQIYKTPPIKYFGGFNFS
QILPDPSKPSKRSFIEDLLFNKVTLADAGFIKQYGDCLGDIAARDLICAQKFNGLTVLPPLLTDEMIAQYTSALLAGTIT
SGWTFGAGAALQIPFAMQMAYRFNGIGVTQNVLYENQKLIANQFNSAIGKIQDSLSSTASALGKLQDVVNHNAQALNTLV
KQLSSKFGAISSVLNDILSRLDKVEAEVQIDRLITGRLQSLQTYVTQQLIRAAEIRASANLAATKMSECVLGQSKRVDFC
GKGYHLMSFPQSAPHGVVFLHVTYVPAQEKNFTTAPAICHDGKAHFPREGVFVSNGTHWFVTQRNFYEPQIITTDNTFVS
GNCDVVIGIVNNTVYDPLQPELDSFKEELDKYFKNHTSPDVDLGDISGINASVVNIQKEIDRLNEVAKNLNESLIDLQEL
GKYEQGSGYIPEAPRDGQAYVRKDGEWVLLSTFLGRSLEVLFQGPGHHHHHHHHGSAWSHPQFEKGGGSGGGSGGSAWSH
PQFEK
;
A,B,C
#
loop_
_chem_comp.id
_chem_comp.type
_chem_comp.name
_chem_comp.formula
NAG D-saccharide, beta linking 2-acetamido-2-deoxy-beta-D-glucopyranose 'C8 H15 N O6'
#
# COMPACT_ATOMS: atom_id res chain seq x y z
N GLN A 1 -58.04 -23.35 -6.07
CA GLN A 1 -58.37 -24.32 -5.03
C GLN A 1 -57.60 -25.61 -5.21
N VAL A 2 -56.73 -25.93 -4.25
CA VAL A 2 -55.94 -27.16 -4.31
C VAL A 2 -56.84 -28.34 -3.92
N GLN A 3 -56.81 -29.38 -4.76
CA GLN A 3 -57.64 -30.56 -4.54
C GLN A 3 -56.81 -31.80 -4.80
N LEU A 4 -56.69 -32.66 -3.79
CA LEU A 4 -56.01 -33.94 -3.91
C LEU A 4 -57.06 -35.05 -3.85
N VAL A 5 -57.28 -35.71 -4.98
CA VAL A 5 -58.23 -36.81 -5.07
C VAL A 5 -57.44 -38.11 -5.20
N GLU A 6 -57.86 -39.14 -4.50
CA GLU A 6 -57.16 -40.42 -4.48
C GLU A 6 -58.05 -41.53 -5.02
N SER A 7 -57.42 -42.62 -5.43
CA SER A 7 -58.14 -43.74 -6.04
C SER A 7 -57.24 -44.97 -5.99
N GLY A 8 -57.85 -46.11 -6.30
CA GLY A 8 -57.14 -47.37 -6.33
C GLY A 8 -57.19 -48.18 -5.04
N GLY A 9 -57.98 -47.76 -4.06
CA GLY A 9 -58.05 -48.48 -2.79
C GLY A 9 -59.15 -49.52 -2.82
N GLY A 10 -58.83 -50.71 -2.34
CA GLY A 10 -59.80 -51.80 -2.32
C GLY A 10 -59.26 -52.97 -1.53
N LEU A 11 -60.11 -53.99 -1.39
CA LEU A 11 -59.74 -55.18 -0.64
C LEU A 11 -58.74 -56.02 -1.43
N VAL A 12 -57.72 -56.52 -0.72
CA VAL A 12 -56.73 -57.40 -1.30
C VAL A 12 -56.50 -58.58 -0.37
N GLN A 13 -56.05 -59.70 -0.93
CA GLN A 13 -55.54 -60.79 -0.11
C GLN A 13 -54.09 -60.51 0.28
N PRO A 14 -53.63 -61.04 1.41
CA PRO A 14 -52.22 -60.84 1.79
C PRO A 14 -51.29 -61.43 0.73
N GLY A 15 -50.16 -60.76 0.52
CA GLY A 15 -49.27 -61.09 -0.57
C GLY A 15 -49.68 -60.53 -1.91
N GLY A 16 -50.79 -59.79 -1.96
CA GLY A 16 -51.26 -59.21 -3.20
C GLY A 16 -50.56 -57.91 -3.53
N SER A 17 -51.18 -57.14 -4.41
CA SER A 17 -50.54 -55.92 -4.91
C SER A 17 -51.60 -54.88 -5.24
N LEU A 18 -51.16 -53.62 -5.27
CA LEU A 18 -52.02 -52.50 -5.64
C LEU A 18 -51.17 -51.38 -6.22
N ARG A 19 -51.85 -50.40 -6.83
CA ARG A 19 -51.21 -49.19 -7.33
C ARG A 19 -52.11 -48.00 -6.96
N LEU A 20 -51.82 -47.37 -5.83
CA LEU A 20 -52.53 -46.17 -5.44
C LEU A 20 -52.19 -45.02 -6.38
N SER A 21 -53.16 -44.14 -6.60
CA SER A 21 -52.95 -42.97 -7.45
C SER A 21 -53.55 -41.75 -6.77
N CYS A 22 -52.78 -40.66 -6.74
CA CYS A 22 -53.22 -39.39 -6.19
C CYS A 22 -53.09 -38.33 -7.27
N THR A 23 -54.16 -37.56 -7.49
CA THR A 23 -54.22 -36.57 -8.56
C THR A 23 -54.46 -35.19 -7.96
N ALA A 24 -53.62 -34.23 -8.33
CA ALA A 24 -53.70 -32.87 -7.81
C ALA A 24 -54.25 -31.93 -8.87
N SER A 25 -55.08 -30.99 -8.42
CA SER A 25 -55.68 -30.00 -9.30
C SER A 25 -55.59 -28.62 -8.66
N GLY A 26 -55.50 -27.59 -9.49
CA GLY A 26 -55.42 -26.22 -8.99
C GLY A 26 -54.15 -25.90 -8.25
N VAL A 27 -53.02 -26.45 -8.69
CA VAL A 27 -51.72 -26.16 -8.09
C VAL A 27 -50.63 -26.62 -9.05
N THR A 28 -49.47 -25.95 -9.00
CA THR A 28 -48.31 -26.41 -9.75
C THR A 28 -47.84 -27.72 -9.14
N PHE A 29 -48.02 -28.81 -9.89
CA PHE A 29 -47.72 -30.13 -9.35
C PHE A 29 -46.21 -30.38 -9.28
N SER A 30 -45.45 -29.81 -10.21
CA SER A 30 -44.02 -30.08 -10.25
C SER A 30 -43.27 -29.37 -9.13
N SER A 31 -43.82 -28.27 -8.62
CA SER A 31 -43.14 -27.47 -7.60
C SER A 31 -43.26 -28.06 -6.20
N TYR A 32 -44.03 -29.13 -6.03
CA TYR A 32 -44.23 -29.76 -4.74
C TYR A 32 -43.51 -31.08 -4.68
N ALA A 33 -42.93 -31.39 -3.52
CA ALA A 33 -42.59 -32.76 -3.17
C ALA A 33 -43.84 -33.46 -2.69
N MET A 34 -43.95 -34.75 -2.96
CA MET A 34 -45.13 -35.52 -2.63
C MET A 34 -44.77 -36.64 -1.66
N SER A 35 -45.76 -37.07 -0.88
CA SER A 35 -45.51 -38.07 0.14
C SER A 35 -46.78 -38.85 0.44
N TRP A 36 -46.62 -40.13 0.73
CA TRP A 36 -47.71 -40.99 1.17
C TRP A 36 -47.59 -41.23 2.67
N VAL A 37 -48.69 -40.98 3.38
CA VAL A 37 -48.78 -41.21 4.82
C VAL A 37 -50.07 -41.97 5.10
N ARG A 38 -49.99 -43.02 5.91
CA ARG A 38 -51.11 -43.92 6.14
C ARG A 38 -51.56 -43.85 7.59
N GLN A 39 -52.84 -44.13 7.81
CA GLN A 39 -53.45 -44.10 9.14
C GLN A 39 -54.38 -45.28 9.28
N ALA A 40 -54.01 -46.24 10.11
CA ALA A 40 -54.87 -47.37 10.35
C ALA A 40 -56.08 -46.95 11.19
N PRO A 41 -57.20 -47.63 11.04
CA PRO A 41 -58.35 -47.41 11.91
C PRO A 41 -57.99 -47.48 13.39
N GLY A 42 -58.12 -46.38 14.13
CA GLY A 42 -57.82 -46.37 15.55
C GLY A 42 -56.39 -45.99 15.89
N LYS A 43 -55.45 -46.16 14.97
CA LYS A 43 -54.04 -45.90 15.27
C LYS A 43 -53.64 -44.51 14.79
N GLY A 44 -52.34 -44.20 14.82
CA GLY A 44 -51.84 -42.89 14.47
C GLY A 44 -51.38 -42.78 13.04
N LEU A 45 -50.79 -41.63 12.71
CA LEU A 45 -50.27 -41.37 11.38
C LEU A 45 -48.85 -41.91 11.25
N GLU A 46 -48.55 -42.49 10.08
CA GLU A 46 -47.22 -43.00 9.81
C GLU A 46 -46.81 -42.63 8.39
N TRP A 47 -45.69 -41.94 8.26
CA TRP A 47 -45.12 -41.57 6.97
C TRP A 47 -44.62 -42.83 6.26
N VAL A 48 -45.17 -43.11 5.08
CA VAL A 48 -44.78 -44.29 4.34
C VAL A 48 -43.61 -43.98 3.42
N SER A 49 -43.82 -43.08 2.46
CA SER A 49 -42.81 -42.76 1.48
C SER A 49 -43.00 -41.33 1.00
N GLY A 50 -41.93 -40.77 0.45
CA GLY A 50 -41.98 -39.43 -0.10
C GLY A 50 -41.10 -39.33 -1.33
N ILE A 51 -41.51 -38.48 -2.26
CA ILE A 51 -40.80 -38.30 -3.52
C ILE A 51 -40.45 -36.83 -3.68
N SER A 52 -39.33 -36.57 -4.35
CA SER A 52 -38.89 -35.21 -4.64
C SER A 52 -39.79 -34.59 -5.69
N GLY A 53 -39.62 -33.28 -5.91
CA GLY A 53 -40.47 -32.58 -6.85
C GLY A 53 -40.34 -33.09 -8.27
N SER A 54 -39.10 -33.27 -8.72
CA SER A 54 -38.84 -33.85 -10.04
C SER A 54 -38.91 -35.37 -10.04
N GLY A 55 -39.00 -35.98 -8.86
CA GLY A 55 -39.02 -37.43 -8.77
C GLY A 55 -37.66 -38.10 -8.86
N ASP A 56 -36.58 -37.33 -8.86
CA ASP A 56 -35.25 -37.90 -8.96
C ASP A 56 -34.82 -38.61 -7.68
N SER A 57 -35.27 -38.12 -6.53
CA SER A 57 -34.88 -38.68 -5.24
C SER A 57 -36.11 -39.25 -4.54
N THR A 58 -35.95 -40.40 -3.90
CA THR A 58 -37.04 -41.12 -3.27
C THR A 58 -36.64 -41.56 -1.87
N TYR A 59 -37.63 -41.63 -0.98
CA TYR A 59 -37.40 -42.02 0.42
C TYR A 59 -38.55 -42.89 0.91
N TYR A 60 -38.20 -43.92 1.67
CA TYR A 60 -39.16 -44.89 2.18
C TYR A 60 -38.89 -45.13 3.67
N ALA A 61 -39.96 -45.43 4.40
CA ALA A 61 -39.82 -45.87 5.77
C ALA A 61 -39.26 -47.29 5.81
N ASP A 62 -38.70 -47.65 6.97
CA ASP A 62 -38.11 -48.99 7.11
C ASP A 62 -39.16 -50.08 7.00
N SER A 63 -40.33 -49.91 7.63
CA SER A 63 -41.34 -50.95 7.63
C SER A 63 -41.91 -51.19 6.24
N VAL A 64 -41.65 -50.26 5.31
CA VAL A 64 -42.18 -50.33 3.96
C VAL A 64 -41.07 -50.45 2.92
N LYS A 65 -39.82 -50.50 3.35
CA LYS A 65 -38.69 -50.46 2.42
C LYS A 65 -38.64 -51.71 1.55
N GLY A 66 -38.26 -51.51 0.29
CA GLY A 66 -38.14 -52.61 -0.65
C GLY A 66 -39.45 -52.99 -1.31
N ARG A 67 -40.53 -52.99 -0.52
CA ARG A 67 -41.82 -53.43 -1.03
C ARG A 67 -42.48 -52.34 -1.88
N PHE A 68 -42.78 -51.20 -1.27
CA PHE A 68 -43.48 -50.14 -1.96
C PHE A 68 -42.54 -49.37 -2.87
N THR A 69 -43.13 -48.71 -3.88
CA THR A 69 -42.38 -47.85 -4.78
C THR A 69 -43.20 -46.61 -5.06
N ILE A 70 -42.57 -45.45 -4.97
CA ILE A 70 -43.22 -44.16 -5.18
C ILE A 70 -42.78 -43.63 -6.55
N SER A 71 -43.75 -43.09 -7.29
CA SER A 71 -43.47 -42.50 -8.59
C SER A 71 -44.46 -41.39 -8.83
N ARG A 72 -44.14 -40.52 -9.78
CA ARG A 72 -45.03 -39.44 -10.15
C ARG A 72 -44.87 -39.17 -11.63
N ASP A 73 -45.91 -38.61 -12.24
CA ASP A 73 -45.85 -38.16 -13.62
C ASP A 73 -46.42 -36.75 -13.64
N ASN A 74 -45.53 -35.77 -13.89
CA ASN A 74 -45.88 -34.36 -13.82
C ASN A 74 -46.79 -33.95 -14.96
N SER A 75 -46.78 -34.71 -16.06
CA SER A 75 -47.66 -34.38 -17.18
C SER A 75 -49.12 -34.61 -16.81
N LYS A 76 -49.43 -35.72 -16.15
CA LYS A 76 -50.80 -35.98 -15.74
C LYS A 76 -51.10 -35.45 -14.35
N ASN A 77 -50.11 -34.85 -13.69
CA ASN A 77 -50.26 -34.30 -12.34
C ASN A 77 -50.72 -35.39 -11.35
N THR A 78 -50.02 -36.52 -11.39
CA THR A 78 -50.43 -37.69 -10.62
C THR A 78 -49.24 -38.27 -9.85
N LEU A 79 -49.55 -38.83 -8.68
CA LEU A 79 -48.58 -39.51 -7.83
C LEU A 79 -48.97 -40.97 -7.70
N TYR A 80 -48.00 -41.87 -7.80
CA TYR A 80 -48.24 -43.30 -7.79
C TYR A 80 -47.56 -43.96 -6.59
N LEU A 81 -48.24 -44.92 -5.99
CA LEU A 81 -47.69 -45.75 -4.91
C LEU A 81 -47.86 -47.20 -5.33
N GLN A 82 -46.83 -47.77 -5.95
CA GLN A 82 -46.84 -49.18 -6.33
C GLN A 82 -46.74 -50.01 -5.06
N MET A 83 -47.77 -50.79 -4.79
CA MET A 83 -47.88 -51.58 -3.56
C MET A 83 -47.87 -53.05 -3.92
N ASN A 84 -46.95 -53.80 -3.33
CA ASN A 84 -46.85 -55.25 -3.52
C ASN A 84 -46.47 -55.93 -2.21
N SER A 85 -46.64 -57.25 -2.18
CA SER A 85 -46.32 -58.06 -1.00
C SER A 85 -47.05 -57.53 0.23
N LEU A 86 -48.31 -57.16 0.06
CA LEU A 86 -49.04 -56.47 1.11
C LEU A 86 -49.38 -57.41 2.26
N ARG A 87 -48.70 -57.20 3.39
CA ARG A 87 -48.93 -57.96 4.61
C ARG A 87 -50.10 -57.37 5.38
N VAL A 88 -50.47 -58.06 6.45
CA VAL A 88 -51.67 -57.68 7.21
C VAL A 88 -51.51 -56.30 7.84
N GLU A 89 -50.30 -55.96 8.29
CA GLU A 89 -50.06 -54.68 8.93
C GLU A 89 -50.28 -53.49 8.00
N ASP A 90 -50.34 -53.72 6.69
CA ASP A 90 -50.51 -52.64 5.72
C ASP A 90 -51.92 -52.07 5.68
N THR A 91 -52.85 -52.63 6.45
CA THR A 91 -54.21 -52.11 6.46
C THR A 91 -54.25 -50.73 7.11
N ALA A 92 -54.60 -49.72 6.32
CA ALA A 92 -54.66 -48.34 6.80
C ALA A 92 -55.33 -47.50 5.72
N VAL A 93 -55.79 -46.32 6.12
CA VAL A 93 -56.25 -45.30 5.19
C VAL A 93 -55.04 -44.51 4.73
N TYR A 94 -54.82 -44.47 3.41
CA TYR A 94 -53.62 -43.87 2.84
C TYR A 94 -53.93 -42.48 2.30
N TYR A 95 -53.17 -41.48 2.78
CA TYR A 95 -53.27 -40.11 2.30
C TYR A 95 -52.05 -39.77 1.44
N CYS A 96 -52.27 -38.85 0.50
CA CYS A 96 -51.17 -38.19 -0.21
C CYS A 96 -51.10 -36.75 0.28
N ALA A 97 -49.90 -36.30 0.64
CA ALA A 97 -49.70 -34.98 1.19
C ALA A 97 -48.67 -34.22 0.38
N THR A 98 -48.98 -32.98 0.04
CA THR A 98 -48.06 -32.10 -0.65
C THR A 98 -47.19 -31.37 0.36
N HIS A 99 -45.91 -31.25 0.06
CA HIS A 99 -45.00 -30.41 0.84
C HIS A 99 -43.91 -29.87 -0.09
N TYR A 100 -43.41 -28.68 0.25
CA TYR A 100 -42.44 -28.03 -0.63
C TYR A 100 -41.06 -28.65 -0.53
N CYS A 101 -40.72 -29.23 0.62
CA CYS A 101 -39.38 -29.75 0.83
C CYS A 101 -39.43 -30.85 1.88
N SER A 102 -38.35 -31.61 1.97
CA SER A 102 -38.17 -32.62 3.01
C SER A 102 -36.90 -32.38 3.82
N GLY A 103 -36.27 -31.23 3.69
CA GLY A 103 -35.09 -30.91 4.46
C GLY A 103 -35.36 -30.54 5.91
N GLY A 104 -36.63 -30.36 6.27
CA GLY A 104 -37.01 -30.04 7.64
C GLY A 104 -37.75 -28.74 7.81
N SER A 105 -37.91 -27.95 6.76
CA SER A 105 -38.49 -26.61 6.86
C SER A 105 -39.90 -26.51 6.30
N CYS A 106 -40.48 -27.62 5.81
CA CYS A 106 -41.76 -27.52 5.14
C CYS A 106 -42.80 -28.43 5.78
N PRO A 107 -44.04 -27.96 5.90
CA PRO A 107 -45.12 -28.82 6.41
C PRO A 107 -45.92 -29.49 5.31
N PHE A 108 -46.77 -30.44 5.67
CA PHE A 108 -47.75 -30.99 4.74
C PHE A 108 -48.94 -30.03 4.73
N ASP A 109 -48.90 -29.06 3.81
CA ASP A 109 -49.92 -28.01 3.83
C ASP A 109 -51.26 -28.51 3.32
N TYR A 110 -51.25 -29.47 2.38
CA TYR A 110 -52.48 -29.99 1.79
C TYR A 110 -52.49 -31.50 1.91
N TRP A 111 -53.64 -32.05 2.32
CA TRP A 111 -53.84 -33.48 2.46
C TRP A 111 -55.00 -33.93 1.59
N GLY A 112 -55.02 -35.22 1.27
CA GLY A 112 -56.07 -35.81 0.48
C GLY A 112 -57.19 -36.37 1.35
N GLN A 113 -58.25 -36.81 0.67
CA GLN A 113 -59.38 -37.40 1.37
C GLN A 113 -59.00 -38.71 2.04
N GLY A 114 -58.19 -39.52 1.37
CA GLY A 114 -57.71 -40.76 1.94
C GLY A 114 -58.35 -41.97 1.29
N THR A 115 -57.52 -42.93 0.88
CA THR A 115 -57.97 -44.16 0.26
C THR A 115 -57.65 -45.32 1.19
N LEU A 116 -58.52 -46.33 1.17
CA LEU A 116 -58.40 -47.45 2.10
C LEU A 116 -57.81 -48.67 1.40
N VAL A 117 -56.82 -49.28 2.05
CA VAL A 117 -56.24 -50.54 1.60
C VAL A 117 -56.48 -51.52 2.74
N THR A 118 -57.31 -52.53 2.48
CA THR A 118 -57.56 -53.59 3.45
C THR A 118 -57.02 -54.90 2.90
N VAL A 119 -56.21 -55.59 3.69
CA VAL A 119 -55.57 -56.83 3.29
C VAL A 119 -55.94 -57.90 4.30
N SER A 120 -56.58 -58.96 3.82
CA SER A 120 -57.04 -60.05 4.68
C SER A 120 -57.41 -61.24 3.82
N SER A 121 -57.58 -62.38 4.45
CA SER A 121 -57.92 -63.61 3.76
C SER A 121 -59.33 -64.08 4.10
N GLN B 1 -0.61 30.94 -54.74
CA GLN B 1 -0.01 30.25 -55.87
C GLN B 1 1.50 30.14 -55.71
N VAL B 2 1.99 28.92 -55.51
CA VAL B 2 3.41 28.67 -55.37
C VAL B 2 4.06 28.73 -56.74
N GLN B 3 5.17 29.46 -56.85
CA GLN B 3 5.89 29.58 -58.11
C GLN B 3 7.38 29.51 -57.85
N LEU B 4 8.04 28.53 -58.47
CA LEU B 4 9.49 28.38 -58.41
C LEU B 4 10.05 28.70 -59.78
N VAL B 5 10.88 29.75 -59.85
CA VAL B 5 11.51 30.17 -61.10
C VAL B 5 13.00 29.93 -60.98
N GLU B 6 13.59 29.35 -62.02
CA GLU B 6 15.00 29.02 -62.05
C GLU B 6 15.74 29.94 -63.01
N SER B 7 17.04 30.08 -62.80
CA SER B 7 17.86 30.99 -63.60
C SER B 7 19.32 30.60 -63.44
N GLY B 8 20.15 31.17 -64.32
CA GLY B 8 21.58 30.94 -64.29
C GLY B 8 22.08 29.83 -65.20
N GLY B 9 21.21 29.25 -66.02
CA GLY B 9 21.62 28.16 -66.87
C GLY B 9 22.13 28.66 -68.21
N GLY B 10 23.27 28.10 -68.65
CA GLY B 10 23.86 28.48 -69.92
C GLY B 10 25.02 27.57 -70.26
N LEU B 11 25.56 27.77 -71.46
CA LEU B 11 26.67 26.95 -71.91
C LEU B 11 27.93 27.24 -71.11
N VAL B 12 28.66 26.17 -70.80
CA VAL B 12 29.95 26.28 -70.12
C VAL B 12 30.94 25.35 -70.81
N GLN B 13 32.22 25.70 -70.74
CA GLN B 13 33.25 24.74 -71.09
C GLN B 13 33.42 23.75 -69.93
N PRO B 14 33.83 22.51 -70.21
CA PRO B 14 34.05 21.55 -69.13
C PRO B 14 35.14 22.04 -68.18
N GLY B 15 34.96 21.75 -66.90
CA GLY B 15 35.85 22.24 -65.88
C GLY B 15 35.55 23.62 -65.35
N GLY B 16 34.51 24.27 -65.87
CA GLY B 16 34.12 25.59 -65.42
C GLY B 16 33.26 25.55 -64.17
N SER B 17 32.53 26.64 -63.95
CA SER B 17 31.73 26.78 -62.74
C SER B 17 30.42 27.47 -63.08
N LEU B 18 29.42 27.25 -62.21
CA LEU B 18 28.12 27.91 -62.34
C LEU B 18 27.50 28.08 -60.96
N ARG B 19 26.53 29.00 -60.90
CA ARG B 19 25.74 29.29 -59.69
C ARG B 19 24.27 29.34 -60.14
N LEU B 20 23.58 28.21 -60.03
CA LEU B 20 22.15 28.18 -60.31
C LEU B 20 21.38 28.85 -59.16
N SER B 21 20.25 29.45 -59.51
CA SER B 21 19.40 30.14 -58.52
C SER B 21 17.95 29.77 -58.76
N CYS B 22 17.25 29.41 -57.69
CA CYS B 22 15.83 29.13 -57.73
C CYS B 22 15.13 30.04 -56.73
N THR B 23 14.08 30.72 -57.18
CA THR B 23 13.37 31.71 -56.38
C THR B 23 11.92 31.26 -56.20
N ALA B 24 11.47 31.21 -54.94
CA ALA B 24 10.13 30.78 -54.61
C ALA B 24 9.25 31.97 -54.24
N SER B 25 7.99 31.92 -54.66
CA SER B 25 7.04 32.98 -54.35
C SER B 25 5.71 32.36 -53.95
N GLY B 26 4.98 33.06 -53.10
CA GLY B 26 3.69 32.58 -52.63
C GLY B 26 3.76 31.35 -51.76
N VAL B 27 4.77 31.27 -50.89
CA VAL B 27 4.91 30.16 -49.96
C VAL B 27 5.91 30.54 -48.88
N THR B 28 5.74 30.00 -47.68
CA THR B 28 6.75 30.16 -46.62
C THR B 28 8.00 29.40 -47.04
N PHE B 29 9.06 30.15 -47.38
CA PHE B 29 10.25 29.51 -47.93
C PHE B 29 11.06 28.80 -46.87
N SER B 30 11.00 29.29 -45.63
CA SER B 30 11.81 28.69 -44.56
C SER B 30 11.24 27.37 -44.08
N SER B 31 9.93 27.16 -44.24
CA SER B 31 9.28 25.96 -43.76
C SER B 31 9.51 24.75 -44.66
N TYR B 32 10.15 24.92 -45.81
CA TYR B 32 10.37 23.86 -46.76
C TYR B 32 11.83 23.46 -46.79
N ALA B 33 12.07 22.16 -46.96
CA ALA B 33 13.36 21.67 -47.40
C ALA B 33 13.42 21.76 -48.92
N MET B 34 14.59 22.07 -49.45
CA MET B 34 14.74 22.27 -50.88
C MET B 34 15.70 21.22 -51.45
N SER B 35 15.55 20.96 -52.75
CA SER B 35 16.33 19.92 -53.39
C SER B 35 16.51 20.22 -54.86
N TRP B 36 17.69 19.89 -55.38
CA TRP B 36 17.99 20.00 -56.80
C TRP B 36 17.93 18.61 -57.43
N VAL B 37 17.23 18.52 -58.56
CA VAL B 37 17.09 17.27 -59.30
C VAL B 37 17.31 17.57 -60.78
N ARG B 38 18.08 16.72 -61.45
CA ARG B 38 18.46 16.97 -62.83
C ARG B 38 17.93 15.89 -63.76
N GLN B 39 17.56 16.31 -64.97
CA GLN B 39 17.05 15.42 -66.00
C GLN B 39 17.80 15.67 -67.29
N ALA B 40 18.57 14.69 -67.70
CA ALA B 40 19.23 14.84 -68.96
C ALA B 40 18.18 14.68 -70.07
N PRO B 41 18.35 15.40 -71.11
CA PRO B 41 17.63 15.15 -72.38
C PRO B 41 17.62 13.67 -72.81
N GLY B 42 16.46 12.99 -72.77
CA GLY B 42 16.39 11.57 -73.08
C GLY B 42 16.54 10.61 -71.91
N LYS B 43 17.09 11.06 -70.78
CA LYS B 43 17.30 10.18 -69.63
C LYS B 43 16.24 10.44 -68.56
N GLY B 44 16.37 9.78 -67.41
CA GLY B 44 15.43 9.90 -66.32
C GLY B 44 15.80 11.01 -65.34
N LEU B 45 15.12 11.01 -64.20
CA LEU B 45 15.38 11.98 -63.15
C LEU B 45 16.44 11.45 -62.19
N GLU B 46 17.31 12.34 -61.75
CA GLU B 46 18.33 12.01 -60.76
C GLU B 46 18.36 13.11 -59.70
N TRP B 47 18.26 12.69 -58.44
CA TRP B 47 18.36 13.62 -57.31
C TRP B 47 19.81 14.06 -57.17
N VAL B 48 20.05 15.37 -57.29
CA VAL B 48 21.41 15.90 -57.20
C VAL B 48 21.75 16.16 -55.74
N SER B 49 21.04 17.08 -55.11
CA SER B 49 21.35 17.49 -53.75
C SER B 49 20.09 18.03 -53.09
N GLY B 50 20.11 18.05 -51.76
CA GLY B 50 19.00 18.56 -50.99
C GLY B 50 19.50 19.28 -49.76
N ILE B 51 18.78 20.32 -49.37
CA ILE B 51 19.15 21.14 -48.23
C ILE B 51 17.98 21.16 -47.24
N SER B 52 18.31 21.15 -45.96
CA SER B 52 17.31 21.23 -44.90
C SER B 52 16.63 22.60 -44.94
N GLY B 53 15.56 22.74 -44.15
CA GLY B 53 14.79 23.97 -44.17
C GLY B 53 15.60 25.17 -43.73
N SER B 54 16.32 25.04 -42.62
CA SER B 54 17.19 26.09 -42.14
C SER B 54 18.53 26.13 -42.87
N GLY B 55 18.84 25.09 -43.65
CA GLY B 55 20.11 25.02 -44.33
C GLY B 55 21.26 24.51 -43.48
N ASP B 56 20.99 24.09 -42.25
CA ASP B 56 22.06 23.60 -41.38
C ASP B 56 22.60 22.25 -41.83
N SER B 57 21.76 21.39 -42.42
CA SER B 57 22.16 20.07 -42.87
C SER B 57 22.08 20.01 -44.39
N THR B 58 23.02 19.31 -44.99
CA THR B 58 23.15 19.24 -46.44
C THR B 58 23.36 17.80 -46.88
N TYR B 59 22.83 17.47 -48.06
CA TYR B 59 22.95 16.13 -48.62
C TYR B 59 23.20 16.20 -50.12
N TYR B 60 24.08 15.32 -50.59
CA TYR B 60 24.49 15.29 -51.98
C TYR B 60 24.47 13.86 -52.51
N ALA B 61 24.20 13.72 -53.80
CA ALA B 61 24.43 12.46 -54.48
C ALA B 61 25.93 12.26 -54.67
N ASP B 62 26.32 10.99 -54.80
CA ASP B 62 27.75 10.67 -54.91
C ASP B 62 28.35 11.20 -56.20
N SER B 63 27.55 11.29 -57.27
CA SER B 63 28.07 11.72 -58.56
C SER B 63 28.54 13.17 -58.51
N VAL B 64 27.86 14.01 -57.74
CA VAL B 64 28.16 15.44 -57.67
C VAL B 64 28.83 15.81 -56.36
N LYS B 65 29.22 14.82 -55.55
CA LYS B 65 29.80 15.11 -54.24
C LYS B 65 31.14 15.83 -54.36
N GLY B 66 31.43 16.67 -53.37
CA GLY B 66 32.68 17.42 -53.35
C GLY B 66 32.67 18.62 -54.27
N ARG B 67 32.13 18.44 -55.47
CA ARG B 67 32.10 19.51 -56.46
C ARG B 67 31.00 20.51 -56.16
N PHE B 68 29.75 20.05 -56.13
CA PHE B 68 28.60 20.93 -56.01
C PHE B 68 28.40 21.38 -54.56
N THR B 69 27.75 22.53 -54.41
CA THR B 69 27.39 23.08 -53.11
C THR B 69 26.03 23.75 -53.23
N ILE B 70 25.12 23.38 -52.34
CA ILE B 70 23.76 23.91 -52.32
C ILE B 70 23.60 24.77 -51.07
N SER B 71 23.06 25.97 -51.25
CA SER B 71 22.84 26.90 -50.15
C SER B 71 21.48 27.55 -50.35
N ARG B 72 21.10 28.39 -49.39
CA ARG B 72 19.84 29.11 -49.48
C ARG B 72 19.92 30.40 -48.67
N ASP B 73 19.18 31.40 -49.11
CA ASP B 73 19.02 32.65 -48.37
C ASP B 73 17.53 32.82 -48.11
N ASN B 74 17.14 32.64 -46.84
CA ASN B 74 15.73 32.70 -46.48
C ASN B 74 15.18 34.12 -46.54
N SER B 75 16.05 35.12 -46.40
CA SER B 75 15.60 36.50 -46.56
C SER B 75 15.20 36.78 -48.00
N LYS B 76 15.94 36.24 -48.96
CA LYS B 76 15.62 36.44 -50.37
C LYS B 76 14.73 35.33 -50.95
N ASN B 77 14.41 34.31 -50.15
CA ASN B 77 13.61 33.17 -50.62
C ASN B 77 14.22 32.54 -51.86
N THR B 78 15.53 32.33 -51.82
CA THR B 78 16.29 31.85 -52.95
C THR B 78 17.09 30.61 -52.58
N LEU B 79 17.17 29.68 -53.53
CA LEU B 79 17.96 28.47 -53.38
C LEU B 79 19.09 28.49 -54.41
N TYR B 80 20.31 28.20 -53.95
CA TYR B 80 21.49 28.29 -54.78
C TYR B 80 22.11 26.92 -54.98
N LEU B 81 22.68 26.70 -56.16
CA LEU B 81 23.41 25.48 -56.49
C LEU B 81 24.73 25.88 -57.14
N GLN B 82 25.79 25.92 -56.34
CA GLN B 82 27.13 26.21 -56.86
C GLN B 82 27.66 24.95 -57.52
N MET B 83 27.87 25.02 -58.83
CA MET B 83 28.34 23.88 -59.61
C MET B 83 29.69 24.23 -60.24
N ASN B 84 30.75 23.62 -59.72
CA ASN B 84 32.10 23.81 -60.23
C ASN B 84 32.64 22.49 -60.74
N SER B 85 33.78 22.57 -61.45
CA SER B 85 34.43 21.40 -62.04
C SER B 85 33.45 20.62 -62.92
N LEU B 86 32.65 21.34 -63.68
CA LEU B 86 31.59 20.72 -64.45
C LEU B 86 32.16 19.79 -65.52
N ARG B 87 31.85 18.51 -65.40
CA ARG B 87 32.20 17.50 -66.37
C ARG B 87 31.06 17.34 -67.36
N VAL B 88 31.34 16.68 -68.48
CA VAL B 88 30.38 16.60 -69.57
C VAL B 88 29.11 15.87 -69.13
N GLU B 89 29.24 14.92 -68.20
CA GLU B 89 28.09 14.17 -67.71
C GLU B 89 27.06 15.04 -67.00
N ASP B 90 27.43 16.25 -66.61
CA ASP B 90 26.53 17.15 -65.89
C ASP B 90 25.48 17.80 -66.79
N THR B 91 25.53 17.57 -68.09
CA THR B 91 24.56 18.20 -69.00
C THR B 91 23.17 17.64 -68.76
N ALA B 92 22.29 18.48 -68.23
CA ALA B 92 20.93 18.07 -67.90
C ALA B 92 20.11 19.32 -67.57
N VAL B 93 18.80 19.17 -67.61
CA VAL B 93 17.88 20.20 -67.14
C VAL B 93 17.77 20.07 -65.62
N TYR B 94 18.02 21.16 -64.91
CA TYR B 94 18.04 21.15 -63.46
C TYR B 94 16.76 21.76 -62.91
N TYR B 95 16.05 21.00 -62.08
CA TYR B 95 14.85 21.47 -61.39
C TYR B 95 15.15 21.74 -59.92
N CYS B 96 14.40 22.68 -59.35
CA CYS B 96 14.33 22.85 -57.90
C CYS B 96 12.96 22.41 -57.41
N ALA B 97 12.94 21.61 -56.36
CA ALA B 97 11.70 21.05 -55.84
C ALA B 97 11.59 21.31 -54.35
N THR B 98 10.39 21.73 -53.92
CA THR B 98 10.08 21.91 -52.52
C THR B 98 9.59 20.60 -51.93
N HIS B 99 10.04 20.30 -50.71
CA HIS B 99 9.50 19.19 -49.94
C HIS B 99 9.58 19.55 -48.46
N TYR B 100 8.63 19.06 -47.68
CA TYR B 100 8.58 19.43 -46.26
C TYR B 100 9.65 18.71 -45.44
N CYS B 101 10.04 17.51 -45.86
CA CYS B 101 11.00 16.72 -45.09
C CYS B 101 11.74 15.79 -46.03
N SER B 102 12.85 15.25 -45.54
CA SER B 102 13.63 14.25 -46.26
C SER B 102 13.77 12.96 -45.48
N GLY B 103 13.03 12.80 -44.38
CA GLY B 103 13.05 11.56 -43.62
C GLY B 103 12.33 10.41 -44.25
N GLY B 104 11.59 10.65 -45.34
CA GLY B 104 10.88 9.62 -46.06
C GLY B 104 9.38 9.80 -46.14
N SER B 105 8.81 10.79 -45.45
CA SER B 105 7.37 10.95 -45.37
C SER B 105 6.84 12.09 -46.24
N CYS B 106 7.69 12.77 -47.01
CA CYS B 106 7.23 13.94 -47.74
C CYS B 106 7.54 13.84 -49.22
N PRO B 107 6.62 14.27 -50.08
CA PRO B 107 6.89 14.29 -51.53
C PRO B 107 7.40 15.63 -52.02
N PHE B 108 7.88 15.67 -53.27
CA PHE B 108 8.19 16.93 -53.93
C PHE B 108 6.87 17.48 -54.47
N ASP B 109 6.20 18.31 -53.68
CA ASP B 109 4.86 18.76 -54.04
C ASP B 109 4.89 19.81 -55.15
N TYR B 110 5.94 20.63 -55.19
CA TYR B 110 6.05 21.69 -56.20
C TYR B 110 7.40 21.58 -56.89
N TRP B 111 7.38 21.67 -58.23
CA TRP B 111 8.58 21.65 -59.05
C TRP B 111 8.71 22.94 -59.84
N GLY B 112 9.92 23.22 -60.29
CA GLY B 112 10.20 24.38 -61.10
C GLY B 112 10.09 24.09 -62.59
N GLN B 113 10.28 25.15 -63.38
CA GLN B 113 10.26 24.99 -64.83
C GLN B 113 11.47 24.20 -65.31
N GLY B 114 12.64 24.52 -64.80
CA GLY B 114 13.86 23.81 -65.15
C GLY B 114 14.84 24.70 -65.91
N THR B 115 16.11 24.57 -65.55
CA THR B 115 17.19 25.33 -66.19
C THR B 115 18.18 24.37 -66.81
N LEU B 116 18.80 24.80 -67.90
CA LEU B 116 19.70 23.93 -68.66
C LEU B 116 21.16 24.29 -68.39
N VAL B 117 21.95 23.27 -68.09
CA VAL B 117 23.40 23.39 -67.97
C VAL B 117 23.99 22.46 -69.01
N THR B 118 24.50 23.03 -70.11
CA THR B 118 25.21 22.28 -71.13
C THR B 118 26.69 22.58 -71.02
N VAL B 119 27.51 21.53 -70.98
CA VAL B 119 28.96 21.66 -70.84
C VAL B 119 29.62 20.92 -72.00
N SER B 120 30.44 21.64 -72.77
CA SER B 120 31.09 21.07 -73.94
C SER B 120 32.16 22.04 -74.42
N SER B 121 32.90 21.62 -75.43
CA SER B 121 33.97 22.44 -76.00
C SER B 121 33.80 22.60 -77.50
N GLN C 1 -16.79 49.45 35.03
CA GLN C 1 -15.70 50.17 35.65
C GLN C 1 -15.03 49.36 36.76
N VAL C 2 -13.81 48.91 36.51
CA VAL C 2 -13.05 48.15 37.48
C VAL C 2 -12.54 49.10 38.57
N GLN C 3 -12.73 48.71 39.83
CA GLN C 3 -12.27 49.51 40.95
C GLN C 3 -11.67 48.62 42.02
N LEU C 4 -10.42 48.90 42.38
CA LEU C 4 -9.73 48.20 43.46
C LEU C 4 -9.54 49.16 44.62
N VAL C 5 -10.11 48.81 45.78
CA VAL C 5 -10.02 49.64 46.98
C VAL C 5 -9.23 48.89 48.02
N GLU C 6 -8.24 49.56 48.61
CA GLU C 6 -7.38 48.98 49.62
C GLU C 6 -7.74 49.51 51.01
N SER C 7 -7.39 48.73 52.03
CA SER C 7 -7.71 49.10 53.40
C SER C 7 -6.81 48.34 54.34
N GLY C 8 -6.77 48.79 55.59
CA GLY C 8 -6.02 48.14 56.64
C GLY C 8 -4.64 48.69 56.90
N GLY C 9 -4.30 49.84 56.31
CA GLY C 9 -2.97 50.40 56.49
C GLY C 9 -2.92 51.39 57.64
N GLY C 10 -1.88 51.28 58.46
CA GLY C 10 -1.70 52.18 59.59
C GLY C 10 -0.33 51.99 60.20
N LEU C 11 -0.05 52.82 61.22
CA LEU C 11 1.22 52.74 61.92
C LEU C 11 1.30 51.48 62.77
N VAL C 12 2.46 50.82 62.72
CA VAL C 12 2.71 49.63 63.53
C VAL C 12 4.09 49.79 64.16
N GLN C 13 4.29 49.14 65.30
CA GLN C 13 5.62 49.01 65.86
C GLN C 13 6.36 47.88 65.13
N PRO C 14 7.69 47.96 65.04
CA PRO C 14 8.45 46.86 64.41
C PRO C 14 8.24 45.56 65.16
N GLY C 15 8.18 44.46 64.40
CA GLY C 15 7.82 43.17 64.95
C GLY C 15 6.33 42.95 65.10
N GLY C 16 5.51 43.94 64.74
CA GLY C 16 4.08 43.83 64.83
C GLY C 16 3.49 43.07 63.64
N SER C 17 2.21 43.29 63.42
CA SER C 17 1.49 42.54 62.39
C SER C 17 0.38 43.39 61.81
N LEU C 18 -0.05 43.01 60.60
CA LEU C 18 -1.14 43.67 59.91
C LEU C 18 -1.84 42.66 59.00
N ARG C 19 -2.97 43.09 58.44
CA ARG C 19 -3.67 42.35 57.39
C ARG C 19 -4.22 43.40 56.43
N LEU C 20 -3.60 43.49 55.26
CA LEU C 20 -4.14 44.33 54.20
C LEU C 20 -5.29 43.61 53.50
N SER C 21 -6.22 44.38 52.95
CA SER C 21 -7.35 43.83 52.21
C SER C 21 -7.61 44.68 50.98
N CYS C 22 -7.76 44.01 49.83
CA CYS C 22 -8.05 44.67 48.57
C CYS C 22 -9.34 44.10 48.02
N THR C 23 -10.28 44.97 47.66
CA THR C 23 -11.61 44.57 47.23
C THR C 23 -11.83 45.05 45.80
N ALA C 24 -12.25 44.15 44.92
CA ALA C 24 -12.48 44.47 43.52
C ALA C 24 -13.98 44.59 43.24
N SER C 25 -14.32 45.54 42.36
CA SER C 25 -15.70 45.74 41.96
C SER C 25 -15.76 45.96 40.45
N GLY C 26 -16.87 45.53 39.86
CA GLY C 26 -17.06 45.67 38.43
C GLY C 26 -16.11 44.85 37.59
N VAL C 27 -15.80 43.64 38.03
CA VAL C 27 -14.92 42.73 37.29
C VAL C 27 -15.09 41.32 37.83
N THR C 28 -14.84 40.32 36.98
CA THR C 28 -14.83 38.93 37.44
C THR C 28 -13.58 38.73 38.28
N PHE C 29 -13.77 38.48 39.58
CA PHE C 29 -12.64 38.42 40.49
C PHE C 29 -11.88 37.10 40.35
N SER C 30 -12.59 36.02 40.04
CA SER C 30 -11.96 34.71 39.99
C SER C 30 -11.11 34.52 38.74
N SER C 31 -11.40 35.28 37.67
CA SER C 31 -10.68 35.12 36.41
C SER C 31 -9.33 35.82 36.42
N TYR C 32 -9.01 36.59 37.46
CA TYR C 32 -7.77 37.34 37.54
C TYR C 32 -6.84 36.70 38.56
N ALA C 33 -5.54 36.70 38.24
CA ALA C 33 -4.51 36.52 39.26
C ALA C 33 -4.28 37.87 39.93
N MET C 34 -3.99 37.84 41.22
CA MET C 34 -3.81 39.05 41.99
C MET C 34 -2.40 39.12 42.55
N SER C 35 -1.95 40.34 42.84
CA SER C 35 -0.58 40.53 43.29
C SER C 35 -0.50 41.79 44.16
N TRP C 36 0.42 41.75 45.13
CA TRP C 36 0.74 42.88 45.98
C TRP C 36 2.10 43.45 45.59
N VAL C 37 2.16 44.77 45.43
CA VAL C 37 3.37 45.47 45.04
C VAL C 37 3.49 46.73 45.91
N ARG C 38 4.69 46.98 46.42
CA ARG C 38 4.91 48.07 47.37
C ARG C 38 5.84 49.13 46.80
N GLN C 39 5.60 50.37 47.20
CA GLN C 39 6.40 51.52 46.75
C GLN C 39 6.69 52.40 47.95
N ALA C 40 7.94 52.42 48.38
CA ALA C 40 8.32 53.29 49.46
C ALA C 40 8.37 54.74 48.96
N PRO C 41 8.02 55.70 49.81
CA PRO C 41 8.15 57.11 49.46
C PRO C 41 9.55 57.48 48.96
N GLY C 42 9.67 57.91 47.72
CA GLY C 42 10.97 58.21 47.15
C GLY C 42 11.65 57.06 46.42
N LYS C 43 11.29 55.82 46.74
CA LYS C 43 11.95 54.66 46.14
C LYS C 43 11.11 54.13 44.98
N GLY C 44 11.47 52.95 44.47
CA GLY C 44 10.84 52.38 43.30
C GLY C 44 9.76 51.37 43.62
N LEU C 45 9.26 50.72 42.58
CA LEU C 45 8.25 49.68 42.71
C LEU C 45 8.93 48.34 42.98
N GLU C 46 8.33 47.56 43.88
CA GLU C 46 8.82 46.23 44.21
C GLU C 46 7.67 45.27 44.34
N TRP C 47 7.70 44.19 43.57
CA TRP C 47 6.69 43.14 43.63
C TRP C 47 6.86 42.37 44.93
N VAL C 48 5.81 42.35 45.76
CA VAL C 48 5.88 41.69 47.05
C VAL C 48 5.47 40.23 46.90
N SER C 49 4.21 40.01 46.51
CA SER C 49 3.69 38.65 46.38
C SER C 49 2.55 38.66 45.38
N GLY C 50 2.29 37.48 44.82
CA GLY C 50 1.19 37.32 43.88
C GLY C 50 0.53 35.98 44.08
N ILE C 51 -0.77 35.93 43.81
CA ILE C 51 -1.56 34.72 44.00
C ILE C 51 -2.24 34.38 42.69
N SER C 52 -2.42 33.07 42.46
CA SER C 52 -3.07 32.59 41.27
C SER C 52 -4.56 32.94 41.31
N GLY C 53 -5.26 32.65 40.21
CA GLY C 53 -6.66 33.02 40.12
C GLY C 53 -7.52 32.32 41.15
N SER C 54 -7.35 31.00 41.28
CA SER C 54 -8.06 30.23 42.28
C SER C 54 -7.37 30.27 43.64
N GLY C 55 -6.16 30.80 43.71
CA GLY C 55 -5.41 30.82 44.96
C GLY C 55 -4.68 29.54 45.29
N ASP C 56 -4.68 28.57 44.38
CA ASP C 56 -3.99 27.31 44.64
C ASP C 56 -2.48 27.45 44.65
N SER C 57 -1.94 28.36 43.84
CA SER C 57 -0.51 28.59 43.75
C SER C 57 -0.17 29.97 44.27
N THR C 58 0.94 30.08 44.99
CA THR C 58 1.35 31.31 45.63
C THR C 58 2.82 31.58 45.36
N TYR C 59 3.17 32.87 45.27
CA TYR C 59 4.54 33.28 45.01
C TYR C 59 4.88 34.53 45.83
N TYR C 60 6.10 34.53 46.35
CA TYR C 60 6.58 35.60 47.22
C TYR C 60 7.97 36.04 46.78
N ALA C 61 8.28 37.31 47.03
CA ALA C 61 9.63 37.80 46.85
C ALA C 61 10.53 37.28 47.99
N ASP C 62 11.84 37.30 47.74
CA ASP C 62 12.77 36.82 48.75
C ASP C 62 12.79 37.71 49.99
N SER C 63 12.76 39.03 49.80
CA SER C 63 12.83 39.94 50.94
C SER C 63 11.60 39.84 51.83
N VAL C 64 10.54 39.21 51.33
CA VAL C 64 9.28 39.08 52.05
C VAL C 64 8.94 37.62 52.34
N LYS C 65 9.80 36.68 51.93
CA LYS C 65 9.46 35.27 52.04
C LYS C 65 9.34 34.84 53.50
N GLY C 66 8.41 33.92 53.76
CA GLY C 66 8.20 33.39 55.08
C GLY C 66 7.35 34.30 55.97
N ARG C 67 7.60 35.60 55.87
CA ARG C 67 6.89 36.56 56.72
C ARG C 67 5.47 36.79 56.22
N PHE C 68 5.33 37.24 54.98
CA PHE C 68 4.03 37.65 54.49
C PHE C 68 3.24 36.44 53.99
N THR C 69 1.92 36.58 53.98
CA THR C 69 1.05 35.56 53.43
C THR C 69 -0.09 36.24 52.68
N ILE C 70 -0.32 35.80 51.44
CA ILE C 70 -1.35 36.37 50.58
C ILE C 70 -2.43 35.33 50.33
N SER C 71 -3.69 35.74 50.48
CA SER C 71 -4.83 34.85 50.27
C SER C 71 -5.91 35.66 49.58
N ARG C 72 -6.99 34.97 49.19
CA ARG C 72 -8.10 35.63 48.54
C ARG C 72 -9.40 34.90 48.85
N ASP C 73 -10.50 35.64 48.81
CA ASP C 73 -11.83 35.07 48.96
C ASP C 73 -12.62 35.47 47.72
N ASN C 74 -12.90 34.48 46.87
CA ASN C 74 -13.62 34.74 45.63
C ASN C 74 -15.09 35.03 45.87
N SER C 75 -15.64 34.51 46.98
CA SER C 75 -17.01 34.84 47.33
C SER C 75 -17.15 36.31 47.71
N LYS C 76 -16.19 36.85 48.45
CA LYS C 76 -16.21 38.24 48.86
C LYS C 76 -15.50 39.16 47.86
N ASN C 77 -14.87 38.60 46.82
CA ASN C 77 -14.11 39.37 45.85
C ASN C 77 -13.04 40.20 46.55
N THR C 78 -12.30 39.58 47.46
CA THR C 78 -11.32 40.27 48.28
C THR C 78 -9.98 39.54 48.22
N LEU C 79 -8.91 40.32 48.27
CA LEU C 79 -7.55 39.81 48.34
C LEU C 79 -6.94 40.22 49.68
N TYR C 80 -6.29 39.28 50.35
CA TYR C 80 -5.73 39.51 51.67
C TYR C 80 -4.21 39.40 51.61
N LEU C 81 -3.53 40.27 52.37
CA LEU C 81 -2.09 40.21 52.57
C LEU C 81 -1.84 40.19 54.07
N GLN C 82 -1.70 38.98 54.62
CA GLN C 82 -1.39 38.84 56.04
C GLN C 82 0.04 39.26 56.28
N MET C 83 0.23 40.24 57.15
CA MET C 83 1.53 40.87 57.39
C MET C 83 1.93 40.66 58.84
N ASN C 84 3.10 40.09 59.07
CA ASN C 84 3.63 39.89 60.41
C ASN C 84 5.14 40.07 60.42
N SER C 85 5.69 40.22 61.62
CA SER C 85 7.13 40.42 61.81
C SER C 85 7.63 41.61 61.00
N LEU C 86 6.83 42.68 60.97
CA LEU C 86 7.12 43.80 60.09
C LEU C 86 8.38 44.53 60.53
N ARG C 87 9.39 44.52 59.67
CA ARG C 87 10.65 45.21 59.92
C ARG C 87 10.58 46.62 59.33
N VAL C 88 11.60 47.42 59.67
CA VAL C 88 11.57 48.84 59.32
C VAL C 88 11.56 49.03 57.81
N GLU C 89 12.22 48.15 57.07
CA GLU C 89 12.28 48.25 55.61
C GLU C 89 10.92 48.06 54.95
N ASP C 90 9.92 47.57 55.68
CA ASP C 90 8.60 47.30 55.12
C ASP C 90 7.76 48.57 54.94
N THR C 91 8.27 49.73 55.31
CA THR C 91 7.51 50.97 55.17
C THR C 91 7.38 51.34 53.69
N ALA C 92 6.16 51.28 53.17
CA ALA C 92 5.90 51.58 51.77
C ALA C 92 4.39 51.67 51.57
N VAL C 93 4.01 52.28 50.45
CA VAL C 93 2.62 52.27 50.00
C VAL C 93 2.39 50.98 49.23
N TYR C 94 1.37 50.22 49.63
CA TYR C 94 1.12 48.90 49.07
C TYR C 94 -0.05 48.96 48.10
N TYR C 95 0.20 48.54 46.86
CA TYR C 95 -0.83 48.45 45.83
C TYR C 95 -1.23 46.99 45.60
N CYS C 96 -2.49 46.80 45.19
CA CYS C 96 -2.96 45.53 44.67
C CYS C 96 -3.23 45.68 43.18
N ALA C 97 -2.69 44.75 42.40
CA ALA C 97 -2.81 44.82 40.95
C ALA C 97 -3.38 43.52 40.40
N THR C 98 -4.34 43.64 39.50
CA THR C 98 -4.93 42.51 38.80
C THR C 98 -4.10 42.18 37.57
N HIS C 99 -3.93 40.89 37.30
CA HIS C 99 -3.34 40.42 36.05
C HIS C 99 -3.90 39.06 35.71
N TYR C 100 -3.96 38.76 34.41
CA TYR C 100 -4.57 37.51 33.97
C TYR C 100 -3.67 36.31 34.20
N CYS C 101 -2.36 36.51 34.19
CA CYS C 101 -1.42 35.40 34.31
C CYS C 101 -0.11 35.92 34.90
N SER C 102 0.74 34.97 35.28
CA SER C 102 2.10 35.28 35.74
C SER C 102 3.16 34.54 34.95
N GLY C 103 2.79 33.91 33.83
CA GLY C 103 3.74 33.21 32.99
C GLY C 103 4.60 34.10 32.13
N GLY C 104 4.32 35.40 32.09
CA GLY C 104 5.11 36.35 31.34
C GLY C 104 4.35 37.12 30.28
N SER C 105 3.13 36.73 29.95
CA SER C 105 2.38 37.32 28.86
C SER C 105 1.34 38.34 29.30
N CYS C 106 1.23 38.63 30.59
CA CYS C 106 0.15 39.48 31.06
C CYS C 106 0.68 40.68 31.85
N PRO C 107 0.07 41.85 31.66
CA PRO C 107 0.45 43.04 32.44
C PRO C 107 -0.43 43.25 33.66
N PHE C 108 -0.03 44.17 34.54
CA PHE C 108 -0.90 44.66 35.61
C PHE C 108 -1.81 45.73 35.01
N ASP C 109 -2.97 45.31 34.53
CA ASP C 109 -3.83 46.24 33.78
C ASP C 109 -4.54 47.22 34.72
N TYR C 110 -4.86 46.80 35.94
CA TYR C 110 -5.55 47.65 36.91
C TYR C 110 -4.77 47.69 38.21
N TRP C 111 -4.61 48.88 38.77
CA TRP C 111 -3.94 49.09 40.03
C TRP C 111 -4.89 49.77 41.02
N GLY C 112 -4.62 49.56 42.30
CA GLY C 112 -5.39 50.18 43.37
C GLY C 112 -4.85 51.55 43.73
N GLN C 113 -5.56 52.20 44.66
CA GLN C 113 -5.12 53.52 45.13
C GLN C 113 -3.86 53.42 45.97
N GLY C 114 -3.78 52.40 46.82
CA GLY C 114 -2.57 52.18 47.61
C GLY C 114 -2.82 52.47 49.08
N THR C 115 -2.32 51.58 49.93
CA THR C 115 -2.44 51.70 51.37
C THR C 115 -1.05 51.81 52.00
N LEU C 116 -0.95 52.57 53.08
CA LEU C 116 0.33 52.86 53.70
C LEU C 116 0.55 51.99 54.94
N VAL C 117 1.71 51.36 55.00
CA VAL C 117 2.15 50.62 56.16
C VAL C 117 3.44 51.28 56.64
N THR C 118 3.36 52.04 57.72
CA THR C 118 4.52 52.65 58.35
C THR C 118 4.85 51.87 59.62
N VAL C 119 6.10 51.45 59.75
CA VAL C 119 6.55 50.66 60.88
C VAL C 119 7.73 51.38 61.53
N SER C 120 7.57 51.73 62.81
CA SER C 120 8.58 52.48 63.54
C SER C 120 8.25 52.43 65.02
N SER C 121 9.19 52.90 65.83
CA SER C 121 9.02 52.92 67.28
C SER C 121 9.06 54.35 67.82
N PRO D 1 14.60 40.29 33.20
CA PRO D 1 15.40 39.19 33.73
C PRO D 1 15.39 39.19 35.26
N SER D 2 16.37 39.85 35.86
CA SER D 2 16.38 40.07 37.30
C SER D 2 16.71 41.50 37.72
N ALA D 3 17.37 42.30 36.86
CA ALA D 3 17.71 43.67 37.17
C ALA D 3 17.51 44.53 35.93
N LEU D 4 16.40 45.27 35.89
CA LEU D 4 16.08 46.14 34.76
C LEU D 4 16.71 47.51 34.99
N THR D 5 17.82 47.77 34.30
CA THR D 5 18.55 49.01 34.48
C THR D 5 17.89 50.14 33.70
N GLN D 6 17.75 51.28 34.36
CA GLN D 6 16.98 52.36 33.78
C GLN D 6 17.62 53.70 34.16
N PRO D 7 17.68 54.64 33.21
CA PRO D 7 18.30 55.92 33.52
C PRO D 7 17.49 56.68 34.55
N PRO D 8 18.18 57.50 35.34
CA PRO D 8 17.48 58.26 36.33
C PRO D 8 16.42 59.18 35.77
N SER D 9 16.74 59.94 34.73
CA SER D 9 15.90 61.05 34.31
C SER D 9 16.11 61.32 32.83
N VAL D 10 15.10 61.85 32.15
CA VAL D 10 15.27 62.27 30.76
C VAL D 10 14.60 63.62 30.61
N SER D 11 15.32 64.61 30.07
CA SER D 11 14.81 65.96 29.96
C SER D 11 14.45 66.24 28.51
N VAL D 12 13.23 66.72 28.29
CA VAL D 12 12.66 66.87 26.96
C VAL D 12 11.84 68.14 26.92
N SER D 13 11.96 68.89 25.82
CA SER D 13 11.13 70.06 25.60
C SER D 13 9.83 69.68 24.91
N PRO D 14 8.76 70.44 25.15
CA PRO D 14 7.49 70.20 24.47
C PRO D 14 7.68 70.00 22.97
N GLY D 15 7.09 68.92 22.45
CA GLY D 15 7.17 68.61 21.04
C GLY D 15 8.37 67.77 20.63
N GLN D 16 9.35 67.60 21.51
CA GLN D 16 10.50 66.76 21.20
C GLN D 16 10.14 65.30 21.38
N THR D 17 11.12 64.43 21.14
CA THR D 17 10.94 62.98 21.27
C THR D 17 11.72 62.51 22.49
N ALA D 18 11.02 61.90 23.44
CA ALA D 18 11.66 61.28 24.58
C ALA D 18 11.94 59.81 24.29
N SER D 19 13.08 59.32 24.82
CA SER D 19 13.48 57.93 24.63
C SER D 19 13.99 57.36 25.96
N ILE D 20 13.06 56.78 26.72
CA ILE D 20 13.42 56.08 27.95
C ILE D 20 13.83 54.65 27.61
N THR D 21 14.97 54.23 28.14
CA THR D 21 15.53 52.92 27.87
C THR D 21 15.42 52.03 29.10
N CYS D 22 15.31 50.73 28.87
CA CYS D 22 15.29 49.71 29.92
C CYS D 22 16.24 48.61 29.50
N SER D 23 17.27 48.35 30.32
CA SER D 23 18.30 47.38 29.97
C SER D 23 18.24 46.20 30.94
N GLY D 24 18.39 45.01 30.39
CA GLY D 24 18.42 43.80 31.18
C GLY D 24 18.99 42.65 30.38
N ASP D 25 19.47 41.64 31.10
CA ASP D 25 20.12 40.50 30.46
C ASP D 25 19.16 39.78 29.52
N LYS D 26 19.39 39.93 28.22
CA LYS D 26 18.54 39.31 27.18
C LYS D 26 17.07 39.67 27.39
N LEU D 27 16.82 40.96 27.61
CA LEU D 27 15.44 41.42 27.82
C LEU D 27 14.60 41.22 26.56
N GLY D 28 15.23 41.13 25.40
CA GLY D 28 14.52 40.85 24.17
C GLY D 28 13.90 39.47 24.09
N ASN D 29 14.31 38.54 24.96
CA ASN D 29 13.73 37.21 25.00
C ASN D 29 12.50 37.12 25.90
N LYS D 30 12.11 38.23 26.52
CA LYS D 30 10.92 38.27 27.36
C LYS D 30 10.01 39.42 26.92
N TYR D 31 8.76 39.35 27.34
CA TYR D 31 7.84 40.46 27.12
C TYR D 31 8.19 41.62 28.04
N ALA D 32 7.96 42.84 27.57
CA ALA D 32 8.28 44.04 28.31
C ALA D 32 7.01 44.85 28.56
N TYR D 33 6.96 45.52 29.72
CA TYR D 33 5.79 46.29 30.12
C TYR D 33 6.23 47.64 30.67
N TRP D 34 5.55 48.69 30.24
CA TRP D 34 5.85 50.05 30.66
C TRP D 34 4.66 50.63 31.41
N TYR D 35 4.93 51.25 32.54
CA TYR D 35 3.91 51.90 33.36
C TYR D 35 4.30 53.36 33.58
N GLN D 36 3.29 54.22 33.63
CA GLN D 36 3.48 55.66 33.86
C GLN D 36 2.85 55.98 35.21
N GLN D 37 3.67 56.48 36.14
CA GLN D 37 3.21 56.86 37.47
C GLN D 37 3.40 58.36 37.65
N LYS D 38 2.32 59.06 37.99
CA LYS D 38 2.35 60.49 38.24
C LYS D 38 2.43 60.75 39.73
N PRO D 39 2.89 61.94 40.13
CA PRO D 39 3.01 62.25 41.56
C PRO D 39 1.69 62.11 42.29
N GLY D 40 1.70 61.35 43.37
CA GLY D 40 0.48 61.10 44.15
C GLY D 40 -0.60 60.37 43.38
N GLN D 41 -0.21 59.54 42.41
CA GLN D 41 -1.16 58.82 41.58
C GLN D 41 -0.72 57.37 41.42
N SER D 42 -1.67 56.51 41.11
CA SER D 42 -1.40 55.09 40.93
C SER D 42 -0.74 54.85 39.57
N PRO D 43 0.02 53.76 39.43
CA PRO D 43 0.65 53.45 38.14
C PRO D 43 -0.39 53.17 37.07
N VAL D 44 -0.04 53.49 35.82
CA VAL D 44 -0.91 53.26 34.68
C VAL D 44 -0.10 52.57 33.59
N LEU D 45 -0.60 51.42 33.13
CA LEU D 45 0.07 50.69 32.05
C LEU D 45 -0.10 51.40 30.72
N VAL D 46 1.00 51.51 29.96
CA VAL D 46 0.97 52.20 28.68
C VAL D 46 1.50 51.30 27.57
N ILE D 47 2.34 50.34 27.92
CA ILE D 47 2.89 49.38 26.97
C ILE D 47 2.83 47.99 27.59
N PHE D 48 2.26 47.03 26.87
CA PHE D 48 2.31 45.63 27.27
C PHE D 48 2.75 44.79 26.08
N GLN D 49 3.39 43.66 26.38
CA GLN D 49 3.89 42.73 25.36
C GLN D 49 4.72 43.46 24.31
N ASP D 50 5.75 44.17 24.80
CA ASP D 50 6.76 44.85 23.98
C ASP D 50 6.24 46.10 23.30
N THR D 51 5.29 45.98 22.38
CA THR D 51 4.92 47.10 21.51
C THR D 51 3.42 47.40 21.50
N MET D 52 2.65 46.79 22.40
CA MET D 52 1.20 46.97 22.39
C MET D 52 0.77 47.98 23.45
N ARG D 53 -0.23 48.80 23.12
CA ARG D 53 -0.74 49.82 24.02
C ARG D 53 -2.15 49.50 24.44
N PRO D 54 -2.48 49.69 25.72
CA PRO D 54 -3.88 49.52 26.16
C PRO D 54 -4.77 50.56 25.49
N SER D 55 -6.06 50.20 25.37
CA SER D 55 -7.03 51.13 24.83
C SER D 55 -7.10 52.38 25.69
N GLY D 56 -7.05 53.55 25.03
CA GLY D 56 -7.05 54.83 25.70
C GLY D 56 -5.68 55.47 25.84
N ILE D 57 -4.61 54.70 25.71
CA ILE D 57 -3.26 55.27 25.76
C ILE D 57 -3.00 56.02 24.46
N PRO D 58 -2.48 57.25 24.51
CA PRO D 58 -2.31 58.04 23.28
C PRO D 58 -1.39 57.34 22.28
N GLU D 59 -1.72 57.51 20.99
CA GLU D 59 -0.97 56.85 19.93
C GLU D 59 0.48 57.31 19.85
N ARG D 60 0.81 58.44 20.47
CA ARG D 60 2.20 58.91 20.48
C ARG D 60 3.14 57.93 21.16
N PHE D 61 2.65 57.14 22.10
CA PHE D 61 3.48 56.19 22.81
C PHE D 61 3.85 55.02 21.89
N SER D 62 5.11 54.58 22.00
CA SER D 62 5.60 53.45 21.23
C SER D 62 6.73 52.81 22.01
N ALA D 63 7.02 51.55 21.68
CA ALA D 63 8.06 50.82 22.39
C ALA D 63 8.61 49.71 21.50
N SER D 64 9.74 49.16 21.93
CA SER D 64 10.37 48.03 21.26
C SER D 64 11.21 47.29 22.29
N ASN D 65 11.57 46.04 21.96
CA ASN D 65 12.38 45.20 22.84
C ASN D 65 13.22 44.27 21.95
N SER D 66 14.46 44.66 21.70
CA SER D 66 15.38 43.88 20.89
C SER D 66 16.72 43.75 21.60
N GLY D 67 17.37 42.62 21.38
CA GLY D 67 18.66 42.38 22.02
C GLY D 67 18.49 42.19 23.51
N ASN D 68 19.03 43.13 24.28
CA ASN D 68 18.96 43.10 25.74
C ASN D 68 18.55 44.46 26.28
N THR D 69 17.77 45.21 25.50
CA THR D 69 17.27 46.51 25.92
C THR D 69 15.87 46.71 25.37
N ALA D 70 15.02 47.39 26.15
CA ALA D 70 13.71 47.83 25.72
C ALA D 70 13.59 49.34 25.89
N THR D 71 13.06 50.01 24.88
CA THR D 71 12.99 51.46 24.88
C THR D 71 11.55 51.91 24.76
N LEU D 72 11.22 53.00 25.45
CA LEU D 72 9.91 53.65 25.37
C LEU D 72 10.10 55.03 24.76
N THR D 73 9.40 55.29 23.66
CA THR D 73 9.54 56.54 22.92
C THR D 73 8.20 57.26 22.88
N ILE D 74 8.13 58.40 23.58
CA ILE D 74 6.96 59.28 23.50
C ILE D 74 7.31 60.36 22.47
N SER D 75 6.76 60.22 21.28
CA SER D 75 6.96 61.23 20.24
C SER D 75 6.04 62.41 20.47
N GLY D 76 6.57 63.61 20.26
CA GLY D 76 5.82 64.82 20.49
C GLY D 76 5.42 65.00 21.94
N THR D 77 6.38 64.82 22.85
CA THR D 77 6.16 64.90 24.29
C THR D 77 5.43 66.17 24.67
N GLN D 78 4.25 66.02 25.26
CA GLN D 78 3.44 67.13 25.73
C GLN D 78 3.64 67.32 27.23
N SER D 79 3.01 68.38 27.76
CA SER D 79 3.13 68.67 29.19
C SER D 79 2.47 67.58 30.02
N ILE D 80 1.41 66.96 29.50
CA ILE D 80 0.71 65.91 30.24
C ILE D 80 1.64 64.73 30.48
N ASP D 81 2.55 64.47 29.54
CA ASP D 81 3.39 63.27 29.61
C ASP D 81 4.43 63.33 30.71
N GLU D 82 4.57 64.48 31.38
CA GLU D 82 5.44 64.56 32.54
C GLU D 82 4.98 63.56 33.59
N ALA D 83 5.80 62.54 33.85
CA ALA D 83 5.45 61.48 34.80
C ALA D 83 6.70 60.64 35.05
N ASP D 84 6.55 59.65 35.92
CA ASP D 84 7.62 58.72 36.27
C ASP D 84 7.32 57.40 35.58
N TYR D 85 8.11 57.05 34.57
CA TYR D 85 7.87 55.87 33.75
C TYR D 85 8.64 54.69 34.31
N TYR D 86 8.01 53.52 34.32
CA TYR D 86 8.61 52.32 34.86
C TYR D 86 8.67 51.23 33.79
N CYS D 87 9.54 50.26 34.03
CA CYS D 87 9.76 49.14 33.11
C CYS D 87 9.68 47.84 33.89
N GLN D 88 8.94 46.87 33.36
CA GLN D 88 8.61 45.66 34.10
C GLN D 88 8.76 44.44 33.22
N ALA D 89 9.05 43.30 33.85
CA ALA D 89 9.14 42.02 33.18
C ALA D 89 8.85 40.93 34.20
N TRP D 90 8.54 39.73 33.70
CA TRP D 90 8.21 38.59 34.52
C TRP D 90 9.35 37.58 34.54
N ASP D 91 9.54 36.92 35.67
CA ASP D 91 10.55 35.87 35.79
C ASP D 91 10.10 34.88 36.84
N SER D 92 9.82 33.64 36.41
CA SER D 92 9.43 32.55 37.29
C SER D 92 8.28 32.95 38.20
N ASN D 93 7.24 33.51 37.59
CA ASN D 93 6.01 33.92 38.27
C ASN D 93 6.24 35.06 39.26
N THR D 94 7.34 35.80 39.08
CA THR D 94 7.63 36.97 39.89
C THR D 94 7.79 38.18 38.97
N ALA D 95 7.25 39.31 39.40
CA ALA D 95 7.33 40.55 38.61
C ALA D 95 8.57 41.33 39.01
N VAL D 96 9.32 41.78 38.01
CA VAL D 96 10.54 42.55 38.21
C VAL D 96 10.38 43.91 37.54
N PHE D 97 10.68 44.97 38.28
CA PHE D 97 10.53 46.33 37.78
C PHE D 97 11.89 46.97 37.58
N GLY D 98 11.90 48.03 36.76
CA GLY D 98 13.07 48.87 36.65
C GLY D 98 13.08 49.99 37.68
N GLY D 99 14.21 50.70 37.74
CA GLY D 99 14.34 51.75 38.74
C GLY D 99 13.35 52.87 38.56
N GLY D 100 13.12 53.28 37.31
CA GLY D 100 12.21 54.38 37.03
C GLY D 100 12.92 55.57 36.43
N THR D 101 12.20 56.34 35.61
CA THR D 101 12.74 57.52 34.97
C THR D 101 11.70 58.62 34.96
N LYS D 102 12.10 59.82 35.38
CA LYS D 102 11.22 60.97 35.34
C LYS D 102 11.39 61.70 34.01
N LEU D 103 10.29 61.82 33.27
CA LEU D 103 10.26 62.59 32.02
C LEU D 103 9.96 64.04 32.40
N THR D 104 11.01 64.85 32.48
CA THR D 104 10.87 66.26 32.82
C THR D 104 10.53 67.05 31.55
N VAL D 105 9.35 67.64 31.54
CA VAL D 105 8.85 68.38 30.39
C VAL D 105 9.20 69.85 30.59
N LEU D 106 9.79 70.47 29.57
CA LEU D 106 10.25 71.84 29.66
C LEU D 106 9.20 72.83 29.13
N VAL E 16 -56.68 7.99 42.00
CA VAL E 16 -56.72 6.97 43.04
C VAL E 16 -55.31 6.46 43.33
N ASN E 17 -54.70 6.96 44.40
CA ASN E 17 -53.38 6.53 44.81
C ASN E 17 -53.50 5.40 45.83
N LEU E 18 -53.17 4.17 45.40
CA LEU E 18 -53.42 3.04 46.30
C LEU E 18 -52.33 1.96 46.25
N ILE E 19 -51.16 2.22 45.66
CA ILE E 19 -50.11 1.23 45.50
C ILE E 19 -48.85 1.73 46.20
N THR E 20 -48.25 0.87 47.02
CA THR E 20 -47.00 1.17 47.72
C THR E 20 -45.91 0.25 47.21
N ARG E 21 -44.70 0.80 47.05
CA ARG E 21 -43.61 0.09 46.40
C ARG E 21 -42.37 0.09 47.30
N THR E 22 -41.76 -1.08 47.44
CA THR E 22 -40.50 -1.26 48.15
C THR E 22 -39.45 -1.80 47.16
N GLN E 23 -38.19 -1.47 47.41
CA GLN E 23 -37.14 -1.84 46.48
C GLN E 23 -35.92 -2.38 47.20
N SER E 24 -35.24 -3.33 46.56
CA SER E 24 -33.96 -3.88 47.00
C SER E 24 -32.99 -3.80 45.83
N TYR E 25 -31.80 -4.37 46.00
CA TYR E 25 -30.76 -4.32 44.97
C TYR E 25 -30.09 -5.67 44.84
N THR E 26 -29.94 -6.13 43.61
CA THR E 26 -29.39 -7.45 43.30
C THR E 26 -28.44 -7.35 42.12
N ASN E 27 -27.99 -8.50 41.65
CA ASN E 27 -26.99 -8.59 40.58
C ASN E 27 -27.63 -9.13 39.30
N SER E 28 -27.30 -8.52 38.17
CA SER E 28 -27.87 -8.93 36.89
C SER E 28 -27.12 -10.10 36.27
N PHE E 29 -25.93 -10.43 36.76
CA PHE E 29 -25.13 -11.57 36.28
C PHE E 29 -24.85 -11.33 34.80
N THR E 30 -25.28 -12.22 33.89
CA THR E 30 -25.10 -12.03 32.46
C THR E 30 -26.43 -12.05 31.72
N ARG E 31 -27.49 -11.52 32.35
CA ARG E 31 -28.78 -11.44 31.71
C ARG E 31 -28.83 -10.26 30.74
N GLY E 32 -29.87 -10.24 29.90
CA GLY E 32 -30.17 -9.09 29.07
C GLY E 32 -29.58 -9.10 27.67
N VAL E 33 -28.77 -10.09 27.33
CA VAL E 33 -28.22 -10.16 25.98
C VAL E 33 -29.36 -10.42 24.99
N TYR E 34 -29.31 -9.75 23.84
CA TYR E 34 -30.33 -9.91 22.82
C TYR E 34 -29.65 -10.02 21.45
N TYR E 35 -30.40 -10.51 20.48
CA TYR E 35 -29.89 -10.66 19.12
C TYR E 35 -29.71 -9.27 18.49
N PRO E 36 -28.49 -8.94 18.05
CA PRO E 36 -28.24 -7.55 17.58
C PRO E 36 -28.89 -7.23 16.24
N ASP E 37 -29.12 -8.21 15.38
CA ASP E 37 -29.75 -7.96 14.09
C ASP E 37 -30.59 -9.18 13.71
N LYS E 38 -31.05 -9.20 12.47
CA LYS E 38 -32.02 -10.19 12.00
C LYS E 38 -31.39 -11.16 10.99
N VAL E 39 -30.07 -11.36 11.09
CA VAL E 39 -29.32 -12.22 10.19
C VAL E 39 -28.94 -13.48 10.93
N PHE E 40 -29.23 -14.64 10.34
CA PHE E 40 -28.82 -15.90 10.93
C PHE E 40 -27.30 -16.05 10.86
N ARG E 41 -26.70 -16.46 11.98
CA ARG E 41 -25.26 -16.68 12.06
C ARG E 41 -25.01 -17.98 12.80
N SER E 42 -23.87 -18.61 12.51
CA SER E 42 -23.49 -19.84 13.18
C SER E 42 -21.98 -20.01 13.13
N SER E 43 -21.44 -20.63 14.18
CA SER E 43 -20.02 -20.95 14.30
C SER E 43 -19.16 -19.71 14.06
N VAL E 44 -19.48 -18.64 14.78
CA VAL E 44 -18.79 -17.37 14.60
C VAL E 44 -18.76 -16.62 15.93
N LEU E 45 -17.72 -15.81 16.11
CA LEU E 45 -17.63 -14.87 17.22
C LEU E 45 -17.88 -13.48 16.66
N HIS E 46 -19.04 -12.92 16.97
CA HIS E 46 -19.49 -11.66 16.38
C HIS E 46 -19.34 -10.53 17.39
N SER E 47 -18.63 -9.49 17.00
CA SER E 47 -18.44 -8.29 17.80
C SER E 47 -19.48 -7.25 17.41
N THR E 48 -20.15 -6.68 18.40
CA THR E 48 -21.21 -5.71 18.17
C THR E 48 -21.16 -4.62 19.23
N GLN E 49 -21.40 -3.38 18.81
CA GLN E 49 -21.53 -2.24 19.72
C GLN E 49 -22.98 -1.79 19.69
N ASP E 50 -23.60 -1.74 20.86
CA ASP E 50 -25.02 -1.42 20.96
C ASP E 50 -25.32 -1.06 22.41
N LEU E 51 -26.61 -0.84 22.70
CA LEU E 51 -27.06 -0.53 24.05
C LEU E 51 -27.38 -1.84 24.77
N PHE E 52 -26.49 -2.28 25.65
CA PHE E 52 -26.65 -3.53 26.37
C PHE E 52 -26.74 -3.25 27.86
N LEU E 53 -27.25 -4.24 28.59
CA LEU E 53 -27.16 -4.24 30.04
C LEU E 53 -25.79 -4.76 30.44
N PRO E 54 -24.95 -3.95 31.11
CA PRO E 54 -23.61 -4.42 31.47
C PRO E 54 -23.67 -5.63 32.39
N PHE E 55 -22.70 -6.51 32.25
CA PHE E 55 -22.65 -7.70 33.07
C PHE E 55 -22.44 -7.33 34.53
N PHE E 56 -23.13 -8.05 35.41
CA PHE E 56 -23.04 -7.84 36.85
C PHE E 56 -23.41 -6.41 37.25
N SER E 57 -24.24 -5.77 36.44
CA SER E 57 -24.79 -4.47 36.76
C SER E 57 -25.76 -4.63 37.93
N ASN E 58 -25.88 -3.58 38.73
CA ASN E 58 -26.52 -3.76 40.03
C ASN E 58 -27.90 -3.14 39.93
N VAL E 59 -28.92 -4.02 39.79
CA VAL E 59 -30.27 -3.69 39.35
C VAL E 59 -31.22 -3.65 40.55
N THR E 60 -32.38 -3.03 40.36
CA THR E 60 -33.34 -2.84 41.45
C THR E 60 -34.41 -3.92 41.41
N TRP E 61 -34.74 -4.46 42.58
CA TRP E 61 -35.77 -5.48 42.72
C TRP E 61 -36.97 -4.83 43.40
N PHE E 62 -37.91 -4.33 42.60
CA PHE E 62 -39.08 -3.65 43.14
C PHE E 62 -40.11 -4.65 43.65
N HIS E 63 -40.81 -4.25 44.70
CA HIS E 63 -41.94 -5.01 45.25
C HIS E 63 -43.12 -4.05 45.36
N ALA E 64 -44.05 -4.15 44.41
CA ALA E 64 -45.25 -3.33 44.42
C ALA E 64 -46.36 -4.05 45.15
N ILE E 65 -46.98 -3.37 46.11
CA ILE E 65 -47.97 -3.98 46.99
C ILE E 65 -49.20 -3.09 47.05
N HIS E 66 -50.38 -3.72 46.95
CA HIS E 66 -51.64 -3.08 47.28
C HIS E 66 -52.30 -3.84 48.42
N VAL E 67 -52.15 -3.29 49.64
CA VAL E 67 -52.86 -3.81 50.80
C VAL E 67 -54.24 -3.16 50.82
N SER E 68 -55.28 -3.96 50.64
CA SER E 68 -56.64 -3.42 50.56
C SER E 68 -57.13 -3.00 51.93
N ASN E 78 -45.57 5.12 44.55
CA ASN E 78 -45.33 4.61 43.20
C ASN E 78 -44.74 5.68 42.29
N PRO E 79 -43.50 6.09 42.54
CA PRO E 79 -42.89 7.14 41.73
C PRO E 79 -42.52 6.64 40.33
N VAL E 80 -42.30 7.61 39.44
CA VAL E 80 -42.00 7.28 38.05
C VAL E 80 -40.51 6.98 37.91
N LEU E 81 -40.19 5.86 37.25
CA LEU E 81 -38.81 5.47 37.06
C LEU E 81 -38.18 6.20 35.87
N PRO E 82 -36.89 6.48 35.91
CA PRO E 82 -36.21 7.03 34.73
C PRO E 82 -36.09 5.99 33.63
N PHE E 83 -35.81 6.46 32.42
CA PHE E 83 -35.60 5.60 31.27
C PHE E 83 -34.16 5.54 30.81
N ASN E 84 -33.45 6.67 30.88
CA ASN E 84 -32.02 6.77 30.54
C ASN E 84 -31.86 6.34 29.07
N ASP E 85 -30.86 5.52 28.75
CA ASP E 85 -30.69 5.07 27.37
C ASP E 85 -31.71 3.99 27.01
N GLY E 86 -32.01 3.11 27.94
CA GLY E 86 -32.95 2.03 27.69
C GLY E 86 -33.15 1.24 28.97
N VAL E 87 -34.09 0.30 28.91
CA VAL E 87 -34.55 -0.42 30.10
C VAL E 87 -34.48 -1.92 29.84
N TYR E 88 -33.97 -2.65 30.83
CA TYR E 88 -34.11 -4.09 30.92
C TYR E 88 -35.16 -4.39 31.99
N PHE E 89 -36.17 -5.17 31.63
CA PHE E 89 -37.28 -5.47 32.52
C PHE E 89 -37.46 -6.98 32.63
N ALA E 90 -37.40 -7.50 33.85
CA ALA E 90 -37.56 -8.92 34.11
C ALA E 90 -38.61 -9.11 35.19
N SER E 91 -39.45 -10.14 35.03
CA SER E 91 -40.47 -10.45 36.01
C SER E 91 -40.76 -11.95 35.99
N THR E 92 -40.82 -12.53 37.19
CA THR E 92 -41.17 -13.93 37.37
C THR E 92 -42.65 -14.10 37.71
N GLU E 93 -43.32 -13.02 38.12
CA GLU E 93 -44.69 -13.06 38.58
C GLU E 93 -45.63 -13.62 37.52
N LYS E 94 -46.61 -14.42 37.98
CA LYS E 94 -47.56 -15.06 37.08
C LYS E 94 -49.02 -14.77 37.44
N SER E 95 -49.29 -13.82 38.34
CA SER E 95 -50.67 -13.51 38.69
C SER E 95 -51.35 -12.62 37.65
N ASN E 96 -50.63 -12.29 36.57
CA ASN E 96 -51.09 -11.50 35.44
C ASN E 96 -51.16 -10.02 35.84
N ILE E 97 -50.67 -9.67 37.03
CA ILE E 97 -50.83 -8.30 37.54
C ILE E 97 -50.09 -7.31 36.66
N ILE E 98 -48.90 -7.67 36.17
CA ILE E 98 -48.14 -6.79 35.28
C ILE E 98 -48.73 -6.92 33.88
N ARG E 99 -49.20 -5.81 33.32
CA ARG E 99 -49.87 -5.84 32.02
C ARG E 99 -49.50 -4.67 31.12
N GLY E 100 -48.28 -4.15 31.23
CA GLY E 100 -47.86 -3.13 30.30
C GLY E 100 -47.04 -2.06 30.99
N TRP E 101 -46.82 -0.97 30.28
CA TRP E 101 -45.95 0.11 30.73
C TRP E 101 -46.42 1.45 30.15
N ILE E 102 -45.91 2.53 30.71
CA ILE E 102 -46.01 3.87 30.14
C ILE E 102 -44.61 4.38 29.84
N PHE E 103 -44.47 5.16 28.77
CA PHE E 103 -43.23 5.85 28.46
C PHE E 103 -43.56 7.29 28.04
N GLY E 104 -42.65 8.20 28.37
CA GLY E 104 -42.86 9.60 28.02
C GLY E 104 -41.80 10.47 28.64
N THR E 105 -42.07 11.79 28.66
CA THR E 105 -41.19 12.75 29.31
C THR E 105 -41.86 13.48 30.46
N THR E 106 -43.03 14.08 30.25
CA THR E 106 -43.77 14.73 31.31
C THR E 106 -44.99 13.93 31.76
N LEU E 107 -45.46 12.99 30.94
CA LEU E 107 -46.67 12.21 31.21
C LEU E 107 -47.89 13.11 31.41
N ASP E 108 -47.89 14.27 30.77
CA ASP E 108 -48.98 15.23 30.81
C ASP E 108 -49.57 15.38 29.41
N SER E 109 -50.60 16.21 29.31
CA SER E 109 -51.13 16.59 28.00
C SER E 109 -50.23 17.58 27.27
N LYS E 110 -49.19 18.08 27.94
CA LYS E 110 -48.24 18.99 27.30
C LYS E 110 -47.29 18.28 26.35
N THR E 111 -47.09 16.97 26.49
CA THR E 111 -46.19 16.22 25.63
C THR E 111 -46.81 14.88 25.29
N GLN E 112 -46.33 14.28 24.20
CA GLN E 112 -46.86 13.01 23.74
C GLN E 112 -46.20 11.86 24.52
N SER E 113 -46.99 10.84 24.81
CA SER E 113 -46.53 9.73 25.63
C SER E 113 -46.96 8.40 25.01
N LEU E 114 -46.22 7.36 25.34
CA LEU E 114 -46.42 6.02 24.82
C LEU E 114 -47.10 5.16 25.88
N LEU E 115 -48.16 4.45 25.49
CA LEU E 115 -48.88 3.57 26.38
C LEU E 115 -48.93 2.16 25.80
N ILE E 116 -48.51 1.17 26.59
CA ILE E 116 -48.51 -0.23 26.17
C ILE E 116 -49.32 -1.01 27.19
N VAL E 117 -50.36 -1.69 26.73
CA VAL E 117 -51.27 -2.43 27.60
C VAL E 117 -51.51 -3.82 27.00
N ASN E 118 -51.22 -4.85 27.79
CA ASN E 118 -51.50 -6.23 27.42
C ASN E 118 -52.81 -6.68 28.05
N ASN E 119 -53.50 -7.59 27.37
CA ASN E 119 -54.71 -8.21 27.92
C ASN E 119 -54.69 -9.69 27.54
N ALA E 120 -55.85 -10.33 27.65
CA ALA E 120 -55.92 -11.77 27.48
C ALA E 120 -55.46 -12.21 26.10
N THR E 121 -55.81 -11.47 25.05
CA THR E 121 -55.53 -11.92 23.70
C THR E 121 -55.08 -10.77 22.78
N ASN E 122 -54.51 -9.71 23.35
CA ASN E 122 -54.09 -8.60 22.50
C ASN E 122 -53.12 -7.71 23.26
N VAL E 123 -52.47 -6.82 22.51
CA VAL E 123 -51.68 -5.72 23.06
C VAL E 123 -52.03 -4.47 22.27
N VAL E 124 -52.30 -3.38 22.99
CA VAL E 124 -52.70 -2.11 22.39
C VAL E 124 -51.65 -1.07 22.73
N ILE E 125 -51.13 -0.39 21.70
CA ILE E 125 -50.04 0.57 21.84
C ILE E 125 -50.52 1.88 21.22
N LYS E 126 -50.42 2.97 21.98
CA LYS E 126 -50.86 4.28 21.55
C LYS E 126 -49.82 5.34 21.89
N VAL E 127 -49.83 6.45 21.16
CA VAL E 127 -48.87 7.54 21.38
C VAL E 127 -49.61 8.87 21.51
N CYS E 128 -50.81 8.86 22.06
CA CYS E 128 -51.57 10.09 22.24
C CYS E 128 -50.95 10.97 23.33
N GLU E 129 -51.56 12.12 23.58
CA GLU E 129 -51.19 13.01 24.69
C GLU E 129 -52.06 12.64 25.89
N PHE E 130 -51.67 11.58 26.59
CA PHE E 130 -52.41 11.16 27.76
C PHE E 130 -52.16 12.08 28.94
N GLN E 131 -53.24 12.45 29.64
CA GLN E 131 -53.13 13.04 30.97
C GLN E 131 -53.16 11.90 32.00
N PHE E 132 -51.98 11.33 32.22
CA PHE E 132 -51.84 10.16 33.07
C PHE E 132 -52.12 10.50 34.53
N CYS E 133 -52.73 9.55 35.24
CA CYS E 133 -52.94 9.69 36.66
C CYS E 133 -51.61 9.51 37.41
N ASN E 134 -51.58 10.01 38.64
CA ASN E 134 -50.37 9.90 39.45
C ASN E 134 -50.01 8.44 39.71
N ASP E 135 -51.01 7.60 39.93
CA ASP E 135 -50.81 6.17 40.17
C ASP E 135 -51.69 5.40 39.19
N PRO E 136 -51.23 5.23 37.94
CA PRO E 136 -52.05 4.53 36.94
C PRO E 136 -52.07 3.02 37.17
N PHE E 137 -53.24 2.42 36.98
CA PHE E 137 -53.38 0.97 37.05
C PHE E 137 -54.58 0.58 36.20
N LEU E 138 -54.69 -0.70 35.90
CA LEU E 138 -55.76 -1.20 35.05
C LEU E 138 -56.89 -1.72 35.94
N ASP E 139 -58.12 -1.27 35.68
CA ASP E 139 -59.27 -1.63 36.50
C ASP E 139 -59.83 -2.97 36.03
N VAL E 140 -60.04 -3.88 37.00
CA VAL E 140 -60.62 -5.22 36.79
C VAL E 140 -60.30 -5.85 35.45
N PHE E 154 -60.58 5.58 32.21
CA PHE E 154 -59.74 4.69 33.00
C PHE E 154 -59.26 5.36 34.28
N ARG E 155 -58.54 4.57 35.08
CA ARG E 155 -57.68 5.10 36.12
C ARG E 155 -56.22 5.09 35.72
N VAL E 156 -55.93 4.77 34.45
CA VAL E 156 -54.58 4.98 33.90
C VAL E 156 -54.38 6.44 33.54
N TYR E 157 -55.34 7.02 32.81
CA TYR E 157 -55.27 8.41 32.39
C TYR E 157 -56.65 9.02 32.46
N SER E 158 -56.70 10.36 32.41
CA SER E 158 -57.97 11.07 32.45
C SER E 158 -58.42 11.54 31.07
N SER E 159 -57.48 11.96 30.22
CA SER E 159 -57.81 12.43 28.88
C SER E 159 -56.77 11.93 27.90
N ALA E 160 -57.19 11.70 26.66
CA ALA E 160 -56.30 11.27 25.59
C ALA E 160 -56.75 11.96 24.30
N ASN E 161 -55.88 12.80 23.74
CA ASN E 161 -56.16 13.51 22.51
C ASN E 161 -54.89 13.57 21.67
N ASN E 162 -55.07 13.88 20.38
CA ASN E 162 -53.98 13.98 19.42
C ASN E 162 -53.17 12.68 19.33
N CYS E 163 -53.87 11.58 19.11
CA CYS E 163 -53.20 10.31 18.86
C CYS E 163 -52.59 10.33 17.46
N THR E 164 -51.29 9.98 17.38
CA THR E 164 -50.61 9.94 16.10
C THR E 164 -50.19 8.54 15.66
N PHE E 165 -50.25 7.55 16.56
CA PHE E 165 -49.81 6.20 16.24
C PHE E 165 -50.61 5.21 17.06
N GLU E 166 -50.87 4.04 16.46
CA GLU E 166 -51.50 2.94 17.17
C GLU E 166 -51.02 1.62 16.57
N TYR E 167 -51.07 0.57 17.39
CA TYR E 167 -50.58 -0.75 17.00
C TYR E 167 -51.28 -1.79 17.86
N VAL E 168 -51.69 -2.89 17.24
CA VAL E 168 -52.44 -3.94 17.91
C VAL E 168 -51.90 -5.29 17.47
N SER E 169 -51.75 -6.21 18.43
CA SER E 169 -51.28 -7.56 18.14
C SER E 169 -51.80 -8.56 19.16
N PHE E 183 -41.18 -24.93 39.20
CA PHE E 183 -40.36 -24.01 38.42
C PHE E 183 -41.05 -22.66 38.25
N LYS E 184 -40.31 -21.68 37.74
CA LYS E 184 -40.82 -20.35 37.48
C LYS E 184 -40.50 -19.97 36.04
N ASN E 185 -41.20 -18.95 35.55
CA ASN E 185 -40.99 -18.44 34.19
C ASN E 185 -40.45 -17.02 34.28
N LEU E 186 -39.26 -16.80 33.73
CA LEU E 186 -38.63 -15.49 33.72
C LEU E 186 -39.00 -14.79 32.42
N ARG E 187 -39.73 -13.69 32.53
CA ARG E 187 -40.13 -12.90 31.36
C ARG E 187 -39.24 -11.67 31.30
N GLU E 188 -38.37 -11.61 30.29
CA GLU E 188 -37.39 -10.55 30.16
C GLU E 188 -37.70 -9.67 28.95
N PHE E 189 -37.51 -8.37 29.11
CA PHE E 189 -37.77 -7.40 28.05
C PHE E 189 -36.62 -6.40 27.99
N VAL E 190 -36.37 -5.89 26.79
CA VAL E 190 -35.45 -4.79 26.57
C VAL E 190 -36.16 -3.74 25.73
N PHE E 191 -36.19 -2.50 26.22
CA PHE E 191 -36.76 -1.37 25.50
C PHE E 191 -35.67 -0.36 25.23
N LYS E 192 -35.58 0.12 24.00
CA LYS E 192 -34.68 1.21 23.66
C LYS E 192 -35.30 2.09 22.59
N ASN E 193 -34.88 3.36 22.59
CA ASN E 193 -35.48 4.41 21.77
C ASN E 193 -34.34 5.04 20.96
N ILE E 194 -34.19 4.61 19.71
CA ILE E 194 -33.13 5.09 18.84
C ILE E 194 -33.77 5.67 17.58
N ASP E 195 -33.31 6.85 17.18
CA ASP E 195 -33.90 7.60 16.07
C ASP E 195 -35.37 7.83 16.44
N GLY E 196 -36.32 7.44 15.60
CA GLY E 196 -37.72 7.52 15.98
C GLY E 196 -38.36 6.16 16.05
N TYR E 197 -37.60 5.16 16.50
CA TYR E 197 -38.08 3.78 16.57
C TYR E 197 -37.95 3.26 17.99
N PHE E 198 -39.07 2.80 18.55
CA PHE E 198 -39.10 2.18 19.87
C PHE E 198 -38.98 0.67 19.68
N LYS E 199 -37.81 0.13 20.03
CA LYS E 199 -37.50 -1.27 19.78
C LYS E 199 -37.71 -2.09 21.04
N ILE E 200 -38.33 -3.26 20.87
CA ILE E 200 -38.63 -4.16 21.99
C ILE E 200 -38.07 -5.54 21.69
N TYR E 201 -37.40 -6.13 22.67
CA TYR E 201 -36.94 -7.51 22.62
C TYR E 201 -37.53 -8.23 23.82
N SER E 202 -37.71 -9.55 23.69
CA SER E 202 -38.34 -10.29 24.77
C SER E 202 -37.88 -11.75 24.74
N LYS E 203 -38.10 -12.43 25.86
CA LYS E 203 -37.70 -13.83 26.02
C LYS E 203 -38.43 -14.39 27.23
N HIS E 204 -39.14 -15.50 27.05
CA HIS E 204 -39.71 -16.26 28.15
C HIS E 204 -38.86 -17.52 28.33
N THR E 205 -38.27 -17.68 29.52
CA THR E 205 -37.43 -18.83 29.79
C THR E 205 -37.79 -19.44 31.14
N PRO E 206 -37.89 -20.77 31.21
CA PRO E 206 -38.20 -21.40 32.50
C PRO E 206 -36.98 -21.49 33.39
N ILE E 207 -37.16 -21.14 34.66
CA ILE E 207 -36.08 -21.14 35.64
C ILE E 207 -36.49 -22.04 36.80
N ASN E 208 -35.50 -22.73 37.38
CA ASN E 208 -35.75 -23.64 38.49
C ASN E 208 -35.96 -22.90 39.81
N LEU E 213 -33.29 -14.18 38.83
CA LEU E 213 -32.28 -13.95 37.82
C LEU E 213 -31.21 -15.03 37.88
N PRO E 214 -31.35 -16.07 37.05
CA PRO E 214 -30.41 -17.20 37.07
C PRO E 214 -29.05 -16.84 36.47
N GLN E 215 -28.19 -17.84 36.33
CA GLN E 215 -26.79 -17.60 36.02
C GLN E 215 -26.36 -18.24 34.70
N GLY E 216 -27.16 -18.07 33.65
CA GLY E 216 -26.79 -18.54 32.32
C GLY E 216 -26.96 -17.49 31.26
N PHE E 217 -26.97 -17.90 30.00
CA PHE E 217 -27.23 -16.99 28.88
C PHE E 217 -28.54 -17.36 28.23
N SER E 218 -29.39 -16.35 27.99
CA SER E 218 -30.67 -16.54 27.31
C SER E 218 -30.91 -15.29 26.48
N ALA E 219 -30.53 -15.35 25.20
CA ALA E 219 -30.60 -14.17 24.35
C ALA E 219 -32.03 -13.82 24.00
N LEU E 220 -32.36 -12.53 24.10
CA LEU E 220 -33.69 -12.04 23.76
C LEU E 220 -33.81 -11.84 22.26
N GLU E 221 -35.00 -12.03 21.75
CA GLU E 221 -35.29 -11.96 20.32
C GLU E 221 -36.11 -10.71 20.02
N PRO E 222 -35.91 -10.08 18.86
CA PRO E 222 -36.66 -8.87 18.53
C PRO E 222 -38.15 -9.17 18.44
N LEU E 223 -38.95 -8.22 18.93
CA LEU E 223 -40.40 -8.39 18.95
C LEU E 223 -41.10 -7.43 18.00
N VAL E 224 -40.97 -6.11 18.22
CA VAL E 224 -41.52 -5.11 17.30
C VAL E 224 -40.57 -3.93 17.37
N ASP E 225 -40.63 -3.06 16.34
CA ASP E 225 -40.07 -1.72 16.44
C ASP E 225 -41.15 -0.75 15.94
N LEU E 226 -41.37 0.31 16.71
CA LEU E 226 -42.49 1.22 16.46
C LEU E 226 -41.98 2.56 15.93
N PRO E 227 -42.48 3.03 14.79
CA PRO E 227 -42.05 4.33 14.24
C PRO E 227 -42.68 5.50 14.98
N ILE E 228 -42.40 5.60 16.27
CA ILE E 228 -42.93 6.67 17.11
C ILE E 228 -41.79 7.67 17.34
N GLY E 229 -42.03 8.92 16.97
CA GLY E 229 -41.03 9.96 17.09
C GLY E 229 -41.10 10.82 18.33
N ILE E 230 -40.86 10.27 19.53
CA ILE E 230 -41.08 11.02 20.76
C ILE E 230 -39.85 11.00 21.66
N ASN E 231 -39.72 12.08 22.42
CA ASN E 231 -38.96 12.12 23.67
C ASN E 231 -39.49 11.11 24.68
N ILE E 232 -38.63 10.20 25.11
CA ILE E 232 -38.88 9.37 26.27
C ILE E 232 -37.72 9.54 27.25
N THR E 233 -38.02 10.03 28.44
CA THR E 233 -37.08 10.06 29.54
C THR E 233 -37.55 9.31 30.78
N ARG E 234 -38.83 8.95 30.88
CA ARG E 234 -39.38 8.35 32.09
C ARG E 234 -40.37 7.26 31.71
N PHE E 235 -40.59 6.33 32.64
CA PHE E 235 -41.47 5.20 32.36
C PHE E 235 -42.01 4.64 33.67
N GLN E 236 -43.10 3.87 33.56
CA GLN E 236 -43.77 3.31 34.72
C GLN E 236 -44.46 2.01 34.32
N THR E 237 -44.53 1.08 35.26
CA THR E 237 -45.15 -0.22 35.07
C THR E 237 -46.66 -0.13 35.33
N LEU E 238 -47.42 -0.87 34.54
CA LEU E 238 -48.87 -0.96 34.72
C LEU E 238 -49.22 -2.24 35.49
N LEU E 239 -50.12 -2.08 36.45
CA LEU E 239 -50.68 -3.21 37.19
C LEU E 239 -52.16 -3.32 36.86
N ALA E 240 -52.74 -4.46 37.20
CA ALA E 240 -54.17 -4.73 36.99
C ALA E 240 -54.77 -5.11 38.32
N LEU E 241 -55.63 -4.23 38.85
CA LEU E 241 -56.31 -4.46 40.11
C LEU E 241 -57.75 -4.87 39.84
N HIS E 242 -58.23 -5.86 40.59
CA HIS E 242 -59.59 -6.36 40.41
C HIS E 242 -60.54 -5.71 41.43
N THR E 256 -58.59 -5.62 46.13
CA THR E 256 -58.09 -6.84 46.76
C THR E 256 -56.57 -6.79 46.90
N ALA E 257 -56.03 -7.63 47.78
CA ALA E 257 -54.60 -7.69 47.99
C ALA E 257 -53.84 -8.08 46.74
N GLY E 258 -52.86 -7.28 46.36
CA GLY E 258 -52.11 -7.48 45.13
C GLY E 258 -50.62 -7.30 45.38
N ALA E 259 -49.82 -8.15 44.74
CA ALA E 259 -48.37 -8.10 44.83
C ALA E 259 -47.76 -8.21 43.45
N ALA E 260 -46.62 -7.55 43.25
CA ALA E 260 -45.96 -7.56 41.94
C ALA E 260 -44.47 -7.25 42.17
N ALA E 261 -43.63 -8.22 41.84
CA ALA E 261 -42.19 -8.07 41.93
C ALA E 261 -41.60 -8.04 40.53
N TYR E 262 -40.72 -7.08 40.27
CA TYR E 262 -40.08 -6.98 38.97
C TYR E 262 -38.70 -6.33 39.11
N TYR E 263 -37.83 -6.61 38.15
CA TYR E 263 -36.48 -6.07 38.12
C TYR E 263 -36.36 -5.02 37.03
N VAL E 264 -35.58 -3.99 37.30
CA VAL E 264 -35.30 -2.95 36.31
C VAL E 264 -33.79 -2.70 36.26
N GLY E 265 -33.21 -2.92 35.08
CA GLY E 265 -31.85 -2.51 34.82
C GLY E 265 -31.82 -1.52 33.68
N TYR E 266 -30.67 -0.90 33.49
CA TYR E 266 -30.52 0.15 32.49
C TYR E 266 -29.42 -0.20 31.50
N LEU E 267 -29.70 0.08 30.22
CA LEU E 267 -28.76 -0.22 29.16
C LEU E 267 -27.71 0.88 29.04
N GLN E 268 -26.53 0.49 28.59
CA GLN E 268 -25.42 1.42 28.37
C GLN E 268 -24.77 1.09 27.05
N PRO E 269 -24.19 2.09 26.37
CA PRO E 269 -23.44 1.80 25.14
C PRO E 269 -22.22 0.94 25.44
N ARG E 270 -22.24 -0.30 24.97
CA ARG E 270 -21.19 -1.26 25.24
C ARG E 270 -20.83 -1.98 23.95
N THR E 271 -19.65 -2.60 23.97
CA THR E 271 -19.23 -3.52 22.91
C THR E 271 -19.21 -4.92 23.49
N PHE E 272 -19.95 -5.82 22.85
CA PHE E 272 -20.01 -7.22 23.27
C PHE E 272 -19.42 -8.11 22.18
N LEU E 273 -18.82 -9.21 22.62
CA LEU E 273 -18.38 -10.28 21.73
C LEU E 273 -19.34 -11.45 21.93
N LEU E 274 -20.18 -11.71 20.93
CA LEU E 274 -21.19 -12.75 21.02
C LEU E 274 -20.72 -14.03 20.34
N LYS E 275 -21.01 -15.15 20.98
CA LYS E 275 -20.69 -16.47 20.45
C LYS E 275 -21.95 -17.11 19.89
N TYR E 276 -21.97 -17.31 18.57
CA TYR E 276 -23.00 -18.09 17.91
C TYR E 276 -22.50 -19.52 17.79
N ASN E 277 -23.24 -20.47 18.33
CA ASN E 277 -22.84 -21.87 18.18
C ASN E 277 -23.14 -22.32 16.75
N GLU E 278 -22.80 -23.56 16.43
CA GLU E 278 -22.97 -24.08 15.08
C GLU E 278 -24.44 -24.09 14.68
N ASN E 279 -25.31 -23.93 15.67
CA ASN E 279 -26.70 -24.29 15.50
C ASN E 279 -27.55 -23.05 15.31
N GLY E 280 -26.92 -21.87 15.33
CA GLY E 280 -27.58 -20.59 15.20
C GLY E 280 -27.78 -19.81 16.48
N THR E 281 -27.46 -20.39 17.63
CA THR E 281 -27.85 -19.84 18.91
C THR E 281 -26.72 -19.05 19.57
N ILE E 282 -27.06 -17.89 20.11
CA ILE E 282 -26.15 -17.14 20.96
C ILE E 282 -26.08 -17.86 22.30
N THR E 283 -24.93 -18.47 22.60
CA THR E 283 -24.77 -19.26 23.80
C THR E 283 -23.82 -18.63 24.82
N ASP E 284 -23.14 -17.55 24.47
CA ASP E 284 -22.12 -16.98 25.34
C ASP E 284 -21.81 -15.57 24.86
N ALA E 285 -21.26 -14.76 25.76
CA ALA E 285 -20.93 -13.38 25.43
C ALA E 285 -19.82 -12.88 26.34
N VAL E 286 -19.13 -11.84 25.89
CA VAL E 286 -18.11 -11.16 26.68
C VAL E 286 -18.45 -9.67 26.70
N ASP E 287 -18.53 -9.10 27.90
CA ASP E 287 -18.71 -7.66 28.07
C ASP E 287 -17.31 -7.04 28.04
N CYS E 288 -16.94 -6.46 26.89
CA CYS E 288 -15.55 -6.05 26.67
C CYS E 288 -15.06 -5.03 27.68
N ALA E 289 -15.93 -4.18 28.22
CA ALA E 289 -15.54 -3.16 29.16
C ALA E 289 -15.71 -3.58 30.62
N LEU E 290 -16.00 -4.86 30.87
CA LEU E 290 -16.25 -5.31 32.24
C LEU E 290 -15.01 -5.19 33.12
N ASP E 291 -13.89 -5.72 32.64
CA ASP E 291 -12.67 -5.80 33.44
C ASP E 291 -11.51 -6.08 32.50
N PRO E 292 -10.26 -6.02 33.00
CA PRO E 292 -9.12 -6.24 32.09
C PRO E 292 -9.13 -7.57 31.36
N LEU E 293 -9.59 -8.64 32.01
CA LEU E 293 -9.63 -9.94 31.34
C LEU E 293 -10.60 -9.94 30.17
N SER E 294 -11.77 -9.31 30.35
CA SER E 294 -12.74 -9.22 29.26
C SER E 294 -12.19 -8.40 28.10
N GLU E 295 -11.46 -7.33 28.41
CA GLU E 295 -10.83 -6.54 27.35
C GLU E 295 -9.79 -7.35 26.61
N THR E 296 -9.01 -8.17 27.33
CA THR E 296 -8.07 -9.06 26.67
C THR E 296 -8.79 -10.05 25.75
N LYS E 297 -9.91 -10.59 26.23
CA LYS E 297 -10.68 -11.54 25.40
C LYS E 297 -11.21 -10.87 24.14
N CYS E 298 -11.70 -9.64 24.25
CA CYS E 298 -12.23 -8.95 23.08
C CYS E 298 -11.11 -8.52 22.13
N THR E 299 -9.93 -8.20 22.66
CA THR E 299 -8.79 -7.90 21.80
C THR E 299 -8.33 -9.13 21.05
N LEU E 300 -8.29 -10.28 21.71
CA LEU E 300 -7.90 -11.52 21.06
C LEU E 300 -9.02 -12.15 20.25
N LYS E 301 -10.24 -11.63 20.35
CA LYS E 301 -11.43 -12.23 19.71
C LYS E 301 -11.56 -13.69 20.09
N SER E 302 -11.39 -13.99 21.37
CA SER E 302 -11.43 -15.36 21.85
C SER E 302 -11.98 -15.39 23.27
N PHE E 303 -12.58 -16.52 23.63
CA PHE E 303 -13.11 -16.72 24.97
C PHE E 303 -12.13 -17.39 25.91
N THR E 304 -10.99 -17.86 25.40
CA THR E 304 -9.91 -18.41 26.21
C THR E 304 -8.64 -17.64 25.94
N VAL E 305 -7.87 -17.38 27.00
CA VAL E 305 -6.61 -16.67 26.90
C VAL E 305 -5.52 -17.56 27.50
N GLU E 306 -4.42 -17.72 26.75
CA GLU E 306 -3.28 -18.44 27.29
C GLU E 306 -2.47 -17.55 28.22
N LYS E 307 -1.60 -18.18 29.00
CA LYS E 307 -0.69 -17.45 29.87
C LYS E 307 0.18 -16.51 29.05
N GLY E 308 0.33 -15.28 29.54
CA GLY E 308 1.15 -14.30 28.87
C GLY E 308 0.75 -12.90 29.28
N ILE E 309 1.32 -11.93 28.58
CA ILE E 309 1.03 -10.51 28.77
C ILE E 309 0.55 -9.95 27.44
N TYR E 310 -0.54 -9.20 27.48
CA TYR E 310 -1.22 -8.74 26.27
C TYR E 310 -1.45 -7.25 26.33
N GLN E 311 -1.09 -6.56 25.24
CA GLN E 311 -1.28 -5.12 25.14
C GLN E 311 -2.73 -4.84 24.75
N THR E 312 -3.47 -4.19 25.64
CA THR E 312 -4.84 -3.80 25.41
C THR E 312 -4.89 -2.32 25.04
N SER E 313 -6.10 -1.77 25.00
CA SER E 313 -6.27 -0.36 24.64
C SER E 313 -5.61 0.55 25.68
N ASN E 314 -5.21 1.73 25.22
CA ASN E 314 -4.61 2.73 26.09
C ASN E 314 -5.64 3.31 27.04
N PHE E 315 -5.18 3.75 28.20
CA PHE E 315 -6.04 4.56 29.04
C PHE E 315 -5.94 6.02 28.62
N ARG E 316 -6.96 6.80 28.97
CA ARG E 316 -6.97 8.21 28.63
C ARG E 316 -7.85 8.97 29.61
N VAL E 317 -7.30 10.03 30.19
CA VAL E 317 -8.07 10.94 31.02
C VAL E 317 -9.04 11.71 30.12
N GLN E 318 -10.29 11.79 30.55
CA GLN E 318 -11.31 12.40 29.73
C GLN E 318 -11.53 13.86 30.11
N PRO E 319 -11.92 14.70 29.15
CA PRO E 319 -12.14 16.12 29.46
C PRO E 319 -13.29 16.31 30.42
N THR E 320 -13.06 17.14 31.43
CA THR E 320 -14.05 17.41 32.47
C THR E 320 -15.09 18.44 32.04
N GLU E 321 -14.72 19.37 31.16
CA GLU E 321 -15.64 20.43 30.74
C GLU E 321 -15.26 20.88 29.34
N SER E 322 -15.97 21.90 28.86
CA SER E 322 -15.75 22.47 27.53
C SER E 322 -15.54 23.97 27.65
N ILE E 323 -14.54 24.47 26.93
CA ILE E 323 -14.13 25.87 26.99
C ILE E 323 -14.33 26.49 25.62
N VAL E 324 -14.96 27.66 25.58
CA VAL E 324 -15.14 28.44 24.36
C VAL E 324 -14.53 29.81 24.59
N ARG E 325 -13.66 30.24 23.67
CA ARG E 325 -12.97 31.52 23.78
C ARG E 325 -12.98 32.19 22.40
N PHE E 326 -13.87 33.16 22.24
CA PHE E 326 -13.99 33.99 21.06
C PHE E 326 -13.71 35.45 21.43
N PRO E 327 -13.32 36.29 20.47
CA PRO E 327 -13.02 37.69 20.80
C PRO E 327 -14.26 38.42 21.28
N ASN E 328 -14.03 39.44 22.11
CA ASN E 328 -15.10 40.30 22.62
C ASN E 328 -15.52 41.25 21.53
N ILE E 329 -16.54 40.86 20.76
CA ILE E 329 -17.07 41.67 19.67
C ILE E 329 -18.60 41.65 19.78
N THR E 330 -19.21 42.82 19.63
CA THR E 330 -20.64 42.97 19.81
C THR E 330 -21.38 43.48 18.59
N ASN E 331 -20.73 44.25 17.72
CA ASN E 331 -21.39 44.78 16.54
C ASN E 331 -21.79 43.66 15.60
N LEU E 332 -22.92 43.83 14.92
CA LEU E 332 -23.38 42.90 13.90
C LEU E 332 -22.82 43.29 12.54
N CYS E 333 -22.39 42.30 11.77
CA CYS E 333 -21.79 42.56 10.47
C CYS E 333 -22.84 43.14 9.51
N PRO E 334 -22.41 44.08 8.65
CA PRO E 334 -23.35 44.79 7.76
C PRO E 334 -23.66 44.05 6.47
N PHE E 335 -24.20 42.84 6.59
CA PHE E 335 -24.58 42.08 5.41
C PHE E 335 -25.85 42.57 4.75
N ASP E 336 -26.66 43.37 5.47
CA ASP E 336 -27.90 43.86 4.90
C ASP E 336 -27.64 44.77 3.70
N GLU E 337 -26.66 45.67 3.81
CA GLU E 337 -26.38 46.62 2.75
C GLU E 337 -25.61 46.01 1.59
N VAL E 338 -25.13 44.78 1.72
CA VAL E 338 -24.54 44.06 0.60
C VAL E 338 -25.62 43.39 -0.25
N PHE E 339 -26.54 42.67 0.41
CA PHE E 339 -27.58 41.96 -0.30
C PHE E 339 -28.80 42.81 -0.63
N ASN E 340 -28.91 44.00 -0.04
CA ASN E 340 -30.09 44.84 -0.26
C ASN E 340 -29.70 46.19 -0.86
N ALA E 341 -28.84 46.18 -1.87
CA ALA E 341 -28.50 47.39 -2.60
C ALA E 341 -29.50 47.61 -3.73
N THR E 342 -29.81 48.87 -3.99
CA THR E 342 -30.76 49.20 -5.05
C THR E 342 -30.24 48.75 -6.41
N ARG E 343 -28.95 48.96 -6.67
CA ARG E 343 -28.33 48.52 -7.91
C ARG E 343 -26.97 47.91 -7.61
N PHE E 344 -26.69 46.78 -8.24
CA PHE E 344 -25.40 46.12 -8.13
C PHE E 344 -24.44 46.67 -9.18
N ALA E 345 -23.15 46.51 -8.91
CA ALA E 345 -22.13 46.99 -9.83
C ALA E 345 -22.06 46.11 -11.08
N SER E 346 -21.45 46.66 -12.12
CA SER E 346 -21.09 45.85 -13.28
C SER E 346 -19.95 44.90 -12.91
N VAL E 347 -19.89 43.77 -13.61
CA VAL E 347 -18.91 42.74 -13.26
C VAL E 347 -17.49 43.20 -13.57
N TYR E 348 -17.31 44.02 -14.62
CA TYR E 348 -15.98 44.53 -14.90
C TYR E 348 -15.50 45.50 -13.82
N ALA E 349 -16.42 46.26 -13.23
CA ALA E 349 -16.13 47.21 -12.17
C ALA E 349 -16.68 46.72 -10.84
N TRP E 350 -16.52 45.42 -10.57
CA TRP E 350 -17.16 44.79 -9.44
C TRP E 350 -16.74 45.45 -8.12
N ASN E 351 -17.69 45.53 -7.20
CA ASN E 351 -17.47 46.17 -5.92
C ASN E 351 -16.92 45.19 -4.90
N ARG E 352 -15.97 45.66 -4.09
CA ARG E 352 -15.43 44.90 -2.97
C ARG E 352 -15.67 45.66 -1.68
N LYS E 353 -16.28 44.99 -0.70
CA LYS E 353 -16.55 45.58 0.61
C LYS E 353 -15.87 44.76 1.68
N ARG E 354 -15.25 45.45 2.65
CA ARG E 354 -14.54 44.79 3.74
C ARG E 354 -15.47 44.64 4.95
N ILE E 355 -15.48 43.44 5.52
CA ILE E 355 -16.24 43.14 6.72
C ILE E 355 -15.24 42.83 7.82
N SER E 356 -15.28 43.61 8.89
CA SER E 356 -14.35 43.42 10.00
C SER E 356 -14.94 43.97 11.28
N ASN E 357 -14.47 43.43 12.41
CA ASN E 357 -14.81 43.91 13.74
C ASN E 357 -16.32 43.84 13.99
N CYS E 358 -16.90 42.67 13.74
CA CYS E 358 -18.33 42.49 13.86
C CYS E 358 -18.62 41.01 14.08
N VAL E 359 -19.87 40.72 14.41
CA VAL E 359 -20.35 39.35 14.60
C VAL E 359 -21.17 38.97 13.39
N ALA E 360 -20.80 37.86 12.74
CA ALA E 360 -21.41 37.44 11.49
C ALA E 360 -22.32 36.24 11.75
N ASP E 361 -23.63 36.46 11.67
CA ASP E 361 -24.62 35.38 11.69
C ASP E 361 -25.02 35.13 10.24
N TYR E 362 -24.58 34.00 9.69
CA TYR E 362 -24.81 33.72 8.28
C TYR E 362 -26.20 33.15 8.02
N SER E 363 -26.93 32.77 9.06
CA SER E 363 -28.30 32.30 8.87
C SER E 363 -29.26 33.41 8.47
N VAL E 364 -28.87 34.67 8.64
CA VAL E 364 -29.72 35.79 8.24
C VAL E 364 -29.58 36.13 6.75
N LEU E 365 -28.59 35.55 6.07
CA LEU E 365 -28.43 35.82 4.65
C LEU E 365 -29.56 35.24 3.83
N TYR E 366 -30.20 34.16 4.30
CA TYR E 366 -31.33 33.59 3.59
C TYR E 366 -32.55 34.52 3.59
N ASN E 367 -32.59 35.50 4.49
CA ASN E 367 -33.70 36.44 4.54
C ASN E 367 -33.51 37.64 3.61
N PHE E 368 -32.27 38.04 3.33
CA PHE E 368 -32.03 39.23 2.52
C PHE E 368 -32.17 38.97 1.03
N ALA E 369 -32.03 37.74 0.57
CA ALA E 369 -32.07 37.43 -0.84
C ALA E 369 -32.65 36.04 -1.06
N PRO E 370 -33.49 35.89 -2.10
CA PRO E 370 -34.16 34.60 -2.32
C PRO E 370 -33.35 33.60 -3.13
N PHE E 371 -32.08 33.43 -2.79
CA PHE E 371 -31.28 32.40 -3.44
C PHE E 371 -31.64 31.03 -2.87
N PHE E 372 -31.33 29.99 -3.64
CA PHE E 372 -31.70 28.65 -3.20
C PHE E 372 -30.67 28.06 -2.25
N ALA E 373 -29.39 28.24 -2.52
CA ALA E 373 -28.37 27.65 -1.66
C ALA E 373 -27.04 28.37 -1.83
N PHE E 374 -26.22 28.31 -0.78
CA PHE E 374 -24.82 28.70 -0.87
C PHE E 374 -24.07 27.73 -1.79
N LYS E 375 -22.95 28.20 -2.31
CA LYS E 375 -21.95 27.33 -2.94
C LYS E 375 -20.60 27.72 -2.34
N CYS E 376 -20.11 26.91 -1.42
CA CYS E 376 -18.94 27.25 -0.62
C CYS E 376 -17.75 26.39 -1.00
N TYR E 377 -16.56 26.87 -0.66
CA TYR E 377 -15.31 26.21 -1.01
C TYR E 377 -14.40 26.22 0.20
N GLY E 378 -13.86 25.05 0.55
CA GLY E 378 -13.04 24.91 1.73
C GLY E 378 -13.80 25.01 3.04
N VAL E 379 -15.13 25.09 2.99
CA VAL E 379 -15.95 25.24 4.18
C VAL E 379 -17.37 24.83 3.80
N SER E 380 -18.15 24.43 4.79
CA SER E 380 -19.54 24.12 4.54
C SER E 380 -20.43 25.25 5.03
N PRO E 381 -21.55 25.53 4.36
CA PRO E 381 -22.40 26.65 4.77
C PRO E 381 -22.92 26.55 6.20
N THR E 382 -23.17 25.34 6.70
CA THR E 382 -23.72 25.17 8.04
C THR E 382 -22.68 25.27 9.14
N LYS E 383 -21.40 25.35 8.80
CA LYS E 383 -20.35 25.51 9.81
C LYS E 383 -19.86 26.95 9.93
N LEU E 384 -20.37 27.87 9.10
CA LEU E 384 -19.87 29.24 9.09
C LEU E 384 -20.07 29.91 10.45
N ASN E 385 -21.21 29.67 11.08
CA ASN E 385 -21.51 30.29 12.38
C ASN E 385 -20.60 29.82 13.50
N ASP E 386 -19.85 28.74 13.30
CA ASP E 386 -18.95 28.21 14.31
C ASP E 386 -17.51 28.71 14.16
N LEU E 387 -17.26 29.62 13.22
CA LEU E 387 -15.89 29.95 12.83
C LEU E 387 -15.59 31.43 13.06
N CYS E 388 -14.31 31.76 12.97
CA CYS E 388 -13.81 33.12 13.04
C CYS E 388 -12.88 33.37 11.86
N PHE E 389 -12.89 34.61 11.36
CA PHE E 389 -12.06 35.01 10.24
C PHE E 389 -11.39 36.34 10.56
N THR E 390 -10.15 36.52 10.08
CA THR E 390 -9.48 37.82 10.21
C THR E 390 -10.30 38.91 9.53
N ASN E 391 -10.72 38.67 8.29
CA ASN E 391 -11.56 39.61 7.56
C ASN E 391 -12.55 38.82 6.72
N VAL E 392 -13.54 39.53 6.19
CA VAL E 392 -14.42 39.03 5.15
C VAL E 392 -14.51 40.10 4.07
N TYR E 393 -14.50 39.65 2.82
CA TYR E 393 -14.74 40.55 1.69
C TYR E 393 -15.96 40.08 0.93
N ALA E 394 -16.87 41.01 0.65
CA ALA E 394 -18.08 40.72 -0.11
C ALA E 394 -17.97 41.41 -1.46
N ASP E 395 -17.81 40.61 -2.52
CA ASP E 395 -17.79 41.12 -3.88
C ASP E 395 -19.17 40.91 -4.49
N SER E 396 -19.70 41.96 -5.13
CA SER E 396 -21.05 41.93 -5.69
C SER E 396 -21.04 42.51 -7.09
N PHE E 397 -21.81 41.89 -7.98
CA PHE E 397 -21.91 42.29 -9.37
C PHE E 397 -23.09 41.55 -9.99
N VAL E 398 -23.32 41.79 -11.28
CA VAL E 398 -24.43 41.17 -12.01
C VAL E 398 -23.88 40.56 -13.29
N ILE E 399 -24.20 39.28 -13.52
CA ILE E 399 -23.89 38.59 -14.76
C ILE E 399 -25.17 37.95 -15.28
N ARG E 400 -25.07 37.22 -16.40
CA ARG E 400 -26.19 36.43 -16.89
C ARG E 400 -26.05 34.99 -16.44
N GLY E 401 -27.16 34.26 -16.51
CA GLY E 401 -27.25 32.98 -15.83
C GLY E 401 -26.23 31.95 -16.30
N ASN E 402 -25.96 31.90 -17.60
CA ASN E 402 -25.06 30.88 -18.12
C ASN E 402 -23.60 31.21 -17.84
N GLU E 403 -23.32 32.36 -17.23
CA GLU E 403 -21.96 32.70 -16.79
C GLU E 403 -21.72 32.43 -15.32
N VAL E 404 -22.76 32.02 -14.57
CA VAL E 404 -22.61 31.83 -13.14
C VAL E 404 -21.63 30.70 -12.83
N SER E 405 -21.55 29.70 -13.72
CA SER E 405 -20.59 28.62 -13.54
C SER E 405 -19.15 29.12 -13.61
N GLN E 406 -18.92 30.29 -14.20
CA GLN E 406 -17.58 30.85 -14.27
C GLN E 406 -17.11 31.46 -12.95
N ILE E 407 -18.03 31.72 -12.02
CA ILE E 407 -17.65 32.27 -10.71
C ILE E 407 -17.32 31.06 -9.85
N ALA E 408 -16.10 30.56 -10.01
CA ALA E 408 -15.60 29.36 -9.34
C ALA E 408 -14.11 29.25 -9.60
N PRO E 409 -13.34 28.69 -8.66
CA PRO E 409 -11.91 28.51 -8.90
C PRO E 409 -11.64 27.60 -10.10
N GLY E 410 -10.62 27.95 -10.87
CA GLY E 410 -10.21 27.14 -12.00
C GLY E 410 -11.04 27.26 -13.25
N GLN E 411 -11.75 28.37 -13.44
CA GLN E 411 -12.66 28.52 -14.57
C GLN E 411 -12.06 29.43 -15.65
N THR E 412 -12.55 29.23 -16.86
CA THR E 412 -12.24 30.11 -17.99
C THR E 412 -13.53 30.56 -18.65
N GLY E 413 -13.40 31.53 -19.55
CA GLY E 413 -14.54 32.17 -20.17
C GLY E 413 -14.37 33.67 -20.14
N ASN E 414 -15.27 34.41 -20.78
CA ASN E 414 -15.11 35.86 -20.83
C ASN E 414 -15.14 36.49 -19.44
N ILE E 415 -16.09 36.07 -18.60
CA ILE E 415 -16.19 36.64 -17.26
C ILE E 415 -14.99 36.26 -16.41
N ALA E 416 -14.62 34.98 -16.41
CA ALA E 416 -13.50 34.52 -15.59
C ALA E 416 -12.15 35.03 -16.06
N ASP E 417 -12.02 35.40 -17.33
CA ASP E 417 -10.74 35.85 -17.87
C ASP E 417 -10.58 37.36 -17.93
N TYR E 418 -11.65 38.12 -18.17
CA TYR E 418 -11.54 39.55 -18.36
C TYR E 418 -12.28 40.41 -17.35
N ASN E 419 -13.15 39.82 -16.52
CA ASN E 419 -13.97 40.62 -15.61
C ASN E 419 -13.72 40.29 -14.15
N TYR E 420 -13.81 39.03 -13.75
CA TYR E 420 -13.71 38.65 -12.34
C TYR E 420 -13.10 37.27 -12.25
N LYS E 421 -11.99 37.15 -11.54
CA LYS E 421 -11.24 35.91 -11.47
C LYS E 421 -11.06 35.47 -10.02
N LEU E 422 -11.38 34.21 -9.74
CA LEU E 422 -11.18 33.63 -8.42
C LEU E 422 -9.89 32.83 -8.39
N PRO E 423 -9.14 32.89 -7.29
CA PRO E 423 -7.93 32.08 -7.17
C PRO E 423 -8.26 30.60 -7.11
N ASP E 424 -7.29 29.78 -7.52
CA ASP E 424 -7.48 28.33 -7.48
C ASP E 424 -7.62 27.84 -6.05
N ASP E 425 -6.96 28.51 -5.11
CA ASP E 425 -7.03 28.18 -3.69
C ASP E 425 -8.09 28.99 -2.95
N PHE E 426 -9.18 29.35 -3.62
CA PHE E 426 -10.22 30.18 -3.03
C PHE E 426 -10.94 29.44 -1.91
N THR E 427 -11.06 30.10 -0.77
CA THR E 427 -11.91 29.65 0.33
C THR E 427 -12.97 30.70 0.59
N GLY E 428 -14.23 30.31 0.41
CA GLY E 428 -15.32 31.25 0.53
C GLY E 428 -16.57 30.70 -0.12
N CYS E 429 -17.58 31.56 -0.26
CA CYS E 429 -18.87 31.12 -0.75
C CYS E 429 -19.34 32.04 -1.87
N VAL E 430 -20.00 31.45 -2.85
CA VAL E 430 -20.58 32.18 -3.98
C VAL E 430 -22.09 32.09 -3.87
N ILE E 431 -22.74 33.23 -3.72
CA ILE E 431 -24.20 33.31 -3.60
C ILE E 431 -24.72 34.04 -4.83
N ALA E 432 -25.50 33.34 -5.64
CA ALA E 432 -26.10 33.89 -6.85
C ALA E 432 -27.59 33.61 -6.86
N TRP E 433 -28.38 34.60 -7.28
CA TRP E 433 -29.81 34.41 -7.39
C TRP E 433 -30.34 35.21 -8.57
N ASN E 434 -31.43 34.71 -9.15
CA ASN E 434 -32.07 35.36 -10.28
C ASN E 434 -32.59 36.73 -9.87
N SER E 435 -32.35 37.73 -10.72
CA SER E 435 -32.79 39.10 -10.47
C SER E 435 -33.48 39.67 -11.71
N ASN E 436 -34.32 38.86 -12.35
CA ASN E 436 -34.99 39.30 -13.57
C ASN E 436 -36.00 40.41 -13.29
N LYS E 437 -36.56 40.43 -12.08
CA LYS E 437 -37.58 41.42 -11.74
C LYS E 437 -37.00 42.78 -11.37
N LEU E 438 -35.68 42.89 -11.23
CA LEU E 438 -35.04 44.15 -10.88
C LEU E 438 -34.07 44.66 -11.93
N ASP E 439 -33.46 43.77 -12.73
CA ASP E 439 -32.40 44.13 -13.64
C ASP E 439 -32.81 44.02 -15.12
N SER E 440 -34.09 43.86 -15.39
CA SER E 440 -34.58 43.74 -16.76
C SER E 440 -35.60 44.82 -17.05
N LYS E 441 -35.60 45.29 -18.31
CA LYS E 441 -36.55 46.30 -18.77
C LYS E 441 -37.14 45.87 -20.09
N VAL E 442 -38.32 46.42 -20.40
CA VAL E 442 -39.02 46.06 -21.63
C VAL E 442 -38.17 46.38 -22.85
N GLY E 443 -37.58 47.56 -22.89
CA GLY E 443 -36.66 47.90 -23.96
C GLY E 443 -35.27 47.34 -23.80
N GLY E 444 -35.01 46.63 -22.72
CA GLY E 444 -33.70 46.11 -22.43
C GLY E 444 -32.92 47.02 -21.50
N ASN E 445 -32.21 46.41 -20.56
CA ASN E 445 -31.41 47.14 -19.59
C ASN E 445 -29.95 47.09 -20.03
N TYR E 446 -29.37 48.26 -20.30
CA TYR E 446 -28.02 48.36 -20.83
C TYR E 446 -27.05 49.00 -19.85
N ASN E 447 -27.43 49.10 -18.58
CA ASN E 447 -26.55 49.63 -17.54
C ASN E 447 -25.50 48.63 -17.08
N TYR E 448 -25.73 47.33 -17.29
CA TYR E 448 -24.81 46.30 -16.85
C TYR E 448 -23.90 45.92 -17.99
N GLN E 449 -22.59 45.94 -17.74
CA GLN E 449 -21.59 45.77 -18.77
C GLN E 449 -20.55 44.74 -18.32
N TYR E 450 -19.86 44.18 -19.31
CA TYR E 450 -18.75 43.26 -19.07
C TYR E 450 -17.65 43.56 -20.08
N ARG E 451 -16.42 43.22 -19.71
CA ARG E 451 -15.31 43.40 -20.62
C ARG E 451 -15.23 42.22 -21.59
N LEU E 452 -15.29 42.52 -22.88
CA LEU E 452 -15.21 41.50 -23.91
C LEU E 452 -13.81 41.31 -24.47
N PHE E 453 -13.00 42.36 -24.50
CA PHE E 453 -11.68 42.32 -25.10
C PHE E 453 -10.63 42.76 -24.09
N ARG E 454 -9.53 42.03 -24.03
CA ARG E 454 -8.42 42.39 -23.16
C ARG E 454 -7.16 41.68 -23.65
N LYS E 455 -6.03 42.37 -23.55
CA LYS E 455 -4.78 41.83 -24.06
C LYS E 455 -4.34 40.58 -23.31
N SER E 456 -4.71 40.46 -22.04
CA SER E 456 -4.33 39.30 -21.25
C SER E 456 -5.41 39.01 -20.22
N ASN E 457 -5.40 37.78 -19.71
CA ASN E 457 -6.35 37.40 -18.68
C ASN E 457 -5.99 38.05 -17.35
N LEU E 458 -7.03 38.33 -16.55
CA LEU E 458 -6.83 38.94 -15.25
C LEU E 458 -6.16 37.97 -14.29
N LYS E 459 -5.45 38.52 -13.32
CA LYS E 459 -5.02 37.77 -12.16
C LYS E 459 -6.19 37.65 -11.19
N PRO E 460 -6.15 36.69 -10.26
CA PRO E 460 -7.25 36.54 -9.30
C PRO E 460 -7.46 37.81 -8.51
N PHE E 461 -8.72 38.19 -8.36
CA PHE E 461 -9.15 39.36 -7.58
C PHE E 461 -8.56 40.65 -8.12
N GLU E 462 -8.30 40.72 -9.43
CA GLU E 462 -7.83 41.93 -10.07
C GLU E 462 -8.99 42.61 -10.77
N ARG E 463 -8.99 43.94 -10.74
CA ARG E 463 -10.06 44.75 -11.31
C ARG E 463 -9.50 45.65 -12.41
N ASP E 464 -10.28 45.82 -13.47
CA ASP E 464 -9.84 46.59 -14.63
C ASP E 464 -11.02 47.47 -15.07
N ILE E 465 -10.96 48.75 -14.71
CA ILE E 465 -11.99 49.71 -15.10
C ILE E 465 -11.50 50.58 -16.27
N SER E 466 -10.41 50.21 -16.91
CA SER E 466 -9.89 50.96 -18.05
C SER E 466 -10.83 50.82 -19.24
N THR E 467 -10.90 51.90 -20.05
CA THR E 467 -11.75 51.93 -21.22
C THR E 467 -10.96 52.28 -22.48
N GLU E 468 -9.67 51.93 -22.50
CA GLU E 468 -8.85 52.18 -23.68
C GLU E 468 -9.33 51.33 -24.85
N ILE E 469 -9.31 51.91 -26.06
CA ILE E 469 -9.73 51.20 -27.24
C ILE E 469 -8.85 49.97 -27.45
N TYR E 470 -9.47 48.85 -27.83
CA TYR E 470 -8.77 47.58 -27.99
C TYR E 470 -8.41 47.38 -29.46
N GLN E 471 -7.18 46.94 -29.70
CA GLN E 471 -6.65 46.74 -31.05
C GLN E 471 -6.60 45.24 -31.35
N ALA E 472 -7.52 44.79 -32.20
CA ALA E 472 -7.55 43.38 -32.58
C ALA E 472 -6.61 43.07 -33.74
N GLY E 473 -6.35 44.03 -34.62
CA GLY E 473 -5.46 43.87 -35.74
C GLY E 473 -4.08 44.40 -35.47
N ASN E 474 -3.34 44.68 -36.54
CA ASN E 474 -1.99 45.20 -36.44
C ASN E 474 -1.89 46.69 -36.74
N LYS E 475 -2.95 47.31 -37.24
CA LYS E 475 -2.96 48.74 -37.43
C LYS E 475 -3.21 49.45 -36.10
N PRO E 476 -2.64 50.64 -35.92
CA PRO E 476 -2.92 51.42 -34.72
C PRO E 476 -4.35 51.94 -34.73
N CYS E 477 -4.85 52.25 -33.54
CA CYS E 477 -6.23 52.65 -33.34
C CYS E 477 -6.40 54.12 -33.03
N ASN E 478 -5.45 54.73 -32.32
CA ASN E 478 -5.45 56.17 -32.05
C ASN E 478 -6.70 56.60 -31.29
N GLY E 479 -7.12 55.78 -30.33
CA GLY E 479 -8.28 56.11 -29.51
C GLY E 479 -9.58 56.18 -30.27
N VAL E 480 -9.69 55.47 -31.39
CA VAL E 480 -10.87 55.50 -32.25
C VAL E 480 -11.31 54.07 -32.53
N ALA E 481 -12.61 53.81 -32.39
CA ALA E 481 -13.17 52.52 -32.73
C ALA E 481 -13.26 52.40 -34.24
N GLY E 482 -12.52 51.45 -34.82
CA GLY E 482 -12.43 51.32 -36.26
C GLY E 482 -12.95 50.01 -36.81
N PHE E 483 -12.07 49.23 -37.43
CA PHE E 483 -12.43 47.95 -38.03
C PHE E 483 -11.95 46.78 -37.18
N ASN E 484 -10.67 46.77 -36.82
CA ASN E 484 -10.14 45.88 -35.81
C ASN E 484 -9.92 46.60 -34.48
N CYS E 485 -10.49 47.79 -34.32
CA CYS E 485 -10.36 48.59 -33.11
C CYS E 485 -11.73 48.63 -32.43
N TYR E 486 -11.87 47.86 -31.36
CA TYR E 486 -13.15 47.74 -30.67
C TYR E 486 -13.12 48.44 -29.32
N PHE E 487 -14.29 48.93 -28.93
CA PHE E 487 -14.48 49.39 -27.55
C PHE E 487 -14.53 48.17 -26.62
N PRO E 488 -13.71 48.13 -25.58
CA PRO E 488 -13.55 46.87 -24.82
C PRO E 488 -14.79 46.41 -24.09
N LEU E 489 -15.76 47.29 -23.84
CA LEU E 489 -16.91 46.96 -23.00
C LEU E 489 -18.16 46.75 -23.83
N ARG E 490 -18.95 45.75 -23.44
CA ARG E 490 -20.23 45.45 -24.06
C ARG E 490 -21.29 45.37 -22.98
N SER E 491 -22.51 45.74 -23.34
CA SER E 491 -23.62 45.77 -22.39
C SER E 491 -24.47 44.52 -22.54
N TYR E 492 -24.85 43.94 -21.40
CA TYR E 492 -25.97 42.99 -21.40
C TYR E 492 -27.23 43.72 -21.83
N GLY E 493 -28.13 43.01 -22.48
CA GLY E 493 -29.38 43.60 -22.90
C GLY E 493 -30.55 43.02 -22.16
N PHE E 494 -30.39 42.81 -20.85
CA PHE E 494 -31.32 42.03 -20.05
C PHE E 494 -32.76 42.43 -20.29
N ARG E 495 -33.53 41.51 -20.87
CA ARG E 495 -34.94 41.67 -21.16
C ARG E 495 -35.74 40.63 -20.39
N PRO E 496 -36.95 40.98 -19.94
CA PRO E 496 -37.74 40.03 -19.15
C PRO E 496 -38.12 38.77 -19.92
N THR E 497 -38.18 38.82 -21.25
CA THR E 497 -38.60 37.68 -22.06
C THR E 497 -37.50 36.66 -22.27
N TYR E 498 -36.27 36.95 -21.85
CA TYR E 498 -35.16 36.06 -22.08
C TYR E 498 -35.32 34.76 -21.29
N GLY E 499 -34.73 33.69 -21.83
CA GLY E 499 -34.70 32.43 -21.10
C GLY E 499 -33.80 32.51 -19.89
N VAL E 500 -33.85 31.46 -19.07
CA VAL E 500 -33.22 31.49 -17.76
C VAL E 500 -31.72 31.75 -17.87
N GLY E 501 -31.04 31.01 -18.75
CA GLY E 501 -29.61 31.18 -18.91
C GLY E 501 -29.19 32.53 -19.43
N HIS E 502 -30.11 33.29 -20.02
CA HIS E 502 -29.83 34.63 -20.54
C HIS E 502 -30.35 35.73 -19.62
N GLN E 503 -30.82 35.37 -18.42
CA GLN E 503 -31.41 36.34 -17.51
C GLN E 503 -30.37 36.84 -16.51
N PRO E 504 -30.54 38.06 -15.99
CA PRO E 504 -29.58 38.59 -15.04
C PRO E 504 -29.57 37.83 -13.73
N TYR E 505 -28.39 37.71 -13.14
CA TYR E 505 -28.22 37.09 -11.83
C TYR E 505 -27.35 37.99 -10.98
N ARG E 506 -27.81 38.28 -9.76
CA ARG E 506 -26.98 38.99 -8.80
C ARG E 506 -26.09 37.99 -8.06
N VAL E 507 -24.81 38.32 -7.94
CA VAL E 507 -23.83 37.42 -7.35
C VAL E 507 -23.14 38.15 -6.21
N VAL E 508 -23.07 37.50 -5.04
CA VAL E 508 -22.26 37.96 -3.93
C VAL E 508 -21.21 36.90 -3.66
N VAL E 509 -19.94 37.30 -3.67
CA VAL E 509 -18.83 36.40 -3.38
C VAL E 509 -18.25 36.81 -2.03
N LEU E 510 -18.28 35.89 -1.07
CA LEU E 510 -17.70 36.10 0.24
C LEU E 510 -16.37 35.36 0.27
N SER E 511 -15.28 36.09 0.43
CA SER E 511 -13.96 35.50 0.55
C SER E 511 -13.41 35.75 1.94
N PHE E 512 -12.82 34.72 2.53
CA PHE E 512 -12.20 34.87 3.84
C PHE E 512 -10.99 33.94 3.93
N GLU E 513 -10.37 33.96 5.10
CA GLU E 513 -9.17 33.20 5.42
C GLU E 513 -9.43 32.35 6.65
N LEU E 514 -9.20 31.04 6.53
CA LEU E 514 -9.30 30.11 7.64
C LEU E 514 -7.94 29.74 8.22
N LEU E 515 -6.87 30.33 7.70
CA LEU E 515 -5.53 30.07 8.21
C LEU E 515 -5.36 30.69 9.59
N HIS E 516 -4.35 30.21 10.31
CA HIS E 516 -4.09 30.68 11.66
C HIS E 516 -3.68 32.15 11.65
N ALA E 517 -4.48 32.99 12.25
CA ALA E 517 -4.24 34.43 12.32
C ALA E 517 -5.24 35.04 13.30
N PRO E 518 -4.94 36.23 13.84
CA PRO E 518 -5.93 36.93 14.67
C PRO E 518 -7.19 37.20 13.86
N ALA E 519 -8.34 37.21 14.55
CA ALA E 519 -9.63 37.28 13.88
C ALA E 519 -10.48 38.39 14.47
N THR E 520 -11.22 39.09 13.60
CA THR E 520 -12.18 40.11 14.03
C THR E 520 -13.60 39.86 13.54
N VAL E 521 -13.83 38.85 12.71
CA VAL E 521 -15.17 38.46 12.28
C VAL E 521 -15.43 37.06 12.82
N CYS E 522 -16.51 36.92 13.59
CA CYS E 522 -16.81 35.64 14.24
C CYS E 522 -18.31 35.39 14.19
N GLY E 523 -18.67 34.12 14.29
CA GLY E 523 -20.06 33.74 14.32
C GLY E 523 -20.67 33.95 15.70
N PRO E 524 -21.97 33.75 15.78
CA PRO E 524 -22.64 33.86 17.09
C PRO E 524 -22.26 32.71 18.00
N LYS E 525 -21.44 33.00 19.01
CA LYS E 525 -20.88 31.96 19.87
C LYS E 525 -20.52 32.61 21.20
N LYS E 526 -21.18 32.18 22.27
CA LYS E 526 -20.89 32.72 23.60
C LYS E 526 -19.60 32.09 24.13
N SER E 527 -18.78 32.92 24.78
CA SER E 527 -17.54 32.47 25.39
C SER E 527 -17.80 32.06 26.83
N THR E 528 -17.16 30.97 27.25
CA THR E 528 -17.17 30.56 28.64
C THR E 528 -15.96 31.18 29.34
N ASN E 529 -15.69 30.76 30.57
CA ASN E 529 -14.47 31.19 31.23
C ASN E 529 -13.28 30.35 30.75
N LEU E 530 -12.09 30.80 31.11
CA LEU E 530 -10.85 30.13 30.74
C LEU E 530 -10.41 29.23 31.89
N VAL E 531 -10.27 27.94 31.62
CA VAL E 531 -9.89 26.95 32.61
C VAL E 531 -8.49 26.45 32.29
N LYS E 532 -7.58 26.58 33.25
CA LYS E 532 -6.21 26.12 33.12
C LYS E 532 -5.96 24.94 34.04
N ASN E 533 -4.93 24.15 33.70
CA ASN E 533 -4.45 23.05 34.52
C ASN E 533 -5.48 21.94 34.67
N LYS E 534 -6.43 21.85 33.74
CA LYS E 534 -7.39 20.77 33.71
C LYS E 534 -7.57 20.27 32.29
N CYS E 535 -7.82 18.97 32.15
CA CYS E 535 -8.16 18.41 30.85
C CYS E 535 -9.54 18.90 30.43
N VAL E 536 -9.60 19.65 29.33
CA VAL E 536 -10.83 20.26 28.86
C VAL E 536 -10.93 20.09 27.35
N ASN E 537 -12.17 20.14 26.86
CA ASN E 537 -12.40 20.51 25.47
C ASN E 537 -12.30 22.02 25.36
N PHE E 538 -11.68 22.50 24.28
CA PHE E 538 -11.50 23.93 24.11
C PHE E 538 -11.83 24.33 22.68
N ASN E 539 -12.23 25.59 22.53
CA ASN E 539 -12.52 26.18 21.23
C ASN E 539 -11.98 27.61 21.26
N PHE E 540 -10.89 27.85 20.53
CA PHE E 540 -10.29 29.17 20.41
C PHE E 540 -10.51 29.66 18.98
N ASN E 541 -11.46 30.57 18.81
CA ASN E 541 -11.76 31.18 17.50
C ASN E 541 -12.09 30.14 16.44
N GLY E 542 -12.70 29.03 16.83
CA GLY E 542 -13.01 27.95 15.92
C GLY E 542 -12.03 26.79 15.95
N LEU E 543 -10.83 26.99 16.50
CA LEU E 543 -9.85 25.92 16.62
C LEU E 543 -10.22 25.07 17.83
N THR E 544 -10.67 23.84 17.56
CA THR E 544 -11.12 22.93 18.60
C THR E 544 -10.06 21.88 18.90
N GLY E 545 -10.13 21.33 20.10
CA GLY E 545 -9.20 20.29 20.52
C GLY E 545 -9.44 19.94 21.96
N THR E 546 -8.67 18.98 22.45
CA THR E 546 -8.75 18.54 23.82
C THR E 546 -7.34 18.53 24.42
N GLY E 547 -7.23 18.99 25.65
CA GLY E 547 -5.95 18.99 26.32
C GLY E 547 -5.97 19.84 27.57
N VAL E 548 -4.78 20.03 28.14
CA VAL E 548 -4.56 20.84 29.33
C VAL E 548 -3.96 22.16 28.89
N LEU E 549 -4.50 23.26 29.41
CA LEU E 549 -4.03 24.59 29.09
C LEU E 549 -3.21 25.13 30.26
N THR E 550 -1.98 25.56 29.97
CA THR E 550 -1.10 26.11 30.99
C THR E 550 -0.48 27.41 30.47
N GLU E 551 -0.04 28.24 31.41
CA GLU E 551 0.56 29.52 31.06
C GLU E 551 1.89 29.29 30.32
N SER E 552 2.07 30.01 29.22
CA SER E 552 3.20 29.81 28.34
C SER E 552 4.20 30.96 28.47
N ASN E 553 5.48 30.63 28.31
CA ASN E 553 6.52 31.64 28.19
C ASN E 553 6.95 31.87 26.75
N LYS E 554 6.30 31.22 25.79
CA LYS E 554 6.57 31.50 24.38
C LYS E 554 6.24 32.95 24.06
N LYS E 555 7.11 33.57 23.28
CA LYS E 555 6.97 34.98 22.92
C LYS E 555 6.39 35.06 21.51
N PHE E 556 5.06 35.06 21.42
CA PHE E 556 4.41 35.28 20.15
C PHE E 556 4.63 36.71 19.67
N LEU E 557 4.82 36.85 18.37
CA LEU E 557 4.77 38.16 17.76
C LEU E 557 3.31 38.59 17.62
N PRO E 558 3.05 39.90 17.54
CA PRO E 558 1.65 40.36 17.59
C PRO E 558 0.75 39.80 16.50
N PHE E 559 1.30 39.40 15.37
CA PHE E 559 0.50 38.83 14.30
C PHE E 559 0.25 37.34 14.47
N GLN E 560 0.77 36.71 15.52
CA GLN E 560 0.68 35.27 15.72
C GLN E 560 -0.39 34.94 16.74
N GLN E 561 -1.34 34.09 16.36
CA GLN E 561 -2.38 33.61 17.25
C GLN E 561 -2.17 32.17 17.70
N PHE E 562 -1.55 31.34 16.87
CA PHE E 562 -1.36 29.92 17.17
C PHE E 562 0.09 29.53 16.98
N GLY E 563 0.51 28.56 17.76
CA GLY E 563 1.80 27.92 17.56
C GLY E 563 1.62 26.46 17.22
N ARG E 564 2.42 26.00 16.26
CA ARG E 564 2.31 24.63 15.76
C ARG E 564 3.60 23.87 16.01
N ASP E 565 3.47 22.56 16.18
CA ASP E 565 4.59 21.67 16.40
C ASP E 565 4.97 20.96 15.11
N ILE E 566 5.85 19.96 15.21
CA ILE E 566 6.40 19.31 14.03
C ILE E 566 5.30 18.63 13.21
N ALA E 567 4.35 17.98 13.87
CA ALA E 567 3.25 17.31 13.18
C ALA E 567 2.17 18.27 12.72
N ASP E 568 2.43 19.59 12.77
CA ASP E 568 1.48 20.62 12.37
C ASP E 568 0.23 20.62 13.25
N THR E 569 0.37 20.21 14.51
CA THR E 569 -0.71 20.29 15.49
C THR E 569 -0.50 21.51 16.36
N THR E 570 -1.59 22.20 16.69
CA THR E 570 -1.52 23.41 17.50
C THR E 570 -1.18 23.04 18.94
N ASP E 571 -0.03 23.50 19.41
CA ASP E 571 0.41 23.28 20.78
C ASP E 571 0.57 24.58 21.57
N ALA E 572 0.17 25.70 20.99
CA ALA E 572 0.18 26.99 21.68
C ALA E 572 -0.85 27.90 21.03
N VAL E 573 -1.53 28.70 21.85
CA VAL E 573 -2.59 29.57 21.38
C VAL E 573 -2.59 30.84 22.22
N ARG E 574 -2.83 31.97 21.56
CA ARG E 574 -3.07 33.23 22.24
C ARG E 574 -4.55 33.34 22.55
N ASP E 575 -4.87 33.70 23.79
CA ASP E 575 -6.27 33.84 24.18
C ASP E 575 -6.87 35.06 23.51
N PRO E 576 -7.98 34.92 22.79
CA PRO E 576 -8.51 36.07 22.02
C PRO E 576 -9.01 37.23 22.88
N GLN E 577 -9.22 37.04 24.17
CA GLN E 577 -9.70 38.12 25.04
C GLN E 577 -8.61 38.68 25.94
N THR E 578 -7.89 37.83 26.68
CA THR E 578 -6.83 38.32 27.54
C THR E 578 -5.51 38.54 26.80
N LEU E 579 -5.38 38.00 25.59
CA LEU E 579 -4.17 38.09 24.77
C LEU E 579 -2.97 37.40 25.40
N GLU E 580 -3.20 36.50 26.35
CA GLU E 580 -2.11 35.73 26.96
C GLU E 580 -1.77 34.52 26.09
N ILE E 581 -0.55 34.03 26.25
CA ILE E 581 -0.08 32.87 25.49
C ILE E 581 -0.26 31.63 26.35
N LEU E 582 -0.86 30.59 25.77
CA LEU E 582 -1.16 29.36 26.50
C LEU E 582 -0.52 28.18 25.79
N ASP E 583 0.04 27.25 26.57
CA ASP E 583 0.52 25.99 26.04
C ASP E 583 -0.59 24.96 26.07
N ILE E 584 -0.61 24.08 25.06
CA ILE E 584 -1.57 22.98 24.99
C ILE E 584 -0.80 21.67 25.08
N THR E 585 -1.19 20.82 26.03
CA THR E 585 -0.61 19.51 26.22
C THR E 585 -1.73 18.47 26.24
N PRO E 586 -1.52 17.31 25.60
CA PRO E 586 -2.53 16.25 25.68
C PRO E 586 -2.77 15.83 27.12
N CYS E 587 -4.01 15.43 27.41
CA CYS E 587 -4.49 15.35 28.78
C CYS E 587 -3.67 14.38 29.63
N SER E 588 -3.84 13.08 29.38
CA SER E 588 -3.04 12.04 30.01
C SER E 588 -3.38 10.69 29.39
N PHE E 589 -2.38 9.86 29.10
CA PHE E 589 -2.61 8.62 28.38
C PHE E 589 -1.48 7.65 28.71
N GLY E 590 -1.55 6.47 28.11
CA GLY E 590 -0.52 5.46 28.31
C GLY E 590 -1.03 4.08 27.96
N GLY E 591 -0.09 3.22 27.60
CA GLY E 591 -0.44 1.85 27.26
C GLY E 591 -0.76 1.01 28.48
N VAL E 592 -1.66 0.05 28.28
CA VAL E 592 -2.07 -0.88 29.33
C VAL E 592 -1.82 -2.30 28.82
N SER E 593 -1.12 -3.09 29.63
CA SER E 593 -0.93 -4.50 29.37
C SER E 593 -1.57 -5.32 30.48
N VAL E 594 -2.16 -6.45 30.11
CA VAL E 594 -2.84 -7.32 31.05
C VAL E 594 -2.03 -8.60 31.18
N ILE E 595 -1.60 -8.90 32.40
CA ILE E 595 -0.82 -10.09 32.69
C ILE E 595 -1.77 -11.15 33.22
N THR E 596 -1.83 -12.28 32.53
CA THR E 596 -2.74 -13.35 32.91
C THR E 596 -1.99 -14.68 32.89
N PRO E 597 -2.23 -15.55 33.86
CA PRO E 597 -2.09 -16.98 33.59
C PRO E 597 -3.24 -17.39 32.68
N GLY E 598 -3.16 -18.61 32.16
CA GLY E 598 -4.23 -19.06 31.29
C GLY E 598 -5.58 -18.97 31.97
N THR E 599 -6.65 -18.73 31.20
CA THR E 599 -7.99 -18.79 31.77
C THR E 599 -8.34 -20.21 32.21
N ASN E 600 -7.58 -21.21 31.77
CA ASN E 600 -7.70 -22.55 32.34
C ASN E 600 -7.21 -22.59 33.78
N THR E 601 -6.31 -21.67 34.13
CA THR E 601 -5.75 -21.63 35.48
C THR E 601 -6.57 -20.71 36.40
N SER E 602 -6.76 -19.47 35.98
CA SER E 602 -7.39 -18.48 36.85
C SER E 602 -7.97 -17.35 36.00
N ASN E 603 -8.91 -16.64 36.61
CA ASN E 603 -9.41 -15.38 36.06
C ASN E 603 -8.70 -14.18 36.66
N GLN E 604 -7.75 -14.40 37.56
CA GLN E 604 -6.97 -13.32 38.14
C GLN E 604 -6.03 -12.72 37.11
N VAL E 605 -5.93 -11.39 37.10
CA VAL E 605 -5.04 -10.68 36.20
C VAL E 605 -4.26 -9.62 36.98
N ALA E 606 -3.15 -9.20 36.40
CA ALA E 606 -2.40 -8.04 36.86
C ALA E 606 -2.24 -7.09 35.68
N VAL E 607 -2.16 -5.80 35.98
CA VAL E 607 -2.18 -4.75 34.95
C VAL E 607 -0.91 -3.93 35.05
N LEU E 608 -0.24 -3.76 33.92
CA LEU E 608 0.95 -2.92 33.83
C LEU E 608 0.59 -1.62 33.11
N TYR E 609 0.88 -0.49 33.76
CA TYR E 609 0.72 0.83 33.16
C TYR E 609 2.06 1.26 32.61
N GLN E 610 2.21 1.15 31.28
CA GLN E 610 3.52 1.13 30.66
C GLN E 610 4.16 2.52 30.62
N GLY E 611 5.42 2.59 31.06
CA GLY E 611 6.18 3.83 31.04
C GLY E 611 5.59 4.94 31.89
N VAL E 612 5.05 4.60 33.06
CA VAL E 612 4.26 5.54 33.85
C VAL E 612 4.62 5.42 35.33
N ASN E 613 4.89 6.57 35.95
CA ASN E 613 4.86 6.69 37.41
C ASN E 613 3.60 6.10 38.02
N CYS E 614 3.77 5.39 39.13
CA CYS E 614 2.62 4.92 39.88
C CYS E 614 1.78 6.09 40.40
N THR E 615 2.39 7.26 40.59
CA THR E 615 1.62 8.41 41.06
C THR E 615 0.77 9.02 39.95
N GLU E 616 1.19 8.88 38.69
CA GLU E 616 0.38 9.37 37.58
C GLU E 616 -0.55 8.31 37.02
N VAL E 617 -0.58 7.12 37.62
CA VAL E 617 -1.57 6.12 37.23
C VAL E 617 -2.96 6.71 37.42
N PRO E 618 -3.84 6.66 36.43
CA PRO E 618 -5.09 7.41 36.52
C PRO E 618 -5.98 6.91 37.65
N VAL E 619 -6.44 7.85 38.47
CA VAL E 619 -7.22 7.55 39.66
C VAL E 619 -8.53 8.32 39.54
N ALA E 620 -8.84 8.76 38.32
CA ALA E 620 -10.02 9.56 38.06
C ALA E 620 -11.29 8.84 38.49
N ILE E 621 -12.02 9.45 39.43
CA ILE E 621 -13.28 8.89 39.88
C ILE E 621 -14.34 9.03 38.79
N HIS E 622 -15.33 8.13 38.82
CA HIS E 622 -16.45 8.07 37.89
C HIS E 622 -16.01 7.55 36.52
N ALA E 623 -16.95 6.97 35.77
CA ALA E 623 -16.66 6.27 34.53
C ALA E 623 -16.57 7.19 33.31
N ASP E 624 -16.91 8.46 33.46
CA ASP E 624 -16.88 9.41 32.34
C ASP E 624 -15.60 10.25 32.32
N GLN E 625 -14.69 10.03 33.25
CA GLN E 625 -13.44 10.79 33.31
C GLN E 625 -12.21 9.94 32.99
N LEU E 626 -12.37 8.68 32.62
CA LEU E 626 -11.24 7.81 32.34
C LEU E 626 -11.70 6.61 31.54
N THR E 627 -11.20 6.46 30.32
CA THR E 627 -11.37 5.19 29.64
C THR E 627 -10.09 4.36 29.74
N PRO E 628 -10.16 3.03 29.83
CA PRO E 628 -11.37 2.19 29.90
C PRO E 628 -12.10 2.36 31.21
N THR E 629 -13.37 1.97 31.29
CA THR E 629 -14.18 2.27 32.46
C THR E 629 -13.97 1.28 33.60
N TRP E 630 -13.31 0.14 33.35
CA TRP E 630 -13.01 -0.75 34.47
C TRP E 630 -11.94 -0.13 35.36
N ARG E 631 -11.93 -0.56 36.63
CA ARG E 631 -11.02 -0.02 37.62
C ARG E 631 -10.35 -1.16 38.36
N VAL E 632 -9.05 -0.98 38.65
CA VAL E 632 -8.29 -1.89 39.49
C VAL E 632 -7.69 -1.03 40.60
N TYR E 633 -8.12 -1.27 41.83
CA TYR E 633 -7.76 -0.39 42.94
C TYR E 633 -6.27 -0.49 43.24
N SER E 634 -5.60 0.67 43.32
CA SER E 634 -4.19 0.69 43.64
C SER E 634 -3.93 0.18 45.05
N THR E 635 -4.85 0.43 45.97
CA THR E 635 -4.70 -0.12 47.32
C THR E 635 -5.18 -1.57 47.37
N GLY E 636 -6.27 -1.87 46.66
CA GLY E 636 -6.82 -3.23 46.72
C GLY E 636 -5.85 -4.27 46.19
N SER E 637 -5.22 -3.99 45.07
CA SER E 637 -4.20 -4.86 44.48
C SER E 637 -2.85 -4.21 44.68
N ASN E 638 -1.82 -5.02 44.93
CA ASN E 638 -0.49 -4.49 45.22
C ASN E 638 0.03 -3.64 44.09
N VAL E 639 0.80 -2.61 44.43
CA VAL E 639 1.37 -1.66 43.48
C VAL E 639 2.87 -1.77 43.53
N PHE E 640 3.49 -1.96 42.36
CA PHE E 640 4.94 -2.06 42.24
C PHE E 640 5.40 -1.18 41.07
N GLN E 641 6.47 -0.43 41.30
CA GLN E 641 7.03 0.44 40.28
C GLN E 641 8.18 -0.28 39.60
N THR E 642 8.05 -0.51 38.29
CA THR E 642 9.12 -1.01 37.46
C THR E 642 9.58 0.11 36.53
N ARG E 643 10.76 -0.08 35.93
CA ARG E 643 11.20 0.86 34.90
C ARG E 643 10.36 0.74 33.64
N ALA E 644 9.60 -0.35 33.49
CA ALA E 644 8.67 -0.50 32.38
C ALA E 644 7.30 0.09 32.67
N GLY E 645 7.05 0.54 33.90
CA GLY E 645 5.79 1.15 34.25
C GLY E 645 5.31 0.65 35.59
N CYS E 646 4.08 1.02 35.93
CA CYS E 646 3.46 0.70 37.21
C CYS E 646 2.68 -0.59 37.09
N LEU E 647 3.01 -1.56 37.93
CA LEU E 647 2.38 -2.87 37.93
C LEU E 647 1.39 -2.95 39.09
N ILE E 648 0.12 -3.21 38.78
CA ILE E 648 -0.94 -3.28 39.77
C ILE E 648 -1.57 -4.67 39.68
N GLY E 649 -1.68 -5.35 40.82
CA GLY E 649 -2.26 -6.67 40.87
C GLY E 649 -1.31 -7.80 41.16
N ALA E 650 -0.03 -7.52 41.33
CA ALA E 650 0.98 -8.53 41.63
C ALA E 650 1.80 -8.09 42.83
N GLU E 651 2.18 -9.05 43.67
CA GLU E 651 3.02 -8.77 44.83
C GLU E 651 4.47 -9.03 44.48
N TYR E 652 5.32 -8.04 44.71
CA TYR E 652 6.75 -8.21 44.49
C TYR E 652 7.38 -8.96 45.65
N VAL E 653 8.33 -9.83 45.33
CA VAL E 653 9.01 -10.66 46.32
C VAL E 653 10.51 -10.52 46.10
N ASN E 654 11.28 -10.75 47.16
CA ASN E 654 12.74 -10.77 47.15
C ASN E 654 13.32 -12.06 46.61
N ASN E 655 12.52 -13.09 46.38
CA ASN E 655 13.13 -14.24 45.75
C ASN E 655 13.30 -13.97 44.24
N SER E 656 14.26 -14.66 43.64
CA SER E 656 14.49 -14.57 42.20
C SER E 656 14.22 -15.94 41.62
N TYR E 657 13.41 -15.98 40.57
CA TYR E 657 13.08 -17.21 39.88
C TYR E 657 13.44 -17.05 38.41
N GLU E 658 13.28 -18.14 37.66
CA GLU E 658 13.37 -18.06 36.22
C GLU E 658 12.16 -17.32 35.65
N CYS E 659 12.37 -16.58 34.58
CA CYS E 659 11.30 -15.76 34.01
C CYS E 659 10.16 -16.63 33.51
N ASP E 660 8.94 -16.30 33.92
CA ASP E 660 7.73 -16.95 33.41
C ASP E 660 6.96 -16.05 32.45
N ILE E 661 6.55 -14.87 32.92
CA ILE E 661 5.90 -13.88 32.07
C ILE E 661 6.75 -12.62 32.12
N PRO E 662 7.41 -12.23 31.03
CA PRO E 662 8.30 -11.07 31.07
C PRO E 662 7.51 -9.77 31.20
N ILE E 663 7.87 -8.96 32.19
CA ILE E 663 7.28 -7.64 32.33
C ILE E 663 8.17 -6.58 31.67
N GLY E 664 9.47 -6.64 31.91
CA GLY E 664 10.39 -5.68 31.34
C GLY E 664 11.38 -5.17 32.36
N ALA E 665 12.55 -4.73 31.90
CA ALA E 665 13.59 -4.17 32.76
C ALA E 665 13.92 -5.11 33.92
N GLY E 666 14.05 -6.40 33.60
CA GLY E 666 14.47 -7.39 34.57
C GLY E 666 13.39 -7.95 35.46
N ILE E 667 12.12 -7.56 35.27
CA ILE E 667 11.03 -8.00 36.12
C ILE E 667 10.19 -9.01 35.36
N CYS E 668 9.86 -10.12 36.03
CA CYS E 668 8.98 -11.14 35.47
C CYS E 668 7.89 -11.46 36.48
N ALA E 669 6.78 -12.01 35.99
CA ALA E 669 5.63 -12.32 36.82
C ALA E 669 5.26 -13.78 36.66
N SER E 670 4.69 -14.36 37.72
CA SER E 670 4.27 -15.76 37.71
C SER E 670 3.09 -15.95 38.64
N TYR E 671 2.35 -17.03 38.40
CA TYR E 671 1.18 -17.42 39.20
C TYR E 671 1.63 -18.54 40.14
N GLN E 672 1.88 -18.20 41.40
CA GLN E 672 2.40 -19.14 42.39
C GLN E 672 1.69 -18.96 43.72
N THR E 673 1.90 -19.92 44.62
CA THR E 673 1.43 -19.79 46.00
C THR E 673 2.27 -18.78 46.77
N SER E 686 -3.43 -20.83 48.68
CA SER E 686 -3.49 -19.45 48.21
C SER E 686 -2.52 -19.22 47.06
N GLN E 687 -3.06 -19.18 45.84
CA GLN E 687 -2.30 -18.88 44.64
C GLN E 687 -2.60 -17.47 44.15
N SER E 688 -1.55 -16.73 43.81
CA SER E 688 -1.69 -15.35 43.38
C SER E 688 -0.58 -15.02 42.38
N ILE E 689 -0.71 -13.86 41.76
CA ILE E 689 0.30 -13.38 40.82
C ILE E 689 1.41 -12.68 41.60
N ILE E 690 2.65 -13.09 41.38
CA ILE E 690 3.80 -12.50 42.02
C ILE E 690 4.68 -11.86 40.96
N ALA E 691 5.42 -10.83 41.37
CA ALA E 691 6.43 -10.20 40.54
C ALA E 691 7.80 -10.37 41.21
N TYR E 692 8.84 -10.46 40.39
CA TYR E 692 10.17 -10.72 40.91
C TYR E 692 11.21 -10.26 39.91
N THR E 693 12.45 -10.16 40.38
CA THR E 693 13.59 -9.98 39.49
C THR E 693 14.02 -11.34 38.94
N MET E 694 14.15 -11.42 37.63
CA MET E 694 14.47 -12.70 37.00
C MET E 694 15.87 -13.16 37.39
N SER E 695 16.01 -14.47 37.59
CA SER E 695 17.28 -15.06 37.95
C SER E 695 18.06 -15.44 36.70
N LEU E 696 19.36 -15.13 36.69
CA LEU E 696 20.22 -15.53 35.59
C LEU E 696 20.84 -16.90 35.80
N GLY E 697 20.70 -17.46 36.98
CA GLY E 697 21.33 -18.73 37.31
C GLY E 697 22.01 -18.66 38.66
N ALA E 698 22.55 -19.80 39.08
CA ALA E 698 23.23 -19.88 40.36
C ALA E 698 24.70 -19.52 40.21
N GLU E 699 25.26 -18.91 41.25
CA GLU E 699 26.65 -18.53 41.23
C GLU E 699 27.54 -19.77 41.37
N ASN E 700 28.73 -19.70 40.80
CA ASN E 700 29.68 -20.82 40.90
C ASN E 700 31.09 -20.25 40.92
N LEU E 701 31.69 -20.21 42.10
CA LEU E 701 33.09 -19.84 42.21
C LEU E 701 33.96 -21.00 41.75
N VAL E 702 34.81 -20.75 40.75
CA VAL E 702 35.69 -21.78 40.21
C VAL E 702 36.97 -21.79 41.04
N ALA E 703 37.37 -22.98 41.47
CA ALA E 703 38.51 -23.15 42.40
C ALA E 703 39.80 -23.10 41.60
N TYR E 704 40.12 -21.93 41.08
CA TYR E 704 41.31 -21.71 40.27
C TYR E 704 42.51 -21.44 41.16
N SER E 705 43.66 -21.97 40.75
CA SER E 705 44.94 -21.64 41.35
C SER E 705 46.02 -21.89 40.30
N ASN E 706 47.28 -21.65 40.68
CA ASN E 706 48.37 -21.83 39.73
C ASN E 706 48.72 -23.30 39.46
N ASN E 707 48.27 -24.23 40.29
CA ASN E 707 48.70 -25.61 40.04
C ASN E 707 47.59 -26.63 40.26
N SER E 708 46.34 -26.22 40.10
CA SER E 708 45.20 -27.11 40.32
C SER E 708 44.50 -27.36 39.00
N ILE E 709 44.18 -28.62 38.74
CA ILE E 709 43.43 -29.01 37.55
C ILE E 709 42.33 -29.98 37.98
N ALA E 710 41.18 -29.89 37.32
CA ALA E 710 40.09 -30.83 37.50
C ALA E 710 40.00 -31.70 36.26
N ILE E 711 39.98 -33.02 36.46
CA ILE E 711 39.98 -33.99 35.38
C ILE E 711 38.82 -34.95 35.60
N PRO E 712 37.94 -35.12 34.62
CA PRO E 712 36.82 -36.05 34.79
C PRO E 712 37.28 -37.49 34.88
N THR E 713 36.55 -38.27 35.68
CA THR E 713 36.83 -39.69 35.84
C THR E 713 35.78 -40.56 35.18
N ASN E 714 34.68 -39.99 34.72
CA ASN E 714 33.59 -40.73 34.11
C ASN E 714 33.00 -39.86 33.00
N PHE E 715 31.90 -40.29 32.41
CA PHE E 715 31.28 -39.56 31.33
C PHE E 715 29.79 -39.90 31.29
N THR E 716 29.03 -39.04 30.63
CA THR E 716 27.63 -39.29 30.34
C THR E 716 27.42 -39.18 28.84
N ILE E 717 26.77 -40.18 28.27
CA ILE E 717 26.33 -40.14 26.88
C ILE E 717 24.97 -39.46 26.87
N SER E 718 24.92 -38.28 26.26
CA SER E 718 23.71 -37.47 26.23
C SER E 718 23.11 -37.48 24.83
N VAL E 719 21.80 -37.62 24.76
CA VAL E 719 21.05 -37.52 23.51
C VAL E 719 20.03 -36.41 23.70
N THR E 720 20.20 -35.32 22.95
CA THR E 720 19.30 -34.19 23.01
C THR E 720 18.65 -33.95 21.64
N THR E 721 17.59 -33.16 21.67
CA THR E 721 16.74 -32.95 20.50
C THR E 721 16.87 -31.50 20.03
N GLU E 722 16.96 -31.31 18.72
CA GLU E 722 16.91 -29.99 18.11
C GLU E 722 15.89 -30.01 17.00
N ILE E 723 14.92 -29.10 17.06
CA ILE E 723 13.83 -29.03 16.08
C ILE E 723 14.07 -27.84 15.18
N LEU E 724 14.01 -28.06 13.87
CA LEU E 724 14.18 -26.96 12.93
C LEU E 724 13.08 -26.95 11.89
N PRO E 725 12.38 -25.84 11.72
CA PRO E 725 11.47 -25.72 10.57
C PRO E 725 12.22 -25.82 9.25
N VAL E 726 11.61 -26.48 8.28
CA VAL E 726 12.19 -26.66 6.97
C VAL E 726 11.33 -26.02 5.87
N SER E 727 10.01 -26.19 5.95
CA SER E 727 9.11 -25.69 4.92
C SER E 727 7.86 -25.14 5.60
N MET E 728 7.13 -24.32 4.84
CA MET E 728 5.84 -23.80 5.30
C MET E 728 4.77 -24.15 4.27
N THR E 729 3.52 -23.86 4.64
CA THR E 729 2.39 -24.17 3.78
C THR E 729 2.50 -23.43 2.45
N LYS E 730 2.36 -24.19 1.35
CA LYS E 730 2.31 -23.60 0.02
C LYS E 730 0.90 -23.12 -0.25
N THR E 731 0.75 -21.83 -0.56
CA THR E 731 -0.55 -21.23 -0.77
C THR E 731 -0.63 -20.64 -2.16
N SER E 732 -1.85 -20.61 -2.69
CA SER E 732 -2.15 -20.00 -3.98
C SER E 732 -3.40 -19.15 -3.82
N VAL E 733 -3.41 -17.99 -4.47
CA VAL E 733 -4.54 -17.07 -4.41
C VAL E 733 -5.03 -16.83 -5.83
N ASP E 734 -6.34 -17.01 -6.03
CA ASP E 734 -6.99 -16.55 -7.25
C ASP E 734 -7.39 -15.10 -7.00
N CYS E 735 -6.62 -14.18 -7.56
CA CYS E 735 -6.78 -12.76 -7.24
C CYS E 735 -8.19 -12.27 -7.59
N THR E 736 -8.68 -12.65 -8.77
CA THR E 736 -9.99 -12.21 -9.21
C THR E 736 -11.09 -12.78 -8.33
N MET E 737 -11.00 -14.06 -7.97
CA MET E 737 -12.02 -14.64 -7.10
C MET E 737 -12.03 -13.97 -5.73
N TYR E 738 -10.86 -13.70 -5.15
CA TYR E 738 -10.82 -13.06 -3.84
C TYR E 738 -11.39 -11.64 -3.91
N ILE E 739 -11.01 -10.89 -4.93
CA ILE E 739 -11.38 -9.47 -4.97
C ILE E 739 -12.79 -9.29 -5.52
N CYS E 740 -13.11 -9.98 -6.61
CA CYS E 740 -14.33 -9.70 -7.35
C CYS E 740 -15.36 -10.81 -7.30
N GLY E 741 -15.05 -11.93 -6.66
CA GLY E 741 -15.94 -13.08 -6.70
C GLY E 741 -16.18 -13.53 -8.12
N ASP E 742 -17.43 -13.52 -8.55
CA ASP E 742 -17.79 -13.81 -9.94
C ASP E 742 -18.43 -12.61 -10.63
N SER E 743 -18.25 -11.40 -10.10
CA SER E 743 -18.81 -10.20 -10.70
C SER E 743 -17.95 -9.77 -11.89
N THR E 744 -18.58 -9.66 -13.06
CA THR E 744 -17.86 -9.22 -14.25
C THR E 744 -17.57 -7.71 -14.22
N GLU E 745 -18.47 -6.92 -13.64
CA GLU E 745 -18.22 -5.50 -13.48
C GLU E 745 -16.95 -5.26 -12.67
N CYS E 746 -16.82 -5.97 -11.54
CA CYS E 746 -15.64 -5.79 -10.69
C CYS E 746 -14.37 -6.24 -11.42
N SER E 747 -14.44 -7.34 -12.16
CA SER E 747 -13.24 -7.82 -12.85
C SER E 747 -12.81 -6.86 -13.96
N ASN E 748 -13.78 -6.29 -14.68
CA ASN E 748 -13.44 -5.27 -15.67
C ASN E 748 -12.82 -4.05 -15.02
N LEU E 749 -13.32 -3.64 -13.85
CA LEU E 749 -12.68 -2.56 -13.13
C LEU E 749 -11.28 -2.94 -12.65
N LEU E 750 -11.10 -4.21 -12.24
CA LEU E 750 -9.81 -4.66 -11.72
C LEU E 750 -8.75 -4.70 -12.80
N LEU E 751 -9.15 -4.93 -14.06
CA LEU E 751 -8.17 -4.91 -15.14
C LEU E 751 -7.42 -3.58 -15.24
N GLN E 752 -8.02 -2.48 -14.77
CA GLN E 752 -7.37 -1.17 -14.84
C GLN E 752 -6.19 -1.02 -13.89
N TYR E 753 -5.99 -1.95 -12.96
CA TYR E 753 -4.92 -1.82 -11.98
C TYR E 753 -3.64 -2.50 -12.42
N GLY E 754 -3.61 -2.99 -13.66
CA GLY E 754 -2.35 -3.44 -14.23
C GLY E 754 -1.95 -4.81 -13.75
N SER E 755 -0.71 -4.92 -13.30
CA SER E 755 -0.07 -6.21 -13.06
C SER E 755 0.08 -6.53 -11.58
N PHE E 756 -0.66 -5.85 -10.70
CA PHE E 756 -0.54 -6.13 -9.28
C PHE E 756 -0.90 -7.57 -8.95
N CYS E 757 -2.02 -8.06 -9.51
CA CYS E 757 -2.43 -9.43 -9.25
C CYS E 757 -1.43 -10.43 -9.80
N THR E 758 -0.91 -10.20 -11.00
CA THR E 758 0.02 -11.15 -11.59
C THR E 758 1.33 -11.20 -10.82
N GLN E 759 1.83 -10.07 -10.32
CA GLN E 759 3.05 -10.13 -9.54
C GLN E 759 2.82 -10.68 -8.14
N LEU E 760 1.62 -10.50 -7.56
CA LEU E 760 1.30 -11.23 -6.34
C LEU E 760 1.32 -12.74 -6.57
N LYS E 761 0.73 -13.18 -7.68
CA LYS E 761 0.71 -14.60 -8.02
C LYS E 761 2.12 -15.12 -8.26
N ARG E 762 2.95 -14.32 -8.92
CA ARG E 762 4.34 -14.70 -9.14
C ARG E 762 5.10 -14.86 -7.83
N ALA E 763 4.89 -13.93 -6.89
CA ALA E 763 5.57 -14.03 -5.60
C ALA E 763 5.14 -15.29 -4.85
N LEU E 764 3.84 -15.58 -4.83
CA LEU E 764 3.37 -16.77 -4.13
C LEU E 764 3.88 -18.05 -4.81
N THR E 765 3.94 -18.07 -6.14
CA THR E 765 4.48 -19.23 -6.83
C THR E 765 5.96 -19.43 -6.49
N GLY E 766 6.71 -18.33 -6.41
CA GLY E 766 8.10 -18.44 -5.99
C GLY E 766 8.25 -19.03 -4.60
N ILE E 767 7.41 -18.58 -3.66
CA ILE E 767 7.45 -19.14 -2.31
C ILE E 767 7.14 -20.63 -2.33
N ALA E 768 6.12 -21.01 -3.11
CA ALA E 768 5.72 -22.41 -3.17
C ALA E 768 6.84 -23.29 -3.71
N VAL E 769 7.53 -22.83 -4.75
CA VAL E 769 8.64 -23.61 -5.30
C VAL E 769 9.79 -23.66 -4.29
N GLU E 770 10.03 -22.55 -3.58
CA GLU E 770 11.10 -22.52 -2.58
C GLU E 770 10.85 -23.53 -1.46
N GLN E 771 9.60 -23.80 -1.11
CA GLN E 771 9.35 -24.77 -0.05
C GLN E 771 9.84 -26.17 -0.44
N ASP E 772 9.53 -26.60 -1.66
CA ASP E 772 10.01 -27.88 -2.14
C ASP E 772 11.54 -27.88 -2.24
N LYS E 773 12.12 -26.76 -2.66
CA LYS E 773 13.58 -26.68 -2.70
C LYS E 773 14.19 -26.83 -1.31
N ASN E 774 13.57 -26.21 -0.31
CA ASN E 774 14.03 -26.34 1.08
C ASN E 774 14.03 -27.79 1.52
N THR E 775 12.90 -28.48 1.28
CA THR E 775 12.80 -29.87 1.69
C THR E 775 13.85 -30.74 0.99
N GLN E 776 14.03 -30.53 -0.31
CA GLN E 776 15.00 -31.32 -1.06
C GLN E 776 16.43 -31.04 -0.59
N GLU E 777 16.73 -29.79 -0.26
CA GLU E 777 18.06 -29.46 0.22
C GLU E 777 18.34 -30.10 1.57
N VAL E 778 17.32 -30.19 2.44
CA VAL E 778 17.56 -30.81 3.75
C VAL E 778 17.68 -32.33 3.63
N PHE E 779 16.72 -32.97 2.96
CA PHE E 779 16.60 -34.42 3.08
C PHE E 779 17.23 -35.21 1.95
N ALA E 780 17.37 -34.64 0.75
CA ALA E 780 17.96 -35.38 -0.35
C ALA E 780 19.47 -35.20 -0.40
N GLN E 781 20.15 -35.55 0.68
CA GLN E 781 21.60 -35.44 0.78
C GLN E 781 22.29 -36.79 0.67
N VAL E 782 21.63 -37.78 0.09
CA VAL E 782 22.14 -39.14 0.01
C VAL E 782 22.07 -39.60 -1.45
N LYS E 783 23.15 -40.19 -1.94
CA LYS E 783 23.20 -40.61 -3.33
C LYS E 783 22.43 -41.89 -3.58
N GLN E 784 22.26 -42.74 -2.56
CA GLN E 784 21.52 -43.98 -2.70
C GLN E 784 20.63 -44.18 -1.47
N ILE E 785 19.57 -44.96 -1.67
CA ILE E 785 18.68 -45.30 -0.55
C ILE E 785 19.29 -46.50 0.17
N TYR E 786 20.10 -46.23 1.18
CA TYR E 786 20.79 -47.30 1.90
C TYR E 786 19.81 -48.08 2.76
N LYS E 787 20.06 -49.37 2.90
CA LYS E 787 19.28 -50.24 3.76
C LYS E 787 20.22 -51.04 4.65
N THR E 788 19.78 -51.30 5.85
CA THR E 788 20.61 -52.16 6.67
C THR E 788 20.27 -53.63 6.40
N PRO E 789 21.19 -54.54 6.67
CA PRO E 789 20.85 -55.98 6.62
C PRO E 789 19.88 -56.33 7.73
N PRO E 790 19.18 -57.46 7.63
CA PRO E 790 18.24 -57.83 8.69
C PRO E 790 18.90 -58.06 10.04
N ILE E 791 20.21 -58.30 10.08
CA ILE E 791 20.91 -58.44 11.35
C ILE E 791 21.01 -57.08 12.01
N LYS E 792 20.32 -56.92 13.14
CA LYS E 792 20.12 -55.62 13.78
C LYS E 792 20.91 -55.48 15.08
N TYR E 793 22.11 -56.02 15.13
CA TYR E 793 23.00 -55.85 16.28
C TYR E 793 24.10 -54.85 15.91
N PHE E 794 24.18 -53.76 16.67
CA PHE E 794 25.23 -52.77 16.50
C PHE E 794 25.88 -52.54 17.87
N GLY E 795 26.82 -53.41 18.23
CA GLY E 795 27.58 -53.28 19.45
C GLY E 795 26.78 -53.11 20.73
N GLY E 796 25.48 -53.42 20.70
CA GLY E 796 24.61 -53.24 21.83
C GLY E 796 23.83 -51.95 21.85
N PHE E 797 24.14 -51.01 20.96
CA PHE E 797 23.34 -49.82 20.77
C PHE E 797 22.09 -50.23 20.02
N ASN E 798 20.91 -49.79 20.47
CA ASN E 798 19.68 -50.36 19.96
C ASN E 798 18.88 -49.21 19.34
N PHE E 799 18.71 -49.28 18.02
CA PHE E 799 18.18 -48.23 17.15
C PHE E 799 16.76 -48.52 16.70
N SER E 800 16.05 -49.41 17.41
CA SER E 800 14.76 -49.88 16.94
C SER E 800 13.74 -48.75 16.86
N GLN E 801 13.78 -47.81 17.80
CA GLN E 801 12.79 -46.76 17.86
C GLN E 801 13.03 -45.63 16.86
N ILE E 802 14.18 -45.59 16.20
CA ILE E 802 14.43 -44.61 15.15
C ILE E 802 14.59 -45.24 13.77
N LEU E 803 14.76 -46.54 13.68
CA LEU E 803 14.75 -47.24 12.40
C LEU E 803 13.30 -47.41 11.93
N PRO E 804 13.10 -47.63 10.62
CA PRO E 804 11.73 -47.69 10.09
C PRO E 804 10.92 -48.82 10.71
N ASP E 805 9.60 -48.60 10.77
CA ASP E 805 8.67 -49.63 11.20
C ASP E 805 8.00 -50.20 9.95
N PRO E 806 8.35 -51.40 9.50
CA PRO E 806 7.69 -51.96 8.32
C PRO E 806 6.22 -52.29 8.54
N SER E 807 5.77 -52.37 9.79
CA SER E 807 4.37 -52.71 10.06
C SER E 807 3.41 -51.66 9.53
N LYS E 808 3.74 -50.38 9.72
CA LYS E 808 2.83 -49.31 9.35
C LYS E 808 2.98 -48.95 7.87
N PRO E 809 1.91 -48.43 7.24
CA PRO E 809 2.00 -48.10 5.82
C PRO E 809 3.05 -47.06 5.47
N SER E 810 3.24 -46.06 6.35
CA SER E 810 4.18 -45.00 6.04
C SER E 810 5.63 -45.46 6.21
N LYS E 811 5.83 -46.56 6.93
CA LYS E 811 7.16 -47.07 7.26
C LYS E 811 7.98 -46.03 8.03
N ARG E 812 7.28 -45.16 8.76
CA ARG E 812 7.93 -44.23 9.66
C ARG E 812 8.47 -44.97 10.88
N SER E 813 9.48 -44.39 11.50
CA SER E 813 9.98 -44.91 12.76
C SER E 813 8.98 -44.61 13.88
N PHE E 814 9.18 -45.28 15.02
CA PHE E 814 8.29 -45.10 16.17
C PHE E 814 8.32 -43.66 16.65
N ILE E 815 9.52 -43.10 16.80
CA ILE E 815 9.66 -41.70 17.20
C ILE E 815 9.12 -40.77 16.13
N GLU E 816 9.30 -41.14 14.86
CA GLU E 816 8.72 -40.34 13.78
C GLU E 816 7.20 -40.38 13.83
N ASP E 817 6.62 -41.51 14.26
CA ASP E 817 5.17 -41.54 14.50
C ASP E 817 4.77 -40.58 15.60
N LEU E 818 5.51 -40.57 16.71
CA LEU E 818 5.19 -39.63 17.78
C LEU E 818 5.25 -38.18 17.29
N LEU E 819 6.31 -37.84 16.55
CA LEU E 819 6.44 -36.49 16.00
C LEU E 819 5.31 -36.17 15.04
N PHE E 820 4.94 -37.13 14.19
CA PHE E 820 3.85 -36.93 13.25
C PHE E 820 2.54 -36.64 13.97
N ASN E 821 2.31 -37.30 15.11
CA ASN E 821 1.10 -37.06 15.88
C ASN E 821 1.19 -35.82 16.76
N LYS E 822 2.36 -35.22 16.94
CA LYS E 822 2.48 -34.01 17.73
C LYS E 822 2.18 -32.72 16.96
N VAL E 823 2.17 -32.75 15.63
CA VAL E 823 1.92 -31.57 14.82
C VAL E 823 0.66 -31.83 13.99
N THR E 824 -0.35 -30.98 14.18
CA THR E 824 -1.63 -31.13 13.51
C THR E 824 -1.79 -30.05 12.45
N LEU E 825 -1.94 -30.47 11.20
CA LEU E 825 -2.01 -29.57 10.06
C LEU E 825 -3.40 -28.96 9.94
N ALA E 826 -3.45 -27.69 9.53
CA ALA E 826 -4.73 -27.08 9.19
C ALA E 826 -5.22 -27.55 7.83
N ASP E 827 -4.30 -27.78 6.89
CA ASP E 827 -4.65 -28.17 5.54
C ASP E 827 -3.45 -28.83 4.89
N ALA E 828 -3.61 -30.11 4.55
CA ALA E 828 -2.54 -30.87 3.93
C ALA E 828 -2.40 -30.62 2.43
N GLY E 829 -3.36 -29.95 1.82
CA GLY E 829 -3.28 -29.67 0.39
C GLY E 829 -3.73 -30.81 -0.49
N PHE E 830 -4.47 -31.77 0.04
CA PHE E 830 -4.91 -32.93 -0.72
C PHE E 830 -6.32 -32.72 -1.26
N ILE E 831 -6.89 -33.80 -1.82
CA ILE E 831 -8.15 -33.69 -2.54
C ILE E 831 -9.29 -33.41 -1.58
N LYS E 832 -10.10 -32.41 -1.91
CA LYS E 832 -11.31 -32.07 -1.16
C LYS E 832 -12.48 -32.13 -2.14
N GLN E 833 -13.23 -33.23 -2.07
CA GLN E 833 -14.33 -33.45 -3.00
C GLN E 833 -15.51 -32.57 -2.66
N TYR E 834 -16.32 -32.26 -3.67
CA TYR E 834 -17.58 -31.58 -3.42
C TYR E 834 -18.44 -32.41 -2.48
N GLY E 835 -19.04 -31.76 -1.49
CA GLY E 835 -19.75 -32.40 -0.41
C GLY E 835 -19.24 -32.03 0.96
N ASP E 836 -17.93 -31.83 1.10
CA ASP E 836 -17.38 -31.36 2.36
C ASP E 836 -17.67 -29.88 2.60
N CYS E 837 -18.08 -29.16 1.57
CA CYS E 837 -18.32 -27.73 1.64
C CYS E 837 -19.75 -27.40 1.24
N LEU E 838 -20.65 -28.36 1.36
CA LEU E 838 -22.05 -28.19 0.98
C LEU E 838 -22.94 -28.29 2.20
N GLY E 839 -23.99 -27.46 2.22
CA GLY E 839 -24.98 -27.58 3.26
C GLY E 839 -24.50 -27.02 4.60
N ASP E 840 -24.63 -27.82 5.64
CA ASP E 840 -24.34 -27.41 7.01
C ASP E 840 -22.93 -27.76 7.45
N ILE E 841 -22.12 -28.34 6.57
CA ILE E 841 -20.77 -28.71 6.96
C ILE E 841 -19.78 -27.58 6.68
N ALA E 842 -20.10 -26.69 5.74
CA ALA E 842 -19.15 -25.67 5.32
C ALA E 842 -18.87 -24.66 6.42
N ALA E 843 -19.91 -24.21 7.11
CA ALA E 843 -19.75 -23.14 8.11
C ALA E 843 -18.83 -23.57 9.24
N ARG E 844 -18.89 -24.85 9.62
CA ARG E 844 -18.04 -25.39 10.68
C ARG E 844 -16.62 -25.66 10.22
N ASP E 845 -16.22 -25.12 9.07
CA ASP E 845 -14.89 -25.33 8.51
C ASP E 845 -14.45 -24.05 7.80
N LEU E 846 -13.37 -23.44 8.30
CA LEU E 846 -12.88 -22.21 7.68
C LEU E 846 -12.19 -22.51 6.35
N ILE E 847 -11.77 -23.76 6.14
CA ILE E 847 -11.14 -24.16 4.89
C ILE E 847 -12.10 -23.93 3.73
N CYS E 848 -13.39 -24.20 3.93
CA CYS E 848 -14.38 -23.99 2.87
C CYS E 848 -14.53 -22.52 2.53
N ALA E 849 -14.54 -21.63 3.53
CA ALA E 849 -14.60 -20.21 3.24
C ALA E 849 -13.37 -19.76 2.45
N GLN E 850 -12.19 -20.21 2.87
CA GLN E 850 -10.97 -19.89 2.13
C GLN E 850 -11.07 -20.35 0.68
N LYS E 851 -11.50 -21.60 0.47
CA LYS E 851 -11.60 -22.14 -0.88
C LYS E 851 -12.63 -21.37 -1.71
N PHE E 852 -13.78 -21.07 -1.12
CA PHE E 852 -14.81 -20.31 -1.81
C PHE E 852 -14.36 -18.92 -2.19
N ASN E 853 -13.39 -18.36 -1.46
CA ASN E 853 -12.87 -17.04 -1.79
C ASN E 853 -11.49 -17.10 -2.44
N GLY E 854 -11.20 -18.19 -3.15
CA GLY E 854 -10.03 -18.27 -4.00
C GLY E 854 -8.70 -18.49 -3.30
N LEU E 855 -8.69 -19.01 -2.09
CA LEU E 855 -7.47 -19.30 -1.36
C LEU E 855 -7.33 -20.80 -1.19
N THR E 856 -6.22 -21.36 -1.66
CA THR E 856 -6.01 -22.80 -1.62
C THR E 856 -4.60 -23.11 -1.13
N VAL E 857 -4.46 -24.31 -0.58
CA VAL E 857 -3.18 -24.86 -0.12
C VAL E 857 -2.73 -25.91 -1.11
N LEU E 858 -1.47 -25.83 -1.53
CA LEU E 858 -0.86 -26.77 -2.46
C LEU E 858 -0.06 -27.84 -1.71
N PRO E 859 -0.16 -29.10 -2.14
CA PRO E 859 0.57 -30.16 -1.43
C PRO E 859 2.05 -30.10 -1.74
N PRO E 860 2.91 -30.48 -0.80
CA PRO E 860 4.35 -30.55 -1.09
C PRO E 860 4.65 -31.63 -2.12
N LEU E 861 5.71 -31.39 -2.88
CA LEU E 861 6.15 -32.32 -3.91
C LEU E 861 6.54 -33.67 -3.31
N LEU E 862 7.35 -33.64 -2.26
CA LEU E 862 7.72 -34.88 -1.57
C LEU E 862 6.64 -35.25 -0.56
N THR E 863 6.17 -36.49 -0.63
CA THR E 863 5.22 -36.98 0.36
C THR E 863 5.94 -37.30 1.67
N ASP E 864 5.14 -37.50 2.71
CA ASP E 864 5.70 -37.86 4.01
C ASP E 864 6.45 -39.19 3.93
N GLU E 865 5.94 -40.12 3.11
CA GLU E 865 6.61 -41.41 2.93
C GLU E 865 7.98 -41.23 2.29
N MET E 866 8.08 -40.34 1.30
CA MET E 866 9.36 -40.10 0.64
C MET E 866 10.38 -39.47 1.59
N ILE E 867 9.94 -38.51 2.40
CA ILE E 867 10.83 -37.89 3.39
C ILE E 867 11.28 -38.92 4.42
N ALA E 868 10.37 -39.82 4.83
CA ALA E 868 10.74 -40.91 5.72
C ALA E 868 11.74 -41.86 5.07
N GLN E 869 11.58 -42.12 3.77
CA GLN E 869 12.56 -42.93 3.05
C GLN E 869 13.94 -42.26 3.07
N TYR E 870 13.98 -40.94 2.86
CA TYR E 870 15.24 -40.21 2.92
C TYR E 870 15.88 -40.31 4.31
N THR E 871 15.08 -40.13 5.36
CA THR E 871 15.63 -40.20 6.71
C THR E 871 16.12 -41.62 7.02
N SER E 872 15.40 -42.64 6.56
CA SER E 872 15.85 -44.01 6.76
C SER E 872 17.15 -44.28 6.02
N ALA E 873 17.28 -43.76 4.80
CA ALA E 873 18.54 -43.92 4.06
C ALA E 873 19.69 -43.25 4.78
N LEU E 874 19.48 -42.03 5.27
CA LEU E 874 20.54 -41.33 6.01
C LEU E 874 20.92 -42.10 7.27
N LEU E 875 19.91 -42.61 8.00
CA LEU E 875 20.17 -43.34 9.24
C LEU E 875 20.94 -44.63 8.97
N ALA E 876 20.53 -45.38 7.93
CA ALA E 876 21.22 -46.62 7.61
C ALA E 876 22.66 -46.35 7.20
N GLY E 877 22.88 -45.33 6.36
CA GLY E 877 24.23 -44.97 5.99
C GLY E 877 25.08 -44.62 7.19
N THR E 878 24.53 -43.82 8.12
CA THR E 878 25.29 -43.45 9.30
C THR E 878 25.63 -44.64 10.18
N ILE E 879 24.65 -45.50 10.48
CA ILE E 879 24.93 -46.57 11.44
C ILE E 879 25.68 -47.75 10.84
N THR E 880 25.73 -47.87 9.51
CA THR E 880 26.51 -48.94 8.92
C THR E 880 27.88 -48.50 8.43
N SER E 881 28.05 -47.24 8.02
CA SER E 881 29.29 -46.81 7.40
C SER E 881 29.89 -45.56 8.04
N GLY E 882 29.30 -45.05 9.11
CA GLY E 882 29.84 -43.85 9.73
C GLY E 882 29.72 -42.64 8.81
N TRP E 883 30.83 -41.92 8.67
CA TRP E 883 30.87 -40.72 7.83
C TRP E 883 31.40 -40.98 6.42
N THR E 884 31.66 -42.24 6.06
CA THR E 884 32.24 -42.52 4.75
C THR E 884 31.26 -42.29 3.62
N PHE E 885 29.98 -42.58 3.82
CA PHE E 885 29.00 -42.40 2.75
C PHE E 885 28.77 -40.93 2.42
N GLY E 886 29.12 -40.01 3.32
CA GLY E 886 29.03 -38.60 3.00
C GLY E 886 30.10 -38.13 2.05
N ALA E 887 31.23 -38.83 1.99
CA ALA E 887 32.34 -38.43 1.14
C ALA E 887 32.44 -39.24 -0.14
N GLY E 888 31.94 -40.47 -0.14
CA GLY E 888 32.02 -41.34 -1.30
C GLY E 888 31.11 -42.53 -1.14
N ALA E 889 31.58 -43.70 -1.55
CA ALA E 889 30.83 -44.92 -1.34
C ALA E 889 30.75 -45.24 0.15
N ALA E 890 29.62 -45.82 0.56
CA ALA E 890 29.48 -46.27 1.94
C ALA E 890 30.41 -47.43 2.21
N LEU E 891 31.30 -47.25 3.19
CA LEU E 891 32.28 -48.26 3.58
C LEU E 891 31.84 -48.82 4.93
N GLN E 892 31.42 -50.07 4.95
CA GLN E 892 30.91 -50.65 6.20
C GLN E 892 32.03 -50.75 7.23
N ILE E 893 31.63 -50.59 8.49
CA ILE E 893 32.53 -50.69 9.62
C ILE E 893 31.69 -51.14 10.82
N PRO E 894 32.19 -52.04 11.67
CA PRO E 894 31.41 -52.41 12.86
C PRO E 894 31.16 -51.19 13.72
N PHE E 895 29.96 -51.14 14.32
CA PHE E 895 29.50 -49.91 14.97
C PHE E 895 30.39 -49.53 16.16
N ALA E 896 30.86 -50.51 16.93
CA ALA E 896 31.74 -50.20 18.05
C ALA E 896 33.03 -49.57 17.58
N MET E 897 33.58 -50.03 16.44
CA MET E 897 34.79 -49.43 15.91
C MET E 897 34.53 -48.02 15.40
N GLN E 898 33.35 -47.77 14.84
CA GLN E 898 32.97 -46.40 14.47
C GLN E 898 32.93 -45.51 15.70
N MET E 899 32.34 -46.01 16.79
CA MET E 899 32.30 -45.24 18.02
C MET E 899 33.69 -44.97 18.56
N ALA E 900 34.61 -45.92 18.40
CA ALA E 900 36.00 -45.69 18.76
C ALA E 900 36.61 -44.57 17.93
N TYR E 901 36.31 -44.55 16.62
CA TYR E 901 36.73 -43.43 15.78
C TYR E 901 36.21 -42.11 16.33
N ARG E 902 34.92 -42.06 16.70
CA ARG E 902 34.35 -40.82 17.23
C ARG E 902 35.04 -40.40 18.53
N PHE E 903 35.29 -41.36 19.42
CA PHE E 903 35.97 -41.06 20.67
C PHE E 903 37.35 -40.48 20.40
N ASN E 904 38.07 -41.03 19.42
CA ASN E 904 39.30 -40.40 18.97
C ASN E 904 39.04 -38.99 18.46
N GLY E 905 37.89 -38.78 17.80
CA GLY E 905 37.58 -37.48 17.26
C GLY E 905 37.34 -36.42 18.31
N ILE E 906 37.03 -36.84 19.54
CA ILE E 906 36.87 -35.87 20.63
C ILE E 906 38.05 -35.94 21.62
N GLY E 907 39.18 -36.51 21.21
CA GLY E 907 40.34 -36.53 22.07
C GLY E 907 40.33 -37.53 23.20
N VAL E 908 39.58 -38.62 23.06
CA VAL E 908 39.56 -39.70 24.03
C VAL E 908 40.08 -40.96 23.35
N THR E 909 40.99 -41.66 24.02
CA THR E 909 41.56 -42.87 23.43
C THR E 909 40.47 -43.94 23.26
N GLN E 910 40.64 -44.79 22.24
CA GLN E 910 39.60 -45.73 21.87
C GLN E 910 39.45 -46.87 22.88
N ASN E 911 40.47 -47.13 23.68
CA ASN E 911 40.34 -48.14 24.73
C ASN E 911 39.30 -47.73 25.77
N VAL E 912 39.04 -46.43 25.91
CA VAL E 912 37.98 -45.97 26.79
C VAL E 912 36.62 -46.43 26.27
N LEU E 913 36.41 -46.32 24.96
CA LEU E 913 35.18 -46.84 24.36
C LEU E 913 35.10 -48.35 24.50
N TYR E 914 36.18 -49.05 24.16
CA TYR E 914 36.11 -50.52 24.12
C TYR E 914 35.93 -51.11 25.52
N GLU E 915 36.56 -50.52 26.54
CA GLU E 915 36.48 -51.05 27.89
C GLU E 915 35.21 -50.63 28.61
N ASN E 916 34.46 -49.66 28.09
CA ASN E 916 33.18 -49.25 28.68
C ASN E 916 32.05 -49.42 27.66
N GLN E 917 32.19 -50.36 26.72
CA GLN E 917 31.23 -50.46 25.62
C GLN E 917 29.83 -50.75 26.13
N LYS E 918 29.70 -51.67 27.08
CA LYS E 918 28.38 -52.00 27.62
C LYS E 918 27.76 -50.81 28.34
N LEU E 919 28.56 -50.11 29.16
CA LEU E 919 28.05 -48.93 29.86
C LEU E 919 27.63 -47.84 28.88
N ILE E 920 28.43 -47.60 27.85
CA ILE E 920 28.13 -46.56 26.87
C ILE E 920 26.85 -46.91 26.10
N ALA E 921 26.72 -48.16 25.69
CA ALA E 921 25.51 -48.59 25.00
C ALA E 921 24.29 -48.47 25.89
N ASN E 922 24.41 -48.84 27.16
CA ASN E 922 23.28 -48.71 28.08
C ASN E 922 22.89 -47.26 28.30
N GLN E 923 23.88 -46.37 28.43
CA GLN E 923 23.58 -44.94 28.58
C GLN E 923 22.86 -44.41 27.35
N PHE E 924 23.32 -44.79 26.15
CA PHE E 924 22.63 -44.36 24.94
C PHE E 924 21.21 -44.88 24.88
N ASN E 925 21.02 -46.15 25.24
CA ASN E 925 19.68 -46.73 25.21
C ASN E 925 18.75 -46.01 26.18
N SER E 926 19.26 -45.69 27.37
CA SER E 926 18.46 -44.95 28.35
C SER E 926 18.11 -43.55 27.84
N ALA E 927 19.06 -42.88 27.20
CA ALA E 927 18.78 -41.54 26.68
C ALA E 927 17.73 -41.58 25.58
N ILE E 928 17.80 -42.58 24.70
CA ILE E 928 16.77 -42.74 23.67
C ILE E 928 15.42 -43.02 24.32
N GLY E 929 15.40 -43.87 25.34
CA GLY E 929 14.17 -44.12 26.07
C GLY E 929 13.58 -42.86 26.68
N LYS E 930 14.44 -41.98 27.21
CA LYS E 930 13.96 -40.73 27.77
C LYS E 930 13.38 -39.83 26.68
N ILE E 931 14.02 -39.77 25.51
CA ILE E 931 13.43 -39.02 24.40
C ILE E 931 12.04 -39.54 24.09
N GLN E 932 11.91 -40.88 24.04
CA GLN E 932 10.63 -41.51 23.76
C GLN E 932 9.58 -41.12 24.81
N ASP E 933 9.93 -41.24 26.08
CA ASP E 933 8.98 -40.95 27.15
C ASP E 933 8.58 -39.48 27.15
N SER E 934 9.55 -38.58 26.94
CA SER E 934 9.25 -37.16 26.89
C SER E 934 8.30 -36.84 25.75
N LEU E 935 8.52 -37.44 24.57
CA LEU E 935 7.59 -37.23 23.48
C LEU E 935 6.21 -37.78 23.79
N SER E 936 6.15 -38.95 24.43
CA SER E 936 4.85 -39.51 24.81
C SER E 936 4.16 -38.71 25.91
N SER E 937 4.88 -37.85 26.63
CA SER E 937 4.27 -37.06 27.69
C SER E 937 3.93 -35.64 27.26
N THR E 938 4.94 -34.88 26.82
CA THR E 938 4.75 -33.48 26.46
C THR E 938 4.03 -33.39 25.12
N ALA E 939 2.99 -32.55 25.06
CA ALA E 939 2.16 -32.44 23.87
C ALA E 939 2.51 -31.24 23.00
N SER E 940 3.26 -30.27 23.52
CA SER E 940 3.67 -29.10 22.74
C SER E 940 5.18 -29.00 22.63
N ALA E 941 5.89 -30.14 22.64
CA ALA E 941 7.34 -30.10 22.51
C ALA E 941 7.78 -29.57 21.15
N LEU E 942 6.99 -29.85 20.11
CA LEU E 942 7.28 -29.37 18.76
C LEU E 942 6.58 -28.04 18.49
N GLY E 943 6.84 -27.06 19.36
CA GLY E 943 6.15 -25.79 19.25
C GLY E 943 6.51 -24.99 18.02
N LYS E 944 7.77 -25.11 17.55
CA LYS E 944 8.20 -24.35 16.38
C LYS E 944 7.40 -24.71 15.15
N LEU E 945 7.25 -26.01 14.86
CA LEU E 945 6.56 -26.46 13.66
C LEU E 945 5.07 -26.14 13.73
N GLN E 946 4.46 -26.37 14.89
CA GLN E 946 3.06 -26.00 15.08
C GLN E 946 2.87 -24.50 14.93
N ASP E 947 3.86 -23.71 15.36
CA ASP E 947 3.77 -22.27 15.21
C ASP E 947 3.81 -21.85 13.74
N VAL E 948 4.65 -22.52 12.95
CA VAL E 948 4.63 -22.27 11.51
C VAL E 948 3.25 -22.55 10.93
N VAL E 949 2.70 -23.73 11.27
CA VAL E 949 1.38 -24.11 10.79
C VAL E 949 0.34 -23.06 11.19
N ASN E 950 0.35 -22.67 12.46
CA ASN E 950 -0.64 -21.74 12.98
C ASN E 950 -0.52 -20.36 12.34
N HIS E 951 0.71 -19.89 12.13
CA HIS E 951 0.88 -18.58 11.50
C HIS E 951 0.31 -18.58 10.09
N ASN E 952 0.56 -19.65 9.32
CA ASN E 952 -0.02 -19.71 7.98
C ASN E 952 -1.55 -19.75 8.03
N ALA E 953 -2.10 -20.58 8.91
CA ALA E 953 -3.56 -20.70 9.01
C ALA E 953 -4.20 -19.37 9.42
N GLN E 954 -3.60 -18.70 10.41
CA GLN E 954 -4.13 -17.42 10.86
C GLN E 954 -4.04 -16.36 9.77
N ALA E 955 -2.96 -16.38 8.98
CA ALA E 955 -2.87 -15.42 7.87
C ALA E 955 -4.00 -15.64 6.87
N LEU E 956 -4.27 -16.89 6.51
CA LEU E 956 -5.37 -17.13 5.57
C LEU E 956 -6.72 -16.75 6.16
N ASN E 957 -6.93 -17.03 7.45
CA ASN E 957 -8.21 -16.67 8.08
C ASN E 957 -8.37 -15.16 8.18
N THR E 958 -7.29 -14.44 8.47
CA THR E 958 -7.32 -12.98 8.46
C THR E 958 -7.69 -12.47 7.08
N LEU E 959 -7.11 -13.07 6.03
CA LEU E 959 -7.44 -12.68 4.67
C LEU E 959 -8.93 -12.89 4.38
N VAL E 960 -9.48 -14.01 4.82
CA VAL E 960 -10.90 -14.26 4.62
C VAL E 960 -11.76 -13.25 5.38
N LYS E 961 -11.41 -12.98 6.64
CA LYS E 961 -12.18 -12.03 7.44
C LYS E 961 -12.11 -10.61 6.89
N GLN E 962 -11.03 -10.25 6.20
CA GLN E 962 -10.95 -8.92 5.61
C GLN E 962 -11.99 -8.67 4.53
N LEU E 963 -12.64 -9.72 4.02
CA LEU E 963 -13.66 -9.54 2.98
C LEU E 963 -14.95 -8.93 3.51
N SER E 964 -15.15 -8.85 4.82
CA SER E 964 -16.31 -8.20 5.40
C SER E 964 -16.06 -6.74 5.74
N SER E 965 -14.89 -6.21 5.43
CA SER E 965 -14.60 -4.80 5.61
C SER E 965 -15.21 -3.99 4.48
N LYS E 966 -15.78 -2.84 4.82
CA LYS E 966 -16.34 -1.94 3.82
C LYS E 966 -15.31 -1.04 3.17
N PHE E 967 -14.21 -0.75 3.87
CA PHE E 967 -13.14 0.11 3.36
C PHE E 967 -13.66 1.48 2.94
N GLY E 968 -14.70 1.97 3.61
CA GLY E 968 -15.33 3.22 3.25
C GLY E 968 -16.46 3.13 2.26
N ALA E 969 -16.76 1.94 1.74
CA ALA E 969 -17.90 1.76 0.86
C ALA E 969 -19.18 1.60 1.67
N ILE E 970 -20.32 1.64 0.96
CA ILE E 970 -21.60 1.49 1.65
C ILE E 970 -21.81 0.05 2.09
N SER E 971 -21.16 -0.91 1.43
CA SER E 971 -21.33 -2.31 1.72
C SER E 971 -20.05 -3.06 1.37
N SER E 972 -19.82 -4.17 2.05
CA SER E 972 -18.72 -5.07 1.74
C SER E 972 -19.13 -6.15 0.74
N VAL E 973 -20.38 -6.16 0.31
CA VAL E 973 -20.90 -7.16 -0.63
C VAL E 973 -21.03 -6.49 -2.00
N LEU E 974 -20.36 -7.06 -2.99
CA LEU E 974 -20.43 -6.51 -4.35
C LEU E 974 -21.83 -6.62 -4.92
N ASN E 975 -22.52 -7.73 -4.64
CA ASN E 975 -23.85 -7.94 -5.20
C ASN E 975 -24.83 -6.89 -4.70
N ASP E 976 -24.77 -6.55 -3.41
CA ASP E 976 -25.66 -5.52 -2.87
C ASP E 976 -25.36 -4.15 -3.50
N ILE E 977 -24.08 -3.83 -3.68
CA ILE E 977 -23.72 -2.56 -4.32
C ILE E 977 -24.27 -2.51 -5.74
N LEU E 978 -24.11 -3.60 -6.48
CA LEU E 978 -24.58 -3.65 -7.86
C LEU E 978 -26.11 -3.65 -7.93
N SER E 979 -26.79 -4.16 -6.91
CA SER E 979 -28.24 -4.23 -6.95
C SER E 979 -28.89 -2.93 -6.47
N ARG E 980 -28.19 -2.15 -5.64
CA ARG E 980 -28.77 -0.93 -5.10
C ARG E 980 -28.37 0.33 -5.85
N LEU E 981 -27.24 0.33 -6.55
CA LEU E 981 -26.74 1.53 -7.20
C LEU E 981 -26.67 1.32 -8.70
N ASP E 982 -26.88 2.41 -9.45
CA ASP E 982 -26.69 2.36 -10.88
C ASP E 982 -25.19 2.30 -11.20
N LYS E 983 -24.88 2.11 -12.48
CA LYS E 983 -23.51 1.78 -12.88
C LYS E 983 -22.51 2.81 -12.36
N VAL E 984 -22.76 4.09 -12.62
CA VAL E 984 -21.79 5.12 -12.30
C VAL E 984 -21.56 5.19 -10.79
N GLU E 985 -22.63 5.17 -10.01
CA GLU E 985 -22.49 5.18 -8.56
C GLU E 985 -21.85 3.91 -8.04
N ALA E 986 -22.21 2.76 -8.63
CA ALA E 986 -21.66 1.49 -8.17
C ALA E 986 -20.16 1.41 -8.41
N GLU E 987 -19.65 2.09 -9.45
CA GLU E 987 -18.23 1.99 -9.76
C GLU E 987 -17.36 2.58 -8.65
N VAL E 988 -17.80 3.67 -8.03
CA VAL E 988 -17.03 4.28 -6.95
C VAL E 988 -16.89 3.31 -5.77
N GLN E 989 -18.01 2.71 -5.37
CA GLN E 989 -18.00 1.79 -4.23
C GLN E 989 -17.18 0.54 -4.55
N ILE E 990 -17.31 0.02 -5.77
CA ILE E 990 -16.53 -1.14 -6.16
C ILE E 990 -15.05 -0.79 -6.20
N ASP E 991 -14.71 0.43 -6.61
CA ASP E 991 -13.31 0.86 -6.57
C ASP E 991 -12.77 0.87 -5.14
N ARG E 992 -13.57 1.37 -4.20
CA ARG E 992 -13.15 1.34 -2.80
C ARG E 992 -12.91 -0.09 -2.34
N LEU E 993 -13.83 -1.01 -2.65
CA LEU E 993 -13.67 -2.40 -2.25
C LEU E 993 -12.44 -3.02 -2.91
N ILE E 994 -12.22 -2.73 -4.19
CA ILE E 994 -11.07 -3.29 -4.91
C ILE E 994 -9.78 -2.82 -4.27
N THR E 995 -9.69 -1.52 -3.94
CA THR E 995 -8.47 -1.01 -3.33
C THR E 995 -8.23 -1.66 -1.96
N GLY E 996 -9.29 -1.79 -1.16
CA GLY E 996 -9.12 -2.41 0.16
C GLY E 996 -8.67 -3.86 0.07
N ARG E 997 -9.31 -4.64 -0.79
CA ARG E 997 -8.96 -6.06 -0.90
C ARG E 997 -7.59 -6.25 -1.54
N LEU E 998 -7.24 -5.37 -2.49
CA LEU E 998 -5.90 -5.38 -3.07
C LEU E 998 -4.86 -5.13 -2.00
N GLN E 999 -5.08 -4.14 -1.12
CA GLN E 999 -4.16 -3.88 -0.04
C GLN E 999 -4.06 -5.07 0.92
N SER E 1000 -5.19 -5.72 1.21
CA SER E 1000 -5.13 -6.90 2.07
C SER E 1000 -4.28 -8.00 1.44
N LEU E 1001 -4.44 -8.23 0.14
CA LEU E 1001 -3.63 -9.23 -0.54
C LEU E 1001 -2.15 -8.89 -0.52
N GLN E 1002 -1.81 -7.61 -0.77
CA GLN E 1002 -0.40 -7.24 -0.77
C GLN E 1002 0.21 -7.37 0.62
N THR E 1003 -0.55 -6.99 1.67
CA THR E 1003 -0.07 -7.22 3.02
C THR E 1003 0.22 -8.69 3.27
N TYR E 1004 -0.74 -9.56 2.89
CA TYR E 1004 -0.54 -10.99 3.07
C TYR E 1004 0.72 -11.47 2.36
N VAL E 1005 0.88 -11.08 1.10
CA VAL E 1005 2.00 -11.59 0.31
C VAL E 1005 3.33 -11.07 0.84
N THR E 1006 3.36 -9.83 1.32
CA THR E 1006 4.60 -9.29 1.88
C THR E 1006 4.99 -10.04 3.15
N GLN E 1007 4.03 -10.26 4.06
CA GLN E 1007 4.36 -11.06 5.25
C GLN E 1007 4.78 -12.47 4.85
N GLN E 1008 4.15 -13.03 3.81
CA GLN E 1008 4.54 -14.35 3.34
C GLN E 1008 5.98 -14.38 2.84
N LEU E 1009 6.39 -13.36 2.09
CA LEU E 1009 7.76 -13.31 1.61
C LEU E 1009 8.75 -13.21 2.76
N ILE E 1010 8.46 -12.36 3.74
CA ILE E 1010 9.37 -12.21 4.88
C ILE E 1010 9.46 -13.52 5.68
N ARG E 1011 8.31 -14.14 5.94
CA ARG E 1011 8.29 -15.42 6.64
C ARG E 1011 9.01 -16.51 5.84
N ALA E 1012 8.87 -16.47 4.51
CA ALA E 1012 9.56 -17.44 3.67
C ALA E 1012 11.07 -17.26 3.73
N ALA E 1013 11.53 -16.00 3.82
CA ALA E 1013 12.95 -15.77 4.02
C ALA E 1013 13.43 -16.36 5.34
N GLU E 1014 12.65 -16.16 6.41
CA GLU E 1014 13.02 -16.75 7.70
C GLU E 1014 13.05 -18.28 7.63
N ILE E 1015 12.04 -18.87 6.99
CA ILE E 1015 11.97 -20.32 6.82
C ILE E 1015 13.13 -20.83 5.99
N ARG E 1016 13.52 -20.08 4.95
CA ARG E 1016 14.65 -20.48 4.12
C ARG E 1016 15.95 -20.45 4.90
N ALA E 1017 16.13 -19.45 5.77
CA ALA E 1017 17.30 -19.45 6.64
C ALA E 1017 17.30 -20.67 7.55
N SER E 1018 16.14 -21.01 8.11
CA SER E 1018 16.05 -22.20 8.95
C SER E 1018 16.37 -23.47 8.17
N ALA E 1019 15.90 -23.54 6.91
CA ALA E 1019 16.15 -24.72 6.09
C ALA E 1019 17.62 -24.83 5.69
N ASN E 1020 18.27 -23.70 5.41
CA ASN E 1020 19.70 -23.71 5.13
C ASN E 1020 20.48 -24.19 6.35
N LEU E 1021 20.09 -23.72 7.53
CA LEU E 1021 20.74 -24.18 8.75
C LEU E 1021 20.52 -25.67 8.96
N ALA E 1022 19.31 -26.16 8.69
CA ALA E 1022 19.02 -27.59 8.82
C ALA E 1022 19.84 -28.43 7.84
N ALA E 1023 19.99 -27.95 6.61
CA ALA E 1023 20.82 -28.67 5.64
C ALA E 1023 22.28 -28.69 6.08
N THR E 1024 22.78 -27.57 6.60
CA THR E 1024 24.14 -27.54 7.13
C THR E 1024 24.31 -28.52 8.28
N LYS E 1025 23.31 -28.60 9.16
CA LYS E 1025 23.38 -29.53 10.28
C LYS E 1025 23.30 -30.97 9.82
N MET E 1026 22.53 -31.24 8.76
CA MET E 1026 22.51 -32.58 8.18
C MET E 1026 23.88 -32.95 7.63
N SER E 1027 24.54 -32.01 6.95
CA SER E 1027 25.87 -32.30 6.42
C SER E 1027 26.89 -32.52 7.52
N GLU E 1028 26.94 -31.62 8.50
CA GLU E 1028 28.06 -31.56 9.44
C GLU E 1028 27.82 -32.34 10.73
N CYS E 1029 26.58 -32.67 11.07
CA CYS E 1029 26.28 -33.46 12.27
C CYS E 1029 25.88 -34.90 11.96
N VAL E 1030 25.24 -35.14 10.82
CA VAL E 1030 24.80 -36.49 10.46
C VAL E 1030 25.79 -37.17 9.51
N LEU E 1031 26.26 -36.44 8.50
CA LEU E 1031 27.22 -36.99 7.55
C LEU E 1031 28.66 -36.88 8.04
N GLY E 1032 28.86 -36.35 9.25
CA GLY E 1032 30.20 -36.26 9.81
C GLY E 1032 30.14 -35.88 11.27
N GLN E 1033 31.31 -35.91 11.89
CA GLN E 1033 31.49 -35.48 13.28
C GLN E 1033 32.00 -34.04 13.28
N SER E 1034 31.31 -33.17 14.01
CA SER E 1034 31.59 -31.74 13.97
C SER E 1034 32.47 -31.34 15.15
N LYS E 1035 33.45 -30.49 14.88
CA LYS E 1035 34.28 -29.88 15.91
C LYS E 1035 33.72 -28.54 16.40
N ARG E 1036 32.70 -28.01 15.74
CA ARG E 1036 32.17 -26.70 16.10
C ARG E 1036 31.39 -26.80 17.41
N VAL E 1037 31.76 -25.96 18.36
CA VAL E 1037 31.17 -26.02 19.71
C VAL E 1037 29.71 -25.60 19.62
N ASP E 1038 28.83 -26.45 20.15
CA ASP E 1038 27.40 -26.21 20.30
C ASP E 1038 26.65 -26.21 18.97
N PHE E 1039 27.29 -26.66 17.89
CA PHE E 1039 26.57 -26.74 16.61
C PHE E 1039 25.73 -28.00 16.50
N CYS E 1040 26.15 -29.10 17.14
CA CYS E 1040 25.44 -30.36 17.05
C CYS E 1040 25.11 -30.89 18.44
N GLY E 1041 24.54 -30.04 19.29
CA GLY E 1041 24.18 -30.39 20.63
C GLY E 1041 25.19 -29.89 21.65
N LYS E 1042 24.83 -30.02 22.93
CA LYS E 1042 25.69 -29.56 24.00
C LYS E 1042 26.61 -30.68 24.46
N GLY E 1043 27.90 -30.40 24.52
CA GLY E 1043 28.92 -31.40 24.78
C GLY E 1043 29.79 -31.61 23.56
N TYR E 1044 30.66 -32.61 23.66
CA TYR E 1044 31.51 -32.98 22.54
C TYR E 1044 30.74 -33.91 21.61
N HIS E 1045 30.49 -33.43 20.39
CA HIS E 1045 29.63 -34.15 19.45
C HIS E 1045 30.22 -35.51 19.10
N LEU E 1046 29.38 -36.54 19.17
CA LEU E 1046 29.75 -37.87 18.69
C LEU E 1046 29.12 -38.16 17.33
N MET E 1047 27.79 -38.07 17.24
CA MET E 1047 27.07 -38.35 16.01
C MET E 1047 25.64 -37.83 16.17
N SER E 1048 24.94 -37.71 15.06
CA SER E 1048 23.57 -37.23 15.09
C SER E 1048 22.71 -38.10 14.18
N PHE E 1049 21.43 -38.19 14.53
CA PHE E 1049 20.45 -38.96 13.78
C PHE E 1049 19.28 -38.06 13.41
N PRO E 1050 18.91 -38.00 12.13
CA PRO E 1050 17.74 -37.22 11.74
C PRO E 1050 16.44 -38.00 11.83
N GLN E 1051 15.38 -37.30 12.21
CA GLN E 1051 14.04 -37.84 12.19
C GLN E 1051 13.12 -36.82 11.53
N SER E 1052 12.30 -37.31 10.60
CA SER E 1052 11.39 -36.42 9.89
C SER E 1052 10.22 -36.01 10.78
N ALA E 1053 9.80 -34.77 10.62
CA ALA E 1053 8.65 -34.22 11.32
C ALA E 1053 7.87 -33.36 10.33
N PRO E 1054 6.57 -33.14 10.57
CA PRO E 1054 5.81 -32.29 9.66
C PRO E 1054 6.40 -30.89 9.54
N HIS E 1055 6.74 -30.49 8.31
CA HIS E 1055 7.27 -29.16 8.00
C HIS E 1055 8.65 -28.92 8.60
N GLY E 1056 9.34 -29.97 9.05
CA GLY E 1056 10.61 -29.75 9.70
C GLY E 1056 11.41 -31.03 9.84
N VAL E 1057 12.48 -30.92 10.62
CA VAL E 1057 13.39 -32.02 10.91
C VAL E 1057 13.74 -31.97 12.39
N VAL E 1058 13.94 -33.15 12.98
CA VAL E 1058 14.38 -33.27 14.36
C VAL E 1058 15.70 -34.02 14.36
N PHE E 1059 16.74 -33.40 14.92
CA PHE E 1059 18.04 -34.03 15.07
C PHE E 1059 18.16 -34.57 16.48
N LEU E 1060 18.57 -35.84 16.60
CA LEU E 1060 18.92 -36.42 17.89
C LEU E 1060 20.44 -36.39 17.99
N HIS E 1061 20.97 -35.42 18.72
CA HIS E 1061 22.40 -35.24 18.85
C HIS E 1061 22.93 -36.11 19.99
N VAL E 1062 23.95 -36.91 19.70
CA VAL E 1062 24.62 -37.72 20.71
C VAL E 1062 25.94 -37.05 21.05
N THR E 1063 26.12 -36.71 22.32
CA THR E 1063 27.31 -36.03 22.78
C THR E 1063 27.95 -36.77 23.94
N TYR E 1064 29.23 -36.49 24.14
CA TYR E 1064 30.01 -37.01 25.25
C TYR E 1064 30.18 -35.89 26.28
N VAL E 1065 29.67 -36.14 27.50
CA VAL E 1065 29.71 -35.15 28.57
C VAL E 1065 30.58 -35.70 29.70
N PRO E 1066 31.69 -35.07 30.03
CA PRO E 1066 32.47 -35.49 31.21
C PRO E 1066 31.64 -35.38 32.48
N ALA E 1067 31.82 -36.34 33.39
CA ALA E 1067 30.85 -36.56 34.45
C ALA E 1067 31.36 -36.25 35.85
N GLN E 1068 32.42 -36.90 36.32
CA GLN E 1068 32.76 -36.89 37.75
C GLN E 1068 34.22 -36.49 37.91
N GLU E 1069 34.48 -35.18 37.98
CA GLU E 1069 35.83 -34.62 38.03
C GLU E 1069 36.41 -34.68 39.44
N LYS E 1070 37.73 -34.81 39.51
CA LYS E 1070 38.48 -34.85 40.76
C LYS E 1070 39.60 -33.82 40.66
N ASN E 1071 39.86 -33.08 41.74
CA ASN E 1071 41.04 -32.22 41.74
C ASN E 1071 42.35 -32.99 41.66
N PHE E 1072 43.35 -32.34 41.07
CA PHE E 1072 44.71 -32.83 41.08
C PHE E 1072 45.63 -31.62 41.14
N THR E 1073 46.83 -31.85 41.64
CA THR E 1073 47.94 -30.94 41.46
C THR E 1073 48.57 -31.20 40.11
N THR E 1074 48.90 -30.15 39.38
CA THR E 1074 49.46 -30.26 38.04
C THR E 1074 50.70 -29.38 37.90
N ALA E 1075 51.48 -29.68 36.87
CA ALA E 1075 52.70 -28.94 36.56
C ALA E 1075 52.81 -28.78 35.05
N PRO E 1076 53.44 -27.71 34.58
CA PRO E 1076 53.62 -27.54 33.13
C PRO E 1076 54.66 -28.47 32.54
N ALA E 1077 55.69 -28.82 33.29
CA ALA E 1077 56.80 -29.61 32.77
C ALA E 1077 57.48 -30.34 33.92
N ILE E 1078 58.27 -31.34 33.57
CA ILE E 1078 59.03 -32.14 34.53
C ILE E 1078 60.52 -31.98 34.27
N CYS E 1079 61.26 -31.69 35.33
CA CYS E 1079 62.72 -31.69 35.32
C CYS E 1079 63.23 -33.05 35.77
N HIS E 1080 64.01 -33.72 34.93
CA HIS E 1080 64.59 -35.01 35.30
C HIS E 1080 66.11 -34.98 35.39
N ASP E 1081 66.81 -34.64 34.31
CA ASP E 1081 68.27 -34.62 34.31
C ASP E 1081 68.80 -33.29 33.81
N GLY E 1082 68.24 -32.20 34.35
CA GLY E 1082 68.56 -30.89 33.83
C GLY E 1082 67.91 -30.61 32.50
N LYS E 1083 66.91 -31.41 32.12
CA LYS E 1083 66.15 -31.22 30.90
C LYS E 1083 64.67 -31.14 31.24
N ALA E 1084 63.98 -30.23 30.55
CA ALA E 1084 62.54 -30.06 30.72
C ALA E 1084 61.80 -31.06 29.84
N HIS E 1085 60.79 -31.72 30.42
CA HIS E 1085 59.98 -32.70 29.72
C HIS E 1085 58.54 -32.19 29.65
N PHE E 1086 57.89 -32.43 28.52
CA PHE E 1086 56.53 -32.01 28.27
C PHE E 1086 55.71 -33.19 27.78
N PRO E 1087 54.42 -33.25 28.11
CA PRO E 1087 53.61 -34.41 27.68
C PRO E 1087 53.39 -34.40 26.18
N ARG E 1088 53.53 -35.57 25.55
CA ARG E 1088 53.27 -35.67 24.12
C ARG E 1088 51.80 -35.44 23.82
N GLU E 1089 50.90 -36.04 24.59
CA GLU E 1089 49.46 -35.90 24.37
C GLU E 1089 48.67 -35.49 25.60
N GLY E 1090 49.15 -35.75 26.81
CA GLY E 1090 48.33 -35.51 27.98
C GLY E 1090 48.74 -34.35 28.86
N VAL E 1091 48.61 -34.53 30.17
CA VAL E 1091 48.89 -33.50 31.16
C VAL E 1091 49.43 -34.18 32.41
N PHE E 1092 50.41 -33.54 33.04
CA PHE E 1092 50.99 -34.08 34.26
C PHE E 1092 50.07 -33.82 35.45
N VAL E 1093 49.79 -34.86 36.23
CA VAL E 1093 48.96 -34.75 37.41
C VAL E 1093 49.61 -35.47 38.56
N SER E 1094 49.40 -34.94 39.76
CA SER E 1094 49.90 -35.52 41.00
C SER E 1094 48.71 -35.96 41.84
N ASN E 1095 48.75 -37.20 42.32
CA ASN E 1095 47.75 -37.68 43.26
C ASN E 1095 48.04 -37.24 44.69
N GLY E 1096 49.11 -36.48 44.88
CA GLY E 1096 49.51 -36.00 46.19
C GLY E 1096 50.96 -36.33 46.48
N THR E 1097 51.39 -37.51 46.06
CA THR E 1097 52.76 -37.96 46.26
C THR E 1097 53.43 -38.42 44.97
N HIS E 1098 52.67 -38.90 44.01
CA HIS E 1098 53.22 -39.46 42.78
C HIS E 1098 52.70 -38.70 41.56
N TRP E 1099 53.57 -38.54 40.57
CA TRP E 1099 53.26 -37.80 39.36
C TRP E 1099 52.96 -38.77 38.22
N PHE E 1100 51.89 -38.49 37.49
CA PHE E 1100 51.49 -39.29 36.34
C PHE E 1100 51.22 -38.36 35.16
N VAL E 1101 51.09 -38.95 33.98
CA VAL E 1101 50.56 -38.28 32.81
C VAL E 1101 49.26 -38.98 32.42
N THR E 1102 48.25 -38.19 32.11
CA THR E 1102 46.94 -38.71 31.75
C THR E 1102 46.41 -37.95 30.53
N GLN E 1103 45.55 -38.62 29.78
CA GLN E 1103 44.81 -37.93 28.72
C GLN E 1103 43.89 -36.89 29.36
N ARG E 1104 43.61 -35.83 28.60
CA ARG E 1104 43.06 -34.62 29.21
C ARG E 1104 41.58 -34.74 29.56
N ASN E 1105 40.83 -35.60 28.86
CA ASN E 1105 39.39 -35.64 28.99
C ASN E 1105 38.88 -36.85 29.78
N PHE E 1106 39.78 -37.68 30.28
CA PHE E 1106 39.41 -38.90 31.00
C PHE E 1106 40.59 -39.32 31.84
N TYR E 1107 40.38 -39.44 33.15
CA TYR E 1107 41.49 -39.70 34.07
C TYR E 1107 41.99 -41.13 33.87
N GLU E 1108 43.19 -41.25 33.34
CA GLU E 1108 43.84 -42.54 33.09
C GLU E 1108 45.33 -42.39 33.38
N PRO E 1109 45.71 -42.40 34.66
CA PRO E 1109 47.09 -42.06 35.01
C PRO E 1109 48.09 -43.11 34.54
N GLN E 1110 49.19 -42.63 33.95
CA GLN E 1110 50.22 -43.49 33.40
C GLN E 1110 51.57 -43.05 33.94
N ILE E 1111 52.51 -44.00 34.03
CA ILE E 1111 53.87 -43.67 34.44
C ILE E 1111 54.49 -42.72 33.43
N ILE E 1112 55.25 -41.75 33.92
CA ILE E 1112 55.90 -40.77 33.08
C ILE E 1112 57.18 -41.38 32.51
N THR E 1113 57.20 -41.60 31.20
CA THR E 1113 58.33 -42.21 30.53
C THR E 1113 58.74 -41.37 29.33
N THR E 1114 59.84 -41.77 28.69
CA THR E 1114 60.34 -41.04 27.52
C THR E 1114 59.48 -41.27 26.28
N ASP E 1115 58.69 -42.35 26.25
CA ASP E 1115 57.68 -42.50 25.22
C ASP E 1115 56.49 -41.60 25.48
N ASN E 1116 56.29 -41.20 26.73
CA ASN E 1116 55.16 -40.34 27.08
C ASN E 1116 55.44 -38.87 26.79
N THR E 1117 56.71 -38.47 26.81
CA THR E 1117 57.10 -37.08 26.83
C THR E 1117 58.10 -36.76 25.73
N PHE E 1118 58.35 -35.47 25.54
CA PHE E 1118 59.44 -34.98 24.69
C PHE E 1118 60.22 -33.92 25.45
N VAL E 1119 61.50 -33.80 25.11
CA VAL E 1119 62.43 -32.94 25.83
C VAL E 1119 62.65 -31.66 25.05
N SER E 1120 62.72 -30.53 25.75
CA SER E 1120 63.01 -29.25 25.11
C SER E 1120 63.64 -28.32 26.14
N GLY E 1121 64.93 -28.04 25.98
CA GLY E 1121 65.61 -27.08 26.83
C GLY E 1121 66.02 -27.64 28.19
N ASN E 1122 66.60 -26.76 28.99
CA ASN E 1122 66.94 -27.09 30.37
C ASN E 1122 65.79 -26.68 31.28
N CYS E 1123 66.03 -26.67 32.60
CA CYS E 1123 65.00 -26.51 33.60
C CYS E 1123 64.95 -25.09 34.18
N ASP E 1124 65.40 -24.10 33.40
CA ASP E 1124 65.52 -22.74 33.91
C ASP E 1124 64.45 -21.78 33.44
N VAL E 1125 63.81 -22.01 32.30
CA VAL E 1125 62.88 -21.04 31.72
C VAL E 1125 61.44 -21.31 32.14
N VAL E 1126 61.04 -22.58 32.22
CA VAL E 1126 59.64 -22.90 32.46
C VAL E 1126 59.25 -22.52 33.88
N ILE E 1127 58.15 -21.78 34.01
CA ILE E 1127 57.61 -21.37 35.30
C ILE E 1127 56.72 -22.49 35.82
N GLY E 1128 57.06 -23.03 36.98
CA GLY E 1128 56.28 -24.08 37.59
C GLY E 1128 56.78 -25.49 37.36
N ILE E 1129 57.96 -25.66 36.77
CA ILE E 1129 58.51 -26.99 36.57
C ILE E 1129 58.78 -27.65 37.92
N VAL E 1130 58.55 -28.97 37.99
CA VAL E 1130 58.82 -29.74 39.18
C VAL E 1130 59.78 -30.86 38.81
N ASN E 1131 60.62 -31.25 39.77
CA ASN E 1131 61.44 -32.44 39.60
C ASN E 1131 60.67 -33.72 39.87
N ASN E 1132 60.89 -34.70 39.01
CA ASN E 1132 60.41 -36.05 39.11
C ASN E 1132 61.23 -36.88 38.14
N THR E 1133 61.27 -38.18 38.39
CA THR E 1133 61.98 -39.10 37.50
C THR E 1133 61.15 -39.35 36.25
N VAL E 1134 61.82 -39.41 35.11
CA VAL E 1134 61.21 -39.82 33.85
C VAL E 1134 61.80 -41.19 33.50
N TYR E 1135 60.95 -42.20 33.49
CA TYR E 1135 61.41 -43.57 33.36
C TYR E 1135 61.87 -43.86 31.93
N ASP E 1136 62.99 -44.57 31.80
CA ASP E 1136 63.51 -44.98 30.50
C ASP E 1136 63.19 -46.46 30.30
N PRO E 1137 62.32 -46.80 29.35
CA PRO E 1137 61.98 -48.22 29.14
C PRO E 1137 63.16 -49.10 28.74
N LEU E 1138 64.17 -48.53 28.07
CA LEU E 1138 65.26 -49.34 27.55
C LEU E 1138 66.34 -49.64 28.60
N GLN E 1139 66.34 -48.90 29.72
CA GLN E 1139 67.33 -49.14 30.76
C GLN E 1139 67.24 -50.55 31.35
N PRO E 1140 66.07 -51.06 31.77
CA PRO E 1140 66.03 -52.44 32.26
C PRO E 1140 66.42 -53.46 31.20
N GLU E 1141 66.05 -53.23 29.94
CA GLU E 1141 66.43 -54.16 28.88
C GLU E 1141 67.93 -54.23 28.71
N LEU E 1142 68.61 -53.07 28.73
CA LEU E 1142 70.07 -53.09 28.68
C LEU E 1142 70.65 -53.75 29.92
N ASP E 1143 70.03 -53.53 31.08
CA ASP E 1143 70.47 -54.19 32.31
C ASP E 1143 70.18 -55.69 32.30
N SER E 1144 69.14 -56.12 31.60
CA SER E 1144 68.79 -57.54 31.54
C SER E 1144 69.52 -58.24 30.40
N VAL F 16 -38.04 -12.00 -58.82
CA VAL F 16 -37.35 -12.95 -59.69
C VAL F 16 -36.39 -13.81 -58.87
N ASN F 17 -36.81 -15.05 -58.58
CA ASN F 17 -35.97 -16.00 -57.86
C ASN F 17 -35.18 -16.84 -58.84
N LEU F 18 -33.88 -16.58 -58.95
CA LEU F 18 -33.10 -17.28 -59.98
C LEU F 18 -31.70 -17.68 -59.55
N ILE F 19 -31.40 -17.82 -58.27
CA ILE F 19 -30.06 -18.16 -57.80
C ILE F 19 -30.16 -19.33 -56.82
N THR F 20 -29.33 -20.35 -57.04
CA THR F 20 -29.27 -21.53 -56.19
C THR F 20 -27.90 -21.62 -55.54
N ARG F 21 -27.87 -21.87 -54.23
CA ARG F 21 -26.65 -21.83 -53.44
C ARG F 21 -26.33 -23.21 -52.89
N THR F 22 -25.07 -23.61 -53.04
CA THR F 22 -24.52 -24.83 -52.45
C THR F 22 -23.47 -24.46 -51.42
N GLN F 23 -23.38 -25.24 -50.36
CA GLN F 23 -22.51 -24.89 -49.24
C GLN F 23 -21.67 -26.08 -48.79
N SER F 24 -20.46 -25.78 -48.33
CA SER F 24 -19.52 -26.74 -47.77
C SER F 24 -18.90 -26.11 -46.53
N TYR F 25 -18.03 -26.85 -45.84
CA TYR F 25 -17.44 -26.40 -44.59
C TYR F 25 -15.94 -26.61 -44.62
N THR F 26 -15.19 -25.58 -44.19
CA THR F 26 -13.74 -25.59 -44.21
C THR F 26 -13.21 -24.96 -42.94
N ASN F 27 -11.90 -24.70 -42.91
CA ASN F 27 -11.21 -24.23 -41.72
C ASN F 27 -10.68 -22.81 -41.95
N SER F 28 -10.88 -21.95 -40.94
CA SER F 28 -10.47 -20.55 -41.06
C SER F 28 -9.00 -20.33 -40.77
N PHE F 29 -8.32 -21.29 -40.13
CA PHE F 29 -6.89 -21.22 -39.82
C PHE F 29 -6.69 -20.01 -38.90
N THR F 30 -5.92 -19.00 -39.28
CA THR F 30 -5.72 -17.80 -38.48
C THR F 30 -6.11 -16.53 -39.24
N ARG F 31 -7.09 -16.63 -40.12
CA ARG F 31 -7.56 -15.48 -40.87
C ARG F 31 -8.45 -14.59 -40.00
N GLY F 32 -8.61 -13.34 -40.43
CA GLY F 32 -9.59 -12.45 -39.83
C GLY F 32 -9.06 -11.48 -38.79
N VAL F 33 -7.75 -11.51 -38.48
CA VAL F 33 -7.20 -10.53 -37.57
C VAL F 33 -7.24 -9.15 -38.21
N TYR F 34 -7.61 -8.14 -37.43
CA TYR F 34 -7.65 -6.77 -37.91
C TYR F 34 -6.99 -5.86 -36.89
N TYR F 35 -6.65 -4.66 -37.32
CA TYR F 35 -6.02 -3.69 -36.43
C TYR F 35 -7.05 -3.20 -35.41
N PRO F 36 -6.80 -3.40 -34.11
CA PRO F 36 -7.84 -3.10 -33.11
C PRO F 36 -8.13 -1.61 -32.94
N ASP F 37 -7.16 -0.73 -33.19
CA ASP F 37 -7.40 0.70 -33.09
C ASP F 37 -6.55 1.40 -34.14
N LYS F 38 -6.46 2.73 -34.04
CA LYS F 38 -5.84 3.56 -35.06
C LYS F 38 -4.53 4.18 -34.55
N VAL F 39 -3.91 3.55 -33.56
CA VAL F 39 -2.65 4.01 -32.98
C VAL F 39 -1.53 3.15 -33.53
N PHE F 40 -0.49 3.79 -34.05
CA PHE F 40 0.70 3.07 -34.50
C PHE F 40 1.42 2.45 -33.31
N ARG F 41 1.80 1.18 -33.44
CA ARG F 41 2.56 0.47 -32.43
C ARG F 41 3.67 -0.34 -33.09
N SER F 42 4.75 -0.57 -32.37
CA SER F 42 5.86 -1.34 -32.90
C SER F 42 6.62 -2.00 -31.76
N SER F 43 7.16 -3.19 -32.05
CA SER F 43 7.97 -3.96 -31.10
C SER F 43 7.29 -4.10 -29.75
N VAL F 44 6.06 -4.63 -29.78
CA VAL F 44 5.26 -4.78 -28.57
C VAL F 44 4.30 -5.95 -28.76
N LEU F 45 3.96 -6.61 -27.66
CA LEU F 45 2.93 -7.64 -27.63
C LEU F 45 1.69 -7.01 -27.00
N HIS F 46 0.67 -6.77 -27.81
CA HIS F 46 -0.50 -6.03 -27.40
C HIS F 46 -1.67 -6.97 -27.16
N SER F 47 -2.26 -6.90 -25.98
CA SER F 47 -3.42 -7.70 -25.62
C SER F 47 -4.69 -6.89 -25.84
N THR F 48 -5.66 -7.47 -26.54
CA THR F 48 -6.90 -6.78 -26.88
C THR F 48 -8.07 -7.74 -26.76
N GLN F 49 -9.19 -7.24 -26.24
CA GLN F 49 -10.44 -7.99 -26.18
C GLN F 49 -11.42 -7.31 -27.12
N ASP F 50 -11.97 -8.08 -28.06
CA ASP F 50 -12.85 -7.54 -29.09
C ASP F 50 -13.57 -8.69 -29.76
N LEU F 51 -14.33 -8.39 -30.81
CA LEU F 51 -15.06 -9.40 -31.56
C LEU F 51 -14.17 -9.89 -32.71
N PHE F 52 -13.55 -11.05 -32.52
CA PHE F 52 -12.66 -11.63 -33.51
C PHE F 52 -13.26 -12.93 -34.05
N LEU F 53 -12.74 -13.35 -35.20
CA LEU F 53 -13.03 -14.68 -35.71
C LEU F 53 -12.12 -15.68 -35.01
N PRO F 54 -12.66 -16.64 -34.24
CA PRO F 54 -11.79 -17.56 -33.51
C PRO F 54 -10.91 -18.37 -34.45
N PHE F 55 -9.71 -18.70 -33.97
CA PHE F 55 -8.75 -19.44 -34.77
C PHE F 55 -9.26 -20.85 -35.04
N PHE F 56 -8.99 -21.34 -36.25
CA PHE F 56 -9.38 -22.68 -36.68
C PHE F 56 -10.88 -22.92 -36.53
N SER F 57 -11.67 -21.88 -36.74
CA SER F 57 -13.11 -22.00 -36.64
C SER F 57 -13.69 -22.59 -37.92
N ASN F 58 -14.90 -23.13 -37.80
CA ASN F 58 -15.60 -23.80 -38.90
C ASN F 58 -16.37 -22.75 -39.69
N VAL F 59 -15.87 -22.41 -40.88
CA VAL F 59 -16.49 -21.41 -41.73
C VAL F 59 -17.13 -22.10 -42.92
N THR F 60 -18.16 -21.46 -43.46
CA THR F 60 -18.94 -22.03 -44.56
C THR F 60 -18.39 -21.55 -45.90
N TRP F 61 -18.29 -22.47 -46.85
CA TRP F 61 -17.83 -22.16 -48.21
C TRP F 61 -19.04 -22.25 -49.14
N PHE F 62 -19.67 -21.10 -49.38
CA PHE F 62 -20.85 -21.05 -50.23
C PHE F 62 -20.48 -21.06 -51.70
N HIS F 63 -21.34 -21.67 -52.51
CA HIS F 63 -21.21 -21.67 -53.96
C HIS F 63 -22.55 -21.24 -54.53
N ALA F 64 -22.63 -19.98 -54.97
CA ALA F 64 -23.85 -19.43 -55.54
C ALA F 64 -23.80 -19.57 -57.06
N ILE F 65 -24.85 -20.15 -57.63
CA ILE F 65 -24.89 -20.50 -59.04
C ILE F 65 -26.18 -20.00 -59.66
N HIS F 66 -26.08 -19.39 -60.83
CA HIS F 66 -27.22 -19.12 -61.69
C HIS F 66 -27.05 -19.86 -63.02
N VAL F 67 -27.70 -21.02 -63.12
CA VAL F 67 -27.76 -21.74 -64.37
C VAL F 67 -28.90 -21.14 -65.19
N SER F 68 -28.58 -20.50 -66.30
CA SER F 68 -29.57 -19.83 -67.13
C SER F 68 -30.40 -20.82 -67.94
N ASN F 78 -31.58 -19.28 -52.08
CA ASN F 78 -30.78 -18.18 -51.56
C ASN F 78 -31.31 -17.64 -50.23
N PRO F 79 -31.23 -18.45 -49.17
CA PRO F 79 -31.75 -17.99 -47.88
C PRO F 79 -30.89 -16.89 -47.27
N VAL F 80 -31.48 -16.15 -46.34
CA VAL F 80 -30.78 -15.06 -45.68
C VAL F 80 -29.86 -15.62 -44.60
N LEU F 81 -28.62 -15.16 -44.58
CA LEU F 81 -27.67 -15.64 -43.58
C LEU F 81 -27.83 -14.85 -42.28
N PRO F 82 -27.60 -15.48 -41.13
CA PRO F 82 -27.57 -14.73 -39.87
C PRO F 82 -26.38 -13.81 -39.80
N PHE F 83 -26.47 -12.83 -38.91
CA PHE F 83 -25.38 -11.89 -38.65
C PHE F 83 -24.68 -12.15 -37.33
N ASN F 84 -25.42 -12.57 -36.31
CA ASN F 84 -24.88 -12.92 -34.99
C ASN F 84 -24.17 -11.70 -34.43
N ASP F 85 -22.97 -11.85 -33.87
CA ASP F 85 -22.23 -10.70 -33.36
C ASP F 85 -21.61 -9.90 -34.50
N GLY F 86 -21.05 -10.57 -35.49
CA GLY F 86 -20.41 -9.92 -36.61
C GLY F 86 -20.01 -10.97 -37.63
N VAL F 87 -19.54 -10.49 -38.78
CA VAL F 87 -19.34 -11.35 -39.95
C VAL F 87 -17.91 -11.18 -40.46
N TYR F 88 -17.29 -12.31 -40.79
CA TYR F 88 -16.07 -12.35 -41.59
C TYR F 88 -16.43 -12.82 -42.99
N PHE F 89 -16.03 -12.08 -44.00
CA PHE F 89 -16.38 -12.36 -45.39
C PHE F 89 -15.11 -12.42 -46.23
N ALA F 90 -14.86 -13.55 -46.87
CA ALA F 90 -13.71 -13.73 -47.74
C ALA F 90 -14.18 -14.26 -49.08
N SER F 91 -13.70 -13.63 -50.16
CA SER F 91 -13.99 -14.09 -51.51
C SER F 91 -12.73 -13.97 -52.35
N THR F 92 -12.51 -14.97 -53.20
CA THR F 92 -11.40 -14.97 -54.14
C THR F 92 -11.88 -14.67 -55.55
N GLU F 93 -13.19 -14.62 -55.75
CA GLU F 93 -13.78 -14.44 -57.06
C GLU F 93 -13.40 -13.09 -57.65
N LYS F 94 -13.12 -13.08 -58.97
CA LYS F 94 -12.74 -11.87 -59.67
C LYS F 94 -13.63 -11.56 -60.87
N SER F 95 -14.74 -12.28 -61.04
CA SER F 95 -15.67 -11.97 -62.12
C SER F 95 -16.43 -10.67 -61.87
N ASN F 96 -16.28 -10.09 -60.68
CA ASN F 96 -16.99 -8.90 -60.21
C ASN F 96 -18.46 -9.18 -59.93
N ILE F 97 -18.84 -10.44 -59.76
CA ILE F 97 -20.24 -10.76 -59.50
C ILE F 97 -20.66 -10.28 -58.12
N ILE F 98 -19.76 -10.38 -57.14
CA ILE F 98 -20.06 -9.91 -55.78
C ILE F 98 -19.85 -8.40 -55.74
N ARG F 99 -20.91 -7.67 -55.36
CA ARG F 99 -20.85 -6.21 -55.40
C ARG F 99 -21.57 -5.56 -54.23
N GLY F 100 -21.67 -6.24 -53.09
CA GLY F 100 -22.21 -5.62 -51.90
C GLY F 100 -22.97 -6.60 -51.04
N TRP F 101 -23.67 -6.05 -50.03
CA TRP F 101 -24.39 -6.86 -49.05
C TRP F 101 -25.63 -6.09 -48.61
N ILE F 102 -26.55 -6.83 -47.98
CA ILE F 102 -27.71 -6.25 -47.30
C ILE F 102 -27.58 -6.58 -45.82
N PHE F 103 -27.99 -5.65 -44.95
CA PHE F 103 -28.05 -5.90 -43.52
C PHE F 103 -29.36 -5.38 -42.96
N GLY F 104 -29.92 -6.11 -42.00
CA GLY F 104 -31.17 -5.69 -41.38
C GLY F 104 -31.67 -6.74 -40.41
N THR F 105 -32.94 -6.62 -40.03
CA THR F 105 -33.60 -7.63 -39.20
C THR F 105 -34.74 -8.34 -39.92
N THR F 106 -35.74 -7.60 -40.39
CA THR F 106 -36.84 -8.19 -41.14
C THR F 106 -36.69 -8.03 -42.65
N LEU F 107 -35.91 -7.05 -43.09
CA LEU F 107 -35.70 -6.74 -44.50
C LEU F 107 -37.02 -6.38 -45.19
N ASP F 108 -37.95 -5.85 -44.42
CA ASP F 108 -39.24 -5.38 -44.91
C ASP F 108 -39.30 -3.86 -44.80
N SER F 109 -40.44 -3.30 -45.19
CA SER F 109 -40.72 -1.90 -44.92
C SER F 109 -41.07 -1.67 -43.45
N LYS F 110 -41.24 -2.74 -42.67
CA LYS F 110 -41.55 -2.61 -41.25
C LYS F 110 -40.34 -2.19 -40.42
N THR F 111 -39.12 -2.40 -40.90
CA THR F 111 -37.92 -2.06 -40.16
C THR F 111 -36.89 -1.45 -41.11
N GLN F 112 -35.91 -0.76 -40.53
CA GLN F 112 -34.89 -0.10 -41.31
C GLN F 112 -33.74 -1.06 -41.61
N SER F 113 -33.23 -1.01 -42.84
CA SER F 113 -32.23 -1.96 -43.29
C SER F 113 -31.10 -1.22 -44.00
N LEU F 114 -29.91 -1.83 -43.99
CA LEU F 114 -28.70 -1.26 -44.54
C LEU F 114 -28.40 -1.92 -45.88
N LEU F 115 -28.11 -1.12 -46.89
CA LEU F 115 -27.77 -1.61 -48.23
C LEU F 115 -26.40 -1.06 -48.63
N ILE F 116 -25.51 -1.95 -49.05
CA ILE F 116 -24.17 -1.59 -49.50
C ILE F 116 -24.00 -2.14 -50.91
N VAL F 117 -23.66 -1.26 -51.86
CA VAL F 117 -23.51 -1.64 -53.26
C VAL F 117 -22.24 -1.02 -53.81
N ASN F 118 -21.37 -1.85 -54.38
CA ASN F 118 -20.20 -1.38 -55.10
C ASN F 118 -20.46 -1.39 -56.60
N ASN F 119 -19.71 -0.57 -57.32
CA ASN F 119 -19.74 -0.54 -58.77
C ASN F 119 -18.34 -0.17 -59.26
N ALA F 120 -18.26 0.28 -60.51
CA ALA F 120 -16.97 0.49 -61.15
C ALA F 120 -16.11 1.51 -60.40
N THR F 121 -16.71 2.59 -59.92
CA THR F 121 -15.92 3.67 -59.34
C THR F 121 -16.60 4.30 -58.13
N ASN F 122 -17.41 3.53 -57.40
CA ASN F 122 -18.07 4.11 -56.23
C ASN F 122 -18.63 3.00 -55.35
N VAL F 123 -19.10 3.41 -54.17
CA VAL F 123 -19.85 2.55 -53.26
C VAL F 123 -20.95 3.42 -52.63
N VAL F 124 -22.18 2.92 -52.66
CA VAL F 124 -23.35 3.67 -52.20
C VAL F 124 -23.97 2.90 -51.04
N ILE F 125 -24.20 3.59 -49.93
CA ILE F 125 -24.65 2.98 -48.68
C ILE F 125 -25.87 3.77 -48.20
N LYS F 126 -26.97 3.07 -47.92
CA LYS F 126 -28.23 3.67 -47.50
C LYS F 126 -28.82 2.88 -46.33
N VAL F 127 -29.67 3.53 -45.55
CA VAL F 127 -30.31 2.89 -44.39
C VAL F 127 -31.83 3.11 -44.44
N CYS F 128 -32.40 3.15 -45.64
CA CYS F 128 -33.84 3.35 -45.78
C CYS F 128 -34.61 2.10 -45.35
N GLU F 129 -35.93 2.18 -45.43
CA GLU F 129 -36.83 1.04 -45.19
C GLU F 129 -37.06 0.35 -46.54
N PHE F 130 -36.16 -0.56 -46.89
CA PHE F 130 -36.27 -1.27 -48.15
C PHE F 130 -37.25 -2.43 -48.04
N GLN F 131 -38.12 -2.54 -49.06
CA GLN F 131 -38.88 -3.77 -49.28
C GLN F 131 -38.08 -4.66 -50.22
N PHE F 132 -37.13 -5.38 -49.63
CA PHE F 132 -36.19 -6.19 -50.39
C PHE F 132 -36.90 -7.36 -51.07
N CYS F 133 -36.41 -7.74 -52.24
CA CYS F 133 -36.90 -8.91 -52.93
C CYS F 133 -36.43 -10.18 -52.21
N ASN F 134 -37.13 -11.28 -52.47
CA ASN F 134 -36.75 -12.56 -51.86
C ASN F 134 -35.35 -12.98 -52.30
N ASP F 135 -35.00 -12.72 -53.56
CA ASP F 135 -33.69 -13.06 -54.11
C ASP F 135 -33.11 -11.80 -54.73
N PRO F 136 -32.61 -10.87 -53.92
CA PRO F 136 -32.10 -9.60 -54.46
C PRO F 136 -30.80 -9.81 -55.22
N PHE F 137 -30.65 -9.08 -56.33
CA PHE F 137 -29.44 -9.11 -57.13
C PHE F 137 -29.41 -7.87 -58.00
N LEU F 138 -28.24 -7.57 -58.55
CA LEU F 138 -28.06 -6.36 -59.35
C LEU F 138 -28.29 -6.68 -60.83
N ASP F 139 -29.05 -5.81 -61.50
CA ASP F 139 -29.36 -5.99 -62.92
C ASP F 139 -28.25 -5.36 -63.76
N VAL F 140 -27.73 -6.13 -64.71
CA VAL F 140 -26.70 -5.70 -65.68
C VAL F 140 -25.70 -4.70 -65.12
N PHE F 154 -35.40 -1.62 -59.06
CA PHE F 154 -34.39 -2.68 -59.04
C PHE F 154 -35.01 -4.05 -58.90
N ARG F 155 -34.16 -5.07 -58.97
CA ARG F 155 -34.49 -6.40 -58.50
C ARG F 155 -33.85 -6.69 -57.15
N VAL F 156 -33.31 -5.66 -56.48
CA VAL F 156 -32.90 -5.79 -55.09
C VAL F 156 -34.08 -5.51 -54.17
N TYR F 157 -34.77 -4.39 -54.37
CA TYR F 157 -35.90 -4.00 -53.55
C TYR F 157 -36.99 -3.46 -54.43
N SER F 158 -38.21 -3.41 -53.89
CA SER F 158 -39.35 -2.86 -54.62
C SER F 158 -39.66 -1.42 -54.23
N SER F 159 -39.49 -1.08 -52.95
CA SER F 159 -39.74 0.27 -52.46
C SER F 159 -38.66 0.67 -51.48
N ALA F 160 -38.42 1.98 -51.38
CA ALA F 160 -37.45 2.53 -50.44
C ALA F 160 -37.96 3.88 -49.98
N ASN F 161 -38.33 3.99 -48.69
CA ASN F 161 -38.80 5.23 -48.11
C ASN F 161 -38.16 5.39 -46.73
N ASN F 162 -38.27 6.60 -46.19
CA ASN F 162 -37.72 6.96 -44.88
C ASN F 162 -36.22 6.68 -44.81
N CYS F 163 -35.48 7.20 -45.77
CA CYS F 163 -34.02 7.13 -45.72
C CYS F 163 -33.50 8.08 -44.65
N THR F 164 -32.66 7.58 -43.75
CA THR F 164 -32.09 8.40 -42.70
C THR F 164 -30.58 8.61 -42.82
N PHE F 165 -29.90 7.79 -43.62
CA PHE F 165 -28.45 7.89 -43.74
C PHE F 165 -28.03 7.51 -45.14
N GLU F 166 -27.00 8.20 -45.64
CA GLU F 166 -26.39 7.83 -46.92
C GLU F 166 -24.90 8.14 -46.87
N TYR F 167 -24.15 7.43 -47.70
CA TYR F 167 -22.69 7.56 -47.74
C TYR F 167 -22.23 7.11 -49.13
N VAL F 168 -21.26 7.83 -49.69
CA VAL F 168 -20.77 7.58 -51.03
C VAL F 168 -19.24 7.68 -51.02
N SER F 169 -18.58 6.77 -51.72
CA SER F 169 -17.12 6.78 -51.82
C SER F 169 -16.66 6.08 -53.09
N PHE F 183 -1.80 -16.69 -59.83
CA PHE F 183 -2.12 -16.40 -58.44
C PHE F 183 -3.58 -15.96 -58.31
N LYS F 184 -4.02 -15.78 -57.08
CA LYS F 184 -5.37 -15.32 -56.78
C LYS F 184 -5.30 -14.20 -55.75
N ASN F 185 -6.38 -13.42 -55.67
CA ASN F 185 -6.47 -12.29 -54.75
C ASN F 185 -7.56 -12.59 -53.72
N LEU F 186 -7.18 -12.67 -52.46
CA LEU F 186 -8.11 -12.90 -51.36
C LEU F 186 -8.60 -11.56 -50.85
N ARG F 187 -9.91 -11.32 -50.95
CA ARG F 187 -10.52 -10.10 -50.45
C ARG F 187 -11.28 -10.44 -49.18
N GLU F 188 -10.78 -9.94 -48.05
CA GLU F 188 -11.33 -10.26 -46.74
C GLU F 188 -11.99 -9.04 -46.12
N PHE F 189 -13.13 -9.26 -45.47
CA PHE F 189 -13.88 -8.19 -44.84
C PHE F 189 -14.31 -8.62 -43.45
N VAL F 190 -14.46 -7.64 -42.57
CA VAL F 190 -15.05 -7.84 -41.24
C VAL F 190 -16.09 -6.75 -41.02
N PHE F 191 -17.32 -7.17 -40.71
CA PHE F 191 -18.39 -6.25 -40.35
C PHE F 191 -18.81 -6.53 -38.91
N LYS F 192 -18.92 -5.47 -38.12
CA LYS F 192 -19.49 -5.59 -36.78
C LYS F 192 -20.31 -4.34 -36.47
N ASN F 193 -21.31 -4.52 -35.60
CA ASN F 193 -22.32 -3.50 -35.31
C ASN F 193 -22.33 -3.28 -33.80
N ILE F 194 -21.63 -2.24 -33.33
CA ILE F 194 -21.47 -1.96 -31.91
C ILE F 194 -21.94 -0.54 -31.64
N ASP F 195 -22.76 -0.38 -30.60
CA ASP F 195 -23.42 0.90 -30.29
C ASP F 195 -24.25 1.23 -31.52
N GLY F 196 -24.11 2.40 -32.13
CA GLY F 196 -24.80 2.68 -33.37
C GLY F 196 -23.84 2.93 -34.50
N TYR F 197 -22.76 2.16 -34.57
CA TYR F 197 -21.71 2.34 -35.56
C TYR F 197 -21.45 1.01 -36.27
N PHE F 198 -21.64 1.02 -37.59
CA PHE F 198 -21.34 -0.14 -38.43
C PHE F 198 -19.91 -0.02 -38.91
N LYS F 199 -19.04 -0.89 -38.41
CA LYS F 199 -17.60 -0.83 -38.67
C LYS F 199 -17.20 -1.86 -39.70
N ILE F 200 -16.35 -1.46 -40.64
CA ILE F 200 -15.89 -2.34 -41.71
C ILE F 200 -14.36 -2.34 -41.75
N TYR F 201 -13.79 -3.53 -41.82
CA TYR F 201 -12.35 -3.73 -42.02
C TYR F 201 -12.17 -4.55 -43.28
N SER F 202 -11.07 -4.31 -43.99
CA SER F 202 -10.86 -4.98 -45.27
C SER F 202 -9.38 -5.15 -45.54
N LYS F 203 -9.08 -6.07 -46.46
CA LYS F 203 -7.71 -6.41 -46.83
C LYS F 203 -7.75 -7.18 -48.14
N HIS F 204 -7.00 -6.72 -49.14
CA HIS F 204 -6.79 -7.47 -50.37
C HIS F 204 -5.37 -8.01 -50.35
N THR F 205 -5.24 -9.34 -50.34
CA THR F 205 -3.95 -9.98 -50.25
C THR F 205 -3.80 -11.05 -51.32
N PRO F 206 -2.73 -11.00 -52.12
CA PRO F 206 -2.53 -12.03 -53.14
C PRO F 206 -2.16 -13.37 -52.54
N ILE F 207 -2.75 -14.43 -53.09
CA ILE F 207 -2.50 -15.79 -52.63
C ILE F 207 -2.13 -16.64 -53.84
N ASN F 208 -1.43 -17.75 -53.58
CA ASN F 208 -0.98 -18.62 -54.66
C ASN F 208 -1.96 -19.75 -54.94
N LEU F 213 -8.33 -19.75 -48.55
CA LEU F 213 -7.96 -19.35 -47.19
C LEU F 213 -6.58 -19.90 -46.83
N PRO F 214 -5.55 -19.11 -47.08
CA PRO F 214 -4.17 -19.58 -46.84
C PRO F 214 -3.83 -19.65 -45.36
N GLN F 215 -2.56 -19.94 -45.05
CA GLN F 215 -2.16 -20.28 -43.69
C GLN F 215 -1.12 -19.31 -43.13
N GLY F 216 -1.35 -18.01 -43.29
CA GLY F 216 -0.48 -17.01 -42.69
C GLY F 216 -1.25 -15.96 -41.92
N PHE F 217 -0.60 -14.83 -41.64
CA PHE F 217 -1.24 -13.70 -40.98
C PHE F 217 -1.26 -12.51 -41.93
N SER F 218 -2.43 -11.89 -42.06
CA SER F 218 -2.58 -10.65 -42.83
C SER F 218 -3.68 -9.84 -42.15
N ALA F 219 -3.27 -8.86 -41.35
CA ALA F 219 -4.23 -8.09 -40.57
C ALA F 219 -5.03 -7.15 -41.46
N LEU F 220 -6.32 -7.00 -41.13
CA LEU F 220 -7.22 -6.13 -41.87
C LEU F 220 -7.17 -4.71 -41.32
N GLU F 221 -7.30 -3.72 -42.21
CA GLU F 221 -7.26 -2.31 -41.89
C GLU F 221 -8.67 -1.74 -41.78
N PRO F 222 -8.90 -0.80 -40.86
CA PRO F 222 -10.23 -0.17 -40.78
C PRO F 222 -10.56 0.59 -42.05
N LEU F 223 -11.82 0.50 -42.47
CA LEU F 223 -12.24 1.13 -43.72
C LEU F 223 -13.18 2.29 -43.46
N VAL F 224 -14.35 2.06 -42.85
CA VAL F 224 -15.26 3.13 -42.48
C VAL F 224 -15.94 2.69 -41.18
N ASP F 225 -16.53 3.65 -40.47
CA ASP F 225 -17.49 3.35 -39.41
C ASP F 225 -18.71 4.25 -39.66
N LEU F 226 -19.87 3.63 -39.81
CA LEU F 226 -21.09 4.35 -40.21
C LEU F 226 -21.96 4.61 -38.99
N PRO F 227 -22.27 5.88 -38.71
CA PRO F 227 -23.11 6.22 -37.54
C PRO F 227 -24.59 5.93 -37.78
N ILE F 228 -24.90 4.66 -38.05
CA ILE F 228 -26.27 4.21 -38.27
C ILE F 228 -26.71 3.48 -37.01
N GLY F 229 -27.78 3.97 -36.39
CA GLY F 229 -28.33 3.23 -35.27
C GLY F 229 -29.50 2.37 -35.70
N ILE F 230 -29.23 1.10 -36.03
CA ILE F 230 -30.25 0.15 -36.43
C ILE F 230 -29.85 -1.23 -35.93
N ASN F 231 -30.87 -2.05 -35.69
CA ASN F 231 -30.70 -3.40 -35.18
C ASN F 231 -30.52 -4.32 -36.37
N ILE F 232 -29.41 -5.04 -36.41
CA ILE F 232 -29.09 -5.97 -37.49
C ILE F 232 -28.96 -7.37 -36.92
N THR F 233 -29.73 -8.31 -37.46
CA THR F 233 -29.60 -9.72 -37.13
C THR F 233 -29.37 -10.60 -38.33
N ARG F 234 -29.51 -10.08 -39.55
CA ARG F 234 -29.51 -10.89 -40.76
C ARG F 234 -28.83 -10.12 -41.88
N PHE F 235 -28.25 -10.86 -42.82
CA PHE F 235 -27.54 -10.22 -43.93
C PHE F 235 -27.54 -11.15 -45.13
N GLN F 236 -27.25 -10.57 -46.29
CA GLN F 236 -27.23 -11.30 -47.55
C GLN F 236 -26.27 -10.64 -48.53
N THR F 237 -25.69 -11.46 -49.41
CA THR F 237 -24.74 -11.00 -50.41
C THR F 237 -25.47 -10.58 -51.69
N LEU F 238 -25.00 -9.49 -52.29
CA LEU F 238 -25.49 -9.06 -53.59
C LEU F 238 -24.63 -9.63 -54.71
N LEU F 239 -25.31 -10.06 -55.77
CA LEU F 239 -24.66 -10.49 -57.00
C LEU F 239 -25.03 -9.53 -58.11
N ALA F 240 -24.30 -9.62 -59.22
CA ALA F 240 -24.52 -8.76 -60.38
C ALA F 240 -24.75 -9.66 -61.59
N LEU F 241 -25.98 -9.73 -62.06
CA LEU F 241 -26.35 -10.55 -63.20
C LEU F 241 -26.47 -9.68 -64.45
N HIS F 242 -25.95 -10.18 -65.55
CA HIS F 242 -25.95 -9.43 -66.81
C HIS F 242 -27.09 -9.87 -67.71
N THR F 256 -27.51 -14.88 -67.84
CA THR F 256 -26.37 -15.67 -68.27
C THR F 256 -25.83 -16.52 -67.12
N ALA F 257 -24.99 -17.50 -67.45
CA ALA F 257 -24.40 -18.35 -66.44
C ALA F 257 -23.48 -17.60 -65.51
N GLY F 258 -23.77 -17.66 -64.21
CA GLY F 258 -23.02 -16.91 -63.21
C GLY F 258 -22.64 -17.80 -62.05
N ALA F 259 -21.44 -17.61 -61.52
CA ALA F 259 -20.93 -18.34 -60.38
C ALA F 259 -20.34 -17.38 -59.37
N ALA F 260 -20.38 -17.76 -58.09
CA ALA F 260 -19.86 -16.90 -57.02
C ALA F 260 -19.57 -17.79 -55.80
N ALA F 261 -18.30 -17.83 -55.40
CA ALA F 261 -17.88 -18.54 -54.21
C ALA F 261 -17.41 -17.54 -53.17
N TYR F 262 -17.84 -17.73 -51.92
CA TYR F 262 -17.40 -16.86 -50.84
C TYR F 262 -17.43 -17.61 -49.52
N TYR F 263 -16.76 -17.06 -48.53
CA TYR F 263 -16.68 -17.65 -47.20
C TYR F 263 -17.37 -16.74 -46.19
N VAL F 264 -18.02 -17.35 -45.20
CA VAL F 264 -18.64 -16.60 -44.12
C VAL F 264 -18.23 -17.22 -42.79
N GLY F 265 -17.64 -16.40 -41.92
CA GLY F 265 -17.38 -16.78 -40.55
C GLY F 265 -17.99 -15.76 -39.61
N TYR F 266 -18.11 -16.16 -38.35
CA TYR F 266 -18.79 -15.32 -37.36
C TYR F 266 -17.84 -14.94 -36.24
N LEU F 267 -17.87 -13.65 -35.89
CA LEU F 267 -17.05 -13.11 -34.82
C LEU F 267 -17.61 -13.51 -33.47
N GLN F 268 -16.71 -13.67 -32.51
CA GLN F 268 -17.07 -13.96 -31.14
C GLN F 268 -16.24 -13.07 -30.22
N PRO F 269 -16.77 -12.70 -29.05
CA PRO F 269 -15.97 -11.94 -28.10
C PRO F 269 -14.78 -12.76 -27.60
N ARG F 270 -13.58 -12.32 -27.97
CA ARG F 270 -12.36 -13.06 -27.65
C ARG F 270 -11.33 -12.09 -27.09
N THR F 271 -10.25 -12.66 -26.58
CA THR F 271 -9.06 -11.91 -26.19
C THR F 271 -7.90 -12.42 -27.03
N PHE F 272 -7.25 -11.50 -27.74
CA PHE F 272 -6.12 -11.84 -28.60
C PHE F 272 -4.87 -11.13 -28.12
N LEU F 273 -3.74 -11.82 -28.25
CA LEU F 273 -2.43 -11.22 -28.02
C LEU F 273 -1.80 -11.00 -29.39
N LEU F 274 -1.65 -9.73 -29.78
CA LEU F 274 -1.14 -9.38 -31.08
C LEU F 274 0.33 -8.99 -30.99
N LYS F 275 1.10 -9.43 -31.98
CA LYS F 275 2.52 -9.11 -32.08
C LYS F 275 2.72 -8.05 -33.14
N TYR F 276 3.16 -6.87 -32.71
CA TYR F 276 3.58 -5.80 -33.62
C TYR F 276 5.08 -5.93 -33.80
N ASN F 277 5.52 -6.07 -35.05
CA ASN F 277 6.96 -6.17 -35.30
C ASN F 277 7.58 -4.78 -35.24
N GLU F 278 8.88 -4.69 -35.52
CA GLU F 278 9.59 -3.43 -35.37
C GLU F 278 9.09 -2.37 -36.35
N ASN F 279 8.49 -2.80 -37.45
CA ASN F 279 8.01 -1.89 -38.49
C ASN F 279 6.55 -1.52 -38.32
N GLY F 280 5.92 -1.91 -37.21
CA GLY F 280 4.55 -1.57 -36.94
C GLY F 280 3.51 -2.53 -37.47
N THR F 281 3.93 -3.60 -38.14
CA THR F 281 3.02 -4.56 -38.74
C THR F 281 2.62 -5.63 -37.74
N ILE F 282 1.32 -5.96 -37.71
CA ILE F 282 0.84 -7.11 -36.97
C ILE F 282 1.26 -8.35 -37.74
N THR F 283 2.16 -9.14 -37.17
CA THR F 283 2.73 -10.31 -37.84
C THR F 283 2.31 -11.62 -37.20
N ASP F 284 1.75 -11.60 -36.00
CA ASP F 284 1.41 -12.84 -35.30
C ASP F 284 0.30 -12.53 -34.30
N ALA F 285 -0.39 -13.59 -33.88
CA ALA F 285 -1.47 -13.45 -32.92
C ALA F 285 -1.66 -14.76 -32.17
N VAL F 286 -2.20 -14.67 -30.96
CA VAL F 286 -2.57 -15.83 -30.16
C VAL F 286 -4.03 -15.69 -29.77
N ASP F 287 -4.81 -16.73 -30.06
CA ASP F 287 -6.21 -16.80 -29.64
C ASP F 287 -6.23 -17.39 -28.24
N CYS F 288 -6.36 -16.52 -27.22
CA CYS F 288 -6.16 -16.93 -25.84
C CYS F 288 -7.10 -18.04 -25.39
N ALA F 289 -8.28 -18.15 -25.99
CA ALA F 289 -9.25 -19.17 -25.61
C ALA F 289 -9.22 -20.39 -26.51
N LEU F 290 -8.23 -20.51 -27.40
CA LEU F 290 -8.20 -21.64 -28.32
C LEU F 290 -8.00 -22.97 -27.58
N ASP F 291 -6.98 -23.03 -26.73
CA ASP F 291 -6.61 -24.29 -26.08
C ASP F 291 -5.72 -23.95 -24.89
N PRO F 292 -5.37 -24.95 -24.07
CA PRO F 292 -4.52 -24.64 -22.90
C PRO F 292 -3.20 -23.97 -23.24
N LEU F 293 -2.56 -24.34 -24.35
CA LEU F 293 -1.27 -23.75 -24.69
C LEU F 293 -1.42 -22.27 -25.02
N SER F 294 -2.47 -21.90 -25.75
CA SER F 294 -2.71 -20.49 -26.05
C SER F 294 -2.99 -19.69 -24.78
N GLU F 295 -3.74 -20.28 -23.85
CA GLU F 295 -4.00 -19.61 -22.59
C GLU F 295 -2.71 -19.42 -21.79
N THR F 296 -1.83 -20.43 -21.81
CA THR F 296 -0.53 -20.27 -21.17
C THR F 296 0.27 -19.14 -21.82
N LYS F 297 0.25 -19.06 -23.15
CA LYS F 297 0.96 -18.00 -23.84
C LYS F 297 0.43 -16.62 -23.47
N CYS F 298 -0.90 -16.49 -23.37
CA CYS F 298 -1.46 -15.19 -23.01
C CYS F 298 -1.22 -14.85 -21.55
N THR F 299 -1.21 -15.86 -20.66
CA THR F 299 -0.87 -15.61 -19.26
C THR F 299 0.57 -15.14 -19.12
N LEU F 300 1.49 -15.77 -19.85
CA LEU F 300 2.89 -15.37 -19.82
C LEU F 300 3.17 -14.14 -20.69
N LYS F 301 2.21 -13.72 -21.51
CA LYS F 301 2.41 -12.62 -22.46
C LYS F 301 3.62 -12.87 -23.34
N SER F 302 3.69 -14.09 -23.90
CA SER F 302 4.83 -14.50 -24.70
C SER F 302 4.37 -15.53 -25.73
N PHE F 303 5.05 -15.56 -26.87
CA PHE F 303 4.76 -16.52 -27.92
C PHE F 303 5.56 -17.80 -27.81
N THR F 304 6.51 -17.86 -26.88
CA THR F 304 7.26 -19.08 -26.59
C THR F 304 7.12 -19.41 -25.11
N VAL F 305 6.93 -20.69 -24.81
CA VAL F 305 6.83 -21.17 -23.44
C VAL F 305 7.93 -22.18 -23.20
N GLU F 306 8.68 -21.99 -22.11
CA GLU F 306 9.66 -22.98 -21.71
C GLU F 306 8.97 -24.17 -21.04
N LYS F 307 9.72 -25.27 -20.95
CA LYS F 307 9.19 -26.46 -20.30
C LYS F 307 8.91 -26.19 -18.82
N GLY F 308 7.76 -26.64 -18.36
CA GLY F 308 7.36 -26.44 -16.98
C GLY F 308 5.86 -26.63 -16.83
N ILE F 309 5.36 -26.23 -15.66
CA ILE F 309 3.95 -26.28 -15.34
C ILE F 309 3.52 -24.87 -14.94
N TYR F 310 2.39 -24.41 -15.49
CA TYR F 310 1.97 -23.02 -15.37
C TYR F 310 0.52 -22.96 -14.91
N GLN F 311 0.27 -22.12 -13.89
CA GLN F 311 -1.07 -21.95 -13.36
C GLN F 311 -1.81 -20.94 -14.24
N THR F 312 -2.82 -21.42 -14.96
CA THR F 312 -3.67 -20.59 -15.78
C THR F 312 -4.95 -20.25 -15.02
N SER F 313 -5.92 -19.66 -15.71
CA SER F 313 -7.16 -19.25 -15.07
C SER F 313 -7.95 -20.45 -14.58
N ASN F 314 -8.76 -20.23 -13.56
CA ASN F 314 -9.59 -21.27 -12.98
C ASN F 314 -10.72 -21.67 -13.92
N PHE F 315 -11.18 -22.91 -13.79
CA PHE F 315 -12.44 -23.26 -14.41
C PHE F 315 -13.60 -22.90 -13.49
N ARG F 316 -14.76 -22.66 -14.10
CA ARG F 316 -15.96 -22.35 -13.34
C ARG F 316 -17.18 -22.81 -14.11
N VAL F 317 -18.03 -23.58 -13.45
CA VAL F 317 -19.32 -23.97 -14.01
C VAL F 317 -20.22 -22.75 -14.07
N GLN F 318 -20.87 -22.55 -15.21
CA GLN F 318 -21.63 -21.34 -15.43
C GLN F 318 -23.12 -21.56 -15.12
N PRO F 319 -23.81 -20.51 -14.70
CA PRO F 319 -25.24 -20.65 -14.38
C PRO F 319 -26.05 -21.01 -15.62
N THR F 320 -26.92 -22.01 -15.47
CA THR F 320 -27.74 -22.48 -16.58
C THR F 320 -29.00 -21.65 -16.77
N GLU F 321 -29.60 -21.13 -15.70
CA GLU F 321 -30.79 -20.30 -15.82
C GLU F 321 -30.74 -19.21 -14.76
N SER F 322 -31.80 -18.40 -14.74
CA SER F 322 -31.95 -17.32 -13.78
C SER F 322 -33.23 -17.52 -12.98
N ILE F 323 -33.15 -17.31 -11.67
CA ILE F 323 -34.26 -17.54 -10.75
C ILE F 323 -34.63 -16.23 -10.08
N VAL F 324 -35.91 -15.93 -10.04
CA VAL F 324 -36.44 -14.75 -9.34
C VAL F 324 -37.48 -15.22 -8.34
N ARG F 325 -37.36 -14.76 -7.10
CA ARG F 325 -38.25 -15.17 -6.01
C ARG F 325 -38.58 -13.94 -5.16
N PHE F 326 -39.75 -13.37 -5.39
CA PHE F 326 -40.31 -12.27 -4.61
C PHE F 326 -41.57 -12.75 -3.89
N PRO F 327 -41.99 -12.08 -2.81
CA PRO F 327 -43.19 -12.52 -2.10
C PRO F 327 -44.44 -12.35 -2.95
N ASN F 328 -45.43 -13.18 -2.67
CA ASN F 328 -46.73 -13.13 -3.37
C ASN F 328 -47.51 -11.94 -2.83
N ILE F 329 -47.36 -10.80 -3.51
CA ILE F 329 -48.06 -9.58 -3.14
C ILE F 329 -48.68 -9.00 -4.41
N THR F 330 -49.96 -8.60 -4.31
CA THR F 330 -50.72 -8.15 -5.47
C THR F 330 -51.20 -6.70 -5.35
N ASN F 331 -51.42 -6.20 -4.15
CA ASN F 331 -51.94 -4.83 -3.99
C ASN F 331 -50.92 -3.81 -4.48
N LEU F 332 -51.41 -2.69 -4.97
CA LEU F 332 -50.56 -1.59 -5.38
C LEU F 332 -50.36 -0.61 -4.23
N CYS F 333 -49.12 -0.15 -4.07
CA CYS F 333 -48.81 0.74 -2.96
C CYS F 333 -49.54 2.07 -3.11
N PRO F 334 -50.05 2.64 -2.01
CA PRO F 334 -50.91 3.83 -2.08
C PRO F 334 -50.12 5.14 -2.13
N PHE F 335 -49.27 5.28 -3.15
CA PHE F 335 -48.53 6.52 -3.32
C PHE F 335 -49.38 7.66 -3.86
N ASP F 336 -50.59 7.36 -4.34
CA ASP F 336 -51.47 8.41 -4.86
C ASP F 336 -51.82 9.43 -3.78
N GLU F 337 -52.26 8.95 -2.61
CA GLU F 337 -52.73 9.85 -1.55
C GLU F 337 -51.61 10.54 -0.80
N VAL F 338 -50.36 10.19 -1.07
CA VAL F 338 -49.23 10.91 -0.47
C VAL F 338 -48.83 12.11 -1.32
N PHE F 339 -48.69 11.91 -2.63
CA PHE F 339 -48.30 13.00 -3.52
C PHE F 339 -49.50 13.81 -4.01
N ASN F 340 -50.73 13.38 -3.73
CA ASN F 340 -51.90 14.09 -4.22
C ASN F 340 -52.86 14.44 -3.10
N ALA F 341 -52.33 15.01 -2.02
CA ALA F 341 -53.15 15.49 -0.91
C ALA F 341 -53.49 16.96 -1.15
N THR F 342 -54.70 17.34 -0.73
CA THR F 342 -55.15 18.72 -0.92
C THR F 342 -54.27 19.69 -0.15
N ARG F 343 -53.92 19.34 1.10
CA ARG F 343 -53.04 20.17 1.91
C ARG F 343 -52.00 19.29 2.58
N PHE F 344 -50.76 19.77 2.60
CA PHE F 344 -49.66 19.10 3.28
C PHE F 344 -49.54 19.60 4.72
N ALA F 345 -48.90 18.79 5.55
CA ALA F 345 -48.73 19.15 6.95
C ALA F 345 -47.70 20.25 7.11
N SER F 346 -47.73 20.90 8.27
CA SER F 346 -46.64 21.76 8.67
C SER F 346 -45.42 20.91 9.00
N VAL F 347 -44.23 21.49 8.80
CA VAL F 347 -43.00 20.72 8.98
C VAL F 347 -42.80 20.33 10.45
N TYR F 348 -43.26 21.17 11.38
CA TYR F 348 -43.14 20.82 12.80
C TYR F 348 -44.05 19.65 13.17
N ALA F 349 -45.19 19.52 12.50
CA ALA F 349 -46.15 18.45 12.75
C ALA F 349 -46.25 17.52 11.54
N TRP F 350 -45.10 17.15 10.98
CA TRP F 350 -45.03 16.41 9.73
C TRP F 350 -45.75 15.08 9.83
N ASN F 351 -46.42 14.70 8.73
CA ASN F 351 -47.14 13.45 8.65
C ASN F 351 -46.19 12.30 8.34
N ARG F 352 -46.45 11.14 8.95
CA ARG F 352 -45.77 9.90 8.63
C ARG F 352 -46.80 8.86 8.22
N LYS F 353 -46.61 8.28 7.04
CA LYS F 353 -47.48 7.24 6.51
C LYS F 353 -46.70 5.95 6.34
N ARG F 354 -47.30 4.85 6.77
CA ARG F 354 -46.68 3.52 6.64
C ARG F 354 -47.12 2.90 5.33
N ILE F 355 -46.15 2.40 4.57
CA ILE F 355 -46.40 1.66 3.34
C ILE F 355 -45.98 0.22 3.58
N SER F 356 -46.93 -0.72 3.44
CA SER F 356 -46.62 -2.12 3.66
C SER F 356 -47.60 -2.99 2.89
N ASN F 357 -47.16 -4.21 2.59
CA ASN F 357 -47.99 -5.24 1.96
C ASN F 357 -48.54 -4.77 0.62
N CYS F 358 -47.65 -4.29 -0.25
CA CYS F 358 -48.07 -3.78 -1.54
C CYS F 358 -46.90 -3.85 -2.51
N VAL F 359 -47.21 -3.64 -3.79
CA VAL F 359 -46.21 -3.58 -4.85
C VAL F 359 -45.95 -2.12 -5.16
N ALA F 360 -44.68 -1.70 -5.06
CA ALA F 360 -44.30 -0.31 -5.24
C ALA F 360 -43.63 -0.13 -6.60
N ASP F 361 -44.33 0.53 -7.52
CA ASP F 361 -43.75 0.95 -8.80
C ASP F 361 -43.40 2.42 -8.66
N TYR F 362 -42.10 2.70 -8.54
CA TYR F 362 -41.66 4.08 -8.32
C TYR F 362 -41.64 4.90 -9.60
N SER F 363 -41.83 4.26 -10.76
CA SER F 363 -41.93 5.00 -12.01
C SER F 363 -43.20 5.83 -12.10
N VAL F 364 -44.23 5.51 -11.30
CA VAL F 364 -45.47 6.27 -11.31
C VAL F 364 -45.39 7.54 -10.47
N LEU F 365 -44.35 7.69 -9.65
CA LEU F 365 -44.22 8.89 -8.83
C LEU F 365 -43.97 10.13 -9.69
N TYR F 366 -43.39 9.97 -10.88
CA TYR F 366 -43.15 11.11 -11.75
C TYR F 366 -44.45 11.69 -12.31
N ASN F 367 -45.56 10.96 -12.22
CA ASN F 367 -46.84 11.44 -12.73
C ASN F 367 -47.66 12.17 -11.67
N PHE F 368 -47.41 11.92 -10.39
CA PHE F 368 -48.24 12.50 -9.34
C PHE F 368 -47.81 13.90 -8.96
N ALA F 369 -46.55 14.26 -9.19
CA ALA F 369 -46.00 15.56 -8.82
C ALA F 369 -44.93 15.97 -9.81
N PRO F 370 -44.90 17.27 -10.16
CA PRO F 370 -43.96 17.71 -11.20
C PRO F 370 -42.57 18.05 -10.68
N PHE F 371 -41.98 17.20 -9.85
CA PHE F 371 -40.62 17.41 -9.41
C PHE F 371 -39.65 17.06 -10.52
N PHE F 372 -38.43 17.58 -10.42
CA PHE F 372 -37.46 17.33 -11.48
C PHE F 372 -36.75 15.99 -11.31
N ALA F 373 -36.35 15.64 -10.08
CA ALA F 373 -35.64 14.39 -9.87
C ALA F 373 -35.71 13.97 -8.41
N PHE F 374 -35.54 12.67 -8.19
CA PHE F 374 -35.32 12.15 -6.84
C PHE F 374 -33.97 12.62 -6.32
N LYS F 375 -33.83 12.61 -4.99
CA LYS F 375 -32.53 12.69 -4.33
C LYS F 375 -32.49 11.55 -3.33
N CYS F 376 -31.78 10.48 -3.67
CA CYS F 376 -31.77 9.25 -2.89
C CYS F 376 -30.44 9.09 -2.16
N TYR F 377 -30.47 8.25 -1.14
CA TYR F 377 -29.30 8.01 -0.28
C TYR F 377 -29.19 6.52 -0.02
N GLY F 378 -28.01 5.96 -0.28
CA GLY F 378 -27.80 4.54 -0.14
C GLY F 378 -28.46 3.71 -1.22
N VAL F 379 -29.04 4.35 -2.24
CA VAL F 379 -29.73 3.65 -3.31
C VAL F 379 -29.85 4.62 -4.48
N SER F 380 -30.00 4.08 -5.68
CA SER F 380 -30.23 4.91 -6.84
C SER F 380 -31.69 4.86 -7.24
N PRO F 381 -32.26 5.97 -7.72
CA PRO F 381 -33.70 5.98 -8.06
C PRO F 381 -34.09 4.97 -9.13
N THR F 382 -33.20 4.65 -10.06
CA THR F 382 -33.51 3.71 -11.12
C THR F 382 -33.40 2.25 -10.69
N LYS F 383 -32.93 1.98 -9.48
CA LYS F 383 -32.86 0.62 -8.97
C LYS F 383 -33.95 0.30 -7.96
N LEU F 384 -34.81 1.26 -7.64
CA LEU F 384 -35.83 1.04 -6.61
C LEU F 384 -36.81 -0.06 -7.03
N ASN F 385 -37.18 -0.10 -8.31
CA ASN F 385 -38.12 -1.09 -8.82
C ASN F 385 -37.59 -2.51 -8.77
N ASP F 386 -36.29 -2.70 -8.55
CA ASP F 386 -35.69 -4.02 -8.48
C ASP F 386 -35.52 -4.53 -7.05
N LEU F 387 -35.99 -3.79 -6.05
CA LEU F 387 -35.69 -4.09 -4.66
C LEU F 387 -36.95 -4.42 -3.87
N CYS F 388 -36.73 -4.88 -2.64
CA CYS F 388 -37.78 -5.15 -1.67
C CYS F 388 -37.40 -4.52 -0.35
N PHE F 389 -38.40 -4.08 0.41
CA PHE F 389 -38.20 -3.45 1.71
C PHE F 389 -39.18 -4.03 2.72
N THR F 390 -38.75 -4.12 3.99
CA THR F 390 -39.66 -4.48 5.06
C THR F 390 -40.83 -3.52 5.13
N ASN F 391 -40.54 -2.22 5.20
CA ASN F 391 -41.57 -1.19 5.20
C ASN F 391 -41.08 -0.02 4.37
N VAL F 392 -42.02 0.87 4.07
CA VAL F 392 -41.70 2.19 3.55
C VAL F 392 -42.46 3.20 4.38
N TYR F 393 -41.79 4.31 4.71
CA TYR F 393 -42.44 5.38 5.43
C TYR F 393 -42.38 6.64 4.58
N ALA F 394 -43.52 7.27 4.40
CA ALA F 394 -43.63 8.48 3.59
C ALA F 394 -43.91 9.65 4.52
N ASP F 395 -42.95 10.55 4.65
CA ASP F 395 -43.10 11.77 5.43
C ASP F 395 -43.30 12.94 4.49
N SER F 396 -44.33 13.74 4.75
CA SER F 396 -44.69 14.85 3.88
C SER F 396 -44.95 16.10 4.69
N PHE F 397 -44.48 17.24 4.17
CA PHE F 397 -44.62 18.54 4.83
C PHE F 397 -44.30 19.62 3.80
N VAL F 398 -44.31 20.87 4.25
CA VAL F 398 -44.02 22.02 3.41
C VAL F 398 -42.99 22.90 4.10
N ILE F 399 -41.93 23.25 3.38
CA ILE F 399 -40.94 24.22 3.84
C ILE F 399 -40.76 25.25 2.74
N ARG F 400 -39.85 26.20 2.93
CA ARG F 400 -39.50 27.16 1.90
C ARG F 400 -38.22 26.73 1.20
N GLY F 401 -38.04 27.27 -0.01
CA GLY F 401 -37.10 26.67 -0.96
C GLY F 401 -35.66 26.60 -0.45
N ASN F 402 -35.22 27.63 0.27
CA ASN F 402 -33.82 27.66 0.69
C ASN F 402 -33.57 26.74 1.87
N GLU F 403 -34.61 26.11 2.43
CA GLU F 403 -34.48 25.12 3.49
C GLU F 403 -34.46 23.69 2.98
N VAL F 404 -34.65 23.47 1.68
CA VAL F 404 -34.68 22.11 1.13
C VAL F 404 -33.34 21.43 1.30
N SER F 405 -32.25 22.20 1.30
CA SER F 405 -30.93 21.62 1.55
C SER F 405 -30.81 21.03 2.94
N GLN F 406 -31.65 21.45 3.88
CA GLN F 406 -31.63 20.90 5.23
C GLN F 406 -32.26 19.52 5.32
N ILE F 407 -33.04 19.11 4.32
CA ILE F 407 -33.65 17.77 4.32
C ILE F 407 -32.61 16.84 3.70
N ALA F 408 -31.66 16.42 4.53
CA ALA F 408 -30.56 15.57 4.14
C ALA F 408 -29.83 15.11 5.41
N PRO F 409 -29.24 13.92 5.41
CA PRO F 409 -28.47 13.50 6.58
C PRO F 409 -27.29 14.44 6.85
N GLY F 410 -27.04 14.69 8.14
CA GLY F 410 -25.90 15.49 8.55
C GLY F 410 -26.08 16.99 8.48
N GLN F 411 -27.31 17.47 8.41
CA GLN F 411 -27.57 18.89 8.21
C GLN F 411 -27.92 19.59 9.52
N THR F 412 -27.70 20.90 9.55
CA THR F 412 -28.11 21.75 10.64
C THR F 412 -28.90 22.94 10.08
N GLY F 413 -29.52 23.69 10.99
CA GLY F 413 -30.40 24.77 10.61
C GLY F 413 -31.69 24.70 11.39
N ASN F 414 -32.58 25.69 11.23
CA ASN F 414 -33.80 25.70 12.02
C ASN F 414 -34.66 24.47 11.74
N ILE F 415 -34.83 24.12 10.47
CA ILE F 415 -35.66 22.97 10.11
C ILE F 415 -35.02 21.67 10.57
N ALA F 416 -33.73 21.51 10.32
CA ALA F 416 -33.03 20.28 10.69
C ALA F 416 -32.87 20.12 12.20
N ASP F 417 -32.87 21.21 12.96
CA ASP F 417 -32.69 21.14 14.41
C ASP F 417 -34.00 21.09 15.20
N TYR F 418 -35.04 21.80 14.76
CA TYR F 418 -36.24 21.91 15.57
C TYR F 418 -37.50 21.35 14.93
N ASN F 419 -37.49 20.99 13.65
CA ASN F 419 -38.71 20.57 12.97
C ASN F 419 -38.63 19.15 12.44
N TYR F 420 -37.60 18.80 11.68
CA TYR F 420 -37.51 17.51 11.02
C TYR F 420 -36.05 17.14 10.86
N LYS F 421 -35.66 16.00 11.41
CA LYS F 421 -34.26 15.59 11.44
C LYS F 421 -34.11 14.21 10.80
N LEU F 422 -33.15 14.10 9.88
CA LEU F 422 -32.83 12.83 9.24
C LEU F 422 -31.61 12.22 9.90
N PRO F 423 -31.58 10.89 10.06
CA PRO F 423 -30.41 10.25 10.67
C PRO F 423 -29.20 10.33 9.74
N ASP F 424 -28.01 10.23 10.35
CA ASP F 424 -26.79 10.28 9.56
C ASP F 424 -26.69 9.09 8.63
N ASP F 425 -27.23 7.93 9.03
CA ASP F 425 -27.24 6.74 8.22
C ASP F 425 -28.56 6.54 7.47
N PHE F 426 -29.17 7.64 7.04
CA PHE F 426 -30.47 7.58 6.37
C PHE F 426 -30.36 6.83 5.04
N THR F 427 -31.31 5.92 4.81
CA THR F 427 -31.45 5.23 3.54
C THR F 427 -32.83 5.54 2.99
N GLY F 428 -32.88 6.29 1.90
CA GLY F 428 -34.15 6.64 1.30
C GLY F 428 -33.99 7.76 0.30
N CYS F 429 -35.11 8.35 -0.08
CA CYS F 429 -35.14 9.36 -1.12
C CYS F 429 -35.91 10.58 -0.63
N VAL F 430 -35.46 11.75 -1.04
CA VAL F 430 -36.12 13.01 -0.72
C VAL F 430 -36.66 13.61 -2.01
N ILE F 431 -37.97 13.78 -2.07
CA ILE F 431 -38.64 14.34 -3.24
C ILE F 431 -39.24 15.67 -2.85
N ALA F 432 -38.78 16.74 -3.50
CA ALA F 432 -39.26 18.09 -3.24
C ALA F 432 -39.57 18.78 -4.55
N TRP F 433 -40.69 19.51 -4.58
CA TRP F 433 -41.06 20.26 -5.77
C TRP F 433 -41.73 21.56 -5.36
N ASN F 434 -41.61 22.57 -6.23
CA ASN F 434 -42.22 23.87 -5.99
C ASN F 434 -43.74 23.73 -5.96
N SER F 435 -44.36 24.38 -4.99
CA SER F 435 -45.81 24.39 -4.84
C SER F 435 -46.32 25.81 -4.63
N ASN F 436 -45.76 26.75 -5.39
CA ASN F 436 -46.16 28.14 -5.25
C ASN F 436 -47.59 28.38 -5.72
N LYS F 437 -48.11 27.53 -6.60
CA LYS F 437 -49.44 27.71 -7.13
C LYS F 437 -50.54 27.18 -6.22
N LEU F 438 -50.20 26.42 -5.18
CA LEU F 438 -51.17 25.89 -4.25
C LEU F 438 -51.00 26.39 -2.82
N ASP F 439 -49.79 26.78 -2.43
CA ASP F 439 -49.48 27.12 -1.05
C ASP F 439 -49.20 28.61 -0.85
N SER F 440 -49.49 29.44 -1.85
CA SER F 440 -49.28 30.87 -1.75
C SER F 440 -50.60 31.61 -1.98
N LYS F 441 -50.77 32.71 -1.25
CA LYS F 441 -51.96 33.55 -1.36
C LYS F 441 -51.55 35.00 -1.52
N VAL F 442 -52.44 35.79 -2.12
CA VAL F 442 -52.16 37.21 -2.37
C VAL F 442 -51.85 37.92 -1.06
N GLY F 443 -52.69 37.71 -0.05
CA GLY F 443 -52.43 38.28 1.26
C GLY F 443 -51.42 37.53 2.09
N GLY F 444 -50.93 36.41 1.59
CA GLY F 444 -50.01 35.57 2.33
C GLY F 444 -50.71 34.39 2.97
N ASN F 445 -50.07 33.23 2.87
CA ASN F 445 -50.59 31.99 3.45
C ASN F 445 -49.88 31.75 4.77
N TYR F 446 -50.64 31.75 5.86
CA TYR F 446 -50.08 31.63 7.20
C TYR F 446 -50.47 30.32 7.87
N ASN F 447 -50.94 29.34 7.10
CA ASN F 447 -51.29 28.03 7.63
C ASN F 447 -50.07 27.14 7.85
N TYR F 448 -48.95 27.42 7.22
CA TYR F 448 -47.75 26.60 7.33
C TYR F 448 -46.82 27.22 8.36
N GLN F 449 -46.41 26.40 9.32
CA GLN F 449 -45.64 26.86 10.47
C GLN F 449 -44.42 25.99 10.66
N TYR F 450 -43.45 26.52 11.40
CA TYR F 450 -42.25 25.80 11.76
C TYR F 450 -41.86 26.21 13.18
N ARG F 451 -41.18 25.31 13.88
CA ARG F 451 -40.68 25.64 15.21
C ARG F 451 -39.41 26.46 15.10
N LEU F 452 -39.42 27.65 15.69
CA LEU F 452 -38.27 28.54 15.69
C LEU F 452 -37.43 28.44 16.95
N PHE F 453 -38.02 28.04 18.07
CA PHE F 453 -37.35 28.02 19.37
C PHE F 453 -37.53 26.66 20.01
N ARG F 454 -36.43 26.09 20.50
CA ARG F 454 -36.50 24.83 21.23
C ARG F 454 -35.25 24.70 22.08
N LYS F 455 -35.43 24.11 23.28
CA LYS F 455 -34.33 23.99 24.23
C LYS F 455 -33.20 23.10 23.71
N SER F 456 -33.52 22.15 22.83
CA SER F 456 -32.50 21.26 22.29
C SER F 456 -32.90 20.81 20.90
N ASN F 457 -31.92 20.35 20.14
CA ASN F 457 -32.16 19.84 18.80
C ASN F 457 -32.89 18.51 18.86
N LEU F 458 -33.75 18.27 17.86
CA LEU F 458 -34.49 17.01 17.79
C LEU F 458 -33.55 15.84 17.51
N LYS F 459 -33.96 14.66 17.96
CA LYS F 459 -33.34 13.44 17.49
C LYS F 459 -33.91 13.08 16.12
N PRO F 460 -33.21 12.23 15.35
CA PRO F 460 -33.71 11.86 14.03
C PRO F 460 -35.11 11.26 14.11
N PHE F 461 -35.96 11.67 13.18
CA PHE F 461 -37.32 11.17 13.04
C PHE F 461 -38.15 11.39 14.31
N GLU F 462 -37.84 12.44 15.06
CA GLU F 462 -38.61 12.82 16.24
C GLU F 462 -39.52 13.99 15.90
N ARG F 463 -40.71 13.99 16.50
CA ARG F 463 -41.73 15.00 16.25
C ARG F 463 -42.07 15.72 17.54
N ASP F 464 -42.33 17.03 17.42
CA ASP F 464 -42.63 17.88 18.58
C ASP F 464 -43.78 18.79 18.19
N ILE F 465 -44.96 18.52 18.75
CA ILE F 465 -46.15 19.31 18.47
C ILE F 465 -46.57 20.15 19.68
N SER F 466 -45.70 20.27 20.68
CA SER F 466 -46.03 21.07 21.85
C SER F 466 -45.97 22.56 21.52
N THR F 467 -46.80 23.34 22.22
CA THR F 467 -46.85 24.78 22.06
C THR F 467 -46.60 25.49 23.39
N GLU F 468 -45.73 24.94 24.23
CA GLU F 468 -45.37 25.60 25.47
C GLU F 468 -44.52 26.82 25.19
N ILE F 469 -44.77 27.89 25.96
CA ILE F 469 -44.05 29.14 25.76
C ILE F 469 -42.56 28.92 25.99
N TYR F 470 -41.74 29.51 25.12
CA TYR F 470 -40.29 29.33 25.18
C TYR F 470 -39.66 30.45 25.99
N GLN F 471 -38.72 30.09 26.86
CA GLN F 471 -38.05 31.03 27.75
C GLN F 471 -36.63 31.28 27.25
N ALA F 472 -36.42 32.44 26.63
CA ALA F 472 -35.09 32.80 26.16
C ALA F 472 -34.23 33.44 27.24
N GLY F 473 -34.85 34.12 28.20
CA GLY F 473 -34.13 34.75 29.28
C GLY F 473 -34.14 33.91 30.54
N ASN F 474 -33.86 34.56 31.67
CA ASN F 474 -33.79 33.89 32.96
C ASN F 474 -35.05 34.11 33.81
N LYS F 475 -35.90 35.06 33.45
CA LYS F 475 -37.15 35.24 34.15
C LYS F 475 -38.14 34.16 33.73
N PRO F 476 -38.99 33.70 34.64
CA PRO F 476 -40.06 32.76 34.27
C PRO F 476 -41.11 33.43 33.39
N CYS F 477 -41.82 32.60 32.64
CA CYS F 477 -42.77 33.06 31.64
C CYS F 477 -44.22 32.86 32.04
N ASN F 478 -44.52 31.79 32.80
CA ASN F 478 -45.87 31.54 33.32
C ASN F 478 -46.89 31.40 32.19
N GLY F 479 -46.48 30.76 31.10
CA GLY F 479 -47.37 30.56 29.96
C GLY F 479 -47.80 31.85 29.29
N VAL F 480 -46.97 32.89 29.34
CA VAL F 480 -47.29 34.20 28.79
C VAL F 480 -46.15 34.63 27.89
N ALA F 481 -46.48 35.11 26.69
CA ALA F 481 -45.47 35.60 25.76
C ALA F 481 -45.06 37.02 26.14
N GLY F 482 -43.92 37.14 26.82
CA GLY F 482 -43.48 38.43 27.33
C GLY F 482 -42.39 39.09 26.51
N PHE F 483 -41.22 39.31 27.13
CA PHE F 483 -40.11 39.99 26.48
C PHE F 483 -39.06 39.00 25.98
N ASN F 484 -38.57 38.13 26.86
CA ASN F 484 -37.75 37.00 26.45
C ASN F 484 -38.56 35.70 26.43
N CYS F 485 -39.88 35.80 26.46
CA CYS F 485 -40.77 34.65 26.42
C CYS F 485 -41.49 34.65 25.07
N TYR F 486 -41.06 33.77 24.18
CA TYR F 486 -41.60 33.72 22.83
C TYR F 486 -42.52 32.51 22.64
N PHE F 487 -43.47 32.67 21.73
CA PHE F 487 -44.27 31.55 21.28
C PHE F 487 -43.44 30.69 20.33
N PRO F 488 -43.33 29.38 20.56
CA PRO F 488 -42.35 28.57 19.83
C PRO F 488 -42.53 28.54 18.32
N LEU F 489 -43.75 28.70 17.81
CA LEU F 489 -44.02 28.49 16.40
C LEU F 489 -44.13 29.82 15.67
N ARG F 490 -43.69 29.82 14.41
CA ARG F 490 -43.77 30.97 13.53
C ARG F 490 -44.29 30.52 12.18
N SER F 491 -45.04 31.39 11.51
CA SER F 491 -45.71 31.05 10.26
C SER F 491 -44.87 31.51 9.08
N TYR F 492 -44.81 30.66 8.05
CA TYR F 492 -44.37 31.13 6.74
C TYR F 492 -45.40 32.13 6.22
N GLY F 493 -44.94 33.04 5.36
CA GLY F 493 -45.85 34.01 4.78
C GLY F 493 -45.93 33.86 3.27
N PHE F 494 -45.99 32.62 2.80
CA PHE F 494 -45.84 32.31 1.38
C PHE F 494 -46.73 33.19 0.51
N ARG F 495 -46.11 34.02 -0.32
CA ARG F 495 -46.79 34.89 -1.25
C ARG F 495 -46.27 34.64 -2.66
N PRO F 496 -47.13 34.75 -3.67
CA PRO F 496 -46.72 34.40 -5.03
C PRO F 496 -45.59 35.25 -5.59
N THR F 497 -45.40 36.46 -5.07
CA THR F 497 -44.37 37.36 -5.59
C THR F 497 -42.98 37.08 -5.02
N TYR F 498 -42.86 36.13 -4.09
CA TYR F 498 -41.58 35.82 -3.48
C TYR F 498 -40.63 35.19 -4.50
N GLY F 499 -39.33 35.39 -4.28
CA GLY F 499 -38.33 34.72 -5.07
C GLY F 499 -38.33 33.22 -4.82
N VAL F 500 -37.57 32.51 -5.66
CA VAL F 500 -37.63 31.04 -5.67
C VAL F 500 -37.24 30.48 -4.31
N GLY F 501 -36.13 30.95 -3.74
CA GLY F 501 -35.69 30.46 -2.45
C GLY F 501 -36.63 30.75 -1.30
N HIS F 502 -37.57 31.68 -1.48
CA HIS F 502 -38.54 32.03 -0.45
C HIS F 502 -39.93 31.46 -0.75
N GLN F 503 -40.03 30.55 -1.72
CA GLN F 503 -41.31 30.00 -2.15
C GLN F 503 -41.57 28.67 -1.48
N PRO F 504 -42.84 28.28 -1.32
CA PRO F 504 -43.15 27.00 -0.67
C PRO F 504 -42.75 25.82 -1.55
N TYR F 505 -42.21 24.79 -0.90
CA TYR F 505 -41.86 23.55 -1.56
C TYR F 505 -42.50 22.39 -0.81
N ARG F 506 -43.17 21.51 -1.54
CA ARG F 506 -43.72 20.30 -0.93
C ARG F 506 -42.64 19.22 -0.93
N VAL F 507 -42.45 18.58 0.22
CA VAL F 507 -41.42 17.58 0.41
C VAL F 507 -42.07 16.26 0.80
N VAL F 508 -41.69 15.19 0.11
CA VAL F 508 -42.00 13.83 0.53
C VAL F 508 -40.67 13.13 0.79
N VAL F 509 -40.51 12.57 1.99
CA VAL F 509 -39.33 11.81 2.34
C VAL F 509 -39.74 10.35 2.44
N LEU F 510 -39.11 9.50 1.63
CA LEU F 510 -39.33 8.07 1.66
C LEU F 510 -38.14 7.43 2.37
N SER F 511 -38.39 6.81 3.51
CA SER F 511 -37.37 6.08 4.24
C SER F 511 -37.71 4.60 4.24
N PHE F 512 -36.70 3.77 3.98
CA PHE F 512 -36.89 2.32 3.98
C PHE F 512 -35.63 1.67 4.54
N GLU F 513 -35.66 0.35 4.61
CA GLU F 513 -34.56 -0.43 5.17
C GLU F 513 -34.08 -1.43 4.13
N LEU F 514 -32.80 -1.39 3.81
CA LEU F 514 -32.19 -2.33 2.87
C LEU F 514 -31.42 -3.44 3.58
N LEU F 515 -31.56 -3.55 4.90
CA LEU F 515 -30.88 -4.60 5.64
C LEU F 515 -31.63 -5.92 5.49
N HIS F 516 -30.92 -7.01 5.75
CA HIS F 516 -31.50 -8.34 5.64
C HIS F 516 -32.64 -8.52 6.63
N ALA F 517 -33.86 -8.63 6.11
CA ALA F 517 -35.06 -8.80 6.92
C ALA F 517 -36.20 -9.23 5.99
N PRO F 518 -37.25 -9.83 6.54
CA PRO F 518 -38.43 -10.12 5.70
C PRO F 518 -38.99 -8.83 5.12
N ALA F 519 -39.52 -8.94 3.90
CA ALA F 519 -39.95 -7.77 3.14
C ALA F 519 -41.43 -7.86 2.80
N THR F 520 -42.11 -6.71 2.88
CA THR F 520 -43.52 -6.62 2.51
C THR F 520 -43.80 -5.60 1.42
N VAL F 521 -42.84 -4.75 1.06
CA VAL F 521 -42.97 -3.82 -0.05
C VAL F 521 -41.93 -4.19 -1.09
N CYS F 522 -42.38 -4.40 -2.32
CA CYS F 522 -41.49 -4.85 -3.39
C CYS F 522 -41.83 -4.12 -4.68
N GLY F 523 -40.84 -4.06 -5.57
CA GLY F 523 -41.05 -3.49 -6.87
C GLY F 523 -41.75 -4.44 -7.81
N PRO F 524 -42.12 -3.93 -8.98
CA PRO F 524 -42.79 -4.79 -9.97
C PRO F 524 -41.80 -5.77 -10.58
N LYS F 525 -41.95 -7.05 -10.24
CA LYS F 525 -40.97 -8.07 -10.64
C LYS F 525 -41.68 -9.42 -10.60
N LYS F 526 -41.73 -10.09 -11.75
CA LYS F 526 -42.36 -11.40 -11.82
C LYS F 526 -41.40 -12.46 -11.31
N SER F 527 -41.91 -13.35 -10.46
CA SER F 527 -41.12 -14.42 -9.88
C SER F 527 -41.23 -15.68 -10.74
N THR F 528 -40.10 -16.34 -10.93
CA THR F 528 -40.07 -17.59 -11.67
C THR F 528 -40.26 -18.76 -10.69
N ASN F 529 -40.07 -19.98 -11.17
CA ASN F 529 -40.09 -21.14 -10.30
C ASN F 529 -38.76 -21.24 -9.55
N LEU F 530 -38.74 -22.12 -8.56
CA LEU F 530 -37.56 -22.33 -7.72
C LEU F 530 -36.82 -23.58 -8.19
N VAL F 531 -35.56 -23.41 -8.57
CA VAL F 531 -34.72 -24.50 -9.06
C VAL F 531 -33.69 -24.83 -7.99
N LYS F 532 -33.60 -26.11 -7.63
CA LYS F 532 -32.62 -26.61 -6.68
C LYS F 532 -31.65 -27.55 -7.37
N ASN F 533 -30.46 -27.65 -6.81
CA ASN F 533 -29.45 -28.64 -7.21
C ASN F 533 -28.86 -28.36 -8.58
N LYS F 534 -29.05 -27.14 -9.10
CA LYS F 534 -28.34 -26.71 -10.30
C LYS F 534 -27.72 -25.34 -10.06
N CYS F 535 -26.64 -25.07 -10.78
CA CYS F 535 -26.03 -23.75 -10.77
C CYS F 535 -26.92 -22.76 -11.49
N VAL F 536 -27.43 -21.77 -10.76
CA VAL F 536 -28.34 -20.77 -11.30
C VAL F 536 -27.91 -19.39 -10.83
N ASN F 537 -28.31 -18.37 -11.59
CA ASN F 537 -28.44 -17.03 -11.05
C ASN F 537 -29.75 -16.95 -10.28
N PHE F 538 -29.73 -16.30 -9.13
CA PHE F 538 -30.90 -16.20 -8.29
C PHE F 538 -31.11 -14.78 -7.82
N ASN F 539 -32.36 -14.47 -7.46
CA ASN F 539 -32.74 -13.17 -6.96
C ASN F 539 -33.83 -13.38 -5.91
N PHE F 540 -33.46 -13.26 -4.64
CA PHE F 540 -34.39 -13.42 -3.52
C PHE F 540 -34.62 -12.05 -2.91
N ASN F 541 -35.77 -11.44 -3.22
CA ASN F 541 -36.17 -10.14 -2.66
C ASN F 541 -35.14 -9.05 -2.95
N GLY F 542 -34.45 -9.14 -4.09
CA GLY F 542 -33.42 -8.19 -4.45
C GLY F 542 -32.01 -8.65 -4.18
N LEU F 543 -31.83 -9.65 -3.33
CA LEU F 543 -30.50 -10.22 -3.09
C LEU F 543 -30.15 -11.14 -4.25
N THR F 544 -29.17 -10.74 -5.04
CA THR F 544 -28.77 -11.47 -6.24
C THR F 544 -27.46 -12.23 -5.99
N GLY F 545 -27.25 -13.27 -6.77
CA GLY F 545 -26.03 -14.05 -6.67
C GLY F 545 -26.10 -15.23 -7.60
N THR F 546 -25.03 -16.02 -7.58
CA THR F 546 -24.95 -17.25 -8.35
C THR F 546 -24.55 -18.38 -7.43
N GLY F 547 -25.04 -19.57 -7.72
CA GLY F 547 -24.72 -20.72 -6.91
C GLY F 547 -25.77 -21.81 -7.04
N VAL F 548 -25.59 -22.84 -6.22
CA VAL F 548 -26.49 -23.99 -6.18
C VAL F 548 -27.35 -23.87 -4.93
N LEU F 549 -28.65 -24.09 -5.09
CA LEU F 549 -29.60 -24.01 -3.99
C LEU F 549 -30.00 -25.41 -3.55
N THR F 550 -29.84 -25.70 -2.27
CA THR F 550 -30.19 -27.01 -1.71
C THR F 550 -31.02 -26.80 -0.45
N GLU F 551 -31.78 -27.84 -0.09
CA GLU F 551 -32.62 -27.77 1.10
C GLU F 551 -31.74 -27.71 2.35
N SER F 552 -32.06 -26.77 3.23
CA SER F 552 -31.26 -26.50 4.41
C SER F 552 -31.93 -27.04 5.67
N ASN F 553 -31.12 -27.48 6.62
CA ASN F 553 -31.59 -27.83 7.94
C ASN F 553 -31.35 -26.72 8.95
N LYS F 554 -30.81 -25.58 8.52
CA LYS F 554 -30.66 -24.43 9.40
C LYS F 554 -32.01 -23.98 9.91
N LYS F 555 -32.08 -23.74 11.22
CA LYS F 555 -33.32 -23.36 11.88
C LYS F 555 -33.33 -21.83 12.02
N PHE F 556 -33.88 -21.17 11.01
CA PHE F 556 -34.05 -19.73 11.07
C PHE F 556 -35.13 -19.37 12.10
N LEU F 557 -34.91 -18.26 12.79
CA LEU F 557 -35.98 -17.66 13.58
C LEU F 557 -36.90 -16.89 12.64
N PRO F 558 -38.16 -16.69 13.04
CA PRO F 558 -39.14 -16.10 12.10
C PRO F 558 -38.77 -14.72 11.60
N PHE F 559 -37.95 -13.95 12.32
CA PHE F 559 -37.53 -12.64 11.85
C PHE F 559 -36.33 -12.69 10.92
N GLN F 560 -35.81 -13.88 10.62
CA GLN F 560 -34.59 -14.02 9.83
C GLN F 560 -34.95 -14.48 8.42
N GLN F 561 -34.47 -13.72 7.42
CA GLN F 561 -34.63 -14.06 6.02
C GLN F 561 -33.35 -14.58 5.38
N PHE F 562 -32.19 -14.14 5.84
CA PHE F 562 -30.92 -14.53 5.23
C PHE F 562 -29.96 -15.02 6.31
N GLY F 563 -29.03 -15.86 5.88
CA GLY F 563 -27.91 -16.27 6.72
C GLY F 563 -26.61 -15.87 6.09
N ARG F 564 -25.71 -15.33 6.91
CA ARG F 564 -24.43 -14.83 6.45
C ARG F 564 -23.29 -15.65 7.03
N ASP F 565 -22.22 -15.79 6.25
CA ASP F 565 -21.05 -16.55 6.65
C ASP F 565 -19.98 -15.59 7.20
N ILE F 566 -18.77 -16.12 7.38
CA ILE F 566 -17.69 -15.36 8.01
C ILE F 566 -17.34 -14.12 7.19
N ALA F 567 -17.36 -14.23 5.86
CA ALA F 567 -17.03 -13.10 5.00
C ALA F 567 -18.22 -12.19 4.72
N ASP F 568 -19.30 -12.33 5.51
CA ASP F 568 -20.52 -11.54 5.35
C ASP F 568 -21.18 -11.78 4.00
N THR F 569 -20.96 -12.95 3.40
CA THR F 569 -21.65 -13.35 2.18
C THR F 569 -22.83 -14.25 2.54
N THR F 570 -23.95 -14.04 1.85
CA THR F 570 -25.16 -14.79 2.13
C THR F 570 -24.99 -16.23 1.66
N ASP F 571 -25.06 -17.18 2.61
CA ASP F 571 -24.98 -18.59 2.30
C ASP F 571 -26.27 -19.33 2.66
N ALA F 572 -27.30 -18.63 3.09
CA ALA F 572 -28.59 -19.23 3.39
C ALA F 572 -29.68 -18.18 3.20
N VAL F 573 -30.82 -18.62 2.68
CA VAL F 573 -31.95 -17.72 2.41
C VAL F 573 -33.25 -18.46 2.66
N ARG F 574 -34.20 -17.75 3.26
CA ARG F 574 -35.57 -18.22 3.35
C ARG F 574 -36.31 -17.85 2.06
N ASP F 575 -37.02 -18.81 1.49
CA ASP F 575 -37.77 -18.54 0.27
C ASP F 575 -38.99 -17.69 0.62
N PRO F 576 -39.19 -16.53 -0.05
CA PRO F 576 -40.26 -15.62 0.38
C PRO F 576 -41.66 -16.11 0.11
N GLN F 577 -41.85 -17.22 -0.62
CA GLN F 577 -43.17 -17.75 -0.89
C GLN F 577 -43.44 -19.07 -0.18
N THR F 578 -42.51 -20.02 -0.24
CA THR F 578 -42.69 -21.29 0.46
C THR F 578 -42.25 -21.20 1.92
N LEU F 579 -41.46 -20.20 2.28
CA LEU F 579 -40.90 -20.01 3.62
C LEU F 579 -39.91 -21.10 4.01
N GLU F 580 -39.41 -21.85 3.04
CA GLU F 580 -38.41 -22.88 3.30
C GLU F 580 -37.02 -22.26 3.39
N ILE F 581 -36.13 -22.93 4.11
CA ILE F 581 -34.76 -22.47 4.29
C ILE F 581 -33.88 -23.15 3.25
N LEU F 582 -33.07 -22.36 2.55
CA LEU F 582 -32.24 -22.86 1.46
C LEU F 582 -30.78 -22.54 1.72
N ASP F 583 -29.91 -23.50 1.44
CA ASP F 583 -28.47 -23.27 1.47
C ASP F 583 -27.99 -22.81 0.10
N ILE F 584 -27.04 -21.87 0.09
CA ILE F 584 -26.39 -21.41 -1.12
C ILE F 584 -24.95 -21.89 -1.10
N THR F 585 -24.52 -22.53 -2.18
CA THR F 585 -23.16 -23.01 -2.36
C THR F 585 -22.65 -22.55 -3.72
N PRO F 586 -21.40 -22.09 -3.80
CA PRO F 586 -20.84 -21.70 -5.09
C PRO F 586 -20.85 -22.88 -6.05
N CYS F 587 -21.03 -22.57 -7.34
CA CYS F 587 -21.42 -23.57 -8.32
C CYS F 587 -20.43 -24.73 -8.45
N SER F 588 -19.27 -24.45 -9.05
CA SER F 588 -18.16 -25.40 -9.10
C SER F 588 -16.95 -24.71 -9.73
N PHE F 589 -15.76 -24.91 -9.15
CA PHE F 589 -14.58 -24.18 -9.61
C PHE F 589 -13.34 -24.96 -9.24
N GLY F 590 -12.18 -24.43 -9.63
CA GLY F 590 -10.91 -25.03 -9.31
C GLY F 590 -9.82 -24.50 -10.20
N GLY F 591 -8.59 -24.56 -9.69
CA GLY F 591 -7.44 -24.11 -10.45
C GLY F 591 -7.08 -25.07 -11.56
N VAL F 592 -6.51 -24.51 -12.63
CA VAL F 592 -6.05 -25.28 -13.78
C VAL F 592 -4.58 -24.97 -14.02
N SER F 593 -3.77 -26.01 -14.09
CA SER F 593 -2.36 -25.89 -14.44
C SER F 593 -2.11 -26.61 -15.75
N VAL F 594 -1.22 -26.04 -16.57
CA VAL F 594 -0.94 -26.56 -17.90
C VAL F 594 0.51 -27.03 -17.92
N ILE F 595 0.70 -28.32 -18.22
CA ILE F 595 2.02 -28.92 -18.23
C ILE F 595 2.51 -28.98 -19.67
N THR F 596 3.64 -28.34 -19.94
CA THR F 596 4.18 -28.29 -21.28
C THR F 596 5.66 -28.62 -21.27
N PRO F 597 6.14 -29.44 -22.20
CA PRO F 597 7.51 -29.28 -22.68
C PRO F 597 7.57 -27.97 -23.45
N GLY F 598 8.77 -27.42 -23.56
CA GLY F 598 8.91 -26.14 -24.25
C GLY F 598 8.26 -26.15 -25.62
N THR F 599 7.79 -24.97 -26.06
CA THR F 599 7.22 -24.89 -27.40
C THR F 599 8.26 -25.13 -28.49
N ASN F 600 9.55 -25.05 -28.15
CA ASN F 600 10.59 -25.51 -29.06
C ASN F 600 10.55 -27.02 -29.23
N THR F 601 9.89 -27.73 -28.30
CA THR F 601 9.83 -29.18 -28.38
C THR F 601 8.53 -29.67 -29.00
N SER F 602 7.39 -29.17 -28.49
CA SER F 602 6.11 -29.69 -28.91
C SER F 602 5.02 -28.71 -28.51
N ASN F 603 3.88 -28.82 -29.19
CA ASN F 603 2.66 -28.12 -28.80
C ASN F 603 1.74 -28.99 -27.96
N GLN F 604 2.16 -30.22 -27.65
CA GLN F 604 1.38 -31.08 -26.78
C GLN F 604 1.45 -30.58 -25.34
N VAL F 605 0.31 -30.61 -24.65
CA VAL F 605 0.23 -30.20 -23.27
C VAL F 605 -0.60 -31.21 -22.48
N ALA F 606 -0.44 -31.17 -21.16
CA ALA F 606 -1.28 -31.90 -20.22
C ALA F 606 -1.84 -30.89 -19.21
N VAL F 607 -3.01 -31.21 -18.67
CA VAL F 607 -3.75 -30.28 -17.82
C VAL F 607 -3.99 -30.93 -16.46
N LEU F 608 -3.70 -30.18 -15.41
CA LEU F 608 -3.94 -30.61 -14.04
C LEU F 608 -5.10 -29.82 -13.46
N TYR F 609 -6.11 -30.52 -12.96
CA TYR F 609 -7.25 -29.89 -12.28
C TYR F 609 -6.98 -29.99 -10.78
N GLN F 610 -6.47 -28.90 -10.20
CA GLN F 610 -5.87 -28.95 -8.88
C GLN F 610 -6.90 -29.22 -7.79
N GLY F 611 -6.56 -30.14 -6.89
CA GLY F 611 -7.39 -30.42 -5.73
C GLY F 611 -8.78 -30.90 -6.08
N VAL F 612 -8.94 -31.59 -7.21
CA VAL F 612 -10.25 -31.95 -7.73
C VAL F 612 -10.27 -33.43 -8.07
N ASN F 613 -11.32 -34.11 -7.62
CA ASN F 613 -11.55 -35.50 -7.99
C ASN F 613 -11.85 -35.61 -9.47
N CYS F 614 -11.40 -36.69 -10.09
CA CYS F 614 -11.55 -36.81 -11.55
C CYS F 614 -13.02 -36.87 -11.95
N THR F 615 -13.90 -37.30 -11.05
CA THR F 615 -15.33 -37.36 -11.36
C THR F 615 -15.96 -35.97 -11.35
N GLU F 616 -15.44 -35.05 -10.55
CA GLU F 616 -15.96 -33.69 -10.53
C GLU F 616 -15.26 -32.78 -11.54
N VAL F 617 -14.33 -33.32 -12.32
CA VAL F 617 -13.74 -32.55 -13.43
C VAL F 617 -14.87 -32.14 -14.37
N PRO F 618 -14.97 -30.88 -14.76
CA PRO F 618 -16.18 -30.42 -15.47
C PRO F 618 -16.34 -31.12 -16.81
N VAL F 619 -17.56 -31.58 -17.06
CA VAL F 619 -17.91 -32.29 -18.29
C VAL F 619 -19.06 -31.52 -18.92
N ALA F 620 -19.21 -30.26 -18.51
CA ALA F 620 -20.30 -29.41 -18.99
C ALA F 620 -20.25 -29.25 -20.49
N ILE F 621 -21.26 -29.78 -21.18
CA ILE F 621 -21.36 -29.64 -22.62
C ILE F 621 -21.67 -28.18 -22.98
N HIS F 622 -21.29 -27.80 -24.19
CA HIS F 622 -21.48 -26.45 -24.76
C HIS F 622 -20.55 -25.43 -24.11
N ALA F 623 -20.28 -24.34 -24.81
CA ALA F 623 -19.27 -23.37 -24.40
C ALA F 623 -19.80 -22.29 -23.47
N ASP F 624 -21.11 -22.26 -23.20
CA ASP F 624 -21.70 -21.25 -22.33
C ASP F 624 -21.94 -21.77 -20.92
N GLN F 625 -21.61 -23.03 -20.63
CA GLN F 625 -21.80 -23.60 -19.32
C GLN F 625 -20.50 -23.86 -18.57
N LEU F 626 -19.36 -23.49 -19.14
CA LEU F 626 -18.07 -23.75 -18.50
C LEU F 626 -17.00 -22.86 -19.11
N THR F 627 -16.40 -22.01 -18.29
CA THR F 627 -15.18 -21.32 -18.68
C THR F 627 -13.97 -22.00 -18.06
N PRO F 628 -12.81 -22.06 -18.74
CA PRO F 628 -12.52 -21.61 -20.11
C PRO F 628 -13.26 -22.45 -21.15
N THR F 629 -13.43 -21.92 -22.36
CA THR F 629 -14.27 -22.60 -23.35
C THR F 629 -13.55 -23.72 -24.09
N TRP F 630 -12.24 -23.85 -23.94
CA TRP F 630 -11.56 -24.99 -24.55
C TRP F 630 -11.83 -26.27 -23.75
N ARG F 631 -11.68 -27.40 -24.42
CA ARG F 631 -11.98 -28.70 -23.84
C ARG F 631 -10.86 -29.68 -24.13
N VAL F 632 -10.52 -30.49 -23.13
CA VAL F 632 -9.67 -31.66 -23.32
C VAL F 632 -10.49 -32.87 -22.89
N TYR F 633 -10.58 -33.87 -23.75
CA TYR F 633 -11.48 -35.00 -23.53
C TYR F 633 -10.89 -35.94 -22.48
N SER F 634 -11.70 -36.27 -21.48
CA SER F 634 -11.28 -37.23 -20.47
C SER F 634 -11.01 -38.60 -21.09
N THR F 635 -11.82 -38.99 -22.08
CA THR F 635 -11.53 -40.23 -22.79
C THR F 635 -10.40 -40.04 -23.80
N GLY F 636 -10.42 -38.92 -24.53
CA GLY F 636 -9.43 -38.71 -25.57
C GLY F 636 -8.01 -38.61 -25.03
N SER F 637 -7.83 -37.88 -23.94
CA SER F 637 -6.55 -37.77 -23.27
C SER F 637 -6.64 -38.56 -21.97
N ASN F 638 -5.60 -39.33 -21.66
CA ASN F 638 -5.64 -40.23 -20.50
C ASN F 638 -5.83 -39.46 -19.21
N VAL F 639 -6.51 -40.10 -18.26
CA VAL F 639 -6.89 -39.49 -17.00
C VAL F 639 -6.18 -40.21 -15.86
N PHE F 640 -5.52 -39.44 -14.99
CA PHE F 640 -4.84 -39.97 -13.82
C PHE F 640 -5.22 -39.13 -12.61
N GLN F 641 -5.54 -39.80 -11.51
CA GLN F 641 -5.89 -39.14 -10.26
C GLN F 641 -4.65 -39.05 -9.39
N THR F 642 -4.22 -37.84 -9.09
CA THR F 642 -3.18 -37.56 -8.11
C THR F 642 -3.84 -36.92 -6.90
N ARG F 643 -3.12 -36.91 -5.77
CA ARG F 643 -3.61 -36.17 -4.62
C ARG F 643 -3.49 -34.67 -4.82
N ALA F 644 -2.78 -34.23 -5.86
CA ALA F 644 -2.75 -32.83 -6.23
C ALA F 644 -3.88 -32.46 -7.18
N GLY F 645 -4.65 -33.43 -7.66
CA GLY F 645 -5.76 -33.16 -8.55
C GLY F 645 -5.79 -34.18 -9.68
N CYS F 646 -6.64 -33.89 -10.66
CA CYS F 646 -6.87 -34.79 -11.79
C CYS F 646 -6.02 -34.35 -12.97
N LEU F 647 -5.19 -35.26 -13.46
CA LEU F 647 -4.27 -35.01 -14.56
C LEU F 647 -4.86 -35.58 -15.84
N ILE F 648 -5.05 -34.73 -16.85
CA ILE F 648 -5.59 -35.13 -18.14
C ILE F 648 -4.58 -34.77 -19.22
N GLY F 649 -4.25 -35.75 -20.06
CA GLY F 649 -3.31 -35.54 -21.15
C GLY F 649 -1.96 -36.23 -20.98
N ALA F 650 -1.76 -36.97 -19.90
CA ALA F 650 -0.52 -37.69 -19.66
C ALA F 650 -0.84 -39.13 -19.32
N GLU F 651 0.02 -40.05 -19.77
CA GLU F 651 -0.13 -41.46 -19.44
C GLU F 651 0.73 -41.78 -18.22
N TYR F 652 0.12 -42.39 -17.21
CA TYR F 652 0.87 -42.83 -16.03
C TYR F 652 1.54 -44.16 -16.30
N VAL F 653 2.83 -44.24 -15.96
CA VAL F 653 3.65 -45.43 -16.17
C VAL F 653 4.13 -45.91 -14.80
N ASN F 654 4.16 -47.22 -14.58
CA ASN F 654 4.68 -47.75 -13.33
C ASN F 654 6.19 -47.61 -13.16
N ASN F 655 6.93 -47.13 -14.16
CA ASN F 655 8.35 -46.95 -13.95
C ASN F 655 8.62 -45.66 -13.16
N SER F 656 9.80 -45.60 -12.57
CA SER F 656 10.22 -44.46 -11.75
C SER F 656 11.42 -43.78 -12.39
N TYR F 657 11.34 -42.46 -12.54
CA TYR F 657 12.42 -41.65 -13.07
C TYR F 657 12.70 -40.50 -12.11
N GLU F 658 13.76 -39.75 -12.39
CA GLU F 658 14.00 -38.50 -11.68
C GLU F 658 12.98 -37.46 -12.12
N CYS F 659 12.62 -36.57 -11.19
CA CYS F 659 11.61 -35.57 -11.48
C CYS F 659 12.06 -34.65 -12.60
N ASP F 660 11.16 -34.42 -13.56
CA ASP F 660 11.41 -33.45 -14.63
C ASP F 660 10.48 -32.24 -14.50
N ILE F 661 9.17 -32.47 -14.52
CA ILE F 661 8.20 -31.42 -14.24
C ILE F 661 7.39 -31.85 -13.02
N PRO F 662 7.53 -31.17 -11.88
CA PRO F 662 6.81 -31.59 -10.68
C PRO F 662 5.32 -31.33 -10.80
N ILE F 663 4.53 -32.35 -10.49
CA ILE F 663 3.08 -32.20 -10.41
C ILE F 663 2.63 -31.96 -8.99
N GLY F 664 3.15 -32.74 -8.05
CA GLY F 664 2.79 -32.67 -6.65
C GLY F 664 2.46 -34.05 -6.10
N ALA F 665 2.65 -34.15 -4.78
CA ALA F 665 2.35 -35.38 -4.03
C ALA F 665 3.05 -36.59 -4.65
N GLY F 666 4.32 -36.42 -4.99
CA GLY F 666 5.15 -37.50 -5.47
C GLY F 666 5.07 -37.82 -6.95
N ILE F 667 4.33 -37.04 -7.73
CA ILE F 667 4.12 -37.31 -9.14
C ILE F 667 4.86 -36.26 -9.96
N CYS F 668 5.59 -36.72 -10.97
CA CYS F 668 6.27 -35.84 -11.92
C CYS F 668 5.89 -36.26 -13.34
N ALA F 669 6.12 -35.36 -14.28
CA ALA F 669 5.77 -35.58 -15.68
C ALA F 669 6.97 -35.30 -16.57
N SER F 670 7.00 -35.95 -17.73
CA SER F 670 8.08 -35.76 -18.69
C SER F 670 7.58 -36.03 -20.10
N TYR F 671 8.29 -35.48 -21.08
CA TYR F 671 8.04 -35.68 -22.50
C TYR F 671 9.03 -36.74 -22.99
N GLN F 672 8.55 -37.99 -23.08
CA GLN F 672 9.40 -39.12 -23.46
C GLN F 672 8.66 -40.01 -24.45
N THR F 673 9.40 -40.93 -25.06
CA THR F 673 8.80 -41.98 -25.87
C THR F 673 8.14 -43.04 -24.99
N SER F 686 7.48 -42.27 -31.27
CA SER F 686 6.31 -41.66 -30.65
C SER F 686 6.66 -41.05 -29.30
N GLN F 687 6.67 -39.72 -29.25
CA GLN F 687 6.93 -38.97 -28.03
C GLN F 687 5.64 -38.43 -27.45
N SER F 688 5.42 -38.64 -26.15
CA SER F 688 4.23 -38.18 -25.48
C SER F 688 4.59 -37.71 -24.09
N ILE F 689 3.61 -37.12 -23.41
CA ILE F 689 3.78 -36.71 -22.02
C ILE F 689 3.38 -37.87 -21.11
N ILE F 690 4.29 -38.25 -20.22
CA ILE F 690 4.04 -39.34 -19.28
C ILE F 690 4.02 -38.77 -17.87
N ALA F 691 3.34 -39.50 -16.97
CA ALA F 691 3.35 -39.20 -15.55
C ALA F 691 3.88 -40.41 -14.80
N TYR F 692 4.59 -40.16 -13.70
CA TYR F 692 5.22 -41.23 -12.96
C TYR F 692 5.43 -40.81 -11.52
N THR F 693 5.67 -41.79 -10.67
CA THR F 693 6.15 -41.53 -9.31
C THR F 693 7.65 -41.27 -9.38
N MET F 694 8.07 -40.14 -8.80
CA MET F 694 9.47 -39.74 -8.90
C MET F 694 10.36 -40.67 -8.08
N SER F 695 11.56 -40.93 -8.60
CA SER F 695 12.51 -41.82 -7.96
C SER F 695 13.40 -41.04 -6.99
N LEU F 696 13.61 -41.62 -5.80
CA LEU F 696 14.54 -41.04 -4.83
C LEU F 696 15.96 -41.52 -5.04
N GLY F 697 16.15 -42.52 -5.89
CA GLY F 697 17.46 -43.13 -6.06
C GLY F 697 17.36 -44.63 -5.97
N ALA F 698 18.47 -45.29 -6.29
CA ALA F 698 18.53 -46.74 -6.27
C ALA F 698 18.87 -47.24 -4.86
N GLU F 699 18.33 -48.40 -4.51
CA GLU F 699 18.60 -48.97 -3.19
C GLU F 699 20.02 -49.54 -3.14
N ASN F 700 20.58 -49.56 -1.94
CA ASN F 700 21.95 -50.03 -1.74
C ASN F 700 22.01 -50.70 -0.38
N LEU F 701 21.99 -52.04 -0.38
CA LEU F 701 22.16 -52.79 0.85
C LEU F 701 23.63 -52.77 1.26
N VAL F 702 23.92 -52.18 2.41
CA VAL F 702 25.28 -52.11 2.94
C VAL F 702 25.59 -53.43 3.62
N ALA F 703 26.72 -54.04 3.25
CA ALA F 703 27.10 -55.36 3.77
C ALA F 703 27.75 -55.19 5.14
N TYR F 704 26.93 -54.81 6.11
CA TYR F 704 27.38 -54.62 7.50
C TYR F 704 27.44 -55.96 8.21
N SER F 705 28.45 -56.12 9.07
CA SER F 705 28.53 -57.26 9.96
C SER F 705 29.39 -56.90 11.16
N ASN F 706 29.60 -57.88 12.05
CA ASN F 706 30.33 -57.64 13.28
C ASN F 706 31.82 -57.39 13.07
N ASN F 707 32.41 -57.90 11.99
CA ASN F 707 33.85 -57.84 11.82
C ASN F 707 34.27 -57.54 10.38
N SER F 708 33.41 -56.89 9.60
CA SER F 708 33.70 -56.59 8.21
C SER F 708 33.95 -55.09 8.06
N ILE F 709 34.98 -54.74 7.30
CA ILE F 709 35.29 -53.35 7.01
C ILE F 709 35.69 -53.22 5.55
N ALA F 710 35.29 -52.12 4.91
CA ALA F 710 35.69 -51.81 3.55
C ALA F 710 36.68 -50.64 3.59
N ILE F 711 37.81 -50.81 2.90
CA ILE F 711 38.89 -49.82 2.90
C ILE F 711 39.25 -49.51 1.46
N PRO F 712 39.26 -48.25 1.06
CA PRO F 712 39.62 -47.90 -0.33
C PRO F 712 41.08 -48.22 -0.63
N THR F 713 41.31 -48.68 -1.86
CA THR F 713 42.64 -48.97 -2.34
C THR F 713 43.17 -47.90 -3.29
N ASN F 714 42.35 -46.91 -3.62
CA ASN F 714 42.70 -45.90 -4.60
C ASN F 714 41.93 -44.64 -4.25
N PHE F 715 42.03 -43.61 -5.10
CA PHE F 715 41.35 -42.36 -4.87
C PHE F 715 41.06 -41.69 -6.20
N THR F 716 40.11 -40.76 -6.17
CA THR F 716 39.84 -39.89 -7.30
C THR F 716 39.96 -38.44 -6.84
N ILE F 717 40.74 -37.66 -7.58
CA ILE F 717 40.82 -36.23 -7.37
C ILE F 717 39.69 -35.60 -8.17
N SER F 718 38.75 -34.98 -7.47
CA SER F 718 37.56 -34.42 -8.09
C SER F 718 37.59 -32.90 -7.99
N VAL F 719 37.18 -32.24 -9.07
CA VAL F 719 37.06 -30.79 -9.11
C VAL F 719 35.61 -30.49 -9.51
N THR F 720 34.85 -29.91 -8.59
CA THR F 720 33.47 -29.54 -8.84
C THR F 720 33.28 -28.04 -8.69
N THR F 721 32.23 -27.55 -9.32
CA THR F 721 31.95 -26.12 -9.42
C THR F 721 30.82 -25.75 -8.45
N GLU F 722 30.95 -24.60 -7.80
CA GLU F 722 29.87 -24.03 -7.01
C GLU F 722 29.71 -22.56 -7.39
N ILE F 723 28.50 -22.19 -7.81
CA ILE F 723 28.20 -20.82 -8.24
C ILE F 723 27.40 -20.14 -7.14
N LEU F 724 27.82 -18.94 -6.76
CA LEU F 724 27.09 -18.19 -5.75
C LEU F 724 26.83 -16.75 -6.20
N PRO F 725 25.59 -16.29 -6.14
CA PRO F 725 25.34 -14.86 -6.34
C PRO F 725 26.03 -14.04 -5.25
N VAL F 726 26.56 -12.89 -5.66
CA VAL F 726 27.25 -11.98 -4.76
C VAL F 726 26.58 -10.60 -4.74
N SER F 727 26.23 -10.08 -5.91
CA SER F 727 25.66 -8.74 -6.03
C SER F 727 24.52 -8.79 -7.01
N MET F 728 23.73 -7.72 -7.03
CA MET F 728 22.63 -7.57 -7.96
C MET F 728 22.65 -6.15 -8.54
N THR F 729 21.79 -5.92 -9.53
CA THR F 729 21.79 -4.66 -10.24
C THR F 729 21.51 -3.49 -9.31
N LYS F 730 22.36 -2.48 -9.37
CA LYS F 730 22.13 -1.23 -8.63
C LYS F 730 21.19 -0.35 -9.43
N THR F 731 20.02 -0.06 -8.87
CA THR F 731 19.02 0.73 -9.58
C THR F 731 18.75 2.02 -8.81
N SER F 732 18.33 3.03 -9.57
CA SER F 732 17.93 4.32 -9.02
C SER F 732 16.65 4.75 -9.71
N VAL F 733 15.74 5.35 -8.94
CA VAL F 733 14.46 5.81 -9.45
C VAL F 733 14.33 7.29 -9.17
N ASP F 734 13.98 8.06 -10.20
CA ASP F 734 13.57 9.45 -10.03
C ASP F 734 12.07 9.42 -9.81
N CYS F 735 11.65 9.57 -8.54
CA CYS F 735 10.27 9.39 -8.16
C CYS F 735 9.35 10.35 -8.92
N THR F 736 9.73 11.62 -8.96
CA THR F 736 8.90 12.62 -9.63
C THR F 736 8.80 12.34 -11.13
N MET F 737 9.92 11.98 -11.77
CA MET F 737 9.87 11.71 -13.20
C MET F 737 9.01 10.49 -13.51
N TYR F 738 9.11 9.44 -12.68
CA TYR F 738 8.28 8.25 -12.90
C TYR F 738 6.81 8.57 -12.73
N ILE F 739 6.46 9.26 -11.64
CA ILE F 739 5.04 9.46 -11.33
C ILE F 739 4.45 10.57 -12.18
N CYS F 740 5.17 11.68 -12.33
CA CYS F 740 4.59 12.90 -12.88
C CYS F 740 5.18 13.31 -14.22
N GLY F 741 6.22 12.62 -14.69
CA GLY F 741 6.90 13.05 -15.90
C GLY F 741 7.48 14.44 -15.73
N ASP F 742 7.06 15.36 -16.59
CA ASP F 742 7.46 16.77 -16.48
C ASP F 742 6.29 17.69 -16.17
N SER F 743 5.19 17.16 -15.64
CA SER F 743 4.02 17.96 -15.33
C SER F 743 4.19 18.64 -13.98
N THR F 744 4.10 19.97 -13.97
CA THR F 744 4.21 20.71 -12.72
C THR F 744 2.96 20.54 -11.85
N GLU F 745 1.79 20.43 -12.47
CA GLU F 745 0.56 20.18 -11.71
C GLU F 745 0.69 18.90 -10.91
N CYS F 746 1.16 17.83 -11.56
CA CYS F 746 1.32 16.55 -10.87
C CYS F 746 2.37 16.63 -9.77
N SER F 747 3.48 17.33 -10.02
CA SER F 747 4.52 17.43 -9.00
C SER F 747 4.03 18.19 -7.77
N ASN F 748 3.29 19.28 -7.99
CA ASN F 748 2.70 20.00 -6.87
C ASN F 748 1.72 19.12 -6.10
N LEU F 749 0.92 18.33 -6.82
CA LEU F 749 0.04 17.39 -6.13
C LEU F 749 0.83 16.33 -5.36
N LEU F 750 1.96 15.88 -5.92
CA LEU F 750 2.77 14.84 -5.29
C LEU F 750 3.44 15.33 -4.02
N LEU F 751 3.77 16.62 -3.94
CA LEU F 751 4.37 17.15 -2.72
C LEU F 751 3.49 16.92 -1.50
N GLN F 752 2.18 16.79 -1.69
CA GLN F 752 1.23 16.61 -0.59
C GLN F 752 1.33 15.25 0.08
N TYR F 753 2.06 14.31 -0.48
CA TYR F 753 2.14 12.96 0.06
C TYR F 753 3.33 12.77 0.98
N GLY F 754 4.08 13.82 1.26
CA GLY F 754 5.11 13.76 2.28
C GLY F 754 6.37 13.12 1.77
N SER F 755 6.88 12.15 2.52
CA SER F 755 8.23 11.64 2.36
C SER F 755 8.27 10.23 1.75
N PHE F 756 7.17 9.78 1.14
CA PHE F 756 7.18 8.44 0.55
C PHE F 756 8.27 8.32 -0.52
N CYS F 757 8.39 9.33 -1.38
CA CYS F 757 9.40 9.28 -2.44
C CYS F 757 10.81 9.31 -1.86
N THR F 758 11.06 10.16 -0.87
CA THR F 758 12.40 10.26 -0.32
C THR F 758 12.81 9.00 0.42
N GLN F 759 11.87 8.34 1.10
CA GLN F 759 12.24 7.09 1.76
C GLN F 759 12.35 5.91 0.78
N LEU F 760 11.58 5.92 -0.32
CA LEU F 760 11.86 4.96 -1.39
C LEU F 760 13.26 5.15 -1.93
N LYS F 761 13.66 6.40 -2.18
CA LYS F 761 14.99 6.71 -2.68
C LYS F 761 16.06 6.29 -1.68
N ARG F 762 15.82 6.52 -0.39
CA ARG F 762 16.76 6.10 0.64
C ARG F 762 16.94 4.59 0.66
N ALA F 763 15.82 3.85 0.53
CA ALA F 763 15.93 2.39 0.50
C ALA F 763 16.73 1.90 -0.69
N LEU F 764 16.45 2.46 -1.87
CA LEU F 764 17.19 2.02 -3.06
C LEU F 764 18.67 2.39 -2.97
N THR F 765 18.99 3.56 -2.42
CA THR F 765 20.39 3.93 -2.22
C THR F 765 21.08 2.97 -1.25
N GLY F 766 20.38 2.57 -0.18
CA GLY F 766 20.94 1.59 0.73
C GLY F 766 21.26 0.28 0.03
N ILE F 767 20.34 -0.20 -0.81
CA ILE F 767 20.59 -1.44 -1.56
C ILE F 767 21.80 -1.28 -2.47
N ALA F 768 21.89 -0.13 -3.15
CA ALA F 768 23.00 0.10 -4.07
C ALA F 768 24.33 0.08 -3.35
N VAL F 769 24.40 0.69 -2.16
CA VAL F 769 25.64 0.68 -1.39
C VAL F 769 25.95 -0.75 -0.91
N GLU F 770 24.91 -1.48 -0.51
CA GLU F 770 25.11 -2.83 -0.02
C GLU F 770 25.69 -3.75 -1.10
N GLN F 771 25.35 -3.51 -2.36
CA GLN F 771 25.89 -4.37 -3.42
C GLN F 771 27.41 -4.26 -3.50
N ASP F 772 27.93 -3.03 -3.49
CA ASP F 772 29.38 -2.83 -3.49
C ASP F 772 30.01 -3.40 -2.22
N LYS F 773 29.33 -3.27 -1.09
CA LYS F 773 29.86 -3.85 0.14
C LYS F 773 29.93 -5.38 0.04
N ASN F 774 28.93 -6.00 -0.60
CA ASN F 774 28.96 -7.44 -0.84
C ASN F 774 30.17 -7.84 -1.66
N THR F 775 30.39 -7.14 -2.77
CA THR F 775 31.53 -7.48 -3.62
C THR F 775 32.85 -7.32 -2.89
N GLN F 776 33.01 -6.23 -2.12
CA GLN F 776 34.23 -6.03 -1.37
C GLN F 776 34.43 -7.14 -0.34
N GLU F 777 33.36 -7.54 0.35
CA GLU F 777 33.48 -8.58 1.36
C GLU F 777 33.86 -9.93 0.76
N VAL F 778 33.37 -10.22 -0.44
CA VAL F 778 33.74 -11.50 -1.06
C VAL F 778 35.16 -11.47 -1.58
N PHE F 779 35.54 -10.42 -2.32
CA PHE F 779 36.76 -10.48 -3.11
C PHE F 779 37.95 -9.77 -2.49
N ALA F 780 37.75 -8.74 -1.69
CA ALA F 780 38.87 -8.03 -1.09
C ALA F 780 39.30 -8.68 0.21
N GLN F 781 39.63 -9.97 0.16
CA GLN F 781 40.07 -10.72 1.32
C GLN F 781 41.58 -10.95 1.32
N VAL F 782 42.33 -10.16 0.57
CA VAL F 782 43.76 -10.30 0.43
C VAL F 782 44.41 -8.97 0.76
N LYS F 783 45.46 -9.00 1.59
CA LYS F 783 46.08 -7.77 2.04
C LYS F 783 47.11 -7.24 1.04
N GLN F 784 47.43 -8.02 0.01
CA GLN F 784 48.35 -7.61 -1.02
C GLN F 784 47.97 -8.28 -2.33
N ILE F 785 48.30 -7.63 -3.45
CA ILE F 785 48.03 -8.22 -4.76
C ILE F 785 49.17 -9.18 -5.08
N TYR F 786 48.99 -10.45 -4.72
CA TYR F 786 50.06 -11.42 -4.88
C TYR F 786 50.23 -11.79 -6.36
N LYS F 787 51.45 -12.18 -6.71
CA LYS F 787 51.78 -12.56 -8.08
C LYS F 787 52.73 -13.74 -8.07
N THR F 788 52.58 -14.59 -9.05
CA THR F 788 53.51 -15.71 -9.19
C THR F 788 54.72 -15.29 -9.99
N PRO F 789 55.86 -15.98 -9.81
CA PRO F 789 57.00 -15.76 -10.70
C PRO F 789 56.71 -16.30 -12.09
N PRO F 790 57.51 -15.92 -13.09
CA PRO F 790 57.27 -16.45 -14.44
C PRO F 790 57.42 -17.96 -14.55
N ILE F 791 58.14 -18.59 -13.61
CA ILE F 791 58.27 -20.04 -13.63
C ILE F 791 56.95 -20.66 -13.21
N LYS F 792 56.30 -21.36 -14.13
CA LYS F 792 54.92 -21.83 -13.97
C LYS F 792 54.84 -23.34 -13.81
N TYR F 793 55.78 -23.93 -13.06
CA TYR F 793 55.73 -25.35 -12.74
C TYR F 793 55.35 -25.52 -11.28
N PHE F 794 54.26 -26.25 -11.04
CA PHE F 794 53.80 -26.56 -9.68
C PHE F 794 53.58 -28.06 -9.61
N GLY F 795 54.65 -28.81 -9.35
CA GLY F 795 54.59 -30.24 -9.18
C GLY F 795 53.89 -31.02 -10.29
N GLY F 796 53.76 -30.41 -11.46
CA GLY F 796 53.02 -30.99 -12.55
C GLY F 796 51.56 -30.62 -12.62
N PHE F 797 51.08 -29.80 -11.67
CA PHE F 797 49.69 -29.34 -11.69
C PHE F 797 49.56 -28.15 -12.63
N ASN F 798 48.59 -28.22 -13.53
CA ASN F 798 48.41 -27.23 -14.59
C ASN F 798 47.34 -26.22 -14.16
N PHE F 799 47.77 -24.98 -13.89
CA PHE F 799 46.87 -23.91 -13.50
C PHE F 799 46.65 -22.90 -14.62
N SER F 800 47.01 -23.24 -15.86
CA SER F 800 47.02 -22.25 -16.94
C SER F 800 45.62 -21.73 -17.25
N GLN F 801 44.61 -22.60 -17.17
CA GLN F 801 43.25 -22.21 -17.54
C GLN F 801 42.56 -21.38 -16.46
N ILE F 802 43.12 -21.27 -15.27
CA ILE F 802 42.55 -20.41 -14.24
C ILE F 802 43.46 -19.26 -13.85
N LEU F 803 44.73 -19.27 -14.27
CA LEU F 803 45.61 -18.13 -14.09
C LEU F 803 45.29 -17.05 -15.12
N PRO F 804 45.67 -15.80 -14.84
CA PRO F 804 45.31 -14.71 -15.76
C PRO F 804 45.88 -14.92 -17.15
N ASP F 805 45.15 -14.43 -18.15
CA ASP F 805 45.65 -14.39 -19.51
C ASP F 805 46.13 -12.98 -19.80
N PRO F 806 47.45 -12.73 -19.89
CA PRO F 806 47.92 -11.37 -20.17
C PRO F 806 47.54 -10.89 -21.57
N SER F 807 47.15 -11.78 -22.47
CA SER F 807 46.86 -11.39 -23.85
C SER F 807 45.68 -10.44 -23.93
N LYS F 808 44.62 -10.72 -23.18
CA LYS F 808 43.39 -9.94 -23.31
C LYS F 808 43.43 -8.69 -22.43
N PRO F 809 42.69 -7.64 -22.80
CA PRO F 809 42.70 -6.41 -21.99
C PRO F 809 42.23 -6.61 -20.57
N SER F 810 41.24 -7.47 -20.35
CA SER F 810 40.71 -7.67 -19.00
C SER F 810 41.66 -8.47 -18.13
N LYS F 811 42.61 -9.18 -18.75
CA LYS F 811 43.54 -10.06 -18.04
C LYS F 811 42.80 -11.13 -17.23
N ARG F 812 41.60 -11.48 -17.69
CA ARG F 812 40.83 -12.57 -17.11
C ARG F 812 41.45 -13.91 -17.49
N SER F 813 41.20 -14.91 -16.65
CA SER F 813 41.58 -16.26 -16.99
C SER F 813 40.68 -16.81 -18.09
N PHE F 814 41.10 -17.93 -18.68
CA PHE F 814 40.34 -18.57 -19.75
C PHE F 814 38.96 -19.00 -19.27
N ILE F 815 38.91 -19.66 -18.11
CA ILE F 815 37.64 -20.08 -17.55
C ILE F 815 36.80 -18.87 -17.13
N GLU F 816 37.45 -17.83 -16.63
CA GLU F 816 36.73 -16.60 -16.32
C GLU F 816 36.17 -15.96 -17.58
N ASP F 817 36.86 -16.10 -18.71
CA ASP F 817 36.29 -15.67 -19.99
C ASP F 817 35.02 -16.44 -20.32
N LEU F 818 35.06 -17.77 -20.18
CA LEU F 818 33.86 -18.56 -20.45
C LEU F 818 32.70 -18.12 -19.56
N LEU F 819 32.96 -17.94 -18.27
CA LEU F 819 31.93 -17.50 -17.35
C LEU F 819 31.40 -16.12 -17.73
N PHE F 820 32.29 -15.20 -18.09
CA PHE F 820 31.88 -13.86 -18.52
C PHE F 820 30.97 -13.92 -19.73
N ASN F 821 31.26 -14.80 -20.69
CA ASN F 821 30.42 -14.93 -21.88
C ASN F 821 29.16 -15.74 -21.62
N LYS F 822 29.03 -16.37 -20.46
CA LYS F 822 27.81 -17.12 -20.16
C LYS F 822 26.71 -16.31 -19.51
N VAL F 823 27.00 -15.14 -18.95
CA VAL F 823 26.00 -14.31 -18.30
C VAL F 823 25.84 -13.04 -19.13
N THR F 824 24.61 -12.79 -19.58
CA THR F 824 24.30 -11.66 -20.44
C THR F 824 23.60 -10.58 -19.62
N LEU F 825 24.23 -9.42 -19.48
CA LEU F 825 23.69 -8.32 -18.70
C LEU F 825 22.64 -7.57 -19.49
N ALA F 826 21.55 -7.21 -18.81
CA ALA F 826 20.56 -6.33 -19.43
C ALA F 826 21.07 -4.90 -19.51
N ASP F 827 21.77 -4.45 -18.47
CA ASP F 827 22.26 -3.08 -18.40
C ASP F 827 23.48 -3.06 -17.49
N ALA F 828 24.64 -2.70 -18.05
CA ALA F 828 25.88 -2.63 -17.30
C ALA F 828 26.00 -1.37 -16.46
N GLY F 829 25.16 -0.37 -16.68
CA GLY F 829 25.24 0.86 -15.93
C GLY F 829 26.26 1.85 -16.44
N PHE F 830 26.70 1.72 -17.68
CA PHE F 830 27.73 2.58 -18.24
C PHE F 830 27.10 3.71 -19.05
N ILE F 831 27.95 4.45 -19.76
CA ILE F 831 27.50 5.66 -20.44
C ILE F 831 26.62 5.32 -21.63
N LYS F 832 25.46 5.96 -21.70
CA LYS F 832 24.55 5.83 -22.83
C LYS F 832 24.36 7.23 -23.43
N GLN F 833 25.05 7.49 -24.53
CA GLN F 833 24.95 8.78 -25.20
C GLN F 833 23.60 8.92 -25.89
N TYR F 834 23.24 10.15 -26.21
CA TYR F 834 22.03 10.39 -26.99
C TYR F 834 22.21 9.76 -28.37
N GLY F 835 21.09 9.43 -29.01
CA GLY F 835 21.08 8.76 -30.29
C GLY F 835 20.85 7.28 -30.19
N ASP F 836 21.20 6.68 -29.05
CA ASP F 836 20.76 5.32 -28.77
C ASP F 836 19.27 5.27 -28.47
N CYS F 837 18.67 6.40 -28.13
CA CYS F 837 17.28 6.48 -27.70
C CYS F 837 16.52 7.51 -28.54
N LEU F 838 17.01 7.81 -29.74
CA LEU F 838 16.36 8.76 -30.61
C LEU F 838 15.87 8.05 -31.87
N GLY F 839 14.72 8.52 -32.36
CA GLY F 839 14.21 8.00 -33.63
C GLY F 839 13.67 6.59 -33.50
N ASP F 840 14.16 5.71 -34.37
CA ASP F 840 13.63 4.35 -34.50
C ASP F 840 14.41 3.32 -33.71
N ILE F 841 15.40 3.74 -32.92
CA ILE F 841 16.18 2.77 -32.14
C ILE F 841 15.60 2.61 -30.74
N ALA F 842 14.85 3.61 -30.25
CA ALA F 842 14.38 3.59 -28.87
C ALA F 842 13.33 2.50 -28.66
N ALA F 843 12.41 2.34 -29.60
CA ALA F 843 11.33 1.38 -29.42
C ALA F 843 11.85 -0.05 -29.30
N ARG F 844 12.88 -0.38 -30.08
CA ARG F 844 13.49 -1.70 -30.05
C ARG F 844 14.37 -1.92 -28.83
N ASP F 845 14.30 -1.04 -27.83
CA ASP F 845 15.14 -1.13 -26.63
C ASP F 845 14.31 -0.72 -25.42
N LEU F 846 14.15 -1.63 -24.47
CA LEU F 846 13.36 -1.33 -23.28
C LEU F 846 14.12 -0.42 -22.33
N ILE F 847 15.45 -0.40 -22.44
CA ILE F 847 16.27 0.46 -21.59
C ILE F 847 15.94 1.92 -21.83
N CYS F 848 15.64 2.28 -23.09
CA CYS F 848 15.29 3.67 -23.38
C CYS F 848 13.99 4.07 -22.70
N ALA F 849 12.98 3.20 -22.71
CA ALA F 849 11.74 3.51 -22.00
C ALA F 849 11.99 3.64 -20.51
N GLN F 850 12.79 2.73 -19.94
CA GLN F 850 13.14 2.83 -18.53
C GLN F 850 13.80 4.16 -18.21
N LYS F 851 14.81 4.54 -19.00
CA LYS F 851 15.53 5.78 -18.75
C LYS F 851 14.61 6.99 -18.91
N PHE F 852 13.77 7.00 -19.95
CA PHE F 852 12.83 8.09 -20.16
C PHE F 852 11.83 8.21 -19.03
N ASN F 853 11.53 7.13 -18.31
CA ASN F 853 10.59 7.18 -17.21
C ASN F 853 11.30 7.18 -15.85
N GLY F 854 12.56 7.61 -15.81
CA GLY F 854 13.25 7.86 -14.57
C GLY F 854 13.85 6.66 -13.87
N LEU F 855 14.11 5.57 -14.58
CA LEU F 855 14.69 4.37 -13.99
C LEU F 855 16.06 4.14 -14.60
N THR F 856 17.09 4.10 -13.75
CA THR F 856 18.47 3.98 -14.22
C THR F 856 19.19 2.87 -13.47
N VAL F 857 20.24 2.35 -14.10
CA VAL F 857 21.13 1.35 -13.51
C VAL F 857 22.46 2.03 -13.20
N LEU F 858 22.96 1.81 -11.99
CA LEU F 858 24.24 2.39 -11.59
C LEU F 858 25.35 1.36 -11.70
N PRO F 859 26.54 1.77 -12.17
CA PRO F 859 27.63 0.80 -12.34
C PRO F 859 28.20 0.39 -10.99
N PRO F 860 28.69 -0.84 -10.87
CA PRO F 860 29.38 -1.26 -9.65
C PRO F 860 30.66 -0.45 -9.45
N LEU F 861 31.00 -0.25 -8.17
CA LEU F 861 32.22 0.46 -7.79
C LEU F 861 33.46 -0.27 -8.32
N LEU F 862 33.52 -1.58 -8.12
CA LEU F 862 34.63 -2.36 -8.62
C LEU F 862 34.34 -2.81 -10.04
N THR F 863 35.27 -2.54 -10.96
CA THR F 863 35.13 -2.99 -12.33
C THR F 863 35.43 -4.49 -12.41
N ASP F 864 35.09 -5.09 -13.55
CA ASP F 864 35.37 -6.50 -13.76
C ASP F 864 36.88 -6.76 -13.73
N GLU F 865 37.67 -5.82 -14.24
CA GLU F 865 39.12 -5.96 -14.20
C GLU F 865 39.63 -5.98 -12.77
N MET F 866 39.08 -5.13 -11.91
CA MET F 866 39.51 -5.10 -10.51
C MET F 866 39.15 -6.40 -9.78
N ILE F 867 37.95 -6.93 -10.04
CA ILE F 867 37.55 -8.19 -9.42
C ILE F 867 38.42 -9.33 -9.92
N ALA F 868 38.78 -9.32 -11.21
CA ALA F 868 39.70 -10.32 -11.73
C ALA F 868 41.08 -10.18 -11.09
N GLN F 869 41.51 -8.95 -10.83
CA GLN F 869 42.77 -8.73 -10.10
C GLN F 869 42.71 -9.36 -8.72
N TYR F 870 41.58 -9.17 -8.02
CA TYR F 870 41.42 -9.77 -6.70
C TYR F 870 41.48 -11.30 -6.77
N THR F 871 40.77 -11.89 -7.73
CA THR F 871 40.77 -13.35 -7.84
C THR F 871 42.14 -13.89 -8.21
N SER F 872 42.87 -13.18 -9.08
CA SER F 872 44.21 -13.62 -9.43
C SER F 872 45.16 -13.51 -8.25
N ALA F 873 45.01 -12.47 -7.43
CA ALA F 873 45.82 -12.36 -6.21
C ALA F 873 45.52 -13.51 -5.25
N LEU F 874 44.23 -13.83 -5.07
CA LEU F 874 43.87 -14.96 -4.22
C LEU F 874 44.46 -16.26 -4.74
N LEU F 875 44.38 -16.48 -6.05
CA LEU F 875 44.89 -17.69 -6.67
C LEU F 875 46.40 -17.80 -6.51
N ALA F 876 47.12 -16.70 -6.75
CA ALA F 876 48.57 -16.71 -6.58
C ALA F 876 48.96 -17.00 -5.15
N GLY F 877 48.29 -16.36 -4.19
CA GLY F 877 48.55 -16.65 -2.79
C GLY F 877 48.33 -18.11 -2.46
N THR F 878 47.22 -18.69 -2.94
CA THR F 878 46.94 -20.09 -2.64
C THR F 878 47.98 -21.01 -3.25
N ILE F 879 48.34 -20.83 -4.52
CA ILE F 879 49.22 -21.80 -5.16
C ILE F 879 50.69 -21.58 -4.84
N THR F 880 51.05 -20.45 -4.24
CA THR F 880 52.45 -20.28 -3.85
C THR F 880 52.69 -20.41 -2.36
N SER F 881 51.69 -20.16 -1.51
CA SER F 881 51.91 -20.15 -0.07
C SER F 881 50.91 -20.99 0.71
N GLY F 882 50.04 -21.73 0.03
CA GLY F 882 49.06 -22.53 0.74
C GLY F 882 48.08 -21.66 1.50
N TRP F 883 47.95 -21.92 2.80
CA TRP F 883 47.05 -21.16 3.65
C TRP F 883 47.77 -20.13 4.51
N THR F 884 49.08 -19.94 4.33
CA THR F 884 49.81 -19.03 5.19
C THR F 884 49.45 -17.56 4.94
N PHE F 885 49.12 -17.20 3.69
CA PHE F 885 48.77 -15.82 3.40
C PHE F 885 47.43 -15.41 3.99
N GLY F 886 46.58 -16.37 4.35
CA GLY F 886 45.35 -16.03 5.04
C GLY F 886 45.55 -15.71 6.51
N ALA F 887 46.66 -16.15 7.10
CA ALA F 887 46.92 -15.93 8.51
C ALA F 887 47.93 -14.81 8.75
N GLY F 888 48.77 -14.52 7.77
CA GLY F 888 49.78 -13.48 7.90
C GLY F 888 50.51 -13.27 6.60
N ALA F 889 51.83 -13.12 6.68
CA ALA F 889 52.62 -13.01 5.47
C ALA F 889 52.59 -14.31 4.67
N ALA F 890 52.57 -14.18 3.36
CA ALA F 890 52.62 -15.36 2.50
C ALA F 890 53.97 -16.04 2.63
N LEU F 891 53.95 -17.33 2.95
CA LEU F 891 55.15 -18.12 3.16
C LEU F 891 55.23 -19.13 2.03
N GLN F 892 56.20 -18.94 1.12
CA GLN F 892 56.28 -19.81 -0.04
C GLN F 892 56.62 -21.25 0.38
N ILE F 893 56.08 -22.19 -0.37
CA ILE F 893 56.28 -23.61 -0.15
C ILE F 893 56.09 -24.30 -1.49
N PRO F 894 56.88 -25.31 -1.84
CA PRO F 894 56.65 -26.03 -3.10
C PRO F 894 55.27 -26.66 -3.11
N PHE F 895 54.65 -26.68 -4.29
CA PHE F 895 53.25 -27.05 -4.38
C PHE F 895 53.00 -28.51 -3.98
N ALA F 896 53.90 -29.42 -4.35
CA ALA F 896 53.74 -30.81 -3.94
C ALA F 896 53.79 -30.96 -2.43
N MET F 897 54.67 -30.19 -1.76
CA MET F 897 54.74 -30.21 -0.31
C MET F 897 53.46 -29.68 0.32
N GLN F 898 52.89 -28.62 -0.26
CA GLN F 898 51.61 -28.11 0.21
C GLN F 898 50.51 -29.16 0.05
N MET F 899 50.52 -29.87 -1.08
CA MET F 899 49.53 -30.92 -1.30
C MET F 899 49.70 -32.05 -0.30
N ALA F 900 50.94 -32.36 0.07
CA ALA F 900 51.18 -33.33 1.14
C ALA F 900 50.61 -32.83 2.46
N TYR F 901 50.76 -31.54 2.75
CA TYR F 901 50.11 -30.95 3.93
C TYR F 901 48.60 -31.19 3.90
N ARG F 902 47.97 -30.95 2.74
CA ARG F 902 46.52 -31.15 2.63
C ARG F 902 46.16 -32.62 2.84
N PHE F 903 46.91 -33.53 2.22
CA PHE F 903 46.67 -34.96 2.40
C PHE F 903 46.74 -35.34 3.87
N ASN F 904 47.73 -34.81 4.59
CA ASN F 904 47.74 -34.95 6.04
C ASN F 904 46.47 -34.38 6.66
N GLY F 905 45.99 -33.26 6.13
CA GLY F 905 44.80 -32.63 6.67
C GLY F 905 43.54 -33.47 6.55
N ILE F 906 43.51 -34.41 5.61
CA ILE F 906 42.37 -35.30 5.48
C ILE F 906 42.69 -36.71 6.02
N GLY F 907 43.74 -36.85 6.82
CA GLY F 907 44.04 -38.14 7.42
C GLY F 907 44.69 -39.15 6.50
N VAL F 908 45.40 -38.70 5.47
CA VAL F 908 46.17 -39.58 4.60
C VAL F 908 47.63 -39.21 4.75
N THR F 909 48.49 -40.22 4.91
CA THR F 909 49.91 -39.94 5.07
C THR F 909 50.49 -39.33 3.81
N GLN F 910 51.51 -38.49 3.98
CA GLN F 910 52.04 -37.69 2.87
C GLN F 910 52.77 -38.55 1.84
N ASN F 911 53.26 -39.73 2.22
CA ASN F 911 53.89 -40.61 1.25
C ASN F 911 52.91 -41.07 0.18
N VAL F 912 51.60 -41.12 0.51
CA VAL F 912 50.60 -41.44 -0.49
C VAL F 912 50.56 -40.34 -1.56
N LEU F 913 50.66 -39.08 -1.13
CA LEU F 913 50.75 -37.99 -2.09
C LEU F 913 52.02 -38.10 -2.94
N TYR F 914 53.17 -38.28 -2.28
CA TYR F 914 54.43 -38.23 -3.01
C TYR F 914 54.58 -39.39 -3.98
N GLU F 915 54.13 -40.58 -3.59
CA GLU F 915 54.31 -41.76 -4.42
C GLU F 915 53.30 -41.84 -5.58
N ASN F 916 52.23 -41.05 -5.54
CA ASN F 916 51.26 -40.99 -6.62
C ASN F 916 51.17 -39.58 -7.19
N GLN F 917 52.26 -38.82 -7.12
CA GLN F 917 52.19 -37.39 -7.43
C GLN F 917 51.81 -37.14 -8.88
N LYS F 918 52.38 -37.90 -9.81
CA LYS F 918 52.04 -37.71 -11.21
C LYS F 918 50.60 -38.16 -11.50
N LEU F 919 50.17 -39.26 -10.89
CA LEU F 919 48.77 -39.68 -11.02
C LEU F 919 47.83 -38.60 -10.50
N ILE F 920 48.13 -38.03 -9.33
CA ILE F 920 47.27 -37.03 -8.72
C ILE F 920 47.23 -35.77 -9.59
N ALA F 921 48.39 -35.33 -10.08
CA ALA F 921 48.45 -34.17 -10.95
C ALA F 921 47.67 -34.40 -12.24
N ASN F 922 47.79 -35.59 -12.81
CA ASN F 922 47.05 -35.89 -14.05
C ASN F 922 45.55 -35.92 -13.80
N GLN F 923 45.12 -36.48 -12.67
CA GLN F 923 43.68 -36.46 -12.35
C GLN F 923 43.18 -35.03 -12.19
N PHE F 924 43.95 -34.17 -11.52
CA PHE F 924 43.57 -32.77 -11.40
C PHE F 924 43.49 -32.10 -12.77
N ASN F 925 44.48 -32.35 -13.63
CA ASN F 925 44.48 -31.73 -14.95
C ASN F 925 43.28 -32.17 -15.77
N SER F 926 42.94 -33.46 -15.70
CA SER F 926 41.76 -33.97 -16.41
C SER F 926 40.48 -33.36 -15.86
N ALA F 927 40.38 -33.21 -14.54
CA ALA F 927 39.18 -32.62 -13.95
C ALA F 927 39.01 -31.16 -14.38
N ILE F 928 40.12 -30.40 -14.39
CA ILE F 928 40.06 -29.03 -14.87
C ILE F 928 39.65 -28.99 -16.34
N GLY F 929 40.19 -29.91 -17.15
CA GLY F 929 39.78 -29.98 -18.54
C GLY F 929 38.31 -30.28 -18.71
N LYS F 930 37.76 -31.15 -17.86
CA LYS F 930 36.33 -31.43 -17.91
C LYS F 930 35.51 -30.19 -17.54
N ILE F 931 35.97 -29.44 -16.54
CA ILE F 931 35.29 -28.18 -16.21
C ILE F 931 35.26 -27.27 -17.43
N GLN F 932 36.40 -27.13 -18.10
CA GLN F 932 36.49 -26.25 -19.27
C GLN F 932 35.56 -26.74 -20.39
N ASP F 933 35.57 -28.05 -20.66
CA ASP F 933 34.73 -28.59 -21.72
C ASP F 933 33.24 -28.43 -21.39
N SER F 934 32.86 -28.70 -20.14
CA SER F 934 31.46 -28.54 -19.74
C SER F 934 31.01 -27.10 -19.91
N LEU F 935 31.85 -26.14 -19.53
CA LEU F 935 31.51 -24.75 -19.79
C LEU F 935 31.39 -24.48 -21.29
N SER F 936 32.33 -24.96 -22.09
CA SER F 936 32.25 -24.75 -23.53
C SER F 936 31.04 -25.44 -24.17
N SER F 937 30.42 -26.40 -23.49
CA SER F 937 29.27 -27.09 -24.05
C SER F 937 27.94 -26.55 -23.54
N THR F 938 27.75 -26.54 -22.22
CA THR F 938 26.48 -26.14 -21.62
C THR F 938 26.39 -24.62 -21.57
N ALA F 939 25.27 -24.07 -22.07
CA ALA F 939 25.08 -22.63 -22.18
C ALA F 939 24.26 -22.04 -21.05
N SER F 940 23.67 -22.88 -20.18
CA SER F 940 22.88 -22.39 -19.05
C SER F 940 23.45 -22.87 -17.71
N ALA F 941 24.76 -23.14 -17.66
CA ALA F 941 25.38 -23.62 -16.43
C ALA F 941 25.27 -22.58 -15.32
N LEU F 942 25.50 -21.31 -15.64
CA LEU F 942 25.41 -20.22 -14.67
C LEU F 942 23.99 -19.67 -14.56
N GLY F 943 23.04 -20.58 -14.29
CA GLY F 943 21.64 -20.18 -14.24
C GLY F 943 21.31 -19.24 -13.10
N LYS F 944 22.00 -19.40 -11.96
CA LYS F 944 21.70 -18.56 -10.79
C LYS F 944 21.97 -17.09 -11.08
N LEU F 945 23.13 -16.78 -11.63
CA LEU F 945 23.51 -15.40 -11.90
C LEU F 945 22.62 -14.78 -12.98
N GLN F 946 22.35 -15.54 -14.04
CA GLN F 946 21.44 -15.07 -15.07
C GLN F 946 20.04 -14.84 -14.51
N ASP F 947 19.62 -15.66 -13.55
CA ASP F 947 18.32 -15.45 -12.92
C ASP F 947 18.29 -14.16 -12.12
N VAL F 948 19.38 -13.84 -11.42
CA VAL F 948 19.47 -12.54 -10.75
C VAL F 948 19.30 -11.41 -11.76
N VAL F 949 20.06 -11.48 -12.86
CA VAL F 949 19.97 -10.46 -13.91
C VAL F 949 18.54 -10.35 -14.43
N ASN F 950 17.93 -11.50 -14.73
CA ASN F 950 16.61 -11.52 -15.33
C ASN F 950 15.55 -10.96 -14.38
N HIS F 951 15.63 -11.31 -13.10
CA HIS F 951 14.64 -10.81 -12.16
C HIS F 951 14.73 -9.29 -12.04
N ASN F 952 15.94 -8.74 -11.99
CA ASN F 952 16.06 -7.29 -11.96
C ASN F 952 15.48 -6.65 -13.23
N ALA F 953 15.80 -7.21 -14.39
CA ALA F 953 15.32 -6.64 -15.65
C ALA F 953 13.80 -6.70 -15.74
N GLN F 954 13.21 -7.83 -15.36
CA GLN F 954 11.76 -7.97 -15.39
C GLN F 954 11.08 -7.04 -14.40
N ALA F 955 11.69 -6.82 -13.23
CA ALA F 955 11.11 -5.87 -12.29
C ALA F 955 11.07 -4.47 -12.90
N LEU F 956 12.14 -4.05 -13.56
CA LEU F 956 12.13 -2.72 -14.18
C LEU F 956 11.11 -2.65 -15.31
N ASN F 957 11.01 -3.71 -16.12
CA ASN F 957 10.04 -3.70 -17.21
C ASN F 957 8.60 -3.69 -16.70
N THR F 958 8.33 -4.41 -15.61
CA THR F 958 7.02 -4.35 -14.98
C THR F 958 6.71 -2.94 -14.48
N LEU F 959 7.70 -2.29 -13.86
CA LEU F 959 7.53 -0.93 -13.40
C LEU F 959 7.20 0.01 -14.55
N VAL F 960 7.86 -0.18 -15.70
CA VAL F 960 7.57 0.65 -16.86
C VAL F 960 6.17 0.38 -17.40
N LYS F 961 5.81 -0.90 -17.53
CA LYS F 961 4.49 -1.26 -18.06
C LYS F 961 3.35 -0.80 -17.16
N GLN F 962 3.60 -0.64 -15.86
CA GLN F 962 2.56 -0.15 -14.96
C GLN F 962 2.14 1.29 -15.27
N LEU F 963 2.92 2.03 -16.07
CA LEU F 963 2.60 3.41 -16.40
C LEU F 963 1.43 3.54 -17.36
N SER F 964 1.03 2.45 -18.03
CA SER F 964 -0.13 2.47 -18.91
C SER F 964 -1.41 2.03 -18.20
N SER F 965 -1.35 1.82 -16.89
CA SER F 965 -2.53 1.50 -16.09
C SER F 965 -3.30 2.78 -15.77
N LYS F 966 -4.63 2.70 -15.89
CA LYS F 966 -5.50 3.82 -15.57
C LYS F 966 -5.71 3.99 -14.07
N PHE F 967 -5.71 2.88 -13.31
CA PHE F 967 -5.91 2.89 -11.86
C PHE F 967 -7.25 3.54 -11.49
N GLY F 968 -8.25 3.39 -12.35
CA GLY F 968 -9.55 3.98 -12.13
C GLY F 968 -9.74 5.38 -12.70
N ALA F 969 -8.71 5.96 -13.31
CA ALA F 969 -8.82 7.25 -13.94
C ALA F 969 -9.33 7.11 -15.38
N ILE F 970 -9.66 8.25 -15.99
CA ILE F 970 -10.17 8.23 -17.36
C ILE F 970 -9.05 7.91 -18.34
N SER F 971 -7.81 8.26 -17.99
CA SER F 971 -6.67 8.06 -18.87
C SER F 971 -5.44 7.75 -18.01
N SER F 972 -4.48 7.05 -18.61
CA SER F 972 -3.19 6.84 -17.99
C SER F 972 -2.17 7.87 -18.42
N VAL F 973 -2.54 8.82 -19.28
CA VAL F 973 -1.66 9.88 -19.75
C VAL F 973 -2.01 11.15 -19.01
N LEU F 974 -1.03 11.72 -18.31
CA LEU F 974 -1.27 12.94 -17.55
C LEU F 974 -1.58 14.12 -18.47
N ASN F 975 -0.91 14.17 -19.62
CA ASN F 975 -1.13 15.28 -20.55
C ASN F 975 -2.56 15.28 -21.10
N ASP F 976 -3.09 14.10 -21.41
CA ASP F 976 -4.47 14.03 -21.89
C ASP F 976 -5.46 14.45 -20.81
N ILE F 977 -5.22 14.04 -19.57
CA ILE F 977 -6.08 14.46 -18.47
C ILE F 977 -6.05 15.98 -18.32
N LEU F 978 -4.86 16.57 -18.40
CA LEU F 978 -4.74 18.00 -18.23
C LEU F 978 -5.31 18.77 -19.42
N SER F 979 -5.31 18.17 -20.61
CA SER F 979 -5.82 18.85 -21.79
C SER F 979 -7.33 18.69 -21.94
N ARG F 980 -7.91 17.67 -21.31
CA ARG F 980 -9.32 17.37 -21.47
C ARG F 980 -10.19 17.90 -20.34
N LEU F 981 -9.63 18.09 -19.14
CA LEU F 981 -10.41 18.49 -17.98
C LEU F 981 -9.85 19.79 -17.41
N ASP F 982 -10.72 20.54 -16.73
CA ASP F 982 -10.28 21.73 -16.02
C ASP F 982 -9.60 21.34 -14.72
N LYS F 983 -9.09 22.35 -14.00
CA LYS F 983 -8.20 22.10 -12.88
C LYS F 983 -8.83 21.18 -11.84
N VAL F 984 -10.05 21.49 -11.40
CA VAL F 984 -10.67 20.75 -10.30
C VAL F 984 -10.92 19.31 -10.71
N GLU F 985 -11.49 19.10 -11.89
CA GLU F 985 -11.71 17.72 -12.36
C GLU F 985 -10.40 17.01 -12.61
N ALA F 986 -9.42 17.69 -13.20
CA ALA F 986 -8.14 17.05 -13.51
C ALA F 986 -7.43 16.57 -12.25
N GLU F 987 -7.59 17.29 -11.14
CA GLU F 987 -6.86 16.93 -9.92
C GLU F 987 -7.29 15.57 -9.39
N VAL F 988 -8.57 15.22 -9.51
CA VAL F 988 -9.05 13.93 -9.02
C VAL F 988 -8.39 12.79 -9.81
N GLN F 989 -8.38 12.91 -11.13
CA GLN F 989 -7.78 11.86 -11.97
C GLN F 989 -6.28 11.79 -11.74
N ILE F 990 -5.62 12.94 -11.59
CA ILE F 990 -4.19 12.94 -11.33
C ILE F 990 -3.90 12.31 -9.98
N ASP F 991 -4.78 12.51 -8.99
CA ASP F 991 -4.64 11.85 -7.71
C ASP F 991 -4.72 10.33 -7.84
N ARG F 992 -5.67 9.85 -8.65
CA ARG F 992 -5.75 8.41 -8.88
C ARG F 992 -4.46 7.88 -9.50
N LEU F 993 -3.96 8.56 -10.53
CA LEU F 993 -2.71 8.12 -11.15
C LEU F 993 -1.54 8.16 -10.18
N ILE F 994 -1.47 9.21 -9.36
CA ILE F 994 -0.38 9.34 -8.39
C ILE F 994 -0.42 8.20 -7.39
N THR F 995 -1.60 7.89 -6.87
CA THR F 995 -1.72 6.80 -5.91
C THR F 995 -1.32 5.47 -6.53
N GLY F 996 -1.77 5.21 -7.76
CA GLY F 996 -1.43 3.96 -8.41
C GLY F 996 0.06 3.82 -8.65
N ARG F 997 0.70 4.87 -9.16
CA ARG F 997 2.12 4.80 -9.47
C ARG F 997 2.96 4.77 -8.20
N LEU F 998 2.52 5.47 -7.15
CA LEU F 998 3.15 5.36 -5.85
C LEU F 998 3.12 3.92 -5.36
N GLN F 999 1.96 3.26 -5.47
CA GLN F 999 1.85 1.87 -5.05
C GLN F 999 2.76 0.97 -5.87
N SER F 1000 2.86 1.21 -7.18
CA SER F 1000 3.76 0.42 -8.02
C SER F 1000 5.21 0.58 -7.55
N LEU F 1001 5.63 1.81 -7.28
CA LEU F 1001 7.00 2.04 -6.80
C LEU F 1001 7.26 1.35 -5.47
N GLN F 1002 6.30 1.42 -4.54
CA GLN F 1002 6.52 0.81 -3.24
C GLN F 1002 6.54 -0.72 -3.33
N THR F 1003 5.72 -1.29 -4.21
CA THR F 1003 5.83 -2.73 -4.47
C THR F 1003 7.22 -3.07 -4.99
N TYR F 1004 7.71 -2.32 -5.98
CA TYR F 1004 9.04 -2.57 -6.52
C TYR F 1004 10.11 -2.50 -5.44
N VAL F 1005 10.07 -1.46 -4.63
CA VAL F 1005 11.11 -1.24 -3.62
C VAL F 1005 11.05 -2.31 -2.55
N THR F 1006 9.85 -2.74 -2.16
CA THR F 1006 9.73 -3.81 -1.17
C THR F 1006 10.33 -5.11 -1.68
N GLN F 1007 9.98 -5.50 -2.91
CA GLN F 1007 10.59 -6.71 -3.47
C GLN F 1007 12.09 -6.55 -3.61
N GLN F 1008 12.56 -5.34 -3.94
CA GLN F 1008 13.99 -5.11 -4.04
C GLN F 1008 14.68 -5.29 -2.69
N LEU F 1009 14.06 -4.81 -1.61
CA LEU F 1009 14.66 -4.99 -0.29
C LEU F 1009 14.72 -6.47 0.10
N ILE F 1010 13.64 -7.21 -0.16
CA ILE F 1010 13.64 -8.63 0.19
C ILE F 1010 14.68 -9.40 -0.63
N ARG F 1011 14.75 -9.12 -1.93
CA ARG F 1011 15.74 -9.76 -2.79
C ARG F 1011 17.15 -9.36 -2.40
N ALA F 1012 17.34 -8.11 -1.96
CA ALA F 1012 18.65 -7.67 -1.51
C ALA F 1012 19.07 -8.40 -0.25
N ALA F 1013 18.11 -8.68 0.65
CA ALA F 1013 18.43 -9.49 1.82
C ALA F 1013 18.85 -10.90 1.41
N GLU F 1014 18.15 -11.50 0.45
CA GLU F 1014 18.55 -12.83 -0.02
C GLU F 1014 19.94 -12.80 -0.65
N ILE F 1015 20.21 -11.78 -1.46
CA ILE F 1015 21.53 -11.63 -2.09
C ILE F 1015 22.60 -11.41 -1.04
N ARG F 1016 22.30 -10.67 0.02
CA ARG F 1016 23.27 -10.43 1.09
C ARG F 1016 23.58 -11.72 1.83
N ALA F 1017 22.57 -12.57 2.06
CA ALA F 1017 22.85 -13.87 2.66
C ALA F 1017 23.75 -14.70 1.76
N SER F 1018 23.47 -14.68 0.45
CA SER F 1018 24.32 -15.41 -0.49
C SER F 1018 25.76 -14.88 -0.47
N ALA F 1019 25.92 -13.56 -0.40
CA ALA F 1019 27.25 -12.96 -0.41
C ALA F 1019 28.00 -13.23 0.88
N ASN F 1020 27.30 -13.24 2.02
CA ASN F 1020 27.94 -13.62 3.27
C ASN F 1020 28.41 -15.07 3.22
N LEU F 1021 27.58 -15.96 2.65
CA LEU F 1021 28.00 -17.34 2.46
C LEU F 1021 29.23 -17.43 1.56
N ALA F 1022 29.24 -16.64 0.48
CA ALA F 1022 30.38 -16.67 -0.43
C ALA F 1022 31.66 -16.16 0.23
N ALA F 1023 31.55 -15.12 1.05
CA ALA F 1023 32.71 -14.63 1.79
C ALA F 1023 33.22 -15.66 2.78
N THR F 1024 32.30 -16.35 3.47
CA THR F 1024 32.70 -17.41 4.37
C THR F 1024 33.40 -18.53 3.61
N LYS F 1025 32.90 -18.87 2.43
CA LYS F 1025 33.53 -19.92 1.62
C LYS F 1025 34.89 -19.47 1.10
N MET F 1026 35.06 -18.19 0.79
CA MET F 1026 36.38 -17.69 0.43
C MET F 1026 37.35 -17.82 1.59
N SER F 1027 36.90 -17.48 2.80
CA SER F 1027 37.78 -17.58 3.96
C SER F 1027 38.15 -19.03 4.26
N GLU F 1028 37.18 -19.95 4.18
CA GLU F 1028 37.38 -21.29 4.72
C GLU F 1028 37.70 -22.35 3.68
N CYS F 1029 37.42 -22.12 2.40
CA CYS F 1029 37.77 -23.04 1.32
C CYS F 1029 38.97 -22.60 0.52
N VAL F 1030 39.17 -21.29 0.34
CA VAL F 1030 40.28 -20.79 -0.46
C VAL F 1030 41.47 -20.41 0.42
N LEU F 1031 41.21 -19.69 1.50
CA LEU F 1031 42.27 -19.29 2.43
C LEU F 1031 42.61 -20.38 3.43
N GLY F 1032 41.98 -21.55 3.35
CA GLY F 1032 42.30 -22.64 4.24
C GLY F 1032 41.65 -23.92 3.78
N GLN F 1033 42.03 -25.00 4.44
CA GLN F 1033 41.42 -26.32 4.25
C GLN F 1033 40.34 -26.52 5.30
N SER F 1034 39.15 -26.91 4.86
CA SER F 1034 37.98 -27.01 5.71
C SER F 1034 37.73 -28.45 6.12
N LYS F 1035 37.42 -28.67 7.39
CA LYS F 1035 36.95 -29.95 7.89
C LYS F 1035 35.43 -30.08 7.88
N ARG F 1036 34.73 -29.00 7.53
CA ARG F 1036 33.27 -29.02 7.55
C ARG F 1036 32.75 -29.85 6.37
N VAL F 1037 31.96 -30.87 6.67
CA VAL F 1037 31.49 -31.80 5.65
C VAL F 1037 30.58 -31.07 4.68
N ASP F 1038 30.87 -31.20 3.38
CA ASP F 1038 30.07 -30.67 2.28
C ASP F 1038 30.05 -29.15 2.24
N PHE F 1039 30.93 -28.48 2.98
CA PHE F 1039 31.00 -27.02 2.87
C PHE F 1039 31.83 -26.57 1.67
N CYS F 1040 32.83 -27.35 1.28
CA CYS F 1040 33.70 -26.98 0.18
C CYS F 1040 33.72 -28.07 -0.88
N GLY F 1041 32.54 -28.54 -1.29
CA GLY F 1041 32.44 -29.61 -2.26
C GLY F 1041 32.18 -30.96 -1.61
N LYS F 1042 31.86 -31.94 -2.45
CA LYS F 1042 31.58 -33.29 -1.98
C LYS F 1042 32.87 -34.10 -1.96
N GLY F 1043 33.12 -34.77 -0.84
CA GLY F 1043 34.37 -35.46 -0.60
C GLY F 1043 35.20 -34.73 0.45
N TYR F 1044 36.40 -35.25 0.68
CA TYR F 1044 37.30 -34.63 1.63
C TYR F 1044 38.00 -33.44 0.98
N HIS F 1045 37.78 -32.26 1.53
CA HIS F 1045 38.26 -31.03 0.90
C HIS F 1045 39.78 -30.97 0.92
N LEU F 1046 40.36 -30.65 -0.24
CA LEU F 1046 41.78 -30.39 -0.35
C LEU F 1046 42.07 -28.90 -0.44
N MET F 1047 41.46 -28.22 -1.41
CA MET F 1047 41.71 -26.81 -1.66
C MET F 1047 40.66 -26.30 -2.64
N SER F 1048 40.50 -24.99 -2.71
CA SER F 1048 39.53 -24.38 -3.60
C SER F 1048 40.15 -23.19 -4.30
N PHE F 1049 39.69 -22.94 -5.52
CA PHE F 1049 40.16 -21.82 -6.33
C PHE F 1049 38.97 -20.94 -6.71
N PRO F 1050 39.03 -19.64 -6.49
CA PRO F 1050 37.95 -18.76 -6.91
C PRO F 1050 38.11 -18.27 -8.34
N GLN F 1051 36.98 -18.16 -9.02
CA GLN F 1051 36.92 -17.58 -10.35
C GLN F 1051 35.79 -16.57 -10.39
N SER F 1052 36.08 -15.37 -10.86
CA SER F 1052 35.08 -14.32 -10.89
C SER F 1052 34.10 -14.54 -12.03
N ALA F 1053 32.83 -14.21 -11.77
CA ALA F 1053 31.76 -14.29 -12.73
C ALA F 1053 30.91 -13.03 -12.58
N PRO F 1054 30.15 -12.66 -13.62
CA PRO F 1054 29.29 -11.47 -13.48
C PRO F 1054 28.27 -11.63 -12.37
N HIS F 1055 28.33 -10.72 -11.39
CA HIS F 1055 27.39 -10.66 -10.27
C HIS F 1055 27.59 -11.82 -9.28
N GLY F 1056 28.67 -12.57 -9.40
CA GLY F 1056 28.86 -13.71 -8.53
C GLY F 1056 30.29 -14.19 -8.51
N VAL F 1057 30.47 -15.34 -7.89
CA VAL F 1057 31.76 -16.02 -7.79
C VAL F 1057 31.56 -17.50 -8.05
N VAL F 1058 32.53 -18.12 -8.70
CA VAL F 1058 32.53 -19.56 -8.92
C VAL F 1058 33.73 -20.15 -8.19
N PHE F 1059 33.46 -21.07 -7.28
CA PHE F 1059 34.50 -21.79 -6.57
C PHE F 1059 34.74 -23.12 -7.28
N LEU F 1060 36.01 -23.45 -7.51
CA LEU F 1060 36.39 -24.77 -8.01
C LEU F 1060 36.96 -25.56 -6.84
N HIS F 1061 36.12 -26.39 -6.23
CA HIS F 1061 36.53 -27.18 -5.07
C HIS F 1061 37.27 -28.43 -5.54
N VAL F 1062 38.44 -28.66 -4.95
CA VAL F 1062 39.23 -29.86 -5.21
C VAL F 1062 39.09 -30.76 -3.98
N THR F 1063 38.56 -31.97 -4.19
CA THR F 1063 38.33 -32.90 -3.10
C THR F 1063 38.99 -34.24 -3.38
N TYR F 1064 39.09 -35.04 -2.32
CA TYR F 1064 39.65 -36.37 -2.36
C TYR F 1064 38.52 -37.38 -2.19
N VAL F 1065 38.33 -38.25 -3.17
CA VAL F 1065 37.27 -39.23 -3.16
C VAL F 1065 37.89 -40.63 -3.14
N PRO F 1066 37.69 -41.42 -2.08
CA PRO F 1066 38.14 -42.81 -2.11
C PRO F 1066 37.47 -43.57 -3.25
N ALA F 1067 38.24 -44.46 -3.89
CA ALA F 1067 37.87 -44.97 -5.20
C ALA F 1067 37.49 -46.45 -5.21
N GLN F 1068 38.38 -47.34 -4.83
CA GLN F 1068 38.22 -48.77 -5.11
C GLN F 1068 38.36 -49.55 -3.81
N GLU F 1069 37.29 -49.68 -3.06
CA GLU F 1069 37.32 -50.29 -1.73
C GLU F 1069 37.32 -51.81 -1.84
N LYS F 1070 37.98 -52.46 -0.88
CA LYS F 1070 38.00 -53.90 -0.77
C LYS F 1070 37.50 -54.31 0.61
N ASN F 1071 36.94 -55.53 0.68
CA ASN F 1071 36.49 -56.07 1.95
C ASN F 1071 37.66 -56.62 2.75
N PHE F 1072 37.56 -56.51 4.07
CA PHE F 1072 38.53 -57.11 4.97
C PHE F 1072 37.81 -57.56 6.23
N THR F 1073 38.41 -58.51 6.92
CA THR F 1073 38.02 -58.85 8.29
C THR F 1073 38.79 -57.94 9.23
N THR F 1074 38.09 -57.39 10.22
CA THR F 1074 38.69 -56.46 11.17
C THR F 1074 38.44 -56.93 12.59
N ALA F 1075 39.17 -56.32 13.52
CA ALA F 1075 39.05 -56.60 14.94
C ALA F 1075 39.30 -55.32 15.72
N PRO F 1076 38.64 -55.15 16.87
CA PRO F 1076 38.88 -53.94 17.68
C PRO F 1076 40.27 -53.89 18.30
N ALA F 1077 40.85 -55.04 18.65
CA ALA F 1077 42.09 -55.06 19.41
C ALA F 1077 42.79 -56.39 19.16
N ILE F 1078 44.07 -56.44 19.54
CA ILE F 1078 44.89 -57.64 19.41
C ILE F 1078 45.36 -58.07 20.78
N CYS F 1079 45.16 -59.36 21.09
CA CYS F 1079 45.74 -60.01 22.25
C CYS F 1079 47.06 -60.66 21.87
N HIS F 1080 48.14 -60.26 22.54
CA HIS F 1080 49.45 -60.85 22.27
C HIS F 1080 50.01 -61.61 23.46
N ASP F 1081 50.19 -60.98 24.61
CA ASP F 1081 50.75 -61.61 25.80
C ASP F 1081 49.84 -61.41 26.99
N GLY F 1082 48.55 -61.65 26.80
CA GLY F 1082 47.58 -61.31 27.82
C GLY F 1082 47.37 -59.82 27.99
N LYS F 1083 47.74 -59.03 26.97
CA LYS F 1083 47.52 -57.61 26.96
C LYS F 1083 46.83 -57.22 25.67
N ALA F 1084 45.93 -56.25 25.76
CA ALA F 1084 45.19 -55.75 24.61
C ALA F 1084 45.99 -54.65 23.92
N HIS F 1085 46.08 -54.73 22.60
CA HIS F 1085 46.75 -53.75 21.78
C HIS F 1085 45.75 -53.04 20.89
N PHE F 1086 45.91 -51.73 20.72
CA PHE F 1086 45.04 -50.93 19.90
C PHE F 1086 45.88 -50.13 18.90
N PRO F 1087 45.36 -49.88 17.70
CA PRO F 1087 46.16 -49.14 16.71
C PRO F 1087 46.37 -47.71 17.15
N ARG F 1088 47.60 -47.22 16.96
CA ARG F 1088 47.90 -45.84 17.36
C ARG F 1088 47.23 -44.84 16.44
N GLU F 1089 47.22 -45.11 15.14
CA GLU F 1089 46.52 -44.24 14.19
C GLU F 1089 45.61 -44.97 13.22
N GLY F 1090 45.79 -46.26 12.97
CA GLY F 1090 45.02 -46.94 11.95
C GLY F 1090 43.97 -47.91 12.44
N VAL F 1091 43.81 -49.01 11.72
CA VAL F 1091 42.80 -50.03 12.02
C VAL F 1091 43.38 -51.40 11.66
N PHE F 1092 43.05 -52.40 12.47
CA PHE F 1092 43.52 -53.75 12.24
C PHE F 1092 42.70 -54.41 11.14
N VAL F 1093 43.37 -55.00 10.15
CA VAL F 1093 42.70 -55.68 9.06
C VAL F 1093 43.37 -57.02 8.80
N SER F 1094 42.58 -57.95 8.28
CA SER F 1094 43.04 -59.29 7.94
C SER F 1094 42.79 -59.52 6.46
N ASN F 1095 43.82 -59.98 5.75
CA ASN F 1095 43.65 -60.36 4.35
C ASN F 1095 43.08 -61.76 4.20
N GLY F 1096 42.81 -62.44 5.31
CA GLY F 1096 42.27 -63.78 5.31
C GLY F 1096 43.06 -64.70 6.20
N THR F 1097 44.38 -64.53 6.21
CA THR F 1097 45.27 -65.33 7.03
C THR F 1097 46.17 -64.48 7.92
N HIS F 1098 46.54 -63.28 7.49
CA HIS F 1098 47.49 -62.45 8.20
C HIS F 1098 46.85 -61.13 8.61
N TRP F 1099 47.21 -60.65 9.79
CA TRP F 1099 46.67 -59.42 10.35
C TRP F 1099 47.65 -58.27 10.14
N PHE F 1100 47.14 -57.15 9.67
CA PHE F 1100 47.91 -55.95 9.44
C PHE F 1100 47.22 -54.77 10.11
N VAL F 1101 47.95 -53.68 10.26
CA VAL F 1101 47.38 -52.39 10.63
C VAL F 1101 47.56 -51.46 9.44
N THR F 1102 46.51 -50.72 9.10
CA THR F 1102 46.53 -49.81 7.97
C THR F 1102 45.91 -48.48 8.36
N GLN F 1103 46.34 -47.43 7.67
CA GLN F 1103 45.64 -46.15 7.79
C GLN F 1103 44.24 -46.30 7.23
N ARG F 1104 43.31 -45.49 7.76
CA ARG F 1104 41.90 -45.79 7.59
C ARG F 1104 41.37 -45.42 6.21
N ASN F 1105 41.98 -44.44 5.54
CA ASN F 1105 41.43 -43.90 4.30
C ASN F 1105 42.16 -44.39 3.06
N PHE F 1106 43.18 -45.23 3.21
CA PHE F 1106 43.97 -45.72 2.08
C PHE F 1106 44.63 -47.02 2.51
N TYR F 1107 44.41 -48.08 1.75
CA TYR F 1107 44.87 -49.41 2.14
C TYR F 1107 46.39 -49.46 1.97
N GLU F 1108 47.10 -49.56 3.09
CA GLU F 1108 48.56 -49.64 3.13
C GLU F 1108 48.95 -50.52 4.30
N PRO F 1109 48.87 -51.84 4.14
CA PRO F 1109 49.04 -52.74 5.28
C PRO F 1109 50.47 -52.80 5.77
N GLN F 1110 50.64 -52.79 7.09
CA GLN F 1110 51.94 -52.88 7.73
C GLN F 1110 51.92 -53.94 8.80
N ILE F 1111 53.10 -54.49 9.09
CA ILE F 1111 53.24 -55.45 10.18
C ILE F 1111 52.84 -54.80 11.49
N ILE F 1112 52.13 -55.55 12.34
CA ILE F 1112 51.66 -55.04 13.62
C ILE F 1112 52.83 -55.11 14.61
N THR F 1113 53.30 -53.94 15.04
CA THR F 1113 54.44 -53.84 15.94
C THR F 1113 54.09 -52.93 17.12
N THR F 1114 54.99 -52.92 18.11
CA THR F 1114 54.78 -52.10 19.30
C THR F 1114 54.88 -50.61 19.00
N ASP F 1115 55.49 -50.23 17.88
CA ASP F 1115 55.45 -48.84 17.44
C ASP F 1115 54.11 -48.49 16.81
N ASN F 1116 53.44 -49.47 16.21
CA ASN F 1116 52.14 -49.23 15.58
C ASN F 1116 51.02 -49.13 16.60
N THR F 1117 51.20 -49.70 17.79
CA THR F 1117 50.12 -49.93 18.72
C THR F 1117 50.45 -49.38 20.10
N PHE F 1118 49.42 -49.29 20.94
CA PHE F 1118 49.60 -49.03 22.36
C PHE F 1118 48.80 -50.05 23.15
N VAL F 1119 49.28 -50.34 24.37
CA VAL F 1119 48.75 -51.42 25.19
C VAL F 1119 47.87 -50.83 26.27
N SER F 1120 46.70 -51.43 26.47
CA SER F 1120 45.81 -50.99 27.55
C SER F 1120 45.04 -52.20 28.07
N GLY F 1121 45.27 -52.56 29.33
CA GLY F 1121 44.52 -53.62 29.98
C GLY F 1121 44.91 -55.01 29.51
N ASN F 1122 44.09 -55.97 29.92
CA ASN F 1122 44.24 -57.35 29.51
C ASN F 1122 43.19 -57.70 28.47
N CYS F 1123 43.11 -58.98 28.08
CA CYS F 1123 42.30 -59.42 26.96
C CYS F 1123 40.92 -59.91 27.38
N ASP F 1124 40.38 -59.40 28.48
CA ASP F 1124 39.12 -59.91 29.01
C ASP F 1124 37.91 -59.03 28.74
N VAL F 1125 38.07 -57.73 28.54
CA VAL F 1125 36.93 -56.81 28.47
C VAL F 1125 36.53 -56.50 27.03
N VAL F 1126 37.49 -56.47 26.10
CA VAL F 1126 37.20 -56.03 24.74
C VAL F 1126 36.41 -57.12 24.02
N ILE F 1127 35.28 -56.74 23.44
CA ILE F 1127 34.45 -57.64 22.66
C ILE F 1127 34.99 -57.67 21.23
N GLY F 1128 35.39 -58.86 20.78
CA GLY F 1128 35.94 -59.02 19.46
C GLY F 1128 37.45 -59.08 19.37
N ILE F 1129 38.15 -59.14 20.49
CA ILE F 1129 39.61 -59.17 20.47
C ILE F 1129 40.09 -60.44 19.76
N VAL F 1130 41.21 -60.32 19.05
CA VAL F 1130 41.75 -61.39 18.23
C VAL F 1130 43.18 -61.66 18.62
N ASN F 1131 43.53 -62.94 18.73
CA ASN F 1131 44.90 -63.35 19.03
C ASN F 1131 45.79 -63.18 17.82
N ASN F 1132 46.94 -62.55 18.03
CA ASN F 1132 47.97 -62.40 17.01
C ASN F 1132 49.22 -61.87 17.66
N THR F 1133 50.36 -62.12 17.02
CA THR F 1133 51.64 -61.64 17.52
C THR F 1133 51.82 -60.16 17.21
N VAL F 1134 52.36 -59.43 18.18
CA VAL F 1134 52.76 -58.04 17.99
C VAL F 1134 54.28 -58.00 17.98
N TYR F 1135 54.85 -57.66 16.82
CA TYR F 1135 56.29 -57.73 16.64
C TYR F 1135 57.00 -56.67 17.48
N ASP F 1136 58.07 -57.08 18.16
CA ASP F 1136 58.90 -56.16 18.93
C ASP F 1136 60.16 -55.85 18.12
N PRO F 1137 60.34 -54.63 17.65
CA PRO F 1137 61.52 -54.34 16.80
C PRO F 1137 62.85 -54.46 17.50
N LEU F 1138 62.89 -54.34 18.83
CA LEU F 1138 64.15 -54.36 19.54
C LEU F 1138 64.64 -55.77 19.84
N GLN F 1139 63.76 -56.76 19.74
CA GLN F 1139 64.17 -58.15 19.98
C GLN F 1139 65.25 -58.62 19.04
N PRO F 1140 65.15 -58.45 17.71
CA PRO F 1140 66.26 -58.88 16.85
C PRO F 1140 67.56 -58.15 17.12
N GLU F 1141 67.49 -56.85 17.46
CA GLU F 1141 68.72 -56.11 17.76
C GLU F 1141 69.38 -56.64 19.02
N LEU F 1142 68.59 -56.96 20.05
CA LEU F 1142 69.17 -57.55 21.25
C LEU F 1142 69.73 -58.94 20.95
N ASP F 1143 69.09 -59.67 20.04
CA ASP F 1143 69.61 -60.97 19.62
C ASP F 1143 70.84 -60.84 18.73
N SER F 1144 70.95 -59.78 17.95
CA SER F 1144 72.10 -59.59 17.08
C SER F 1144 73.25 -58.88 17.79
N VAL G 16 7.80 69.28 -12.23
CA VAL G 16 9.07 69.90 -11.89
C VAL G 16 10.16 68.83 -11.75
N ASN G 17 11.09 68.81 -12.69
CA ASN G 17 12.14 67.80 -12.73
C ASN G 17 13.41 68.35 -12.07
N LEU G 18 13.75 67.85 -10.88
CA LEU G 18 14.94 68.37 -10.22
C LEU G 18 15.73 67.32 -9.44
N ILE G 19 15.64 66.03 -9.75
CA ILE G 19 16.34 64.99 -8.99
C ILE G 19 17.17 64.16 -9.95
N THR G 20 18.46 64.00 -9.64
CA THR G 20 19.37 63.21 -10.44
C THR G 20 19.84 61.99 -9.65
N ARG G 21 19.93 60.85 -10.34
CA ARG G 21 20.20 59.57 -9.68
C ARG G 21 21.46 58.94 -10.26
N THR G 22 22.33 58.48 -9.37
CA THR G 22 23.50 57.68 -9.71
C THR G 22 23.35 56.29 -9.08
N GLN G 23 23.86 55.27 -9.76
CA GLN G 23 23.65 53.91 -9.31
C GLN G 23 24.93 53.09 -9.41
N SER G 24 25.10 52.18 -8.44
CA SER G 24 26.19 51.22 -8.41
C SER G 24 25.59 49.83 -8.18
N TYR G 25 26.45 48.84 -7.99
CA TYR G 25 26.01 47.46 -7.82
C TYR G 25 26.79 46.80 -6.70
N THR G 26 26.07 46.11 -5.81
CA THR G 26 26.65 45.46 -4.64
C THR G 26 26.02 44.08 -4.46
N ASN G 27 26.30 43.47 -3.32
CA ASN G 27 25.88 42.11 -3.03
C ASN G 27 24.86 42.09 -1.91
N SER G 28 23.80 41.28 -2.08
CA SER G 28 22.73 41.21 -1.10
C SER G 28 23.06 40.27 0.06
N PHE G 29 24.07 39.42 -0.08
CA PHE G 29 24.49 38.48 0.97
C PHE G 29 23.30 37.58 1.29
N THR G 30 22.80 37.55 2.52
CA THR G 30 21.64 36.75 2.89
C THR G 30 20.52 37.62 3.47
N ARG G 31 20.39 38.86 2.99
CA ARG G 31 19.33 39.74 3.43
C ARG G 31 18.01 39.36 2.77
N GLY G 32 16.93 39.88 3.35
CA GLY G 32 15.61 39.80 2.73
C GLY G 32 14.72 38.66 3.18
N VAL G 33 15.21 37.76 4.03
CA VAL G 33 14.37 36.69 4.54
C VAL G 33 13.25 37.29 5.38
N TYR G 34 12.05 36.73 5.24
CA TYR G 34 10.90 37.19 6.00
C TYR G 34 10.11 35.98 6.50
N TYR G 35 9.25 36.23 7.47
CA TYR G 35 8.41 35.17 8.02
C TYR G 35 7.37 34.73 7.01
N PRO G 36 7.33 33.45 6.63
CA PRO G 36 6.45 33.03 5.52
C PRO G 36 4.98 33.01 5.89
N ASP G 37 4.63 32.79 7.15
CA ASP G 37 3.24 32.81 7.58
C ASP G 37 3.16 33.42 8.97
N LYS G 38 1.99 33.32 9.59
CA LYS G 38 1.71 33.97 10.87
C LYS G 38 1.58 32.93 11.99
N VAL G 39 2.21 31.78 11.83
CA VAL G 39 2.17 30.70 12.80
C VAL G 39 3.48 30.69 13.56
N PHE G 40 3.41 30.64 14.89
CA PHE G 40 4.61 30.51 15.71
C PHE G 40 5.20 29.12 15.55
N ARG G 41 6.52 29.07 15.37
CA ARG G 41 7.25 27.81 15.24
C ARG G 41 8.54 27.90 16.04
N SER G 42 9.02 26.75 16.50
CA SER G 42 10.26 26.70 17.25
C SER G 42 10.91 25.33 17.09
N SER G 43 12.24 25.32 17.12
CA SER G 43 13.05 24.11 17.05
C SER G 43 12.63 23.20 15.89
N VAL G 44 12.63 23.78 14.69
CA VAL G 44 12.22 23.06 13.50
C VAL G 44 12.93 23.67 12.28
N LEU G 45 13.18 22.83 11.29
CA LEU G 45 13.67 23.28 9.98
C LEU G 45 12.47 23.26 9.04
N HIS G 46 12.04 24.44 8.61
CA HIS G 46 10.81 24.59 7.84
C HIS G 46 11.14 24.91 6.39
N SER G 47 10.59 24.12 5.47
CA SER G 47 10.77 24.31 4.04
C SER G 47 9.58 25.08 3.49
N THR G 48 9.87 26.13 2.73
CA THR G 48 8.83 27.01 2.18
C THR G 48 9.20 27.43 0.77
N GLN G 49 8.22 27.46 -0.11
CA GLN G 49 8.36 27.98 -1.47
C GLN G 49 7.58 29.29 -1.55
N ASP G 50 8.27 30.36 -1.92
CA ASP G 50 7.66 31.69 -1.97
C ASP G 50 8.59 32.60 -2.78
N LEU G 51 8.22 33.87 -2.87
CA LEU G 51 9.00 34.87 -3.59
C LEU G 51 10.02 35.47 -2.63
N PHE G 52 11.27 35.04 -2.74
CA PHE G 52 12.34 35.53 -1.89
C PHE G 52 13.37 36.28 -2.72
N LEU G 53 14.21 37.04 -2.03
CA LEU G 53 15.38 37.63 -2.66
C LEU G 53 16.51 36.60 -2.65
N PRO G 54 16.99 36.15 -3.81
CA PRO G 54 18.01 35.09 -3.82
C PRO G 54 19.27 35.52 -3.10
N PHE G 55 19.95 34.55 -2.50
CA PHE G 55 21.16 34.83 -1.73
C PHE G 55 22.28 35.29 -2.66
N PHE G 56 23.06 36.25 -2.18
CA PHE G 56 24.20 36.80 -2.93
C PHE G 56 23.77 37.34 -4.29
N SER G 57 22.56 37.87 -4.37
CA SER G 57 22.07 38.44 -5.61
C SER G 57 22.63 39.84 -5.81
N ASN G 58 22.59 40.28 -7.06
CA ASN G 58 23.16 41.56 -7.48
C ASN G 58 22.09 42.64 -7.32
N VAL G 59 22.26 43.49 -6.31
CA VAL G 59 21.31 44.56 -6.03
C VAL G 59 21.94 45.90 -6.40
N THR G 60 21.09 46.88 -6.68
CA THR G 60 21.51 48.19 -7.12
C THR G 60 21.56 49.15 -5.94
N TRP G 61 22.65 49.92 -5.83
CA TRP G 61 22.82 50.92 -4.79
C TRP G 61 22.61 52.29 -5.42
N PHE G 62 21.40 52.82 -5.29
CA PHE G 62 21.07 54.11 -5.88
C PHE G 62 21.50 55.25 -4.99
N HIS G 63 21.94 56.34 -5.61
CA HIS G 63 22.24 57.60 -4.92
C HIS G 63 21.46 58.70 -5.62
N ALA G 64 20.37 59.14 -5.00
CA ALA G 64 19.54 60.22 -5.53
C ALA G 64 19.95 61.53 -4.88
N ILE G 65 20.23 62.53 -5.71
CA ILE G 65 20.74 63.82 -5.24
C ILE G 65 19.90 64.94 -5.83
N HIS G 66 19.57 65.93 -5.00
CA HIS G 66 19.08 67.22 -5.47
C HIS G 66 20.09 68.30 -5.11
N VAL G 67 20.85 68.73 -6.11
CA VAL G 67 21.74 69.87 -5.96
C VAL G 67 20.95 71.13 -6.29
N SER G 68 20.75 71.98 -5.30
CA SER G 68 19.96 73.20 -5.48
C SER G 68 20.70 74.22 -6.34
N ASN G 78 15.62 60.63 -12.98
CA ASN G 78 14.86 59.78 -12.07
C ASN G 78 13.91 58.85 -12.82
N PRO G 79 14.46 57.84 -13.52
CA PRO G 79 13.60 56.92 -14.26
C PRO G 79 12.81 56.00 -13.34
N VAL G 80 11.74 55.44 -13.89
CA VAL G 80 10.88 54.54 -13.14
C VAL G 80 11.50 53.16 -13.08
N LEU G 81 11.54 52.56 -11.88
CA LEU G 81 12.14 51.25 -11.75
C LEU G 81 11.09 50.16 -12.05
N PRO G 82 11.52 49.02 -12.58
CA PRO G 82 10.60 47.89 -12.75
C PRO G 82 10.23 47.30 -11.40
N PHE G 83 9.13 46.54 -11.40
CA PHE G 83 8.68 45.85 -10.21
C PHE G 83 8.90 44.34 -10.28
N ASN G 84 8.77 43.76 -11.47
CA ASN G 84 9.03 42.33 -11.71
C ASN G 84 8.09 41.53 -10.80
N ASP G 85 8.59 40.49 -10.13
CA ASP G 85 7.74 39.74 -9.20
C ASP G 85 7.52 40.51 -7.90
N GLY G 86 8.56 41.12 -7.38
CA GLY G 86 8.47 41.86 -6.13
C GLY G 86 9.78 42.55 -5.85
N VAL G 87 9.77 43.39 -4.81
CA VAL G 87 10.87 44.31 -4.54
C VAL G 87 11.39 44.10 -3.13
N TYR G 88 12.71 44.08 -3.00
CA TYR G 88 13.40 44.25 -1.72
C TYR G 88 13.93 45.67 -1.67
N PHE G 89 13.59 46.41 -0.61
CA PHE G 89 13.99 47.80 -0.47
C PHE G 89 14.70 47.97 0.86
N ALA G 90 15.94 48.47 0.81
CA ALA G 90 16.75 48.73 2.00
C ALA G 90 17.24 50.16 1.97
N SER G 91 17.19 50.82 3.12
CA SER G 91 17.69 52.17 3.27
C SER G 91 18.32 52.34 4.64
N THR G 92 19.48 52.98 4.67
CA THR G 92 20.22 53.25 5.90
C THR G 92 20.05 54.69 6.36
N GLU G 93 19.66 55.58 5.46
CA GLU G 93 19.59 57.01 5.75
C GLU G 93 18.49 57.32 6.77
N LYS G 94 18.73 58.35 7.57
CA LYS G 94 17.79 58.78 8.60
C LYS G 94 17.36 60.24 8.46
N SER G 95 17.62 60.87 7.30
CA SER G 95 17.20 62.25 7.12
C SER G 95 15.70 62.36 6.92
N ASN G 96 14.99 61.24 6.82
CA ASN G 96 13.56 61.13 6.57
C ASN G 96 13.18 61.59 5.17
N ILE G 97 14.15 61.76 4.27
CA ILE G 97 13.86 62.17 2.90
C ILE G 97 13.02 61.11 2.20
N ILE G 98 13.28 59.83 2.45
CA ILE G 98 12.49 58.76 1.86
C ILE G 98 11.20 58.60 2.67
N ARG G 99 10.06 58.76 1.99
CA ARG G 99 8.78 58.77 2.69
C ARG G 99 7.69 58.04 1.91
N GLY G 100 8.04 57.08 1.07
CA GLY G 100 7.03 56.25 0.44
C GLY G 100 7.44 55.82 -0.95
N TRP G 101 6.46 55.26 -1.67
CA TRP G 101 6.65 54.69 -2.99
C TRP G 101 5.36 54.85 -3.79
N ILE G 102 5.47 54.71 -5.11
CA ILE G 102 4.31 54.60 -5.98
C ILE G 102 4.41 53.27 -6.72
N PHE G 103 3.27 52.71 -7.10
CA PHE G 103 3.22 51.46 -7.83
C PHE G 103 2.13 51.53 -8.89
N GLY G 104 2.35 50.87 -10.02
CA GLY G 104 1.36 50.86 -11.09
C GLY G 104 1.90 50.19 -12.32
N THR G 105 1.25 50.45 -13.45
CA THR G 105 1.73 49.99 -14.75
C THR G 105 2.09 51.13 -15.68
N THR G 106 1.14 52.03 -15.95
CA THR G 106 1.40 53.22 -16.76
C THR G 106 1.60 54.48 -15.94
N LEU G 107 1.12 54.51 -14.70
CA LEU G 107 1.20 55.67 -13.82
C LEU G 107 0.50 56.89 -14.43
N ASP G 108 -0.54 56.64 -15.22
CA ASP G 108 -1.35 57.68 -15.83
C ASP G 108 -2.76 57.61 -15.27
N SER G 109 -3.62 58.51 -15.77
CA SER G 109 -5.05 58.40 -15.50
C SER G 109 -5.69 57.26 -16.27
N LYS G 110 -4.96 56.64 -17.20
CA LYS G 110 -5.47 55.51 -17.97
C LYS G 110 -5.55 54.22 -17.16
N THR G 111 -4.77 54.10 -16.08
CA THR G 111 -4.77 52.90 -15.26
C THR G 111 -4.73 53.30 -13.79
N GLN G 112 -5.04 52.33 -12.93
CA GLN G 112 -5.09 52.58 -11.50
C GLN G 112 -3.72 52.33 -10.88
N SER G 113 -3.34 53.20 -9.94
CA SER G 113 -2.00 53.18 -9.36
C SER G 113 -2.09 53.26 -7.85
N LEU G 114 -1.10 52.65 -7.19
CA LEU G 114 -1.00 52.62 -5.74
C LEU G 114 -0.02 53.68 -5.27
N LEU G 115 -0.43 54.47 -4.28
CA LEU G 115 0.42 55.51 -3.70
C LEU G 115 0.57 55.28 -2.21
N ILE G 116 1.81 55.24 -1.74
CA ILE G 116 2.12 55.06 -0.32
C ILE G 116 2.98 56.23 0.12
N VAL G 117 2.48 56.98 1.10
CA VAL G 117 3.17 58.16 1.62
C VAL G 117 3.07 58.15 3.14
N ASN G 118 4.22 58.23 3.80
CA ASN G 118 4.24 58.33 5.25
C ASN G 118 4.73 59.70 5.70
N ASN G 119 4.44 60.02 6.95
CA ASN G 119 4.76 61.33 7.52
C ASN G 119 5.10 61.13 8.99
N ALA G 120 5.01 62.21 9.77
CA ALA G 120 5.47 62.17 11.16
C ALA G 120 4.73 61.13 11.98
N THR G 121 3.41 60.99 11.78
CA THR G 121 2.62 60.13 12.65
C THR G 121 1.55 59.38 11.88
N ASN G 122 1.77 59.12 10.59
CA ASN G 122 0.76 58.40 9.83
C ASN G 122 1.37 57.87 8.53
N VAL G 123 0.61 56.99 7.88
CA VAL G 123 0.89 56.52 6.52
C VAL G 123 -0.43 56.47 5.77
N VAL G 124 -0.46 57.04 4.57
CA VAL G 124 -1.67 57.14 3.77
C VAL G 124 -1.46 56.34 2.49
N ILE G 125 -2.41 55.46 2.18
CA ILE G 125 -2.32 54.55 1.05
C ILE G 125 -3.60 54.69 0.24
N LYS G 126 -3.46 54.95 -1.06
CA LYS G 126 -4.59 55.13 -1.97
C LYS G 126 -4.35 54.35 -3.27
N VAL G 127 -5.44 54.05 -3.97
CA VAL G 127 -5.36 53.32 -5.24
C VAL G 127 -6.14 54.06 -6.33
N CYS G 128 -6.15 55.38 -6.27
CA CYS G 128 -6.86 56.17 -7.28
C CYS G 128 -6.12 56.11 -8.62
N GLU G 129 -6.71 56.77 -9.63
CA GLU G 129 -6.09 56.93 -10.94
C GLU G 129 -5.28 58.22 -10.93
N PHE G 130 -4.05 58.11 -10.44
CA PHE G 130 -3.19 59.28 -10.35
C PHE G 130 -2.56 59.62 -11.68
N GLN G 131 -2.62 60.91 -12.04
CA GLN G 131 -1.77 61.44 -13.12
C GLN G 131 -0.45 61.90 -12.49
N PHE G 132 0.43 60.92 -12.30
CA PHE G 132 1.69 61.17 -11.61
C PHE G 132 2.59 62.09 -12.43
N CYS G 133 3.36 62.91 -11.73
CA CYS G 133 4.35 63.74 -12.37
C CYS G 133 5.53 62.90 -12.83
N ASN G 134 6.34 63.47 -13.73
CA ASN G 134 7.51 62.76 -14.21
C ASN G 134 8.52 62.52 -13.09
N ASP G 135 8.65 63.47 -12.17
CA ASP G 135 9.59 63.37 -11.05
C ASP G 135 8.82 63.68 -9.76
N PRO G 136 8.08 62.70 -9.23
CA PRO G 136 7.29 62.95 -8.02
C PRO G 136 8.17 63.13 -6.79
N PHE G 137 7.80 64.08 -5.93
CA PHE G 137 8.44 64.25 -4.64
C PHE G 137 7.49 64.98 -3.72
N LEU G 138 7.77 64.92 -2.42
CA LEU G 138 6.92 65.56 -1.42
C LEU G 138 7.42 66.97 -1.14
N ASP G 139 6.51 67.94 -1.12
CA ASP G 139 6.88 69.33 -0.88
C ASP G 139 6.88 69.62 0.61
N VAL G 140 7.97 70.22 1.09
CA VAL G 140 8.15 70.66 2.48
C VAL G 140 7.46 69.78 3.50
N PHE G 154 -0.36 68.57 -5.36
CA PHE G 154 0.99 68.15 -5.00
C PHE G 154 1.94 68.29 -6.18
N ARG G 155 3.20 67.96 -5.94
CA ARG G 155 4.15 67.70 -7.02
C ARG G 155 4.41 66.21 -7.20
N VAL G 156 3.63 65.36 -6.53
CA VAL G 156 3.62 63.93 -6.83
C VAL G 156 2.73 63.65 -8.03
N TYR G 157 1.50 64.15 -8.01
CA TYR G 157 0.55 63.95 -9.09
C TYR G 157 -0.19 65.24 -9.35
N SER G 158 -0.86 65.31 -10.50
CA SER G 158 -1.64 66.49 -10.85
C SER G 158 -3.14 66.27 -10.66
N SER G 159 -3.63 65.05 -10.94
CA SER G 159 -5.04 64.73 -10.77
C SER G 159 -5.18 63.37 -10.13
N ALA G 160 -6.25 63.18 -9.37
CA ALA G 160 -6.56 61.90 -8.74
C ALA G 160 -8.08 61.74 -8.69
N ASN G 161 -8.59 60.79 -9.46
CA ASN G 161 -10.02 60.48 -9.49
C ASN G 161 -10.19 58.96 -9.49
N ASN G 162 -11.43 58.53 -9.23
CA ASN G 162 -11.78 57.11 -9.16
C ASN G 162 -10.94 56.38 -8.12
N CYS G 163 -10.96 56.89 -6.89
CA CYS G 163 -10.34 56.20 -5.77
C CYS G 163 -11.21 55.01 -5.37
N THR G 164 -10.61 53.82 -5.32
CA THR G 164 -11.33 52.62 -4.91
C THR G 164 -10.92 52.06 -3.57
N PHE G 165 -9.76 52.46 -3.04
CA PHE G 165 -9.25 51.91 -1.80
C PHE G 165 -8.47 52.97 -1.06
N GLU G 166 -8.53 52.92 0.27
CA GLU G 166 -7.73 53.80 1.11
C GLU G 166 -7.41 53.08 2.41
N TYR G 167 -6.31 53.50 3.05
CA TYR G 167 -5.82 52.90 4.27
C TYR G 167 -4.95 53.91 4.99
N VAL G 168 -5.11 54.01 6.31
CA VAL G 168 -4.39 54.97 7.13
C VAL G 168 -3.90 54.27 8.39
N SER G 169 -2.67 54.58 8.80
CA SER G 169 -2.10 54.01 10.01
C SER G 169 -1.03 54.92 10.59
N PHE G 183 26.56 54.04 15.12
CA PHE G 183 25.82 52.97 14.46
C PHE G 183 24.81 53.54 13.48
N LYS G 184 24.28 52.69 12.60
CA LYS G 184 23.27 53.07 11.64
C LYS G 184 22.06 52.16 11.78
N ASN G 185 20.99 52.51 11.07
CA ASN G 185 19.73 51.76 11.13
C ASN G 185 19.37 51.29 9.73
N LEU G 186 19.41 49.98 9.52
CA LEU G 186 19.01 49.38 8.25
C LEU G 186 17.50 49.17 8.28
N ARG G 187 16.78 49.86 7.41
CA ARG G 187 15.33 49.69 7.29
C ARG G 187 15.06 48.89 6.02
N GLU G 188 14.56 47.67 6.18
CA GLU G 188 14.35 46.76 5.07
C GLU G 188 12.87 46.53 4.85
N PHE G 189 12.48 46.44 3.58
CA PHE G 189 11.09 46.21 3.19
C PHE G 189 11.04 45.16 2.10
N VAL G 190 9.92 44.45 2.04
CA VAL G 190 9.62 43.54 0.95
C VAL G 190 8.18 43.79 0.49
N PHE G 191 8.00 44.05 -0.79
CA PHE G 191 6.68 44.22 -1.40
C PHE G 191 6.47 43.13 -2.43
N LYS G 192 5.31 42.47 -2.36
CA LYS G 192 4.92 41.54 -3.41
C LYS G 192 3.42 41.68 -3.65
N ASN G 193 3.02 41.34 -4.88
CA ASN G 193 1.66 41.55 -5.36
C ASN G 193 1.14 40.21 -5.86
N ILE G 194 0.42 39.50 -5.00
CA ILE G 194 -0.06 38.15 -5.29
C ILE G 194 -1.58 38.12 -5.13
N ASP G 195 -2.26 37.57 -6.13
CA ASP G 195 -3.72 37.60 -6.24
C ASP G 195 -4.11 39.08 -6.29
N GLY G 196 -4.99 39.55 -5.41
CA GLY G 196 -5.30 40.97 -5.36
C GLY G 196 -4.89 41.56 -4.03
N TYR G 197 -3.78 41.10 -3.49
CA TYR G 197 -3.30 41.53 -2.18
C TYR G 197 -1.88 42.04 -2.30
N PHE G 198 -1.66 43.29 -1.89
CA PHE G 198 -0.34 43.91 -1.85
C PHE G 198 0.23 43.68 -0.46
N LYS G 199 1.24 42.81 -0.35
CA LYS G 199 1.79 42.40 0.93
C LYS G 199 3.09 43.14 1.22
N ILE G 200 3.23 43.60 2.45
CA ILE G 200 4.40 44.36 2.87
C ILE G 200 5.00 43.72 4.11
N TYR G 201 6.30 43.48 4.07
CA TYR G 201 7.07 43.03 5.21
C TYR G 201 8.14 44.07 5.51
N SER G 202 8.55 44.17 6.76
CA SER G 202 9.51 45.21 7.13
C SER G 202 10.29 44.80 8.36
N LYS G 203 11.42 45.47 8.56
CA LYS G 203 12.32 45.20 9.68
C LYS G 203 13.28 46.36 9.83
N HIS G 204 13.36 46.92 11.03
CA HIS G 204 14.38 47.92 11.38
C HIS G 204 15.41 47.25 12.27
N THR G 205 16.66 47.21 11.81
CA THR G 205 17.72 46.54 12.54
C THR G 205 18.95 47.44 12.66
N PRO G 206 19.42 47.70 13.87
CA PRO G 206 20.64 48.51 14.03
C PRO G 206 21.86 47.79 13.48
N ILE G 207 22.72 48.54 12.81
CA ILE G 207 23.94 48.00 12.21
C ILE G 207 25.12 48.84 12.66
N ASN G 208 26.30 48.22 12.69
CA ASN G 208 27.50 48.90 13.14
C ASN G 208 28.15 49.71 12.02
N LEU G 213 24.50 46.93 4.12
CA LEU G 213 23.99 45.57 4.03
C LEU G 213 24.92 44.60 4.76
N PRO G 214 24.62 44.32 6.02
CA PRO G 214 25.50 43.46 6.82
C PRO G 214 25.46 42.00 6.41
N GLN G 215 26.14 41.15 7.16
CA GLN G 215 26.33 39.76 6.76
C GLN G 215 25.74 38.79 7.77
N GLY G 216 24.51 39.04 8.21
CA GLY G 216 23.81 38.12 9.09
C GLY G 216 22.40 37.82 8.63
N PHE G 217 21.56 37.34 9.53
CA PHE G 217 20.16 37.07 9.24
C PHE G 217 19.27 37.94 10.10
N SER G 218 18.29 38.60 9.48
CA SER G 218 17.29 39.38 10.20
C SER G 218 15.98 39.22 9.44
N ALA G 219 15.14 38.31 9.90
CA ALA G 219 13.89 38.03 9.21
C ALA G 219 12.91 39.19 9.37
N LEU G 220 12.21 39.50 8.28
CA LEU G 220 11.24 40.59 8.25
C LEU G 220 9.88 40.08 8.71
N GLU G 221 9.13 40.96 9.44
CA GLU G 221 7.79 40.70 9.95
C GLU G 221 6.73 41.19 8.96
N PRO G 222 5.63 40.48 8.81
CA PRO G 222 4.52 41.01 8.00
C PRO G 222 3.98 42.30 8.60
N LEU G 223 3.65 43.24 7.72
CA LEU G 223 3.18 44.55 8.17
C LEU G 223 1.71 44.78 7.83
N VAL G 224 1.35 44.76 6.55
CA VAL G 224 -0.05 44.85 6.12
C VAL G 224 -0.17 44.01 4.86
N ASP G 225 -1.41 43.63 4.52
CA ASP G 225 -1.73 43.17 3.17
C ASP G 225 -2.97 43.94 2.73
N LEU G 226 -2.92 44.49 1.52
CA LEU G 226 -3.96 45.39 1.04
C LEU G 226 -4.83 44.69 0.00
N PRO G 227 -6.14 44.59 0.21
CA PRO G 227 -7.02 43.95 -0.77
C PRO G 227 -7.27 44.83 -1.99
N ILE G 228 -6.18 45.21 -2.65
CA ILE G 228 -6.23 46.04 -3.85
C ILE G 228 -5.96 45.13 -5.04
N GLY G 229 -6.95 44.97 -5.90
CA GLY G 229 -6.70 44.21 -7.10
C GLY G 229 -6.39 45.09 -8.29
N ILE G 230 -5.09 45.33 -8.53
CA ILE G 230 -4.63 46.09 -9.68
C ILE G 230 -3.29 45.51 -10.12
N ASN G 231 -2.95 45.80 -11.37
CA ASN G 231 -1.77 45.24 -12.02
C ASN G 231 -0.61 46.22 -11.83
N ILE G 232 0.49 45.72 -11.26
CA ILE G 232 1.69 46.52 -10.99
C ILE G 232 2.84 45.94 -11.78
N THR G 233 3.50 46.78 -12.58
CA THR G 233 4.75 46.42 -13.23
C THR G 233 5.89 47.38 -12.93
N ARG G 234 5.60 48.56 -12.39
CA ARG G 234 6.58 49.62 -12.23
C ARG G 234 6.38 50.31 -10.89
N PHE G 235 7.46 50.89 -10.38
CA PHE G 235 7.39 51.57 -9.09
C PHE G 235 8.48 52.64 -9.01
N GLN G 236 8.30 53.57 -8.08
CA GLN G 236 9.25 54.66 -7.88
C GLN G 236 9.23 55.06 -6.41
N THR G 237 10.34 55.66 -5.97
CA THR G 237 10.50 56.14 -4.60
C THR G 237 10.19 57.63 -4.52
N LEU G 238 9.43 58.01 -3.50
CA LEU G 238 9.20 59.42 -3.17
C LEU G 238 10.29 59.94 -2.25
N LEU G 239 10.63 61.22 -2.45
CA LEU G 239 11.53 61.95 -1.59
C LEU G 239 10.76 63.13 -0.99
N ALA G 240 11.29 63.68 0.10
CA ALA G 240 10.68 64.82 0.79
C ALA G 240 11.64 65.99 0.71
N LEU G 241 11.23 67.04 0.00
CA LEU G 241 12.07 68.20 -0.23
C LEU G 241 11.47 69.44 0.42
N HIS G 242 12.30 70.17 1.15
CA HIS G 242 11.85 71.32 1.93
C HIS G 242 12.05 72.63 1.16
N THR G 256 16.51 72.83 -1.38
CA THR G 256 17.75 72.70 -0.63
C THR G 256 18.51 71.43 -1.03
N ALA G 257 19.78 71.35 -0.67
CA ALA G 257 20.59 70.19 -0.98
C ALA G 257 20.07 68.93 -0.29
N GLY G 258 19.76 67.90 -1.09
CA GLY G 258 19.16 66.68 -0.58
C GLY G 258 19.86 65.47 -1.16
N ALA G 259 20.05 64.46 -0.32
CA ALA G 259 20.67 63.20 -0.71
C ALA G 259 19.83 62.04 -0.19
N ALA G 260 19.87 60.92 -0.92
CA ALA G 260 19.09 59.74 -0.53
C ALA G 260 19.73 58.52 -1.22
N ALA G 261 20.15 57.56 -0.40
CA ALA G 261 20.71 56.31 -0.88
C ALA G 261 19.78 55.16 -0.48
N TYR G 262 19.54 54.24 -1.40
CA TYR G 262 18.72 53.08 -1.10
C TYR G 262 19.12 51.91 -1.99
N TYR G 263 18.70 50.71 -1.60
CA TYR G 263 18.99 49.50 -2.33
C TYR G 263 17.69 48.92 -2.88
N VAL G 264 17.76 48.33 -4.07
CA VAL G 264 16.61 47.66 -4.68
C VAL G 264 17.05 46.27 -5.14
N GLY G 265 16.40 45.25 -4.61
CA GLY G 265 16.56 43.90 -5.11
C GLY G 265 15.21 43.36 -5.53
N TYR G 266 15.26 42.26 -6.28
CA TYR G 266 14.05 41.68 -6.87
C TYR G 266 13.83 40.27 -6.39
N LEU G 267 12.58 39.96 -6.05
CA LEU G 267 12.20 38.65 -5.56
C LEU G 267 12.06 37.67 -6.72
N GLN G 268 12.36 36.41 -6.43
CA GLN G 268 12.24 35.33 -7.40
C GLN G 268 11.56 34.15 -6.73
N PRO G 269 10.80 33.36 -7.47
CA PRO G 269 10.21 32.14 -6.90
C PRO G 269 11.29 31.15 -6.50
N ARG G 270 11.45 30.96 -5.19
CA ARG G 270 12.53 30.13 -4.66
C ARG G 270 11.96 29.20 -3.60
N THR G 271 12.76 28.21 -3.23
CA THR G 271 12.49 27.35 -2.08
C THR G 271 13.57 27.60 -1.04
N PHE G 272 13.16 27.95 0.17
CA PHE G 272 14.08 28.22 1.26
C PHE G 272 13.85 27.22 2.40
N LEU G 273 14.93 26.85 3.07
CA LEU G 273 14.86 26.05 4.29
C LEU G 273 15.19 26.97 5.46
N LEU G 274 14.19 27.25 6.29
CA LEU G 274 14.34 28.19 7.39
C LEU G 274 14.56 27.44 8.70
N LYS G 275 15.47 27.97 9.52
CA LYS G 275 15.76 27.43 10.83
C LYS G 275 15.10 28.31 11.89
N TYR G 276 14.16 27.72 12.64
CA TYR G 276 13.57 28.37 13.81
C TYR G 276 14.31 27.86 15.03
N ASN G 277 14.84 28.77 15.84
CA ASN G 277 15.53 28.37 17.05
C ASN G 277 14.49 28.02 18.12
N GLU G 278 14.96 27.71 19.33
CA GLU G 278 14.06 27.27 20.38
C GLU G 278 13.09 28.37 20.79
N ASN G 279 13.48 29.63 20.56
CA ASN G 279 12.68 30.77 20.99
C ASN G 279 11.76 31.30 19.90
N GLY G 280 11.66 30.61 18.77
CA GLY G 280 10.77 31.01 17.71
C GLY G 280 11.34 31.95 16.67
N THR G 281 12.62 32.29 16.77
CA THR G 281 13.25 33.24 15.87
C THR G 281 13.85 32.51 14.66
N ILE G 282 13.63 33.08 13.48
CA ILE G 282 14.30 32.60 12.27
C ILE G 282 15.75 33.09 12.34
N THR G 283 16.69 32.17 12.54
CA THR G 283 18.08 32.52 12.75
C THR G 283 18.98 32.15 11.58
N ASP G 284 18.51 31.34 10.65
CA ASP G 284 19.35 30.83 9.57
C ASP G 284 18.45 30.42 8.42
N ALA G 285 19.02 30.35 7.22
CA ALA G 285 18.27 29.92 6.06
C ALA G 285 19.22 29.34 5.01
N VAL G 286 18.65 28.50 4.14
CA VAL G 286 19.38 27.94 3.01
C VAL G 286 18.60 28.26 1.75
N ASP G 287 19.27 28.86 0.77
CA ASP G 287 18.70 29.11 -0.55
C ASP G 287 18.94 27.86 -1.38
N CYS G 288 17.90 27.03 -1.53
CA CYS G 288 18.05 25.69 -2.11
C CYS G 288 18.62 25.72 -3.51
N ALA G 289 18.33 26.76 -4.29
CA ALA G 289 18.79 26.84 -5.67
C ALA G 289 20.08 27.63 -5.83
N LEU G 290 20.75 27.98 -4.74
CA LEU G 290 21.97 28.78 -4.83
C LEU G 290 23.08 28.03 -5.55
N ASP G 291 23.37 26.80 -5.10
CA ASP G 291 24.52 26.06 -5.60
C ASP G 291 24.33 24.59 -5.23
N PRO G 292 25.20 23.69 -5.73
CA PRO G 292 25.02 22.28 -5.39
C PRO G 292 25.00 21.98 -3.90
N LEU G 293 25.82 22.67 -3.10
CA LEU G 293 25.85 22.40 -1.67
C LEU G 293 24.53 22.77 -1.00
N SER G 294 23.94 23.90 -1.40
CA SER G 294 22.65 24.29 -0.84
C SER G 294 21.55 23.30 -1.23
N GLU G 295 21.59 22.80 -2.47
CA GLU G 295 20.63 21.79 -2.88
C GLU G 295 20.80 20.51 -2.06
N THR G 296 22.06 20.12 -1.79
CA THR G 296 22.29 18.97 -0.94
C THR G 296 21.73 19.20 0.46
N LYS G 297 21.92 20.40 0.99
CA LYS G 297 21.39 20.72 2.32
C LYS G 297 19.87 20.63 2.36
N CYS G 298 19.20 21.15 1.32
CA CYS G 298 17.75 21.08 1.29
C CYS G 298 17.25 19.65 1.06
N THR G 299 17.98 18.85 0.29
CA THR G 299 17.61 17.46 0.12
C THR G 299 17.74 16.69 1.43
N LEU G 300 18.82 16.92 2.16
CA LEU G 300 18.99 16.27 3.46
C LEU G 300 18.19 16.93 4.57
N LYS G 301 17.58 18.08 4.30
CA LYS G 301 16.85 18.86 5.32
C LYS G 301 17.75 19.12 6.52
N SER G 302 18.98 19.54 6.26
CA SER G 302 19.97 19.75 7.31
C SER G 302 20.89 20.88 6.90
N PHE G 303 21.47 21.56 7.89
CA PHE G 303 22.40 22.64 7.66
C PHE G 303 23.85 22.18 7.69
N THR G 304 24.11 20.92 8.02
CA THR G 304 25.44 20.33 7.95
C THR G 304 25.38 19.06 7.11
N VAL G 305 26.43 18.83 6.32
CA VAL G 305 26.52 17.66 5.47
C VAL G 305 27.81 16.92 5.79
N GLU G 306 27.71 15.62 6.04
CA GLU G 306 28.89 14.79 6.22
C GLU G 306 29.56 14.52 4.88
N LYS G 307 30.82 14.10 4.95
CA LYS G 307 31.54 13.72 3.74
C LYS G 307 30.82 12.57 3.05
N GLY G 308 30.66 12.69 1.74
CA GLY G 308 30.02 11.65 0.96
C GLY G 308 29.60 12.18 -0.39
N ILE G 309 28.80 11.36 -1.08
CA ILE G 309 28.22 11.70 -2.38
C ILE G 309 26.71 11.55 -2.26
N TYR G 310 25.97 12.55 -2.76
CA TYR G 310 24.54 12.65 -2.52
C TYR G 310 23.79 12.85 -3.81
N GLN G 311 22.72 12.09 -4.01
CA GLN G 311 21.88 12.20 -5.19
C GLN G 311 20.91 13.37 -4.98
N THR G 312 21.11 14.44 -5.73
CA THR G 312 20.22 15.59 -5.73
C THR G 312 19.24 15.46 -6.91
N SER G 313 18.49 16.52 -7.17
CA SER G 313 17.51 16.50 -8.24
C SER G 313 18.20 16.39 -9.60
N ASN G 314 17.47 15.80 -10.55
CA ASN G 314 17.97 15.66 -11.91
C ASN G 314 18.03 17.01 -12.60
N PHE G 315 18.94 17.11 -13.57
CA PHE G 315 18.89 18.27 -14.46
C PHE G 315 17.94 17.98 -15.63
N ARG G 316 17.45 19.06 -16.23
CA ARG G 316 16.54 18.95 -17.36
C ARG G 316 16.66 20.19 -18.24
N VAL G 317 16.89 19.96 -19.53
CA VAL G 317 16.83 21.04 -20.51
C VAL G 317 15.39 21.52 -20.62
N GLN G 318 15.21 22.83 -20.67
CA GLN G 318 13.87 23.38 -20.66
C GLN G 318 13.42 23.76 -22.07
N PRO G 319 12.12 23.67 -22.35
CA PRO G 319 11.63 24.05 -23.69
C PRO G 319 11.86 25.52 -23.97
N THR G 320 12.33 25.79 -25.19
CA THR G 320 12.65 27.15 -25.60
C THR G 320 11.46 27.89 -26.19
N GLU G 321 10.52 27.18 -26.80
CA GLU G 321 9.36 27.81 -27.42
C GLU G 321 8.18 26.86 -27.33
N SER G 322 7.02 27.33 -27.80
CA SER G 322 5.80 26.54 -27.84
C SER G 322 5.30 26.45 -29.28
N ILE G 323 5.05 25.23 -29.73
CA ILE G 323 4.58 24.94 -31.09
C ILE G 323 3.13 24.49 -31.02
N VAL G 324 2.30 25.05 -31.90
CA VAL G 324 0.91 24.63 -32.05
C VAL G 324 0.71 24.19 -33.49
N ARG G 325 0.12 23.00 -33.67
CA ARG G 325 -0.11 22.44 -35.01
C ARG G 325 -1.51 21.84 -35.05
N PHE G 326 -2.43 22.56 -35.68
CA PHE G 326 -3.79 22.13 -35.96
C PHE G 326 -4.01 22.04 -37.47
N PRO G 327 -4.99 21.27 -37.92
CA PRO G 327 -5.22 21.17 -39.37
C PRO G 327 -5.69 22.49 -39.96
N ASN G 328 -5.40 22.68 -41.23
CA ASN G 328 -5.82 23.88 -41.96
C ASN G 328 -7.30 23.75 -42.29
N ILE G 329 -8.14 24.31 -41.42
CA ILE G 329 -9.58 24.31 -41.58
C ILE G 329 -10.10 25.71 -41.30
N THR G 330 -10.97 26.21 -42.17
CA THR G 330 -11.44 27.58 -42.10
C THR G 330 -12.94 27.72 -41.93
N ASN G 331 -13.73 26.74 -42.36
CA ASN G 331 -15.18 26.84 -42.25
C ASN G 331 -15.62 26.82 -40.79
N LEU G 332 -16.69 27.53 -40.49
CA LEU G 332 -17.28 27.52 -39.16
C LEU G 332 -18.31 26.41 -39.04
N CYS G 333 -18.28 25.71 -37.91
CA CYS G 333 -19.17 24.57 -37.71
C CYS G 333 -20.63 25.04 -37.64
N PRO G 334 -21.55 24.27 -38.23
CA PRO G 334 -22.95 24.71 -38.36
C PRO G 334 -23.81 24.43 -37.12
N PHE G 335 -23.38 24.93 -35.97
CA PHE G 335 -24.16 24.77 -34.75
C PHE G 335 -25.40 25.64 -34.72
N ASP G 336 -25.50 26.64 -35.60
CA ASP G 336 -26.67 27.52 -35.60
C ASP G 336 -27.94 26.75 -35.91
N GLU G 337 -27.92 25.88 -36.92
CA GLU G 337 -29.10 25.17 -37.37
C GLU G 337 -29.45 23.98 -36.48
N VAL G 338 -28.61 23.64 -35.51
CA VAL G 338 -28.95 22.62 -34.53
C VAL G 338 -29.73 23.22 -33.36
N PHE G 339 -29.22 24.31 -32.79
CA PHE G 339 -29.85 24.95 -31.65
C PHE G 339 -30.94 25.93 -32.03
N ASN G 340 -31.09 26.25 -33.32
CA ASN G 340 -32.08 27.23 -33.73
C ASN G 340 -33.02 26.67 -34.80
N ALA G 341 -33.54 25.48 -34.56
CA ALA G 341 -34.53 24.86 -35.44
C ALA G 341 -35.93 25.25 -34.99
N THR G 342 -36.82 25.40 -35.96
CA THR G 342 -38.20 25.77 -35.66
C THR G 342 -38.89 24.70 -34.82
N ARG G 343 -38.68 23.43 -35.17
CA ARG G 343 -39.24 22.32 -34.43
C ARG G 343 -38.19 21.24 -34.25
N PHE G 344 -38.16 20.66 -33.05
CA PHE G 344 -37.26 19.57 -32.73
C PHE G 344 -37.97 18.23 -32.95
N ALA G 345 -37.16 17.20 -33.19
CA ALA G 345 -37.72 15.89 -33.46
C ALA G 345 -38.29 15.25 -32.19
N SER G 346 -39.16 14.27 -32.40
CA SER G 346 -39.57 13.41 -31.30
C SER G 346 -38.40 12.53 -30.87
N VAL G 347 -38.38 12.18 -29.58
CA VAL G 347 -37.23 11.46 -29.03
C VAL G 347 -37.14 10.05 -29.61
N TYR G 348 -38.28 9.43 -29.92
CA TYR G 348 -38.25 8.10 -30.54
C TYR G 348 -37.62 8.15 -31.93
N ALA G 349 -37.81 9.26 -32.65
CA ALA G 349 -37.27 9.45 -33.99
C ALA G 349 -36.23 10.55 -33.98
N TRP G 350 -35.34 10.53 -32.99
CA TRP G 350 -34.40 11.62 -32.76
C TRP G 350 -33.50 11.82 -33.96
N ASN G 351 -33.16 13.09 -34.21
CA ASN G 351 -32.33 13.45 -35.35
C ASN G 351 -30.85 13.38 -34.98
N ARG G 352 -30.04 12.90 -35.92
CA ARG G 352 -28.59 12.91 -35.79
C ARG G 352 -27.98 13.72 -36.91
N LYS G 353 -27.14 14.69 -36.56
CA LYS G 353 -26.44 15.54 -37.51
C LYS G 353 -24.95 15.30 -37.41
N ARG G 354 -24.28 15.26 -38.56
CA ARG G 354 -22.83 15.09 -38.62
C ARG G 354 -22.16 16.45 -38.72
N ILE G 355 -21.19 16.69 -37.85
CA ILE G 355 -20.37 17.90 -37.87
C ILE G 355 -18.96 17.47 -38.26
N SER G 356 -18.47 17.99 -39.39
CA SER G 356 -17.14 17.62 -39.85
C SER G 356 -16.58 18.74 -40.73
N ASN G 357 -15.25 18.81 -40.76
CA ASN G 357 -14.52 19.72 -41.65
C ASN G 357 -14.88 21.18 -41.38
N CYS G 358 -14.78 21.58 -40.11
CA CYS G 358 -15.12 22.93 -39.72
C CYS G 358 -14.40 23.27 -38.41
N VAL G 359 -14.42 24.55 -38.07
CA VAL G 359 -13.87 25.05 -36.81
C VAL G 359 -15.03 25.22 -35.85
N ALA G 360 -14.90 24.65 -34.66
CA ALA G 360 -15.97 24.64 -33.67
C ALA G 360 -15.59 25.55 -32.51
N ASP G 361 -16.24 26.70 -32.41
CA ASP G 361 -16.16 27.58 -31.25
C ASP G 361 -17.36 27.26 -30.37
N TYR G 362 -17.12 26.60 -29.24
CA TYR G 362 -18.21 26.19 -28.37
C TYR G 362 -18.71 27.31 -27.47
N SER G 363 -18.01 28.45 -27.43
CA SER G 363 -18.50 29.59 -26.67
C SER G 363 -19.70 30.25 -27.31
N VAL G 364 -19.96 30.00 -28.59
CA VAL G 364 -21.14 30.57 -29.26
C VAL G 364 -22.41 29.79 -28.95
N LEU G 365 -22.31 28.59 -28.38
CA LEU G 365 -23.51 27.82 -28.04
C LEU G 365 -24.33 28.49 -26.96
N TYR G 366 -23.70 29.28 -26.08
CA TYR G 366 -24.45 29.98 -25.04
C TYR G 366 -25.36 31.05 -25.61
N ASN G 367 -25.13 31.49 -26.84
CA ASN G 367 -25.96 32.53 -27.46
C ASN G 367 -27.15 31.96 -28.21
N PHE G 368 -27.10 30.69 -28.62
CA PHE G 368 -28.15 30.12 -29.45
C PHE G 368 -29.32 29.56 -28.64
N ALA G 369 -29.11 29.28 -27.36
CA ALA G 369 -30.13 28.67 -26.53
C ALA G 369 -29.93 29.10 -25.07
N PRO G 370 -31.02 29.36 -24.36
CA PRO G 370 -30.88 29.87 -22.98
C PRO G 370 -30.74 28.79 -21.94
N PHE G 371 -29.87 27.80 -22.19
CA PHE G 371 -29.61 26.78 -21.17
C PHE G 371 -28.70 27.35 -20.09
N PHE G 372 -28.74 26.71 -18.92
CA PHE G 372 -27.92 27.21 -17.83
C PHE G 372 -26.48 26.71 -17.92
N ALA G 373 -26.27 25.44 -18.23
CA ALA G 373 -24.91 24.91 -18.25
C ALA G 373 -24.85 23.65 -19.11
N PHE G 374 -23.64 23.37 -19.61
CA PHE G 374 -23.35 22.08 -20.21
C PHE G 374 -23.36 21.00 -19.14
N LYS G 375 -23.55 19.76 -19.57
CA LYS G 375 -23.23 18.58 -18.76
C LYS G 375 -22.39 17.66 -19.63
N CYS G 376 -21.09 17.64 -19.39
CA CYS G 376 -20.15 16.94 -20.24
C CYS G 376 -19.61 15.70 -19.54
N TYR G 377 -19.09 14.77 -20.35
CA TYR G 377 -18.60 13.49 -19.87
C TYR G 377 -17.26 13.21 -20.53
N GLY G 378 -16.25 12.88 -19.71
CA GLY G 378 -14.92 12.66 -20.22
C GLY G 378 -14.22 13.90 -20.70
N VAL G 379 -14.79 15.08 -20.50
CA VAL G 379 -14.22 16.34 -20.95
C VAL G 379 -14.89 17.45 -20.17
N SER G 380 -14.21 18.58 -20.04
CA SER G 380 -14.83 19.71 -19.38
C SER G 380 -15.28 20.74 -20.41
N PRO G 381 -16.40 21.43 -20.16
CA PRO G 381 -16.91 22.39 -21.17
C PRO G 381 -15.94 23.51 -21.51
N THR G 382 -15.11 23.94 -20.55
CA THR G 382 -14.17 25.03 -20.81
C THR G 382 -12.91 24.58 -21.52
N LYS G 383 -12.74 23.28 -21.76
CA LYS G 383 -11.60 22.76 -22.50
C LYS G 383 -11.93 22.39 -23.94
N LEU G 384 -13.20 22.48 -24.35
CA LEU G 384 -13.59 22.03 -25.68
C LEU G 384 -12.89 22.83 -26.77
N ASN G 385 -12.73 24.14 -26.57
CA ASN G 385 -12.11 24.99 -27.58
C ASN G 385 -10.64 24.67 -27.82
N ASP G 386 -10.01 23.90 -26.94
CA ASP G 386 -8.61 23.54 -27.07
C ASP G 386 -8.38 22.19 -27.76
N LEU G 387 -9.45 21.52 -28.19
CA LEU G 387 -9.34 20.14 -28.63
C LEU G 387 -9.74 19.99 -30.09
N CYS G 388 -9.43 18.82 -30.64
CA CYS G 388 -9.82 18.42 -31.97
C CYS G 388 -10.52 17.07 -31.91
N PHE G 389 -11.53 16.88 -32.76
CA PHE G 389 -12.30 15.65 -32.83
C PHE G 389 -12.38 15.19 -34.26
N THR G 390 -12.35 13.87 -34.47
CA THR G 390 -12.54 13.33 -35.82
C THR G 390 -13.88 13.76 -36.39
N ASN G 391 -14.95 13.54 -35.63
CA ASN G 391 -16.28 14.01 -35.99
C ASN G 391 -16.98 14.53 -34.76
N VAL G 392 -18.08 15.24 -34.99
CA VAL G 392 -19.04 15.57 -33.94
C VAL G 392 -20.41 15.17 -34.45
N TYR G 393 -21.20 14.58 -33.57
CA TYR G 393 -22.60 14.26 -33.87
C TYR G 393 -23.49 15.03 -32.92
N ALA G 394 -24.48 15.73 -33.47
CA ALA G 394 -25.43 16.50 -32.69
C ALA G 394 -26.78 15.80 -32.79
N ASP G 395 -27.22 15.19 -31.68
CA ASP G 395 -28.53 14.58 -31.58
C ASP G 395 -29.45 15.54 -30.85
N SER G 396 -30.64 15.75 -31.40
CA SER G 396 -31.60 16.70 -30.85
C SER G 396 -33.00 16.10 -30.84
N PHE G 397 -33.74 16.36 -29.76
CA PHE G 397 -35.09 15.84 -29.57
C PHE G 397 -35.73 16.64 -28.44
N VAL G 398 -36.95 16.23 -28.06
CA VAL G 398 -37.68 16.89 -26.99
C VAL G 398 -38.23 15.83 -26.04
N ILE G 399 -37.97 16.02 -24.75
CA ILE G 399 -38.53 15.17 -23.70
C ILE G 399 -39.17 16.07 -22.66
N ARG G 400 -39.69 15.49 -21.59
CA ARG G 400 -40.22 16.25 -20.47
C ARG G 400 -39.18 16.32 -19.36
N GLY G 401 -39.37 17.29 -18.46
CA GLY G 401 -38.28 17.72 -17.59
C GLY G 401 -37.77 16.64 -16.66
N ASN G 402 -38.66 15.77 -16.18
CA ASN G 402 -38.22 14.76 -15.22
C ASN G 402 -37.56 13.57 -15.92
N GLU G 403 -37.49 13.57 -17.25
CA GLU G 403 -36.76 12.55 -17.99
C GLU G 403 -35.37 13.00 -18.41
N VAL G 404 -34.98 14.24 -18.09
CA VAL G 404 -33.67 14.74 -18.51
C VAL G 404 -32.54 13.98 -17.82
N SER G 405 -32.78 13.51 -16.59
CA SER G 405 -31.78 12.71 -15.90
C SER G 405 -31.47 11.41 -16.63
N GLN G 406 -32.38 10.95 -17.49
CA GLN G 406 -32.16 9.73 -18.25
C GLN G 406 -31.21 9.91 -19.42
N ILE G 407 -30.92 11.15 -19.82
CA ILE G 407 -29.96 11.41 -20.90
C ILE G 407 -28.60 11.47 -20.23
N ALA G 408 -28.03 10.29 -19.99
CA ALA G 408 -26.77 10.12 -19.28
C ALA G 408 -26.34 8.66 -19.41
N PRO G 409 -25.04 8.39 -19.46
CA PRO G 409 -24.59 6.99 -19.50
C PRO G 409 -25.04 6.22 -18.27
N GLY G 410 -25.43 4.96 -18.49
CA GLY G 410 -25.80 4.07 -17.40
C GLY G 410 -27.19 4.26 -16.84
N GLN G 411 -28.10 4.86 -17.59
CA GLN G 411 -29.44 5.17 -17.08
C GLN G 411 -30.47 4.16 -17.57
N THR G 412 -31.56 4.07 -16.81
CA THR G 412 -32.72 3.26 -17.19
C THR G 412 -33.97 4.11 -17.04
N GLY G 413 -35.06 3.63 -17.65
CA GLY G 413 -36.30 4.37 -17.71
C GLY G 413 -36.91 4.25 -19.09
N ASN G 414 -38.09 4.82 -19.31
CA ASN G 414 -38.75 4.68 -20.60
C ASN G 414 -37.92 5.32 -21.72
N ILE G 415 -37.42 6.53 -21.49
CA ILE G 415 -36.64 7.22 -22.51
C ILE G 415 -35.32 6.51 -22.77
N ALA G 416 -34.61 6.13 -21.71
CA ALA G 416 -33.31 5.50 -21.84
C ALA G 416 -33.39 4.08 -22.39
N ASP G 417 -34.51 3.39 -22.21
CA ASP G 417 -34.64 2.01 -22.66
C ASP G 417 -35.33 1.85 -24.00
N TYR G 418 -36.28 2.71 -24.36
CA TYR G 418 -37.03 2.54 -25.59
C TYR G 418 -36.90 3.67 -26.60
N ASN G 419 -36.30 4.80 -26.23
CA ASN G 419 -36.28 5.96 -27.13
C ASN G 419 -34.87 6.41 -27.47
N TYR G 420 -33.98 6.57 -26.49
CA TYR G 420 -32.66 7.12 -26.74
C TYR G 420 -31.71 6.61 -25.66
N LYS G 421 -30.70 5.85 -26.06
CA LYS G 421 -29.77 5.23 -25.13
C LYS G 421 -28.36 5.74 -25.36
N LEU G 422 -27.70 6.16 -24.29
CA LEU G 422 -26.31 6.58 -24.33
C LEU G 422 -25.41 5.43 -23.87
N PRO G 423 -24.27 5.24 -24.52
CA PRO G 423 -23.35 4.18 -24.08
C PRO G 423 -22.73 4.51 -22.73
N ASP G 424 -22.29 3.46 -22.03
CA ASP G 424 -21.67 3.65 -20.73
C ASP G 424 -20.36 4.41 -20.84
N ASP G 425 -19.65 4.25 -21.97
CA ASP G 425 -18.40 4.95 -22.23
C ASP G 425 -18.59 6.22 -23.05
N PHE G 426 -19.70 6.91 -22.87
CA PHE G 426 -20.03 8.07 -23.68
C PHE G 426 -19.07 9.21 -23.42
N THR G 427 -18.54 9.80 -24.49
CA THR G 427 -17.73 11.00 -24.43
C THR G 427 -18.44 12.11 -25.17
N GLY G 428 -18.93 13.09 -24.43
CA GLY G 428 -19.65 14.19 -25.04
C GLY G 428 -20.40 15.00 -24.00
N CYS G 429 -21.27 15.88 -24.49
CA CYS G 429 -21.97 16.82 -23.63
C CYS G 429 -23.46 16.76 -23.92
N VAL G 430 -24.25 16.86 -22.86
CA VAL G 430 -25.71 16.89 -22.95
C VAL G 430 -26.16 18.30 -22.61
N ILE G 431 -26.82 18.95 -23.55
CA ILE G 431 -27.33 20.30 -23.36
C ILE G 431 -28.85 20.25 -23.41
N ALA G 432 -29.49 20.64 -22.32
CA ALA G 432 -30.94 20.65 -22.21
C ALA G 432 -31.40 21.98 -21.63
N TRP G 433 -32.50 22.51 -22.17
CA TRP G 433 -33.07 23.75 -21.64
C TRP G 433 -34.59 23.69 -21.76
N ASN G 434 -35.26 24.44 -20.89
CA ASN G 434 -36.70 24.52 -20.91
C ASN G 434 -37.19 25.16 -22.21
N SER G 435 -38.22 24.58 -22.80
CA SER G 435 -38.82 25.07 -24.04
C SER G 435 -40.33 25.14 -23.92
N ASN G 436 -40.81 25.57 -22.75
CA ASN G 436 -42.25 25.64 -22.53
C ASN G 436 -42.91 26.71 -23.39
N LYS G 437 -42.15 27.73 -23.79
CA LYS G 437 -42.70 28.83 -24.59
C LYS G 437 -42.81 28.49 -26.07
N LEU G 438 -42.23 27.38 -26.52
CA LEU G 438 -42.30 26.98 -27.91
C LEU G 438 -42.99 25.65 -28.15
N ASP G 439 -42.98 24.76 -27.16
CA ASP G 439 -43.47 23.40 -27.33
C ASP G 439 -44.76 23.11 -26.56
N SER G 440 -45.38 24.13 -25.99
CA SER G 440 -46.60 23.98 -25.23
C SER G 440 -47.74 24.76 -25.87
N LYS G 441 -48.92 24.14 -25.90
CA LYS G 441 -50.11 24.75 -26.48
C LYS G 441 -51.22 24.73 -25.44
N VAL G 442 -52.14 25.68 -25.56
CA VAL G 442 -53.22 25.83 -24.58
C VAL G 442 -54.05 24.55 -24.50
N GLY G 443 -54.42 24.00 -25.65
CA GLY G 443 -55.09 22.72 -25.67
C GLY G 443 -54.20 21.52 -25.50
N GLY G 444 -52.90 21.74 -25.40
CA GLY G 444 -51.93 20.67 -25.33
C GLY G 444 -51.28 20.39 -26.68
N ASN G 445 -49.98 20.19 -26.65
CA ASN G 445 -49.19 19.90 -27.85
C ASN G 445 -48.97 18.40 -27.94
N TYR G 446 -49.45 17.79 -29.02
CA TYR G 446 -49.41 16.34 -29.19
C TYR G 446 -48.51 15.91 -30.34
N ASN G 447 -47.66 16.81 -30.84
CA ASN G 447 -46.73 16.49 -31.91
C ASN G 447 -45.49 15.74 -31.42
N TYR G 448 -45.21 15.79 -30.12
CA TYR G 448 -44.03 15.14 -29.56
C TYR G 448 -44.44 13.80 -28.94
N GLN G 449 -43.75 12.75 -29.36
CA GLN G 449 -44.11 11.39 -28.98
C GLN G 449 -42.88 10.66 -28.44
N TYR G 450 -43.14 9.57 -27.73
CA TYR G 450 -42.11 8.68 -27.24
C TYR G 450 -42.62 7.25 -27.32
N ARG G 451 -41.69 6.30 -27.42
CA ARG G 451 -42.05 4.90 -27.41
C ARG G 451 -42.28 4.44 -25.98
N LEU G 452 -43.47 3.92 -25.70
CA LEU G 452 -43.81 3.41 -24.38
C LEU G 452 -43.65 1.91 -24.26
N PHE G 453 -43.77 1.18 -25.37
CA PHE G 453 -43.75 -0.28 -25.36
C PHE G 453 -42.73 -0.79 -26.36
N ARG G 454 -41.92 -1.76 -25.94
CA ARG G 454 -40.96 -2.37 -26.84
C ARG G 454 -40.54 -3.72 -26.26
N LYS G 455 -40.31 -4.68 -27.16
CA LYS G 455 -39.97 -6.04 -26.74
C LYS G 455 -38.64 -6.10 -26.00
N SER G 456 -37.71 -5.19 -26.33
CA SER G 456 -36.41 -5.20 -25.68
C SER G 456 -35.89 -3.76 -25.61
N ASN G 457 -34.91 -3.55 -24.74
CA ASN G 457 -34.29 -2.24 -24.62
C ASN G 457 -33.39 -1.97 -25.83
N LEU G 458 -33.26 -0.69 -26.17
CA LEU G 458 -32.42 -0.31 -27.29
C LEU G 458 -30.95 -0.51 -26.96
N LYS G 459 -30.15 -0.67 -27.99
CA LYS G 459 -28.70 -0.54 -27.86
C LYS G 459 -28.32 0.94 -27.93
N PRO G 460 -27.14 1.30 -27.42
CA PRO G 460 -26.74 2.72 -27.45
C PRO G 460 -26.75 3.27 -28.87
N PHE G 461 -27.29 4.48 -29.00
CA PHE G 461 -27.34 5.21 -30.27
C PHE G 461 -28.12 4.46 -31.35
N GLU G 462 -29.08 3.65 -30.94
CA GLU G 462 -29.96 2.93 -31.86
C GLU G 462 -31.31 3.62 -31.93
N ARG G 463 -31.91 3.63 -33.12
CA ARG G 463 -33.16 4.32 -33.37
C ARG G 463 -34.22 3.33 -33.84
N ASP G 464 -35.45 3.53 -33.37
CA ASP G 464 -36.56 2.63 -33.68
C ASP G 464 -37.76 3.51 -34.07
N ILE G 465 -38.01 3.62 -35.37
CA ILE G 465 -39.15 4.38 -35.86
C ILE G 465 -40.28 3.45 -36.32
N SER G 466 -40.20 2.17 -35.98
CA SER G 466 -41.26 1.24 -36.33
C SER G 466 -42.53 1.55 -35.56
N THR G 467 -43.67 1.31 -36.21
CA THR G 467 -44.98 1.61 -35.63
C THR G 467 -45.85 0.36 -35.56
N GLU G 468 -45.22 -0.81 -35.48
CA GLU G 468 -45.95 -2.06 -35.41
C GLU G 468 -46.67 -2.18 -34.08
N ILE G 469 -47.90 -2.72 -34.12
CA ILE G 469 -48.70 -2.87 -32.91
C ILE G 469 -47.97 -3.77 -31.92
N TYR G 470 -48.03 -3.39 -30.64
CA TYR G 470 -47.29 -4.08 -29.59
C TYR G 470 -48.20 -5.08 -28.89
N GLN G 471 -47.68 -6.28 -28.66
CA GLN G 471 -48.43 -7.39 -28.07
C GLN G 471 -47.99 -7.57 -26.61
N ALA G 472 -48.82 -7.12 -25.68
CA ALA G 472 -48.52 -7.29 -24.27
C ALA G 472 -48.96 -8.64 -23.72
N GLY G 473 -50.01 -9.23 -24.29
CA GLY G 473 -50.50 -10.52 -23.88
C GLY G 473 -50.03 -11.64 -24.79
N ASN G 474 -50.73 -12.77 -24.70
CA ASN G 474 -50.37 -13.95 -25.47
C ASN G 474 -51.20 -14.11 -26.74
N LYS G 475 -52.33 -13.41 -26.86
CA LYS G 475 -53.10 -13.46 -28.08
C LYS G 475 -52.41 -12.65 -29.18
N PRO G 476 -52.53 -13.08 -30.43
CA PRO G 476 -52.01 -12.27 -31.53
C PRO G 476 -52.85 -11.01 -31.74
N CYS G 477 -52.24 -10.05 -32.42
CA CYS G 477 -52.84 -8.73 -32.60
C CYS G 477 -53.31 -8.45 -34.01
N ASN G 478 -52.62 -8.96 -35.02
CA ASN G 478 -53.02 -8.80 -36.43
C ASN G 478 -53.10 -7.33 -36.83
N GLY G 479 -52.14 -6.54 -36.34
CA GLY G 479 -52.09 -5.13 -36.70
C GLY G 479 -53.25 -4.30 -36.20
N VAL G 480 -53.90 -4.74 -35.11
CA VAL G 480 -55.07 -4.07 -34.56
C VAL G 480 -54.83 -3.78 -33.09
N ALA G 481 -55.11 -2.56 -32.67
CA ALA G 481 -54.96 -2.18 -31.27
C ALA G 481 -56.12 -2.73 -30.47
N GLY G 482 -55.90 -3.85 -29.79
CA GLY G 482 -56.97 -4.55 -29.09
C GLY G 482 -57.01 -4.32 -27.60
N PHE G 483 -56.90 -5.40 -26.82
CA PHE G 483 -56.97 -5.34 -25.36
C PHE G 483 -55.58 -5.34 -24.73
N ASN G 484 -54.76 -6.35 -25.05
CA ASN G 484 -53.35 -6.32 -24.73
C ASN G 484 -52.50 -5.92 -25.91
N CYS G 485 -53.14 -5.42 -26.98
CA CYS G 485 -52.46 -4.96 -28.18
C CYS G 485 -52.47 -3.44 -28.19
N TYR G 486 -51.34 -2.84 -27.86
CA TYR G 486 -51.24 -1.39 -27.75
C TYR G 486 -50.49 -0.79 -28.94
N PHE G 487 -50.81 0.45 -29.24
CA PHE G 487 -50.03 1.22 -30.19
C PHE G 487 -48.73 1.64 -29.51
N PRO G 488 -47.58 1.36 -30.11
CA PRO G 488 -46.30 1.53 -29.39
C PRO G 488 -46.01 2.96 -28.95
N LEU G 489 -46.52 3.97 -29.64
CA LEU G 489 -46.15 5.35 -29.38
C LEU G 489 -47.24 6.06 -28.58
N ARG G 490 -46.80 6.99 -27.73
CA ARG G 490 -47.68 7.82 -26.93
C ARG G 490 -47.19 9.26 -26.99
N SER G 491 -48.13 10.19 -26.97
CA SER G 491 -47.84 11.61 -27.13
C SER G 491 -47.69 12.29 -25.78
N TYR G 492 -46.71 13.17 -25.66
CA TYR G 492 -46.71 14.14 -24.57
C TYR G 492 -47.89 15.08 -24.75
N GLY G 493 -48.39 15.60 -23.64
CA GLY G 493 -49.48 16.56 -23.71
C GLY G 493 -49.06 17.93 -23.25
N PHE G 494 -47.86 18.35 -23.66
CA PHE G 494 -47.20 19.53 -23.11
C PHE G 494 -48.14 20.73 -23.08
N ARG G 495 -48.42 21.20 -21.86
CA ARG G 495 -49.31 22.31 -21.60
C ARG G 495 -48.59 23.38 -20.80
N PRO G 496 -48.87 24.66 -21.05
CA PRO G 496 -48.14 25.73 -20.35
C PRO G 496 -48.36 25.73 -18.85
N THR G 497 -49.45 25.16 -18.35
CA THR G 497 -49.76 25.17 -16.93
C THR G 497 -49.08 24.05 -16.15
N TYR G 498 -48.33 23.18 -16.83
CA TYR G 498 -47.70 22.06 -16.15
C TYR G 498 -46.55 22.53 -15.27
N GLY G 499 -46.27 21.76 -14.23
CA GLY G 499 -45.10 22.02 -13.41
C GLY G 499 -43.82 21.75 -14.16
N VAL G 500 -42.70 22.16 -13.54
CA VAL G 500 -41.42 22.16 -14.25
C VAL G 500 -41.05 20.76 -14.74
N GLY G 501 -41.15 19.76 -13.86
CA GLY G 501 -40.80 18.40 -14.24
C GLY G 501 -41.68 17.81 -15.32
N HIS G 502 -42.85 18.39 -15.57
CA HIS G 502 -43.77 17.93 -16.61
C HIS G 502 -43.74 18.83 -17.84
N GLN G 503 -42.76 19.71 -17.95
CA GLN G 503 -42.69 20.67 -19.04
C GLN G 503 -41.72 20.19 -20.12
N PRO G 504 -41.90 20.66 -21.36
CA PRO G 504 -41.00 20.23 -22.43
C PRO G 504 -39.60 20.81 -22.26
N TYR G 505 -38.61 19.97 -22.55
CA TYR G 505 -37.22 20.39 -22.54
C TYR G 505 -36.57 19.99 -23.86
N ARG G 506 -35.89 20.92 -24.49
CA ARG G 506 -35.13 20.63 -25.70
C ARG G 506 -33.74 20.14 -25.34
N VAL G 507 -33.32 19.02 -25.93
CA VAL G 507 -32.05 18.39 -25.61
C VAL G 507 -31.22 18.32 -26.88
N VAL G 508 -29.97 18.75 -26.78
CA VAL G 508 -28.97 18.53 -27.81
C VAL G 508 -27.86 17.70 -27.19
N VAL G 509 -27.54 16.57 -27.80
CA VAL G 509 -26.47 15.69 -27.35
C VAL G 509 -25.34 15.79 -28.35
N LEU G 510 -24.17 16.24 -27.89
CA LEU G 510 -22.97 16.30 -28.70
C LEU G 510 -22.09 15.11 -28.30
N SER G 511 -21.85 14.21 -29.25
CA SER G 511 -20.96 13.08 -29.03
C SER G 511 -19.75 13.20 -29.93
N PHE G 512 -18.57 12.91 -29.38
CA PHE G 512 -17.35 12.99 -30.17
C PHE G 512 -16.37 11.92 -29.68
N GLU G 513 -15.22 11.88 -30.34
CA GLU G 513 -14.17 10.91 -30.04
C GLU G 513 -12.91 11.67 -29.66
N LEU G 514 -12.37 11.36 -28.48
CA LEU G 514 -11.09 11.93 -28.04
C LEU G 514 -9.94 10.94 -28.13
N LEU G 515 -10.12 9.85 -28.86
CA LEU G 515 -9.05 8.87 -29.04
C LEU G 515 -8.15 9.29 -30.20
N HIS G 516 -6.93 8.75 -30.22
CA HIS G 516 -5.99 9.12 -31.26
C HIS G 516 -6.50 8.70 -32.62
N ALA G 517 -6.77 9.69 -33.47
CA ALA G 517 -7.26 9.48 -34.83
C ALA G 517 -7.15 10.82 -35.57
N PRO G 518 -7.13 10.79 -36.90
CA PRO G 518 -7.16 12.06 -37.66
C PRO G 518 -8.40 12.86 -37.31
N ALA G 519 -8.26 14.18 -37.28
CA ALA G 519 -9.31 15.06 -36.80
C ALA G 519 -9.73 16.04 -37.87
N THR G 520 -11.04 16.31 -37.93
CA THR G 520 -11.59 17.27 -38.88
C THR G 520 -12.42 18.37 -38.23
N VAL G 521 -12.72 18.27 -36.94
CA VAL G 521 -13.40 19.33 -36.20
C VAL G 521 -12.47 19.79 -35.09
N CYS G 522 -12.15 21.08 -35.08
CA CYS G 522 -11.19 21.62 -34.13
C CYS G 522 -11.72 22.92 -33.56
N GLY G 523 -11.23 23.27 -32.38
CA GLY G 523 -11.56 24.53 -31.75
C GLY G 523 -10.79 25.67 -32.36
N PRO G 524 -11.15 26.88 -31.95
CA PRO G 524 -10.42 28.06 -32.45
C PRO G 524 -9.04 28.15 -31.84
N LYS G 525 -8.01 27.86 -32.64
CA LYS G 525 -6.64 27.78 -32.14
C LYS G 525 -5.71 28.06 -33.30
N LYS G 526 -4.91 29.11 -33.19
CA LYS G 526 -3.99 29.48 -34.26
C LYS G 526 -2.77 28.57 -34.24
N SER G 527 -2.34 28.14 -35.43
CA SER G 527 -1.19 27.26 -35.57
C SER G 527 0.08 28.08 -35.77
N THR G 528 1.15 27.67 -35.10
CA THR G 528 2.45 28.28 -35.28
C THR G 528 3.23 27.51 -36.36
N ASN G 529 4.50 27.83 -36.53
CA ASN G 529 5.34 27.05 -37.41
C ASN G 529 5.80 25.77 -36.71
N LEU G 530 6.36 24.86 -37.48
CA LEU G 530 6.86 23.59 -36.96
C LEU G 530 8.36 23.70 -36.74
N VAL G 531 8.79 23.46 -35.50
CA VAL G 531 10.20 23.52 -35.13
C VAL G 531 10.68 22.11 -34.85
N LYS G 532 11.76 21.72 -35.52
CA LYS G 532 12.38 20.42 -35.34
C LYS G 532 13.76 20.59 -34.70
N ASN G 533 14.22 19.52 -34.06
CA ASN G 533 15.57 19.45 -33.50
C ASN G 533 15.77 20.44 -32.35
N LYS G 534 14.69 20.82 -31.68
CA LYS G 534 14.78 21.71 -30.53
C LYS G 534 13.82 21.21 -29.45
N CYS G 535 14.22 21.40 -28.20
CA CYS G 535 13.31 21.14 -27.08
C CYS G 535 12.20 22.18 -27.06
N VAL G 536 10.98 21.74 -27.33
CA VAL G 536 9.83 22.64 -27.42
C VAL G 536 8.66 22.03 -26.65
N ASN G 537 7.76 22.91 -26.21
CA ASN G 537 6.39 22.50 -25.95
C ASN G 537 5.66 22.40 -27.28
N PHE G 538 4.86 21.36 -27.43
CA PHE G 538 4.14 21.14 -28.67
C PHE G 538 2.67 20.84 -28.40
N ASN G 539 1.83 21.14 -29.39
CA ASN G 539 0.41 20.84 -29.33
C ASN G 539 0.00 20.37 -30.72
N PHE G 540 -0.28 19.08 -30.85
CA PHE G 540 -0.73 18.49 -32.11
C PHE G 540 -2.18 18.05 -31.93
N ASN G 541 -3.10 18.86 -32.46
CA ASN G 541 -4.53 18.55 -32.45
C ASN G 541 -5.06 18.36 -31.02
N GLY G 542 -4.48 19.06 -30.06
CA GLY G 542 -4.86 18.92 -28.67
C GLY G 542 -3.93 18.04 -27.85
N LEU G 543 -3.12 17.21 -28.50
CA LEU G 543 -2.14 16.39 -27.80
C LEU G 543 -0.94 17.26 -27.45
N THR G 544 -0.74 17.51 -26.16
CA THR G 544 0.32 18.38 -25.68
C THR G 544 1.45 17.56 -25.07
N GLY G 545 2.63 18.17 -25.01
CA GLY G 545 3.79 17.52 -24.44
C GLY G 545 5.02 18.38 -24.64
N THR G 546 6.14 17.84 -24.19
CA THR G 546 7.44 18.50 -24.34
C THR G 546 8.43 17.50 -24.89
N GLY G 547 9.34 17.97 -25.72
CA GLY G 547 10.35 17.09 -26.27
C GLY G 547 10.95 17.68 -27.54
N VAL G 548 11.74 16.85 -28.21
CA VAL G 548 12.43 17.20 -29.44
C VAL G 548 11.73 16.48 -30.59
N LEU G 549 11.43 17.22 -31.65
CA LEU G 549 10.77 16.67 -32.82
C LEU G 549 11.79 16.45 -33.93
N THR G 550 11.84 15.24 -34.46
CA THR G 550 12.74 14.89 -35.55
C THR G 550 11.97 14.14 -36.62
N GLU G 551 12.51 14.14 -37.83
CA GLU G 551 11.88 13.45 -38.95
C GLU G 551 11.89 11.95 -38.71
N SER G 552 10.73 11.32 -38.92
CA SER G 552 10.55 9.90 -38.63
C SER G 552 10.52 9.09 -39.92
N ASN G 553 11.07 7.88 -39.85
CA ASN G 553 10.93 6.90 -40.92
C ASN G 553 9.85 5.87 -40.62
N LYS G 554 9.16 5.99 -39.49
CA LYS G 554 8.01 5.14 -39.22
C LYS G 554 6.96 5.31 -40.31
N LYS G 555 6.40 4.19 -40.74
CA LYS G 555 5.43 4.18 -41.83
C LYS G 555 4.03 4.07 -41.22
N PHE G 556 3.44 5.23 -40.94
CA PHE G 556 2.07 5.28 -40.47
C PHE G 556 1.11 4.85 -41.59
N LEU G 557 0.04 4.19 -41.20
CA LEU G 557 -1.07 3.97 -42.11
C LEU G 557 -1.94 5.22 -42.15
N PRO G 558 -2.71 5.42 -43.22
CA PRO G 558 -3.43 6.69 -43.37
C PRO G 558 -4.42 7.00 -42.26
N PHE G 559 -4.90 5.99 -41.54
CA PHE G 559 -5.82 6.22 -40.43
C PHE G 559 -5.11 6.49 -39.12
N GLN G 560 -3.78 6.53 -39.11
CA GLN G 560 -3.01 6.70 -37.89
C GLN G 560 -2.45 8.10 -37.80
N GLN G 561 -2.73 8.78 -36.69
CA GLN G 561 -2.19 10.10 -36.39
C GLN G 561 -1.09 10.09 -35.35
N PHE G 562 -1.10 9.12 -34.44
CA PHE G 562 -0.15 9.07 -33.34
C PHE G 562 0.45 7.68 -33.23
N GLY G 563 1.65 7.62 -32.68
CA GLY G 563 2.26 6.36 -32.30
C GLY G 563 2.56 6.37 -30.81
N ARG G 564 2.30 5.24 -30.18
CA ARG G 564 2.48 5.09 -28.74
C ARG G 564 3.55 4.05 -28.44
N ASP G 565 4.30 4.30 -27.36
CA ASP G 565 5.29 3.34 -26.88
C ASP G 565 4.66 2.43 -25.83
N ILE G 566 5.51 1.67 -25.13
CA ILE G 566 5.01 0.64 -24.21
C ILE G 566 4.29 1.26 -23.02
N ALA G 567 4.76 2.40 -22.54
CA ALA G 567 4.12 3.09 -21.42
C ALA G 567 2.87 3.86 -21.83
N ASP G 568 2.38 3.64 -23.06
CA ASP G 568 1.23 4.34 -23.62
C ASP G 568 1.48 5.85 -23.74
N THR G 569 2.74 6.25 -23.89
CA THR G 569 3.07 7.64 -24.16
C THR G 569 3.29 7.82 -25.66
N THR G 570 2.81 8.94 -26.19
CA THR G 570 2.95 9.23 -27.61
C THR G 570 4.40 9.56 -27.93
N ASP G 571 5.03 8.73 -28.77
CA ASP G 571 6.40 8.96 -29.22
C ASP G 571 6.48 9.24 -30.72
N ALA G 572 5.34 9.34 -31.40
CA ALA G 572 5.32 9.67 -32.82
C ALA G 572 3.99 10.33 -33.14
N VAL G 573 4.04 11.30 -34.05
CA VAL G 573 2.85 12.06 -34.44
C VAL G 573 2.95 12.40 -35.92
N ARG G 574 1.81 12.31 -36.61
CA ARG G 574 1.69 12.84 -37.96
C ARG G 574 1.32 14.32 -37.87
N ASP G 575 2.07 15.16 -38.58
CA ASP G 575 1.78 16.58 -38.57
C ASP G 575 0.47 16.85 -39.30
N PRO G 576 -0.47 17.57 -38.68
CA PRO G 576 -1.81 17.69 -39.28
C PRO G 576 -1.87 18.52 -40.55
N GLN G 577 -0.80 19.23 -40.92
CA GLN G 577 -0.79 20.06 -42.12
C GLN G 577 0.13 19.53 -43.21
N THR G 578 1.35 19.15 -42.87
CA THR G 578 2.27 18.59 -43.86
C THR G 578 2.08 17.09 -44.05
N LEU G 579 1.44 16.42 -43.08
CA LEU G 579 1.20 14.99 -43.08
C LEU G 579 2.49 14.18 -42.95
N GLU G 580 3.58 14.81 -42.54
CA GLU G 580 4.82 14.11 -42.30
C GLU G 580 4.76 13.40 -40.95
N ILE G 581 5.61 12.39 -40.78
CA ILE G 581 5.69 11.63 -39.55
C ILE G 581 6.85 12.16 -38.72
N LEU G 582 6.60 12.43 -37.44
CA LEU G 582 7.59 13.03 -36.55
C LEU G 582 7.80 12.14 -35.34
N ASP G 583 9.07 11.93 -34.98
CA ASP G 583 9.40 11.25 -33.73
C ASP G 583 9.49 12.26 -32.60
N ILE G 584 9.01 11.87 -31.42
CA ILE G 584 9.10 12.68 -30.21
C ILE G 584 10.07 12.01 -29.24
N THR G 585 11.06 12.77 -28.79
CA THR G 585 12.04 12.31 -27.81
C THR G 585 12.11 13.31 -26.67
N PRO G 586 12.18 12.84 -25.43
CA PRO G 586 12.35 13.77 -24.31
C PRO G 586 13.60 14.60 -24.47
N CYS G 587 13.54 15.85 -23.98
CA CYS G 587 14.51 16.87 -24.35
C CYS G 587 15.94 16.51 -23.99
N SER G 588 16.26 16.54 -22.69
CA SER G 588 17.55 16.08 -22.17
C SER G 588 17.51 16.12 -20.65
N PHE G 589 18.04 15.08 -20.00
CA PHE G 589 17.95 14.98 -18.56
C PHE G 589 19.05 14.06 -18.05
N GLY G 590 19.09 13.86 -16.75
CA GLY G 590 20.08 13.00 -16.12
C GLY G 590 20.23 13.30 -14.66
N GLY G 591 20.70 12.29 -13.92
CA GLY G 591 20.89 12.44 -12.49
C GLY G 591 22.13 13.25 -12.15
N VAL G 592 22.03 13.98 -11.06
CA VAL G 592 23.13 14.81 -10.56
C VAL G 592 23.48 14.35 -9.15
N SER G 593 24.75 14.08 -8.91
CA SER G 593 25.25 13.76 -7.59
C SER G 593 26.27 14.81 -7.17
N VAL G 594 26.26 15.17 -5.90
CA VAL G 594 27.11 16.21 -5.36
C VAL G 594 28.12 15.57 -4.42
N ILE G 595 29.39 15.71 -4.74
CA ILE G 595 30.46 15.13 -3.95
C ILE G 595 30.99 16.19 -3.00
N THR G 596 30.93 15.92 -1.71
CA THR G 596 31.37 16.89 -0.72
C THR G 596 32.24 16.20 0.34
N PRO G 597 33.31 16.84 0.77
CA PRO G 597 33.79 16.59 2.13
C PRO G 597 32.79 17.18 3.10
N GLY G 598 32.99 16.93 4.38
CA GLY G 598 32.07 17.49 5.35
C GLY G 598 32.01 18.99 5.27
N THR G 599 30.85 19.59 5.57
CA THR G 599 30.80 21.03 5.68
C THR G 599 31.62 21.54 6.86
N ASN G 600 31.97 20.66 7.79
CA ASN G 600 32.97 21.01 8.81
C ASN G 600 34.34 21.18 8.18
N THR G 601 34.55 20.61 6.99
CA THR G 601 35.85 20.70 6.34
C THR G 601 35.88 21.83 5.31
N SER G 602 34.87 21.89 4.45
CA SER G 602 34.90 22.82 3.32
C SER G 602 33.51 22.97 2.74
N ASN G 603 33.30 24.08 2.04
CA ASN G 603 32.12 24.28 1.20
C ASN G 603 32.38 23.91 -0.25
N GLN G 604 33.58 23.44 -0.56
CA GLN G 604 33.92 23.02 -1.92
C GLN G 604 33.24 21.71 -2.26
N VAL G 605 32.65 21.64 -3.45
CA VAL G 605 31.96 20.44 -3.90
C VAL G 605 32.38 20.10 -5.32
N ALA G 606 32.16 18.85 -5.70
CA ALA G 606 32.28 18.38 -7.07
C ALA G 606 30.95 17.74 -7.48
N VAL G 607 30.66 17.77 -8.77
CA VAL G 607 29.35 17.37 -9.28
C VAL G 607 29.55 16.26 -10.31
N LEU G 608 28.79 15.18 -10.15
CA LEU G 608 28.79 14.06 -11.10
C LEU G 608 27.51 14.12 -11.91
N TYR G 609 27.66 14.11 -13.23
CA TYR G 609 26.51 14.03 -14.15
C TYR G 609 26.38 12.56 -14.57
N GLN G 610 25.41 11.89 -13.99
CA GLN G 610 25.42 10.43 -13.94
C GLN G 610 25.06 9.82 -15.29
N GLY G 611 25.90 8.90 -15.76
CA GLY G 611 25.67 8.19 -17.00
C GLY G 611 25.59 9.10 -18.22
N VAL G 612 26.36 10.18 -18.24
CA VAL G 612 26.25 11.20 -19.27
C VAL G 612 27.64 11.51 -19.82
N ASN G 613 27.74 11.59 -21.14
CA ASN G 613 28.96 12.00 -21.80
C ASN G 613 29.24 13.48 -21.52
N CYS G 614 30.52 13.81 -21.32
CA CYS G 614 30.87 15.17 -20.91
C CYS G 614 30.48 16.20 -21.96
N THR G 615 30.49 15.82 -23.25
CA THR G 615 30.11 16.77 -24.29
C THR G 615 28.62 17.08 -24.24
N GLU G 616 27.85 16.33 -23.46
CA GLU G 616 26.42 16.53 -23.36
C GLU G 616 25.98 17.03 -21.99
N VAL G 617 26.93 17.34 -21.11
CA VAL G 617 26.59 18.05 -19.88
C VAL G 617 25.90 19.35 -20.24
N PRO G 618 24.75 19.67 -19.66
CA PRO G 618 24.00 20.85 -20.13
C PRO G 618 24.81 22.12 -19.92
N VAL G 619 24.91 22.91 -21.00
CA VAL G 619 25.70 24.12 -21.02
C VAL G 619 24.75 25.26 -21.40
N ALA G 620 23.46 25.01 -21.22
CA ALA G 620 22.42 25.96 -21.61
C ALA G 620 22.58 27.28 -20.89
N ILE G 621 22.82 28.34 -21.66
CA ILE G 621 22.92 29.68 -21.10
C ILE G 621 21.55 30.13 -20.59
N HIS G 622 21.57 31.04 -19.61
CA HIS G 622 20.38 31.61 -18.97
C HIS G 622 19.70 30.60 -18.05
N ALA G 623 18.95 31.10 -17.08
CA ALA G 623 18.39 30.28 -16.01
C ALA G 623 17.02 29.67 -16.34
N ASP G 624 16.46 30.00 -17.50
CA ASP G 624 15.15 29.48 -17.88
C ASP G 624 15.23 28.35 -18.91
N GLN G 625 16.44 27.95 -19.31
CA GLN G 625 16.61 26.87 -20.25
C GLN G 625 17.22 25.61 -19.64
N LEU G 626 17.42 25.60 -18.32
CA LEU G 626 18.04 24.45 -17.67
C LEU G 626 17.77 24.50 -16.17
N THR G 627 17.06 23.49 -15.65
CA THR G 627 17.04 23.34 -14.20
C THR G 627 17.99 22.23 -13.78
N PRO G 628 18.62 22.30 -12.60
CA PRO G 628 18.58 23.38 -11.60
C PRO G 628 19.23 24.65 -12.13
N THR G 629 18.94 25.81 -11.52
CA THR G 629 19.41 27.08 -12.08
C THR G 629 20.85 27.40 -11.72
N TRP G 630 21.46 26.69 -10.77
CA TRP G 630 22.86 26.91 -10.49
C TRP G 630 23.73 26.34 -11.60
N ARG G 631 24.92 26.91 -11.76
CA ARG G 631 25.85 26.50 -12.79
C ARG G 631 27.22 26.24 -12.18
N VAL G 632 27.88 25.19 -12.66
CA VAL G 632 29.26 24.88 -12.30
C VAL G 632 30.02 24.81 -13.62
N TYR G 633 30.99 25.70 -13.79
CA TYR G 633 31.62 25.89 -15.09
C TYR G 633 32.49 24.69 -15.46
N SER G 634 32.27 24.18 -16.68
CA SER G 634 33.08 23.06 -17.17
C SER G 634 34.54 23.46 -17.32
N THR G 635 34.79 24.73 -17.61
CA THR G 635 36.18 25.19 -17.71
C THR G 635 36.71 25.63 -16.34
N GLY G 636 35.89 26.34 -15.56
CA GLY G 636 36.34 26.80 -14.26
C GLY G 636 36.66 25.66 -13.32
N SER G 637 35.80 24.65 -13.28
CA SER G 637 36.04 23.43 -12.51
C SER G 637 36.46 22.34 -13.48
N ASN G 638 37.45 21.54 -13.09
CA ASN G 638 38.02 20.55 -14.00
C ASN G 638 36.98 19.50 -14.39
N VAL G 639 37.14 18.96 -15.59
CA VAL G 639 36.18 18.02 -16.18
C VAL G 639 36.88 16.70 -16.40
N PHE G 640 36.25 15.62 -15.92
CA PHE G 640 36.76 14.26 -16.07
C PHE G 640 35.62 13.34 -16.46
N GLN G 641 35.88 12.49 -17.44
CA GLN G 641 34.90 11.53 -17.93
C GLN G 641 35.14 10.18 -17.26
N THR G 642 34.15 9.70 -16.52
CA THR G 642 34.14 8.35 -15.99
C THR G 642 33.08 7.54 -16.72
N ARG G 643 33.10 6.22 -16.52
CA ARG G 643 32.01 5.41 -17.04
C ARG G 643 30.74 5.56 -16.22
N ALA G 644 30.82 6.21 -15.06
CA ALA G 644 29.64 6.57 -14.30
C ALA G 644 29.07 7.93 -14.67
N GLY G 645 29.78 8.71 -15.47
CA GLY G 645 29.29 9.99 -15.92
C GLY G 645 30.42 11.01 -15.95
N CYS G 646 30.01 12.28 -16.08
CA CYS G 646 30.94 13.39 -16.20
C CYS G 646 31.14 14.03 -14.83
N LEU G 647 32.39 14.03 -14.36
CA LEU G 647 32.75 14.62 -13.07
C LEU G 647 33.29 16.02 -13.30
N ILE G 648 32.64 17.01 -12.70
CA ILE G 648 33.04 18.40 -12.81
C ILE G 648 33.32 18.93 -11.40
N GLY G 649 34.51 19.50 -11.20
CA GLY G 649 34.90 20.03 -9.92
C GLY G 649 36.02 19.29 -9.22
N ALA G 650 36.52 18.20 -9.79
CA ALA G 650 37.60 17.42 -9.21
C ALA G 650 38.72 17.27 -10.24
N GLU G 651 39.96 17.32 -9.77
CA GLU G 651 41.12 17.11 -10.63
C GLU G 651 41.50 15.63 -10.59
N TYR G 652 41.65 15.03 -11.77
CA TYR G 652 42.07 13.63 -11.83
C TYR G 652 43.60 13.53 -11.79
N VAL G 653 44.11 12.66 -10.93
CA VAL G 653 45.54 12.44 -10.73
C VAL G 653 45.84 10.99 -11.11
N ASN G 654 47.01 10.75 -11.72
CA ASN G 654 47.43 9.37 -11.98
C ASN G 654 47.86 8.59 -10.74
N ASN G 655 47.92 9.19 -9.56
CA ASN G 655 48.20 8.36 -8.40
C ASN G 655 46.95 7.56 -8.02
N SER G 656 47.16 6.45 -7.30
CA SER G 656 46.08 5.60 -6.83
C SER G 656 46.15 5.51 -5.31
N TYR G 657 45.01 5.74 -4.65
CA TYR G 657 44.89 5.68 -3.21
C TYR G 657 43.75 4.72 -2.84
N GLU G 658 43.54 4.57 -1.54
CA GLU G 658 42.34 3.91 -1.06
C GLU G 658 41.11 4.74 -1.39
N CYS G 659 39.99 4.06 -1.60
CA CYS G 659 38.74 4.76 -1.86
C CYS G 659 38.33 5.55 -0.64
N ASP G 660 37.99 6.83 -0.85
CA ASP G 660 37.46 7.69 0.20
C ASP G 660 35.99 8.01 -0.03
N ILE G 661 35.68 8.60 -1.18
CA ILE G 661 34.29 8.79 -1.60
C ILE G 661 34.11 8.04 -2.93
N PRO G 662 33.32 6.97 -2.97
CA PRO G 662 33.18 6.20 -4.21
C PRO G 662 32.39 6.97 -5.25
N ILE G 663 32.97 7.11 -6.44
CA ILE G 663 32.25 7.69 -7.56
C ILE G 663 31.57 6.61 -8.39
N GLY G 664 32.30 5.56 -8.73
CA GLY G 664 31.77 4.48 -9.53
C GLY G 664 32.75 4.07 -10.63
N ALA G 665 32.63 2.80 -11.02
CA ALA G 665 33.44 2.23 -12.10
C ALA G 665 34.93 2.45 -11.85
N GLY G 666 35.37 2.20 -10.62
CA GLY G 666 36.77 2.24 -10.26
C GLY G 666 37.32 3.60 -9.88
N ILE G 667 36.50 4.64 -9.84
CA ILE G 667 36.94 6.00 -9.56
C ILE G 667 36.46 6.41 -8.17
N CYS G 668 37.36 7.00 -7.39
CA CYS G 668 37.03 7.54 -6.08
C CYS G 668 37.53 8.98 -6.01
N ALA G 669 36.99 9.73 -5.06
CA ALA G 669 37.35 11.13 -4.87
C ALA G 669 37.75 11.37 -3.42
N SER G 670 38.59 12.39 -3.20
CA SER G 670 39.04 12.75 -1.87
C SER G 670 39.40 14.22 -1.83
N TYR G 671 39.41 14.78 -0.63
CA TYR G 671 39.77 16.17 -0.36
C TYR G 671 41.20 16.16 0.19
N GLN G 672 42.16 16.49 -0.68
CA GLN G 672 43.59 16.43 -0.34
C GLN G 672 44.31 17.66 -0.89
N THR G 673 45.52 17.87 -0.39
CA THR G 673 46.43 18.85 -0.99
C THR G 673 46.99 18.34 -2.31
N SER G 686 47.21 24.22 -0.04
CA SER G 686 46.12 24.20 -1.01
C SER G 686 45.43 22.85 -1.04
N GLN G 687 44.22 22.79 -0.49
CA GLN G 687 43.41 21.58 -0.49
C GLN G 687 42.32 21.68 -1.55
N SER G 688 42.12 20.59 -2.29
CA SER G 688 41.11 20.54 -3.33
C SER G 688 40.55 19.12 -3.41
N ILE G 689 39.47 18.97 -4.17
CA ILE G 689 38.91 17.66 -4.43
C ILE G 689 39.64 17.03 -5.61
N ILE G 690 40.14 15.81 -5.41
CA ILE G 690 40.82 15.08 -6.46
C ILE G 690 40.01 13.84 -6.81
N ALA G 691 40.23 13.32 -8.01
CA ALA G 691 39.67 12.06 -8.44
C ALA G 691 40.80 11.13 -8.86
N TYR G 692 40.61 9.83 -8.63
CA TYR G 692 41.68 8.87 -8.90
C TYR G 692 41.07 7.49 -9.10
N THR G 693 41.85 6.62 -9.73
CA THR G 693 41.53 5.19 -9.75
C THR G 693 41.88 4.60 -8.39
N MET G 694 40.93 3.86 -7.81
CA MET G 694 41.14 3.31 -6.48
C MET G 694 42.20 2.21 -6.51
N SER G 695 42.99 2.14 -5.45
CA SER G 695 44.04 1.15 -5.33
C SER G 695 43.52 -0.10 -4.63
N LEU G 696 43.87 -1.27 -5.17
CA LEU G 696 43.49 -2.53 -4.56
C LEU G 696 44.52 -3.01 -3.54
N GLY G 697 45.66 -2.35 -3.46
CA GLY G 697 46.74 -2.78 -2.60
C GLY G 697 48.04 -2.84 -3.37
N ALA G 698 49.12 -3.04 -2.61
CA ALA G 698 50.45 -3.10 -3.21
C ALA G 698 50.75 -4.50 -3.73
N GLU G 699 51.54 -4.58 -4.79
CA GLU G 699 51.89 -5.87 -5.37
C GLU G 699 52.92 -6.58 -4.51
N ASN G 700 52.94 -7.91 -4.61
CA ASN G 700 53.87 -8.72 -3.83
C ASN G 700 54.19 -9.97 -4.63
N LEU G 701 55.36 -9.97 -5.28
CA LEU G 701 55.84 -11.17 -5.94
C LEU G 701 56.32 -12.18 -4.90
N VAL G 702 55.65 -13.33 -4.85
CA VAL G 702 56.04 -14.38 -3.92
C VAL G 702 57.20 -15.16 -4.52
N ALA G 703 58.24 -15.38 -3.73
CA ALA G 703 59.47 -16.01 -4.21
C ALA G 703 59.32 -17.53 -4.19
N TYR G 704 58.42 -18.03 -5.04
CA TYR G 704 58.15 -19.45 -5.15
C TYR G 704 59.23 -20.12 -5.99
N SER G 705 59.60 -21.34 -5.59
CA SER G 705 60.46 -22.19 -6.40
C SER G 705 60.23 -23.64 -6.00
N ASN G 706 61.03 -24.53 -6.60
CA ASN G 706 60.85 -25.96 -6.42
C ASN G 706 61.25 -26.45 -5.02
N ASN G 707 62.18 -25.75 -4.34
CA ASN G 707 62.69 -26.24 -3.08
C ASN G 707 62.90 -25.13 -2.06
N SER G 708 62.14 -24.05 -2.16
CA SER G 708 62.26 -22.93 -1.23
C SER G 708 61.05 -22.88 -0.31
N ILE G 709 61.30 -22.74 0.98
CA ILE G 709 60.25 -22.59 1.97
C ILE G 709 60.59 -21.43 2.89
N ALA G 710 59.58 -20.67 3.30
CA ALA G 710 59.73 -19.62 4.29
C ALA G 710 59.07 -20.08 5.59
N ILE G 711 59.80 -19.97 6.70
CA ILE G 711 59.35 -20.47 7.99
C ILE G 711 59.49 -19.35 9.00
N PRO G 712 58.44 -19.00 9.73
CA PRO G 712 58.54 -17.93 10.73
C PRO G 712 59.46 -18.31 11.88
N THR G 713 60.20 -17.31 12.36
CA THR G 713 61.08 -17.48 13.49
C THR G 713 60.53 -16.85 14.77
N ASN G 714 59.45 -16.09 14.68
CA ASN G 714 58.88 -15.38 15.80
C ASN G 714 57.37 -15.32 15.60
N PHE G 715 56.67 -14.65 16.51
CA PHE G 715 55.22 -14.56 16.42
C PHE G 715 54.76 -13.24 17.04
N THR G 716 53.55 -12.84 16.68
CA THR G 716 52.88 -11.72 17.31
C THR G 716 51.54 -12.19 17.84
N ILE G 717 51.26 -11.87 19.10
CA ILE G 717 49.95 -12.09 19.69
C ILE G 717 49.11 -10.87 19.35
N SER G 718 48.06 -11.09 18.56
CA SER G 718 47.20 -10.02 18.08
C SER G 718 45.85 -10.08 18.78
N VAL G 719 45.33 -8.91 19.14
CA VAL G 719 44.01 -8.79 19.75
C VAL G 719 43.24 -7.79 18.91
N THR G 720 42.28 -8.27 18.13
CA THR G 720 41.45 -7.44 17.28
C THR G 720 40.00 -7.45 17.76
N THR G 721 39.24 -6.47 17.28
CA THR G 721 37.89 -6.22 17.75
C THR G 721 36.89 -6.52 16.64
N GLU G 722 35.78 -7.16 16.99
CA GLU G 722 34.66 -7.37 16.07
C GLU G 722 33.37 -6.94 16.76
N ILE G 723 32.61 -6.07 16.12
CA ILE G 723 31.37 -5.54 16.66
C ILE G 723 30.20 -6.16 15.90
N LEU G 724 29.23 -6.69 16.62
CA LEU G 724 28.07 -7.25 15.97
C LEU G 724 26.79 -6.72 16.60
N PRO G 725 25.88 -6.15 15.80
CA PRO G 725 24.54 -5.83 16.33
C PRO G 725 23.84 -7.09 16.80
N VAL G 726 23.14 -6.98 17.93
CA VAL G 726 22.40 -8.08 18.51
C VAL G 726 20.91 -7.81 18.56
N SER G 727 20.51 -6.60 18.95
CA SER G 727 19.11 -6.24 19.07
C SER G 727 18.93 -4.81 18.56
N MET G 728 17.67 -4.42 18.42
CA MET G 728 17.29 -3.09 17.98
C MET G 728 16.15 -2.58 18.86
N THR G 729 15.81 -1.30 18.67
CA THR G 729 14.82 -0.66 19.53
C THR G 729 13.47 -1.35 19.40
N LYS G 730 12.88 -1.67 20.54
CA LYS G 730 11.53 -2.23 20.60
C LYS G 730 10.52 -1.09 20.55
N THR G 731 9.67 -1.09 19.53
CA THR G 731 8.70 -0.01 19.36
C THR G 731 7.29 -0.58 19.42
N SER G 732 6.36 0.27 19.85
CA SER G 732 4.94 -0.03 19.89
C SER G 732 4.19 1.17 19.32
N VAL G 733 3.14 0.89 18.55
CA VAL G 733 2.33 1.93 17.93
C VAL G 733 0.89 1.76 18.38
N ASP G 734 0.30 2.82 18.92
CA ASP G 734 -1.14 2.89 19.13
C ASP G 734 -1.73 3.39 17.82
N CYS G 735 -2.29 2.46 17.05
CA CYS G 735 -2.74 2.77 15.69
C CYS G 735 -3.78 3.87 15.68
N THR G 736 -4.77 3.78 16.57
CA THR G 736 -5.84 4.77 16.60
C THR G 736 -5.33 6.14 16.99
N MET G 737 -4.43 6.22 17.99
CA MET G 737 -3.89 7.52 18.38
C MET G 737 -3.07 8.15 17.25
N TYR G 738 -2.26 7.36 16.55
CA TYR G 738 -1.49 7.90 15.44
C TYR G 738 -2.40 8.40 14.32
N ILE G 739 -3.36 7.58 13.91
CA ILE G 739 -4.17 7.92 12.74
C ILE G 739 -5.21 8.97 13.09
N CYS G 740 -5.90 8.80 14.21
CA CYS G 740 -7.10 9.58 14.49
C CYS G 740 -6.97 10.50 15.70
N GLY G 741 -5.84 10.45 16.41
CA GLY G 741 -5.72 11.22 17.64
C GLY G 741 -6.77 10.81 18.64
N ASP G 742 -7.60 11.76 19.06
CA ASP G 742 -8.73 11.47 19.93
C ASP G 742 -10.08 11.73 19.28
N SER G 743 -10.12 11.83 17.95
CA SER G 743 -11.38 12.07 17.24
C SER G 743 -12.18 10.78 17.15
N THR G 744 -13.43 10.82 17.63
CA THR G 744 -14.29 9.65 17.55
C THR G 744 -14.84 9.42 16.15
N GLU G 745 -15.08 10.49 15.39
CA GLU G 745 -15.50 10.33 14.00
C GLU G 745 -14.47 9.56 13.20
N CYS G 746 -13.20 9.95 13.33
CA CYS G 746 -12.13 9.25 12.64
C CYS G 746 -12.01 7.81 13.11
N SER G 747 -12.19 7.57 14.41
CA SER G 747 -12.11 6.21 14.94
C SER G 747 -13.20 5.31 14.36
N ASN G 748 -14.42 5.82 14.32
CA ASN G 748 -15.51 5.04 13.73
C ASN G 748 -15.26 4.79 12.25
N LEU G 749 -14.73 5.79 11.53
CA LEU G 749 -14.38 5.56 10.14
C LEU G 749 -13.26 4.52 10.00
N LEU G 750 -12.27 4.54 10.90
CA LEU G 750 -11.16 3.61 10.85
C LEU G 750 -11.60 2.18 11.12
N LEU G 751 -12.66 1.99 11.91
CA LEU G 751 -13.17 0.65 12.14
C LEU G 751 -13.53 -0.07 10.85
N GLN G 752 -13.86 0.66 9.79
CA GLN G 752 -14.28 0.08 8.52
C GLN G 752 -13.14 -0.59 7.75
N TYR G 753 -11.89 -0.38 8.15
CA TYR G 753 -10.76 -0.90 7.39
C TYR G 753 -10.29 -2.26 7.90
N GLY G 754 -11.02 -2.86 8.82
CA GLY G 754 -10.79 -4.25 9.16
C GLY G 754 -9.66 -4.41 10.15
N SER G 755 -8.71 -5.27 9.81
CA SER G 755 -7.70 -5.73 10.74
C SER G 755 -6.30 -5.23 10.41
N PHE G 756 -6.19 -4.17 9.59
CA PHE G 756 -4.87 -3.64 9.26
C PHE G 756 -4.13 -3.20 10.51
N CYS G 757 -4.79 -2.48 11.41
CA CYS G 757 -4.13 -1.98 12.61
C CYS G 757 -3.74 -3.12 13.54
N THR G 758 -4.62 -4.12 13.72
CA THR G 758 -4.31 -5.21 14.63
C THR G 758 -3.15 -6.05 14.11
N GLN G 759 -3.05 -6.25 12.80
CA GLN G 759 -1.92 -7.02 12.30
C GLN G 759 -0.64 -6.20 12.23
N LEU G 760 -0.71 -4.88 12.06
CA LEU G 760 0.46 -4.05 12.30
C LEU G 760 0.97 -4.19 13.73
N LYS G 761 0.05 -4.15 14.70
CA LYS G 761 0.40 -4.30 16.10
C LYS G 761 0.99 -5.67 16.37
N ARG G 762 0.42 -6.71 15.77
CA ARG G 762 0.95 -8.07 15.92
C ARG G 762 2.37 -8.16 15.37
N ALA G 763 2.63 -7.56 14.21
CA ALA G 763 3.98 -7.59 13.64
C ALA G 763 4.98 -6.89 14.55
N LEU G 764 4.62 -5.71 15.06
CA LEU G 764 5.54 -4.99 15.94
C LEU G 764 5.78 -5.74 17.25
N THR G 765 4.74 -6.38 17.79
CA THR G 765 4.92 -7.18 18.99
C THR G 765 5.85 -8.36 18.74
N GLY G 766 5.71 -9.00 17.58
CA GLY G 766 6.63 -10.07 17.22
C GLY G 766 8.07 -9.59 17.17
N ILE G 767 8.30 -8.43 16.56
CA ILE G 767 9.67 -7.88 16.50
C ILE G 767 10.18 -7.60 17.92
N ALA G 768 9.34 -7.03 18.77
CA ALA G 768 9.76 -6.70 20.13
C ALA G 768 10.15 -7.95 20.91
N VAL G 769 9.37 -9.02 20.79
CA VAL G 769 9.72 -10.28 21.46
C VAL G 769 11.02 -10.83 20.88
N GLU G 770 11.18 -10.73 19.55
CA GLU G 770 12.38 -11.27 18.92
C GLU G 770 13.65 -10.57 19.39
N GLN G 771 13.56 -9.28 19.74
CA GLN G 771 14.76 -8.59 20.23
C GLN G 771 15.27 -9.22 21.53
N ASP G 772 14.35 -9.48 22.47
CA ASP G 772 14.73 -10.13 23.72
C ASP G 772 15.24 -11.54 23.46
N LYS G 773 14.62 -12.25 22.51
CA LYS G 773 15.12 -13.58 22.16
C LYS G 773 16.54 -13.52 21.60
N ASN G 774 16.83 -12.52 20.77
CA ASN G 774 18.17 -12.34 20.23
C ASN G 774 19.18 -12.15 21.36
N THR G 775 18.87 -11.25 22.30
CA THR G 775 19.79 -10.99 23.40
C THR G 775 20.02 -12.25 24.24
N GLN G 776 18.94 -12.97 24.57
CA GLN G 776 19.09 -14.20 25.35
C GLN G 776 19.93 -15.23 24.61
N GLU G 777 19.72 -15.36 23.30
CA GLU G 777 20.47 -16.35 22.54
C GLU G 777 21.94 -16.00 22.46
N VAL G 778 22.29 -14.72 22.42
CA VAL G 778 23.70 -14.35 22.36
C VAL G 778 24.36 -14.51 23.73
N PHE G 779 23.75 -13.96 24.78
CA PHE G 779 24.46 -13.79 26.04
C PHE G 779 24.16 -14.88 27.08
N ALA G 780 22.98 -15.49 27.06
CA ALA G 780 22.66 -16.50 28.04
C ALA G 780 23.13 -17.88 27.56
N GLN G 781 24.43 -18.03 27.34
CA GLN G 781 25.01 -19.28 26.89
C GLN G 781 25.81 -19.98 27.99
N VAL G 782 25.51 -19.69 29.25
CA VAL G 782 26.26 -20.21 30.39
C VAL G 782 25.26 -20.82 31.36
N LYS G 783 25.58 -22.00 31.88
CA LYS G 783 24.65 -22.68 32.76
C LYS G 783 24.77 -22.23 34.21
N GLN G 784 25.81 -21.46 34.53
CA GLN G 784 26.00 -20.92 35.87
C GLN G 784 26.72 -19.58 35.77
N ILE G 785 26.48 -18.71 36.74
CA ILE G 785 27.17 -17.43 36.79
C ILE G 785 28.53 -17.65 37.42
N TYR G 786 29.54 -17.88 36.59
CA TYR G 786 30.87 -18.24 37.09
C TYR G 786 31.58 -17.02 37.67
N LYS G 787 32.44 -17.27 38.65
CA LYS G 787 33.19 -16.21 39.30
C LYS G 787 34.63 -16.65 39.54
N THR G 788 35.53 -15.72 39.37
CA THR G 788 36.93 -16.00 39.66
C THR G 788 37.22 -15.79 41.15
N PRO G 789 38.23 -16.47 41.68
CA PRO G 789 38.66 -16.19 43.04
C PRO G 789 39.30 -14.82 43.13
N PRO G 790 39.44 -14.25 44.32
CA PRO G 790 40.09 -12.93 44.44
C PRO G 790 41.55 -12.93 44.01
N ILE G 791 42.19 -14.09 43.95
CA ILE G 791 43.55 -14.16 43.43
C ILE G 791 43.51 -13.97 41.91
N LYS G 792 44.08 -12.85 41.46
CA LYS G 792 43.93 -12.41 40.07
C LYS G 792 45.21 -12.53 39.27
N TYR G 793 45.96 -13.61 39.47
CA TYR G 793 47.16 -13.88 38.68
C TYR G 793 46.86 -15.03 37.72
N PHE G 794 46.97 -14.76 36.42
CA PHE G 794 46.79 -15.77 35.38
C PHE G 794 48.04 -15.77 34.50
N GLY G 795 49.08 -16.47 34.94
CA GLY G 795 50.29 -16.64 34.16
C GLY G 795 50.96 -15.36 33.69
N GLY G 796 50.61 -14.23 34.29
CA GLY G 796 51.11 -12.94 33.87
C GLY G 796 50.23 -12.20 32.88
N PHE G 797 49.11 -12.77 32.49
CA PHE G 797 48.17 -12.10 31.60
C PHE G 797 47.26 -11.18 32.40
N ASN G 798 47.10 -9.96 31.92
CA ASN G 798 46.34 -8.91 32.63
C ASN G 798 44.94 -8.83 32.06
N PHE G 799 43.94 -9.19 32.87
CA PHE G 799 42.53 -9.13 32.49
C PHE G 799 41.77 -8.06 33.25
N SER G 800 42.47 -7.15 33.92
CA SER G 800 41.80 -6.21 34.81
C SER G 800 40.84 -5.29 34.06
N GLN G 801 41.16 -4.98 32.80
CA GLN G 801 40.38 -4.03 32.01
C GLN G 801 39.16 -4.64 31.34
N ILE G 802 39.06 -5.97 31.31
CA ILE G 802 37.85 -6.62 30.80
C ILE G 802 37.08 -7.36 31.88
N LEU G 803 37.67 -7.58 33.05
CA LEU G 803 36.96 -8.12 34.20
C LEU G 803 36.09 -7.04 34.84
N PRO G 804 35.07 -7.41 35.61
CA PRO G 804 34.15 -6.41 36.17
C PRO G 804 34.86 -5.44 37.10
N ASP G 805 34.35 -4.21 37.14
CA ASP G 805 34.77 -3.23 38.13
C ASP G 805 33.73 -3.20 39.23
N PRO G 806 33.99 -3.73 40.42
CA PRO G 806 32.98 -3.70 41.48
C PRO G 806 32.70 -2.31 42.01
N SER G 807 33.55 -1.32 41.69
CA SER G 807 33.37 0.03 42.21
C SER G 807 32.08 0.66 41.72
N LYS G 808 31.76 0.49 40.44
CA LYS G 808 30.62 1.16 39.84
C LYS G 808 29.34 0.36 40.04
N PRO G 809 28.18 1.02 40.06
CA PRO G 809 26.91 0.30 40.27
C PRO G 809 26.62 -0.75 39.20
N SER G 810 26.98 -0.47 37.94
CA SER G 810 26.70 -1.41 36.87
C SER G 810 27.63 -2.62 36.94
N LYS G 811 28.76 -2.49 37.62
CA LYS G 811 29.79 -3.53 37.71
C LYS G 811 30.29 -3.92 36.32
N ARG G 812 30.23 -2.97 35.39
CA ARG G 812 30.78 -3.15 34.05
C ARG G 812 32.31 -3.11 34.11
N SER G 813 32.93 -3.75 33.12
CA SER G 813 34.37 -3.64 32.97
C SER G 813 34.75 -2.25 32.48
N PHE G 814 36.05 -1.95 32.53
CA PHE G 814 36.55 -0.67 32.05
C PHE G 814 36.26 -0.48 30.56
N ILE G 815 36.60 -1.50 29.76
CA ILE G 815 36.34 -1.44 28.33
C ILE G 815 34.85 -1.41 28.04
N GLU G 816 34.07 -2.14 28.85
CA GLU G 816 32.61 -2.08 28.69
C GLU G 816 32.09 -0.69 29.02
N ASP G 817 32.71 0.01 29.98
CA ASP G 817 32.34 1.41 30.22
C ASP G 817 32.64 2.28 29.00
N LEU G 818 33.82 2.12 28.40
CA LEU G 818 34.12 2.89 27.20
C LEU G 818 33.10 2.62 26.10
N LEU G 819 32.78 1.35 25.87
CA LEU G 819 31.81 1.00 24.84
C LEU G 819 30.43 1.58 25.16
N PHE G 820 30.03 1.52 26.43
CA PHE G 820 28.74 2.07 26.85
C PHE G 820 28.68 3.56 26.59
N ASN G 821 29.79 4.27 26.78
CA ASN G 821 29.81 5.70 26.50
C ASN G 821 30.02 6.04 25.02
N LYS G 822 30.36 5.06 24.19
CA LYS G 822 30.50 5.32 22.76
C LYS G 822 29.19 5.27 21.99
N VAL G 823 28.14 4.68 22.54
CA VAL G 823 26.84 4.59 21.87
C VAL G 823 25.82 5.33 22.70
N THR G 824 25.19 6.35 22.10
CA THR G 824 24.22 7.19 22.77
C THR G 824 22.83 6.86 22.25
N LEU G 825 21.94 6.46 23.15
CA LEU G 825 20.60 6.02 22.79
C LEU G 825 19.68 7.20 22.54
N ALA G 826 18.78 7.04 21.57
CA ALA G 826 17.71 8.02 21.39
C ALA G 826 16.65 7.89 22.47
N ASP G 827 16.34 6.66 22.87
CA ASP G 827 15.30 6.40 23.85
C ASP G 827 15.55 5.04 24.49
N ALA G 828 15.80 5.04 25.80
CA ALA G 828 16.07 3.81 26.54
C ALA G 828 14.81 3.02 26.86
N GLY G 829 13.63 3.61 26.72
CA GLY G 829 12.40 2.91 27.02
C GLY G 829 12.01 2.91 28.47
N PHE G 830 12.58 3.81 29.28
CA PHE G 830 12.33 3.85 30.70
C PHE G 830 11.26 4.89 31.03
N ILE G 831 11.05 5.11 32.33
CA ILE G 831 9.92 5.91 32.79
C ILE G 831 10.10 7.37 32.40
N LYS G 832 9.05 7.94 31.81
CA LYS G 832 9.00 9.36 31.48
C LYS G 832 7.80 9.96 32.20
N GLN G 833 8.07 10.65 33.31
CA GLN G 833 7.01 11.22 34.12
C GLN G 833 6.43 12.45 33.44
N TYR G 834 5.15 12.72 33.71
CA TYR G 834 4.54 13.95 33.24
C TYR G 834 5.31 15.16 33.78
N GLY G 835 5.53 16.13 32.91
CA GLY G 835 6.39 17.26 33.18
C GLY G 835 7.55 17.38 32.21
N ASP G 836 8.04 16.24 31.71
CA ASP G 836 9.08 16.26 30.69
C ASP G 836 8.55 16.71 29.34
N CYS G 837 7.23 16.65 29.14
CA CYS G 837 6.61 16.94 27.85
C CYS G 837 5.55 18.03 28.01
N LEU G 838 5.72 18.89 29.00
CA LEU G 838 4.77 19.97 29.27
C LEU G 838 5.44 21.32 29.05
N GLY G 839 4.68 22.25 28.49
CA GLY G 839 5.16 23.61 28.37
C GLY G 839 6.20 23.76 27.28
N ASP G 840 7.37 24.28 27.65
CA ASP G 840 8.42 24.64 26.71
C ASP G 840 9.51 23.57 26.59
N ILE G 841 9.32 22.41 27.21
CA ILE G 841 10.33 21.36 27.13
C ILE G 841 9.99 20.36 26.03
N ALA G 842 8.73 20.31 25.59
CA ALA G 842 8.30 19.29 24.65
C ALA G 842 8.84 19.55 23.24
N ALA G 843 8.80 20.82 22.81
CA ALA G 843 9.21 21.14 21.43
C ALA G 843 10.66 20.80 21.19
N ARG G 844 11.52 21.03 22.18
CA ARG G 844 12.95 20.73 22.07
C ARG G 844 13.25 19.24 22.20
N ASP G 845 12.23 18.38 22.14
CA ASP G 845 12.40 16.94 22.29
C ASP G 845 11.46 16.23 21.32
N LEU G 846 12.04 15.46 20.40
CA LEU G 846 11.23 14.74 19.42
C LEU G 846 10.49 13.57 20.06
N ILE G 847 11.03 13.06 21.17
CA ILE G 847 10.41 11.95 21.89
C ILE G 847 9.00 12.33 22.35
N CYS G 848 8.84 13.59 22.76
CA CYS G 848 7.52 14.04 23.22
C CYS G 848 6.50 14.01 22.09
N ALA G 849 6.87 14.46 20.89
CA ALA G 849 5.96 14.38 19.76
C ALA G 849 5.62 12.93 19.42
N GLN G 850 6.64 12.06 19.44
CA GLN G 850 6.40 10.64 19.20
C GLN G 850 5.39 10.08 20.20
N LYS G 851 5.60 10.36 21.49
CA LYS G 851 4.71 9.84 22.52
C LYS G 851 3.31 10.41 22.36
N PHE G 852 3.19 11.70 22.05
CA PHE G 852 1.90 12.32 21.87
C PHE G 852 1.14 11.76 20.68
N ASN G 853 1.84 11.20 19.70
CA ASN G 853 1.19 10.59 18.55
C ASN G 853 1.23 9.07 18.58
N GLY G 854 1.24 8.49 19.79
CA GLY G 854 1.05 7.06 19.96
C GLY G 854 2.22 6.18 19.59
N LEU G 855 3.45 6.70 19.57
CA LEU G 855 4.64 5.92 19.25
C LEU G 855 5.53 5.85 20.48
N THR G 856 5.80 4.63 20.95
CA THR G 856 6.53 4.44 22.19
C THR G 856 7.66 3.44 21.99
N VAL G 857 8.67 3.54 22.86
CA VAL G 857 9.79 2.62 22.90
C VAL G 857 9.66 1.77 24.15
N LEU G 858 9.80 0.46 24.01
CA LEU G 858 9.71 -0.48 25.11
C LEU G 858 11.09 -0.87 25.62
N PRO G 859 11.26 -1.05 26.92
CA PRO G 859 12.58 -1.40 27.45
C PRO G 859 12.90 -2.86 27.22
N PRO G 860 14.16 -3.20 27.03
CA PRO G 860 14.54 -4.62 26.91
C PRO G 860 14.25 -5.38 28.20
N LEU G 861 14.00 -6.68 28.04
CA LEU G 861 13.79 -7.55 29.19
C LEU G 861 15.04 -7.62 30.06
N LEU G 862 16.19 -7.90 29.45
CA LEU G 862 17.44 -7.92 30.19
C LEU G 862 17.98 -6.51 30.34
N THR G 863 18.28 -6.12 31.57
CA THR G 863 18.92 -4.84 31.81
C THR G 863 20.39 -4.91 31.43
N ASP G 864 21.02 -3.74 31.31
CA ASP G 864 22.45 -3.70 31.00
C ASP G 864 23.27 -4.39 32.08
N GLU G 865 22.83 -4.28 33.33
CA GLU G 865 23.53 -4.95 34.44
C GLU G 865 23.50 -6.46 34.27
N MET G 866 22.34 -7.01 33.87
CA MET G 866 22.24 -8.44 33.65
C MET G 866 23.11 -8.91 32.49
N ILE G 867 23.16 -8.14 31.40
CA ILE G 867 24.00 -8.51 30.27
C ILE G 867 25.47 -8.46 30.67
N ALA G 868 25.86 -7.47 31.47
CA ALA G 868 27.23 -7.42 31.99
C ALA G 868 27.51 -8.63 32.90
N GLN G 869 26.52 -9.03 33.69
CA GLN G 869 26.66 -10.24 34.50
C GLN G 869 26.92 -11.46 33.63
N TYR G 870 26.17 -11.59 32.53
CA TYR G 870 26.38 -12.70 31.61
C TYR G 870 27.78 -12.67 31.01
N THR G 871 28.23 -11.49 30.57
CA THR G 871 29.56 -11.39 29.96
C THR G 871 30.65 -11.71 30.97
N SER G 872 30.49 -11.28 32.22
CA SER G 872 31.49 -11.58 33.24
C SER G 872 31.49 -13.06 33.59
N ALA G 873 30.32 -13.71 33.59
CA ALA G 873 30.28 -15.14 33.80
C ALA G 873 31.00 -15.88 32.68
N LEU G 874 30.76 -15.47 31.43
CA LEU G 874 31.46 -16.09 30.30
C LEU G 874 32.97 -15.88 30.41
N LEU G 875 33.38 -14.67 30.77
CA LEU G 875 34.81 -14.36 30.88
C LEU G 875 35.47 -15.17 32.00
N ALA G 876 34.81 -15.28 33.15
CA ALA G 876 35.36 -16.08 34.24
C ALA G 876 35.48 -17.54 33.84
N GLY G 877 34.44 -18.08 33.20
CA GLY G 877 34.51 -19.45 32.73
C GLY G 877 35.68 -19.67 31.79
N THR G 878 35.86 -18.75 30.83
CA THR G 878 36.95 -18.91 29.87
C THR G 878 38.31 -18.83 30.54
N ILE G 879 38.55 -17.82 31.39
CA ILE G 879 39.90 -17.65 31.91
C ILE G 879 40.21 -18.61 33.06
N THR G 880 39.22 -19.27 33.64
CA THR G 880 39.54 -20.26 34.68
C THR G 880 39.48 -21.70 34.20
N SER G 881 38.68 -22.01 33.17
CA SER G 881 38.47 -23.40 32.78
C SER G 881 38.67 -23.64 31.28
N GLY G 882 39.07 -22.64 30.52
CA GLY G 882 39.23 -22.84 29.08
C GLY G 882 37.91 -23.12 28.40
N TRP G 883 37.87 -24.19 27.61
CA TRP G 883 36.67 -24.57 26.89
C TRP G 883 35.86 -25.65 27.60
N THR G 884 36.25 -26.05 28.82
CA THR G 884 35.56 -27.13 29.49
C THR G 884 34.15 -26.75 29.91
N PHE G 885 33.93 -25.50 30.33
CA PHE G 885 32.61 -25.11 30.80
C PHE G 885 31.59 -25.04 29.67
N GLY G 886 32.03 -25.01 28.41
CA GLY G 886 31.09 -25.07 27.30
C GLY G 886 30.53 -26.45 27.05
N ALA G 887 31.23 -27.50 27.49
CA ALA G 887 30.79 -28.86 27.27
C ALA G 887 30.12 -29.47 28.48
N GLY G 888 30.59 -29.14 29.67
CA GLY G 888 30.04 -29.69 30.91
C GLY G 888 30.35 -28.79 32.07
N ALA G 889 30.71 -29.40 33.20
CA ALA G 889 31.15 -28.62 34.35
C ALA G 889 32.46 -27.90 34.04
N ALA G 890 32.60 -26.70 34.61
CA ALA G 890 33.85 -25.96 34.47
C ALA G 890 34.97 -26.68 35.22
N LEU G 891 36.01 -27.04 34.49
CA LEU G 891 37.15 -27.78 35.03
C LEU G 891 38.33 -26.81 35.10
N GLN G 892 38.73 -26.44 36.32
CA GLN G 892 39.77 -25.43 36.45
C GLN G 892 41.11 -25.96 35.93
N ILE G 893 41.91 -25.05 35.40
CA ILE G 893 43.22 -25.34 34.83
C ILE G 893 44.04 -24.07 34.93
N PRO G 894 45.34 -24.14 35.26
CA PRO G 894 46.16 -22.94 35.25
C PRO G 894 46.19 -22.32 33.86
N PHE G 895 46.19 -20.98 33.82
CA PHE G 895 46.00 -20.28 32.55
C PHE G 895 47.14 -20.52 31.56
N ALA G 896 48.37 -20.62 32.06
CA ALA G 896 49.49 -20.90 31.16
C ALA G 896 49.33 -22.27 30.50
N MET G 897 48.83 -23.25 31.25
CA MET G 897 48.62 -24.58 30.67
C MET G 897 47.49 -24.56 29.65
N GLN G 898 46.44 -23.75 29.90
CA GLN G 898 45.40 -23.58 28.90
C GLN G 898 45.96 -22.95 27.63
N MET G 899 46.83 -21.94 27.78
CA MET G 899 47.48 -21.35 26.63
C MET G 899 48.32 -22.37 25.86
N ALA G 900 48.99 -23.27 26.58
CA ALA G 900 49.71 -24.36 25.94
C ALA G 900 48.77 -25.25 25.14
N TYR G 901 47.59 -25.56 25.70
CA TYR G 901 46.59 -26.30 24.95
C TYR G 901 46.22 -25.57 23.65
N ARG G 902 46.00 -24.26 23.73
CA ARG G 902 45.65 -23.50 22.53
C ARG G 902 46.76 -23.54 21.49
N PHE G 903 48.00 -23.36 21.93
CA PHE G 903 49.15 -23.43 21.03
C PHE G 903 49.20 -24.79 20.34
N ASN G 904 48.97 -25.86 21.09
CA ASN G 904 48.78 -27.17 20.46
C ASN G 904 47.65 -27.14 19.45
N GLY G 905 46.58 -26.41 19.77
CA GLY G 905 45.43 -26.37 18.88
C GLY G 905 45.71 -25.71 17.54
N ILE G 906 46.74 -24.87 17.48
CA ILE G 906 47.13 -24.27 16.20
C ILE G 906 48.39 -24.91 15.62
N GLY G 907 48.79 -26.08 16.13
CA GLY G 907 49.94 -26.76 15.58
C GLY G 907 51.28 -26.23 16.00
N VAL G 908 51.38 -25.60 17.16
CA VAL G 908 52.64 -25.16 17.74
C VAL G 908 52.86 -25.96 19.02
N THR G 909 54.06 -26.52 19.17
CA THR G 909 54.35 -27.29 20.38
C THR G 909 54.30 -26.40 21.61
N GLN G 910 53.91 -27.01 22.75
CA GLN G 910 53.65 -26.23 23.95
C GLN G 910 54.90 -25.64 24.57
N ASN G 911 56.07 -26.23 24.30
CA ASN G 911 57.31 -25.65 24.81
C ASN G 911 57.54 -24.26 24.24
N VAL G 912 57.01 -23.98 23.05
CA VAL G 912 57.09 -22.63 22.50
C VAL G 912 56.33 -21.66 23.39
N LEU G 913 55.15 -22.07 23.87
CA LEU G 913 54.40 -21.24 24.81
C LEU G 913 55.17 -21.07 26.12
N TYR G 914 55.65 -22.18 26.69
CA TYR G 914 56.25 -22.10 28.02
C TYR G 914 57.56 -21.31 28.03
N GLU G 915 58.37 -21.46 26.98
CA GLU G 915 59.67 -20.79 26.93
C GLU G 915 59.56 -19.32 26.56
N ASN G 916 58.44 -18.88 25.99
CA ASN G 916 58.21 -17.47 25.66
C ASN G 916 57.02 -16.92 26.44
N GLN G 917 56.76 -17.48 27.63
CA GLN G 917 55.50 -17.16 28.32
C GLN G 917 55.42 -15.69 28.69
N LYS G 918 56.52 -15.12 29.19
CA LYS G 918 56.50 -13.70 29.57
C LYS G 918 56.41 -12.81 28.34
N LEU G 919 57.11 -13.16 27.26
CA LEU G 919 56.96 -12.41 26.01
C LEU G 919 55.52 -12.44 25.51
N ILE G 920 54.89 -13.61 25.55
CA ILE G 920 53.52 -13.75 25.06
C ILE G 920 52.55 -12.96 25.92
N ALA G 921 52.72 -13.05 27.25
CA ALA G 921 51.85 -12.29 28.15
C ALA G 921 52.03 -10.79 27.95
N ASN G 922 53.27 -10.34 27.76
CA ASN G 922 53.51 -8.92 27.53
C ASN G 922 52.90 -8.45 26.22
N GLN G 923 53.00 -9.27 25.16
CA GLN G 923 52.37 -8.91 23.89
C GLN G 923 50.86 -8.80 24.05
N PHE G 924 50.25 -9.74 24.77
CA PHE G 924 48.81 -9.66 25.02
C PHE G 924 48.45 -8.40 25.80
N ASN G 925 49.23 -8.07 26.84
CA ASN G 925 48.95 -6.90 27.64
C ASN G 925 49.05 -5.63 26.80
N SER G 926 50.07 -5.56 25.93
CA SER G 926 50.21 -4.39 25.05
C SER G 926 49.06 -4.30 24.07
N ALA G 927 48.61 -5.42 23.52
CA ALA G 927 47.49 -5.38 22.58
C ALA G 927 46.20 -4.92 23.27
N ILE G 928 45.96 -5.39 24.49
CA ILE G 928 44.80 -4.92 25.25
C ILE G 928 44.91 -3.42 25.52
N GLY G 929 46.12 -2.96 25.87
CA GLY G 929 46.32 -1.53 26.05
C GLY G 929 46.02 -0.73 24.79
N LYS G 930 46.40 -1.26 23.63
CA LYS G 930 46.07 -0.58 22.37
C LYS G 930 44.56 -0.53 22.14
N ILE G 931 43.86 -1.62 22.45
CA ILE G 931 42.40 -1.60 22.35
C ILE G 931 41.85 -0.47 23.22
N GLN G 932 42.36 -0.37 24.44
CA GLN G 932 41.93 0.69 25.36
C GLN G 932 42.16 2.07 24.77
N ASP G 933 43.39 2.33 24.31
CA ASP G 933 43.73 3.66 23.80
C ASP G 933 42.91 4.00 22.57
N SER G 934 42.71 3.04 21.67
CA SER G 934 41.90 3.29 20.49
C SER G 934 40.46 3.63 20.88
N LEU G 935 39.90 2.91 21.85
CA LEU G 935 38.55 3.26 22.29
C LEU G 935 38.51 4.65 22.93
N SER G 936 39.53 5.00 23.70
CA SER G 936 39.59 6.33 24.31
C SER G 936 39.85 7.44 23.31
N SER G 937 40.32 7.12 22.11
CA SER G 937 40.59 8.15 21.11
C SER G 937 39.47 8.27 20.07
N THR G 938 39.08 7.15 19.46
CA THR G 938 38.10 7.17 18.38
C THR G 938 36.69 7.17 18.97
N ALA G 939 35.88 8.14 18.54
CA ALA G 939 34.52 8.31 19.07
C ALA G 939 33.46 7.66 18.20
N SER G 940 33.81 7.20 16.99
CA SER G 940 32.86 6.53 16.11
C SER G 940 33.27 5.10 15.79
N ALA G 941 34.04 4.47 16.69
CA ALA G 941 34.48 3.09 16.45
C ALA G 941 33.30 2.13 16.39
N LEU G 942 32.31 2.32 17.26
CA LEU G 942 31.11 1.49 17.27
C LEU G 942 30.06 2.03 16.32
N GLY G 943 30.44 2.20 15.05
CA GLY G 943 29.53 2.80 14.09
C GLY G 943 28.31 1.95 13.78
N LYS G 944 28.48 0.62 13.82
CA LYS G 944 27.36 -0.28 13.50
C LYS G 944 26.20 -0.11 14.47
N LEU G 945 26.49 -0.13 15.78
CA LEU G 945 25.47 -0.02 16.80
C LEU G 945 24.79 1.34 16.78
N GLN G 946 25.59 2.40 16.64
CA GLN G 946 25.02 3.74 16.51
C GLN G 946 24.17 3.84 15.25
N ASP G 947 24.54 3.14 14.19
CA ASP G 947 23.73 3.14 12.98
C ASP G 947 22.38 2.48 13.23
N VAL G 948 22.36 1.38 13.98
CA VAL G 948 21.08 0.76 14.35
C VAL G 948 20.20 1.75 15.11
N VAL G 949 20.79 2.39 16.13
CA VAL G 949 20.05 3.36 16.93
C VAL G 949 19.50 4.48 16.05
N ASN G 950 20.36 5.02 15.19
CA ASN G 950 19.97 6.15 14.35
C ASN G 950 18.88 5.76 13.36
N HIS G 951 18.98 4.56 12.77
CA HIS G 951 17.95 4.14 11.83
C HIS G 951 16.59 4.04 12.50
N ASN G 952 16.54 3.47 13.71
CA ASN G 952 15.26 3.41 14.42
C ASN G 952 14.74 4.81 14.74
N ALA G 953 15.61 5.69 15.23
CA ALA G 953 15.17 7.04 15.59
C ALA G 953 14.65 7.81 14.37
N GLN G 954 15.35 7.71 13.24
CA GLN G 954 14.92 8.39 12.03
C GLN G 954 13.60 7.81 11.51
N ALA G 955 13.41 6.49 11.64
CA ALA G 955 12.14 5.91 11.24
C ALA G 955 10.99 6.50 12.05
N LEU G 956 11.15 6.58 13.37
CA LEU G 956 10.08 7.15 14.19
C LEU G 956 9.85 8.62 13.87
N ASN G 957 10.92 9.38 13.66
CA ASN G 957 10.76 10.80 13.34
C ASN G 957 10.11 11.00 11.98
N THR G 958 10.43 10.15 11.00
CA THR G 958 9.75 10.20 9.71
C THR G 958 8.26 9.91 9.88
N LEU G 959 7.93 8.93 10.71
CA LEU G 959 6.53 8.63 10.97
C LEU G 959 5.81 9.82 11.60
N VAL G 960 6.47 10.52 12.52
CA VAL G 960 5.86 11.70 13.14
C VAL G 960 5.68 12.82 12.12
N LYS G 961 6.71 13.06 11.28
CA LYS G 961 6.62 14.12 10.29
C LYS G 961 5.57 13.83 9.21
N GLN G 962 5.27 12.55 8.95
CA GLN G 962 4.23 12.22 7.99
C GLN G 962 2.84 12.68 8.41
N LEU G 963 2.65 13.07 9.67
CA LEU G 963 1.35 13.53 10.15
C LEU G 963 0.99 14.93 9.65
N SER G 964 1.93 15.67 9.08
CA SER G 964 1.64 16.97 8.49
C SER G 964 1.36 16.90 7.00
N SER G 965 1.31 15.70 6.43
CA SER G 965 0.95 15.52 5.03
C SER G 965 -0.56 15.58 4.86
N LYS G 966 -1.00 16.30 3.83
CA LYS G 966 -2.42 16.39 3.51
C LYS G 966 -2.95 15.14 2.82
N PHE G 967 -2.11 14.45 2.04
CA PHE G 967 -2.51 13.26 1.30
C PHE G 967 -3.68 13.54 0.37
N GLY G 968 -3.75 14.74 -0.20
CA GLY G 968 -4.82 15.13 -1.07
C GLY G 968 -6.03 15.76 -0.38
N ALA G 969 -6.01 15.87 0.94
CA ALA G 969 -7.10 16.49 1.68
C ALA G 969 -6.87 18.00 1.79
N ILE G 970 -7.90 18.71 2.26
CA ILE G 970 -7.79 20.15 2.42
C ILE G 970 -6.84 20.50 3.55
N SER G 971 -6.76 19.66 4.58
CA SER G 971 -5.94 19.92 5.74
C SER G 971 -5.38 18.60 6.27
N SER G 972 -4.22 18.69 6.90
CA SER G 972 -3.65 17.53 7.61
C SER G 972 -4.11 17.45 9.05
N VAL G 973 -4.92 18.40 9.51
CA VAL G 973 -5.41 18.43 10.87
C VAL G 973 -6.86 17.97 10.89
N LEU G 974 -7.13 16.92 11.66
CA LEU G 974 -8.48 16.35 11.71
C LEU G 974 -9.46 17.34 12.32
N ASN G 975 -9.04 18.07 13.35
CA ASN G 975 -9.93 18.99 14.04
C ASN G 975 -10.38 20.12 13.12
N ASP G 976 -9.48 20.63 12.28
CA ASP G 976 -9.85 21.68 11.34
C ASP G 976 -10.85 21.16 10.30
N ILE G 977 -10.65 19.93 9.81
CA ILE G 977 -11.59 19.34 8.87
C ILE G 977 -12.97 19.22 9.52
N LEU G 978 -13.00 18.75 10.76
CA LEU G 978 -14.28 18.56 11.45
C LEU G 978 -14.94 19.90 11.78
N SER G 979 -14.15 20.94 12.03
CA SER G 979 -14.72 22.23 12.38
C SER G 979 -15.17 23.02 11.14
N ARG G 980 -14.58 22.73 9.98
CA ARG G 980 -14.86 23.50 8.79
C ARG G 980 -15.90 22.88 7.87
N LEU G 981 -16.03 21.56 7.86
CA LEU G 981 -16.95 20.86 6.98
C LEU G 981 -17.99 20.13 7.80
N ASP G 982 -19.17 19.95 7.21
CA ASP G 982 -20.20 19.14 7.84
C ASP G 982 -19.86 17.66 7.64
N LYS G 983 -20.73 16.80 8.19
CA LYS G 983 -20.39 15.38 8.31
C LYS G 983 -20.02 14.77 6.97
N VAL G 984 -20.87 14.95 5.96
CA VAL G 984 -20.71 14.21 4.70
C VAL G 984 -19.40 14.59 4.01
N GLU G 985 -19.12 15.88 3.89
CA GLU G 985 -17.87 16.30 3.26
C GLU G 985 -16.67 16.02 4.15
N ALA G 986 -16.83 16.14 5.47
CA ALA G 986 -15.72 15.85 6.37
C ALA G 986 -15.26 14.40 6.25
N GLU G 987 -16.20 13.49 5.98
CA GLU G 987 -15.84 12.08 5.92
C GLU G 987 -14.91 11.78 4.75
N VAL G 988 -15.06 12.47 3.61
CA VAL G 988 -14.19 12.24 2.48
C VAL G 988 -12.74 12.62 2.82
N GLN G 989 -12.57 13.80 3.41
CA GLN G 989 -11.23 14.26 3.78
C GLN G 989 -10.62 13.37 4.85
N ILE G 990 -11.43 12.97 5.83
CA ILE G 990 -10.94 12.08 6.88
C ILE G 990 -10.55 10.74 6.30
N ASP G 991 -11.28 10.25 5.30
CA ASP G 991 -10.90 9.01 4.61
C ASP G 991 -9.55 9.17 3.92
N ARG G 992 -9.33 10.31 3.26
CA ARG G 992 -8.03 10.55 2.63
C ARG G 992 -6.90 10.52 3.66
N LEU G 993 -7.09 11.21 4.78
CA LEU G 993 -6.07 11.20 5.83
C LEU G 993 -5.85 9.80 6.41
N ILE G 994 -6.93 9.05 6.60
CA ILE G 994 -6.82 7.70 7.14
C ILE G 994 -6.01 6.82 6.19
N THR G 995 -6.30 6.90 4.89
CA THR G 995 -5.56 6.09 3.93
C THR G 995 -4.08 6.48 3.92
N GLY G 996 -3.78 7.77 3.94
CA GLY G 996 -2.39 8.19 3.94
C GLY G 996 -1.63 7.72 5.16
N ARG G 997 -2.23 7.88 6.35
CA ARG G 997 -1.55 7.52 7.58
C ARG G 997 -1.45 6.02 7.75
N LEU G 998 -2.47 5.29 7.28
CA LEU G 998 -2.39 3.83 7.22
C LEU G 998 -1.21 3.39 6.37
N GLN G 999 -1.04 4.00 5.19
CA GLN G 999 0.09 3.65 4.34
C GLN G 999 1.42 4.00 5.01
N SER G 1000 1.48 5.13 5.71
CA SER G 1000 2.70 5.47 6.45
C SER G 1000 3.04 4.40 7.48
N LEU G 1001 2.04 3.94 8.23
CA LEU G 1001 2.28 2.91 9.23
C LEU G 1001 2.72 1.60 8.60
N GLN G 1002 2.09 1.20 7.49
CA GLN G 1002 2.48 -0.05 6.84
C GLN G 1002 3.89 0.02 6.27
N THR G 1003 4.26 1.17 5.70
CA THR G 1003 5.65 1.34 5.26
C THR G 1003 6.60 1.18 6.43
N TYR G 1004 6.32 1.86 7.55
CA TYR G 1004 7.18 1.75 8.72
C TYR G 1004 7.32 0.31 9.18
N VAL G 1005 6.19 -0.41 9.29
CA VAL G 1005 6.22 -1.76 9.83
C VAL G 1005 6.93 -2.72 8.88
N THR G 1006 6.78 -2.51 7.56
CA THR G 1006 7.47 -3.35 6.60
C THR G 1006 8.99 -3.17 6.69
N GLN G 1007 9.46 -1.92 6.74
CA GLN G 1007 10.89 -1.71 6.92
C GLN G 1007 11.36 -2.27 8.26
N GLN G 1008 10.52 -2.18 9.30
CA GLN G 1008 10.88 -2.75 10.59
C GLN G 1008 11.03 -4.26 10.50
N LEU G 1009 10.14 -4.93 9.78
CA LEU G 1009 10.24 -6.38 9.63
C LEU G 1009 11.52 -6.77 8.90
N ILE G 1010 11.83 -6.06 7.81
CA ILE G 1010 13.03 -6.40 7.03
C ILE G 1010 14.29 -6.14 7.86
N ARG G 1011 14.35 -4.99 8.54
CA ARG G 1011 15.48 -4.68 9.39
C ARG G 1011 15.61 -5.66 10.54
N ALA G 1012 14.48 -6.11 11.09
CA ALA G 1012 14.50 -7.10 12.17
C ALA G 1012 15.05 -8.42 11.67
N ALA G 1013 14.73 -8.80 10.43
CA ALA G 1013 15.34 -10.00 9.85
C ALA G 1013 16.86 -9.85 9.74
N GLU G 1014 17.32 -8.68 9.29
CA GLU G 1014 18.77 -8.45 9.23
C GLU G 1014 19.41 -8.52 10.62
N ILE G 1015 18.77 -7.90 11.61
CA ILE G 1015 19.27 -7.92 12.99
C ILE G 1015 19.26 -9.34 13.54
N ARG G 1016 18.25 -10.14 13.20
CA ARG G 1016 18.22 -11.53 13.64
C ARG G 1016 19.35 -12.33 13.04
N ALA G 1017 19.66 -12.10 11.76
CA ALA G 1017 20.82 -12.76 11.16
C ALA G 1017 22.10 -12.36 11.89
N SER G 1018 22.25 -11.08 12.20
CA SER G 1018 23.44 -10.63 12.92
C SER G 1018 23.51 -11.27 14.30
N ALA G 1019 22.38 -11.39 14.99
CA ALA G 1019 22.36 -11.98 16.33
C ALA G 1019 22.66 -13.48 16.29
N ASN G 1020 22.16 -14.18 15.26
CA ASN G 1020 22.50 -15.58 15.10
C ASN G 1020 23.99 -15.76 14.85
N LEU G 1021 24.58 -14.89 14.03
CA LEU G 1021 26.03 -14.91 13.84
C LEU G 1021 26.76 -14.65 15.16
N ALA G 1022 26.27 -13.69 15.95
CA ALA G 1022 26.90 -13.39 17.24
C ALA G 1022 26.83 -14.58 18.19
N ALA G 1023 25.69 -15.27 18.22
CA ALA G 1023 25.56 -16.45 19.07
C ALA G 1023 26.49 -17.57 18.61
N THR G 1024 26.60 -17.76 17.29
CA THR G 1024 27.54 -18.75 16.77
C THR G 1024 28.98 -18.40 17.14
N LYS G 1025 29.32 -17.10 17.09
CA LYS G 1025 30.67 -16.68 17.47
C LYS G 1025 30.90 -16.83 18.96
N MET G 1026 29.87 -16.62 19.78
CA MET G 1026 30.00 -16.90 21.21
C MET G 1026 30.26 -18.38 21.45
N SER G 1027 29.53 -19.25 20.76
CA SER G 1027 29.73 -20.68 20.95
C SER G 1027 31.10 -21.14 20.48
N GLU G 1028 31.56 -20.67 19.32
CA GLU G 1028 32.72 -21.25 18.67
C GLU G 1028 34.02 -20.49 18.89
N CYS G 1029 33.97 -19.20 19.23
CA CYS G 1029 35.16 -18.42 19.54
C CYS G 1029 35.41 -18.23 21.02
N VAL G 1030 34.36 -18.12 21.83
CA VAL G 1030 34.51 -17.89 23.27
C VAL G 1030 34.44 -19.19 24.05
N LEU G 1031 33.49 -20.05 23.74
CA LEU G 1031 33.36 -21.34 24.41
C LEU G 1031 34.27 -22.40 23.80
N GLY G 1032 35.10 -22.05 22.82
CA GLY G 1032 36.03 -23.00 22.26
C GLY G 1032 37.00 -22.31 21.33
N GLN G 1033 37.99 -23.09 20.88
CA GLN G 1033 38.97 -22.64 19.90
C GLN G 1033 38.51 -23.10 18.52
N SER G 1034 38.48 -22.18 17.56
CA SER G 1034 37.94 -22.43 16.24
C SER G 1034 39.06 -22.68 15.23
N LYS G 1035 38.85 -23.66 14.35
CA LYS G 1035 39.74 -23.89 13.22
C LYS G 1035 39.26 -23.19 11.95
N ARG G 1036 38.08 -22.58 11.99
CA ARG G 1036 37.53 -21.93 10.82
C ARG G 1036 38.31 -20.65 10.52
N VAL G 1037 38.85 -20.55 9.32
CA VAL G 1037 39.72 -19.42 8.96
C VAL G 1037 38.89 -18.14 8.95
N ASP G 1038 39.38 -17.13 9.66
CA ASP G 1038 38.80 -15.78 9.70
C ASP G 1038 37.46 -15.72 10.42
N PHE G 1039 37.02 -16.79 11.07
CA PHE G 1039 35.78 -16.72 11.82
C PHE G 1039 35.95 -16.01 13.16
N CYS G 1040 37.14 -16.10 13.76
CA CYS G 1040 37.37 -15.52 15.08
C CYS G 1040 38.58 -14.59 15.02
N GLY G 1041 38.60 -13.70 14.05
CA GLY G 1041 39.71 -12.78 13.87
C GLY G 1041 40.69 -13.25 12.80
N LYS G 1042 41.64 -12.38 12.48
CA LYS G 1042 42.64 -12.70 11.46
C LYS G 1042 43.86 -13.33 12.12
N GLY G 1043 44.32 -14.44 11.56
CA GLY G 1043 45.36 -15.23 12.16
C GLY G 1043 44.82 -16.55 12.68
N TYR G 1044 45.70 -17.29 13.35
CA TYR G 1044 45.29 -18.54 13.97
C TYR G 1044 44.65 -18.27 15.32
N HIS G 1045 43.38 -18.64 15.46
CA HIS G 1045 42.61 -18.29 16.64
C HIS G 1045 43.16 -18.98 17.89
N LEU G 1046 43.33 -18.20 18.96
CA LEU G 1046 43.68 -18.73 20.26
C LEU G 1046 42.47 -18.78 21.19
N MET G 1047 41.84 -17.64 21.42
CA MET G 1047 40.71 -17.51 22.33
C MET G 1047 40.03 -16.17 22.06
N SER G 1048 38.81 -16.03 22.55
CA SER G 1048 38.07 -14.79 22.38
C SER G 1048 37.39 -14.42 23.69
N PHE G 1049 37.22 -13.11 23.89
CA PHE G 1049 36.58 -12.59 25.09
C PHE G 1049 35.42 -11.69 24.69
N PRO G 1050 34.22 -11.90 25.21
CA PRO G 1050 33.09 -11.02 24.90
C PRO G 1050 33.01 -9.82 25.83
N GLN G 1051 32.62 -8.70 25.24
CA GLN G 1051 32.33 -7.48 25.99
C GLN G 1051 30.98 -6.95 25.54
N SER G 1052 30.10 -6.68 26.49
CA SER G 1052 28.78 -6.18 26.15
C SER G 1052 28.86 -4.72 25.70
N ALA G 1053 28.02 -4.38 24.73
CA ALA G 1053 27.87 -3.03 24.23
C ALA G 1053 26.39 -2.76 24.06
N PRO G 1054 25.97 -1.49 24.02
CA PRO G 1054 24.55 -1.21 23.80
C PRO G 1054 24.05 -1.77 22.48
N HIS G 1055 23.03 -2.62 22.55
CA HIS G 1055 22.37 -3.21 21.38
C HIS G 1055 23.27 -4.21 20.64
N GLY G 1056 24.37 -4.63 21.24
CA GLY G 1056 25.29 -5.50 20.52
C GLY G 1056 26.29 -6.14 21.44
N VAL G 1057 27.31 -6.72 20.82
CA VAL G 1057 28.40 -7.39 21.52
C VAL G 1057 29.70 -7.06 20.80
N VAL G 1058 30.79 -6.99 21.57
CA VAL G 1058 32.12 -6.80 21.03
C VAL G 1058 32.97 -7.99 21.43
N PHE G 1059 33.53 -8.68 20.44
CA PHE G 1059 34.46 -9.79 20.68
C PHE G 1059 35.88 -9.27 20.58
N LEU G 1060 36.70 -9.63 21.56
CA LEU G 1060 38.15 -9.40 21.49
C LEU G 1060 38.79 -10.72 21.11
N HIS G 1061 39.13 -10.86 19.83
CA HIS G 1061 39.72 -12.09 19.32
C HIS G 1061 41.24 -12.05 19.52
N VAL G 1062 41.78 -13.09 20.16
CA VAL G 1062 43.21 -13.23 20.35
C VAL G 1062 43.71 -14.26 19.35
N THR G 1063 44.64 -13.86 18.49
CA THR G 1063 45.17 -14.74 17.47
C THR G 1063 46.69 -14.80 17.52
N TYR G 1064 47.23 -15.82 16.89
CA TYR G 1064 48.66 -16.04 16.74
C TYR G 1064 49.06 -15.68 15.31
N VAL G 1065 49.99 -14.75 15.16
CA VAL G 1065 50.44 -14.29 13.86
C VAL G 1065 51.92 -14.58 13.72
N PRO G 1066 52.34 -15.42 12.77
CA PRO G 1066 53.78 -15.59 12.50
C PRO G 1066 54.42 -14.27 12.11
N ALA G 1067 55.65 -14.06 12.56
CA ALA G 1067 56.24 -12.72 12.56
C ALA G 1067 57.42 -12.57 11.60
N GLN G 1068 58.49 -13.35 11.77
CA GLN G 1068 59.77 -13.04 11.12
C GLN G 1068 60.26 -14.27 10.39
N GLU G 1069 59.80 -14.45 9.15
CA GLU G 1069 60.08 -15.64 8.38
C GLU G 1069 61.47 -15.58 7.76
N LYS G 1070 62.11 -16.75 7.67
CA LYS G 1070 63.41 -16.89 7.03
C LYS G 1070 63.29 -17.88 5.87
N ASN G 1071 64.14 -17.69 4.87
CA ASN G 1071 64.20 -18.62 3.76
C ASN G 1071 65.00 -19.86 4.10
N PHE G 1072 64.55 -20.99 3.60
CA PHE G 1072 65.27 -22.24 3.75
C PHE G 1072 65.11 -23.06 2.47
N THR G 1073 66.11 -23.89 2.21
CA THR G 1073 65.99 -24.94 1.21
C THR G 1073 65.30 -26.12 1.86
N THR G 1074 64.32 -26.69 1.17
CA THR G 1074 63.53 -27.79 1.70
C THR G 1074 63.53 -28.97 0.73
N ALA G 1075 63.08 -30.11 1.22
CA ALA G 1075 62.97 -31.33 0.44
C ALA G 1075 61.77 -32.12 0.89
N PRO G 1076 61.13 -32.86 -0.03
CA PRO G 1076 59.97 -33.66 0.37
C PRO G 1076 60.34 -34.85 1.25
N ALA G 1077 61.51 -35.46 1.03
CA ALA G 1077 61.86 -36.70 1.72
C ALA G 1077 63.39 -36.81 1.76
N ILE G 1078 63.87 -37.70 2.62
CA ILE G 1078 65.29 -37.97 2.76
C ILE G 1078 65.57 -39.42 2.40
N CYS G 1079 66.59 -39.62 1.56
CA CYS G 1079 67.15 -40.93 1.29
C CYS G 1079 68.34 -41.17 2.22
N HIS G 1080 68.28 -42.25 3.00
CA HIS G 1080 69.38 -42.59 3.89
C HIS G 1080 70.06 -43.90 3.52
N ASP G 1081 69.33 -45.01 3.47
CA ASP G 1081 69.89 -46.33 3.17
C ASP G 1081 69.10 -47.00 2.06
N GLY G 1082 68.85 -46.26 0.99
CA GLY G 1082 67.96 -46.73 -0.05
C GLY G 1082 66.51 -46.77 0.37
N LYS G 1083 66.15 -46.03 1.41
CA LYS G 1083 64.78 -45.90 1.86
C LYS G 1083 64.42 -44.44 1.99
N ALA G 1084 63.16 -44.12 1.68
CA ALA G 1084 62.65 -42.76 1.75
C ALA G 1084 62.12 -42.50 3.14
N HIS G 1085 62.51 -41.36 3.72
CA HIS G 1085 62.07 -40.93 5.04
C HIS G 1085 61.23 -39.67 4.90
N PHE G 1086 60.15 -39.58 5.67
CA PHE G 1086 59.27 -38.44 5.66
C PHE G 1086 59.10 -37.90 7.08
N PRO G 1087 58.90 -36.59 7.25
CA PRO G 1087 58.76 -36.05 8.61
C PRO G 1087 57.46 -36.51 9.24
N ARG G 1088 57.54 -36.89 10.52
CA ARG G 1088 56.35 -37.39 11.21
C ARG G 1088 55.37 -36.26 11.50
N GLU G 1089 55.87 -35.10 11.93
CA GLU G 1089 55.00 -33.95 12.15
C GLU G 1089 55.49 -32.65 11.56
N GLY G 1090 56.77 -32.52 11.18
CA GLY G 1090 57.27 -31.26 10.67
C GLY G 1090 57.65 -31.24 9.20
N VAL G 1091 58.74 -30.56 8.88
CA VAL G 1091 59.19 -30.38 7.51
C VAL G 1091 60.71 -30.33 7.50
N PHE G 1092 61.30 -30.91 6.46
CA PHE G 1092 62.76 -30.93 6.31
C PHE G 1092 63.24 -29.58 5.81
N VAL G 1093 64.25 -29.02 6.48
CA VAL G 1093 64.81 -27.74 6.06
C VAL G 1093 66.33 -27.82 6.10
N SER G 1094 66.97 -27.03 5.24
CA SER G 1094 68.41 -26.93 5.15
C SER G 1094 68.82 -25.49 5.45
N ASN G 1095 69.80 -25.33 6.34
CA ASN G 1095 70.35 -24.02 6.61
C ASN G 1095 71.42 -23.62 5.59
N GLY G 1096 71.66 -24.46 4.60
CA GLY G 1096 72.66 -24.21 3.59
C GLY G 1096 73.63 -25.37 3.47
N THR G 1097 73.98 -25.96 4.60
CA THR G 1097 74.90 -27.09 4.65
C THR G 1097 74.32 -28.29 5.38
N HIS G 1098 73.47 -28.07 6.38
CA HIS G 1098 72.95 -29.14 7.21
C HIS G 1098 71.42 -29.20 7.11
N TRP G 1099 70.91 -30.41 7.17
CA TRP G 1099 69.48 -30.66 7.05
C TRP G 1099 68.88 -30.90 8.43
N PHE G 1100 67.74 -30.28 8.68
CA PHE G 1100 67.02 -30.40 9.94
C PHE G 1100 65.55 -30.69 9.65
N VAL G 1101 64.84 -31.14 10.67
CA VAL G 1101 63.38 -31.21 10.65
C VAL G 1101 62.87 -30.23 11.68
N THR G 1102 61.87 -29.43 11.29
CA THR G 1102 61.31 -28.41 12.15
C THR G 1102 59.80 -28.46 12.09
N GLN G 1103 59.16 -28.03 13.17
CA GLN G 1103 57.72 -27.83 13.13
C GLN G 1103 57.40 -26.70 12.16
N ARG G 1104 56.19 -26.75 11.60
CA ARG G 1104 55.90 -25.98 10.40
C ARG G 1104 55.65 -24.50 10.67
N ASN G 1105 55.17 -24.15 11.86
CA ASN G 1105 54.73 -22.79 12.15
C ASN G 1105 55.70 -22.02 13.03
N PHE G 1106 56.81 -22.62 13.43
CA PHE G 1106 57.80 -21.96 14.28
C PHE G 1106 59.13 -22.66 14.07
N TYR G 1107 60.14 -21.90 13.67
CA TYR G 1107 61.44 -22.48 13.31
C TYR G 1107 62.11 -22.99 14.57
N GLU G 1108 62.27 -24.32 14.65
CA GLU G 1108 62.94 -24.98 15.77
C GLU G 1108 63.63 -26.22 15.20
N PRO G 1109 64.82 -26.05 14.63
CA PRO G 1109 65.47 -27.15 13.90
C PRO G 1109 65.95 -28.24 14.85
N GLN G 1110 65.75 -29.49 14.43
CA GLN G 1110 66.18 -30.64 15.21
C GLN G 1110 66.86 -31.65 14.29
N ILE G 1111 67.75 -32.44 14.90
CA ILE G 1111 68.46 -33.48 14.17
C ILE G 1111 67.45 -34.47 13.59
N ILE G 1112 67.68 -34.91 12.36
CA ILE G 1112 66.78 -35.85 11.69
C ILE G 1112 67.10 -37.26 12.19
N THR G 1113 66.15 -37.85 12.91
CA THR G 1113 66.32 -39.18 13.50
C THR G 1113 65.13 -40.07 13.16
N THR G 1114 65.27 -41.35 13.49
CA THR G 1114 64.21 -42.31 13.21
C THR G 1114 62.98 -42.09 14.09
N ASP G 1115 63.13 -41.40 15.21
CA ASP G 1115 61.97 -40.96 15.98
C ASP G 1115 61.28 -39.77 15.31
N ASN G 1116 62.04 -38.97 14.56
CA ASN G 1116 61.48 -37.80 13.89
C ASN G 1116 60.72 -38.18 12.62
N THR G 1117 61.05 -39.31 12.01
CA THR G 1117 60.61 -39.62 10.66
C THR G 1117 59.94 -40.99 10.61
N PHE G 1118 59.33 -41.29 9.46
CA PHE G 1118 58.85 -42.63 9.15
C PHE G 1118 59.27 -43.00 7.74
N VAL G 1119 59.46 -44.30 7.52
CA VAL G 1119 60.03 -44.83 6.28
C VAL G 1119 58.92 -45.41 5.43
N SER G 1120 58.93 -45.10 4.13
CA SER G 1120 58.01 -45.73 3.19
C SER G 1120 58.69 -45.80 1.83
N GLY G 1121 58.90 -47.02 1.33
CA GLY G 1121 59.43 -47.22 0.00
C GLY G 1121 60.92 -46.95 -0.10
N ASN G 1122 61.40 -46.98 -1.34
CA ASN G 1122 62.78 -46.67 -1.65
C ASN G 1122 62.86 -45.27 -2.28
N CYS G 1123 64.05 -44.87 -2.72
CA CYS G 1123 64.32 -43.49 -3.14
C CYS G 1123 64.21 -43.31 -4.65
N ASP G 1124 63.41 -44.13 -5.32
CA ASP G 1124 63.24 -44.02 -6.76
C ASP G 1124 62.00 -43.26 -7.21
N VAL G 1125 60.99 -43.12 -6.36
CA VAL G 1125 59.69 -42.60 -6.77
C VAL G 1125 59.54 -41.11 -6.45
N VAL G 1126 59.96 -40.70 -5.26
CA VAL G 1126 59.71 -39.33 -4.80
C VAL G 1126 60.54 -38.35 -5.63
N ILE G 1127 59.88 -37.31 -6.14
CA ILE G 1127 60.54 -36.25 -6.88
C ILE G 1127 61.08 -35.24 -5.88
N GLY G 1128 62.37 -34.96 -5.95
CA GLY G 1128 63.01 -34.01 -5.06
C GLY G 1128 63.67 -34.60 -3.84
N ILE G 1129 63.78 -35.93 -3.74
CA ILE G 1129 64.38 -36.55 -2.58
C ILE G 1129 65.85 -36.13 -2.47
N VAL G 1130 66.33 -36.02 -1.23
CA VAL G 1130 67.67 -35.53 -0.94
C VAL G 1130 68.39 -36.56 -0.09
N ASN G 1131 69.67 -36.78 -0.40
CA ASN G 1131 70.50 -37.68 0.38
C ASN G 1131 70.94 -37.00 1.67
N ASN G 1132 70.80 -37.72 2.78
CA ASN G 1132 71.27 -37.26 4.09
C ASN G 1132 71.19 -38.42 5.06
N THR G 1133 71.95 -38.31 6.15
CA THR G 1133 71.94 -39.32 7.19
C THR G 1133 70.74 -39.13 8.11
N VAL G 1134 70.15 -40.24 8.54
CA VAL G 1134 69.08 -40.23 9.53
C VAL G 1134 69.62 -40.91 10.78
N TYR G 1135 69.78 -40.14 11.84
CA TYR G 1135 70.42 -40.63 13.05
C TYR G 1135 69.57 -41.70 13.72
N ASP G 1136 70.22 -42.78 14.14
CA ASP G 1136 69.56 -43.84 14.91
C ASP G 1136 69.95 -43.68 16.38
N PRO G 1137 69.02 -43.32 17.25
CA PRO G 1137 69.39 -43.08 18.66
C PRO G 1137 69.87 -44.32 19.40
N LEU G 1138 69.53 -45.52 18.93
CA LEU G 1138 69.89 -46.73 19.66
C LEU G 1138 71.29 -47.25 19.28
N GLN G 1139 71.85 -46.75 18.18
CA GLN G 1139 73.20 -47.16 17.80
C GLN G 1139 74.25 -46.81 18.86
N PRO G 1140 74.33 -45.58 19.38
CA PRO G 1140 75.32 -45.32 20.44
C PRO G 1140 75.09 -46.16 21.70
N GLU G 1141 73.83 -46.41 22.06
CA GLU G 1141 73.55 -47.22 23.23
C GLU G 1141 74.04 -48.65 23.04
N LEU G 1142 73.82 -49.22 21.85
CA LEU G 1142 74.37 -50.55 21.58
C LEU G 1142 75.90 -50.52 21.59
N ASP G 1143 76.50 -49.45 21.07
CA ASP G 1143 77.95 -49.32 21.11
C ASP G 1143 78.49 -49.06 22.51
N SER G 1144 77.74 -48.36 23.36
CA SER G 1144 78.18 -48.09 24.71
C SER G 1144 77.91 -49.27 25.65
N PRO H 1 14.06 1.71 -51.78
CA PRO H 1 15.28 0.90 -51.83
C PRO H 1 16.45 1.68 -52.41
N SER H 2 17.06 1.15 -53.46
CA SER H 2 18.08 1.88 -54.20
C SER H 2 17.92 1.82 -55.71
N ALA H 3 17.20 0.84 -56.25
CA ALA H 3 16.98 0.71 -57.69
C ALA H 3 15.51 0.36 -57.91
N LEU H 4 14.72 1.34 -58.36
CA LEU H 4 13.29 1.14 -58.60
C LEU H 4 13.10 0.71 -60.05
N THR H 5 12.83 -0.58 -60.26
CA THR H 5 12.56 -1.09 -61.59
C THR H 5 11.17 -0.66 -62.04
N GLN H 6 11.01 -0.44 -63.34
CA GLN H 6 9.78 0.08 -63.89
C GLN H 6 9.67 -0.30 -65.36
N PRO H 7 8.48 -0.68 -65.83
CA PRO H 7 8.32 -1.08 -67.24
C PRO H 7 8.53 0.10 -68.17
N PRO H 8 9.15 -0.14 -69.33
CA PRO H 8 9.34 0.98 -70.29
C PRO H 8 8.04 1.63 -70.74
N SER H 9 6.99 0.85 -71.01
CA SER H 9 5.79 1.40 -71.63
C SER H 9 4.60 0.49 -71.37
N VAL H 10 3.40 1.07 -71.47
CA VAL H 10 2.15 0.33 -71.27
C VAL H 10 1.14 0.87 -72.28
N SER H 11 0.76 0.05 -73.25
CA SER H 11 -0.22 0.41 -74.27
C SER H 11 -1.63 0.19 -73.73
N VAL H 12 -2.42 1.25 -73.71
CA VAL H 12 -3.79 1.19 -73.18
C VAL H 12 -4.73 1.94 -74.11
N SER H 13 -5.86 1.31 -74.42
CA SER H 13 -6.93 2.01 -75.11
C SER H 13 -7.70 2.93 -74.17
N PRO H 14 -8.29 3.99 -74.72
CA PRO H 14 -9.15 4.86 -73.93
C PRO H 14 -10.20 4.06 -73.18
N GLY H 15 -10.43 4.43 -71.92
CA GLY H 15 -11.43 3.80 -71.10
C GLY H 15 -11.02 2.49 -70.44
N GLN H 16 -9.82 1.99 -70.74
CA GLN H 16 -9.36 0.76 -70.12
C GLN H 16 -8.53 1.09 -68.87
N THR H 17 -8.02 0.04 -68.23
CA THR H 17 -7.28 0.18 -66.99
C THR H 17 -5.78 0.04 -67.28
N ALA H 18 -5.01 1.05 -66.89
CA ALA H 18 -3.56 0.97 -66.95
C ALA H 18 -3.01 0.60 -65.59
N SER H 19 -2.01 -0.30 -65.59
CA SER H 19 -1.41 -0.81 -64.36
C SER H 19 0.11 -0.61 -64.44
N ILE H 20 0.56 0.58 -64.08
CA ILE H 20 1.99 0.87 -64.04
C ILE H 20 2.57 0.37 -62.73
N THR H 21 3.67 -0.38 -62.81
CA THR H 21 4.25 -1.03 -61.65
C THR H 21 5.64 -0.46 -61.35
N CYS H 22 6.05 -0.62 -60.10
CA CYS H 22 7.36 -0.18 -59.63
C CYS H 22 7.87 -1.21 -58.64
N SER H 23 8.98 -1.87 -58.98
CA SER H 23 9.57 -2.90 -58.14
C SER H 23 10.84 -2.37 -57.49
N GLY H 24 11.18 -2.94 -56.34
CA GLY H 24 12.34 -2.52 -55.58
C GLY H 24 12.40 -3.28 -54.27
N ASP H 25 13.63 -3.48 -53.78
CA ASP H 25 13.85 -4.35 -52.64
C ASP H 25 13.09 -3.86 -51.41
N LYS H 26 12.09 -4.64 -51.00
CA LYS H 26 11.14 -4.27 -49.95
C LYS H 26 10.69 -2.81 -50.08
N LEU H 27 10.15 -2.49 -51.25
CA LEU H 27 9.53 -1.19 -51.44
C LEU H 27 8.34 -0.99 -50.52
N GLY H 28 7.69 -2.08 -50.11
CA GLY H 28 6.58 -2.01 -49.19
C GLY H 28 6.91 -1.51 -47.81
N ASN H 29 8.18 -1.54 -47.41
CA ASN H 29 8.61 -1.03 -46.13
C ASN H 29 8.93 0.47 -46.16
N LYS H 30 8.73 1.12 -47.31
CA LYS H 30 8.95 2.54 -47.45
C LYS H 30 7.73 3.20 -48.06
N TYR H 31 7.66 4.52 -47.92
CA TYR H 31 6.64 5.29 -48.62
C TYR H 31 7.00 5.42 -50.09
N ALA H 32 5.98 5.42 -50.94
CA ALA H 32 6.16 5.49 -52.39
C ALA H 32 5.50 6.76 -52.92
N TYR H 33 6.10 7.33 -53.97
CA TYR H 33 5.62 8.58 -54.56
C TYR H 33 5.64 8.44 -56.07
N TRP H 34 4.55 8.85 -56.72
CA TRP H 34 4.41 8.77 -58.16
C TRP H 34 4.27 10.17 -58.75
N TYR H 35 4.96 10.41 -59.86
CA TYR H 35 4.93 11.68 -60.56
C TYR H 35 4.56 11.46 -62.02
N GLN H 36 3.76 12.38 -62.57
CA GLN H 36 3.31 12.34 -63.95
C GLN H 36 4.02 13.45 -64.72
N GLN H 37 4.97 13.06 -65.57
CA GLN H 37 5.70 14.00 -66.42
C GLN H 37 5.13 13.97 -67.83
N LYS H 38 4.80 15.13 -68.36
CA LYS H 38 4.31 15.27 -69.72
C LYS H 38 5.38 15.91 -70.60
N PRO H 39 5.32 15.73 -71.92
CA PRO H 39 6.40 16.22 -72.77
C PRO H 39 6.51 17.74 -72.75
N GLY H 40 7.73 18.22 -72.54
CA GLY H 40 7.97 19.65 -72.39
C GLY H 40 7.29 20.25 -71.18
N GLN H 41 7.02 19.44 -70.16
CA GLN H 41 6.31 19.88 -68.97
C GLN H 41 7.03 19.40 -67.72
N SER H 42 6.87 20.15 -66.64
CA SER H 42 7.47 19.83 -65.35
C SER H 42 6.79 18.60 -64.74
N PRO H 43 7.49 17.88 -63.86
CA PRO H 43 6.87 16.73 -63.18
C PRO H 43 5.72 17.17 -62.28
N VAL H 44 4.74 16.29 -62.13
CA VAL H 44 3.56 16.56 -61.31
C VAL H 44 3.30 15.36 -60.41
N LEU H 45 3.29 15.60 -59.09
CA LEU H 45 2.99 14.55 -58.13
C LEU H 45 1.52 14.13 -58.23
N VAL H 46 1.28 12.82 -58.24
CA VAL H 46 -0.08 12.29 -58.34
C VAL H 46 -0.37 11.32 -57.21
N ILE H 47 0.67 10.71 -56.64
CA ILE H 47 0.52 9.78 -55.53
C ILE H 47 1.64 10.04 -54.52
N PHE H 48 1.27 10.19 -53.25
CA PHE H 48 2.25 10.31 -52.18
C PHE H 48 1.87 9.40 -51.03
N GLN H 49 2.89 8.94 -50.30
CA GLN H 49 2.71 8.03 -49.17
C GLN H 49 1.86 6.83 -49.55
N ASP H 50 2.34 6.08 -50.54
CA ASP H 50 1.73 4.85 -51.04
C ASP H 50 0.44 5.07 -51.81
N THR H 51 -0.64 5.47 -51.12
CA THR H 51 -1.97 5.45 -51.74
C THR H 51 -2.72 6.77 -51.62
N MET H 52 -2.05 7.89 -51.38
CA MET H 52 -2.74 9.16 -51.21
C MET H 52 -2.48 10.09 -52.39
N ARG H 53 -3.53 10.79 -52.81
CA ARG H 53 -3.49 11.70 -53.95
C ARG H 53 -3.47 13.14 -53.50
N PRO H 54 -2.65 13.98 -54.11
CA PRO H 54 -2.75 15.43 -53.88
C PRO H 54 -4.10 15.94 -54.34
N SER H 55 -4.55 17.02 -53.70
CA SER H 55 -5.80 17.66 -54.11
C SER H 55 -5.71 18.12 -55.56
N GLY H 56 -6.75 17.83 -56.33
CA GLY H 56 -6.79 18.15 -57.73
C GLY H 56 -6.48 16.99 -58.65
N ILE H 57 -5.82 15.96 -58.16
CA ILE H 57 -5.58 14.78 -58.99
C ILE H 57 -6.88 14.01 -59.16
N PRO H 58 -7.25 13.58 -60.38
CA PRO H 58 -8.52 12.85 -60.55
C PRO H 58 -8.60 11.58 -59.74
N GLU H 59 -9.82 11.27 -59.26
CA GLU H 59 -10.03 10.15 -58.36
C GLU H 59 -9.75 8.82 -59.03
N ARG H 60 -9.71 8.79 -60.37
CA ARG H 60 -9.41 7.56 -61.09
C ARG H 60 -7.99 7.08 -60.85
N PHE H 61 -7.09 7.96 -60.37
CA PHE H 61 -5.75 7.52 -59.99
C PHE H 61 -5.78 6.80 -58.65
N SER H 62 -5.01 5.71 -58.57
CA SER H 62 -4.96 4.88 -57.37
C SER H 62 -3.63 4.15 -57.36
N ALA H 63 -3.21 3.75 -56.16
CA ALA H 63 -1.90 3.13 -56.01
C ALA H 63 -1.88 2.24 -54.77
N SER H 64 -0.85 1.40 -54.71
CA SER H 64 -0.60 0.54 -53.56
C SER H 64 0.89 0.26 -53.49
N ASN H 65 1.35 -0.23 -52.33
CA ASN H 65 2.75 -0.61 -52.14
C ASN H 65 2.77 -1.77 -51.15
N SER H 66 2.79 -2.99 -51.68
CA SER H 66 2.79 -4.20 -50.88
C SER H 66 3.96 -5.09 -51.28
N GLY H 67 4.54 -5.74 -50.27
CA GLY H 67 5.68 -6.61 -50.51
C GLY H 67 6.89 -5.79 -50.91
N ASN H 68 7.36 -6.00 -52.14
CA ASN H 68 8.48 -5.26 -52.70
C ASN H 68 8.12 -4.68 -54.06
N THR H 69 6.90 -4.19 -54.19
CA THR H 69 6.43 -3.59 -55.43
C THR H 69 5.36 -2.55 -55.14
N ALA H 70 5.37 -1.47 -55.92
CA ALA H 70 4.34 -0.45 -55.88
C ALA H 70 3.71 -0.33 -57.27
N THR H 71 2.39 -0.27 -57.31
CA THR H 71 1.65 -0.23 -58.57
C THR H 71 0.79 1.01 -58.64
N LEU H 72 0.76 1.63 -59.81
CA LEU H 72 -0.09 2.80 -60.08
C LEU H 72 -1.20 2.37 -61.04
N THR H 73 -2.44 2.52 -60.61
CA THR H 73 -3.61 2.04 -61.35
C THR H 73 -4.44 3.23 -61.81
N ILE H 74 -4.43 3.47 -63.12
CA ILE H 74 -5.24 4.53 -63.71
C ILE H 74 -6.44 3.84 -64.38
N SER H 75 -7.53 3.75 -63.64
CA SER H 75 -8.75 3.17 -64.20
C SER H 75 -9.44 4.17 -65.13
N GLY H 76 -10.04 3.65 -66.19
CA GLY H 76 -10.70 4.49 -67.17
C GLY H 76 -9.77 5.46 -67.85
N THR H 77 -8.63 4.96 -68.33
CA THR H 77 -7.58 5.78 -68.92
C THR H 77 -8.13 6.69 -70.02
N GLN H 78 -8.07 7.99 -69.79
CA GLN H 78 -8.49 8.98 -70.77
C GLN H 78 -7.30 9.41 -71.62
N SER H 79 -7.60 10.22 -72.65
CA SER H 79 -6.56 10.68 -73.56
C SER H 79 -5.58 11.61 -72.84
N ILE H 80 -6.08 12.41 -71.90
CA ILE H 80 -5.21 13.33 -71.16
C ILE H 80 -4.16 12.57 -70.37
N ASP H 81 -4.49 11.34 -69.97
CA ASP H 81 -3.61 10.57 -69.11
C ASP H 81 -2.33 10.14 -69.80
N GLU H 82 -2.26 10.27 -71.13
CA GLU H 82 -1.02 9.98 -71.83
C GLU H 82 0.10 10.87 -71.32
N ALA H 83 1.08 10.26 -70.65
CA ALA H 83 2.16 11.00 -70.02
C ALA H 83 3.23 9.99 -69.59
N ASP H 84 4.30 10.50 -68.99
CA ASP H 84 5.41 9.69 -68.50
C ASP H 84 5.32 9.67 -66.99
N TYR H 85 5.22 8.47 -66.41
CA TYR H 85 5.00 8.33 -64.98
C TYR H 85 6.28 7.82 -64.30
N TYR H 86 6.63 8.45 -63.19
CA TYR H 86 7.82 8.11 -62.43
C TYR H 86 7.44 7.58 -61.05
N CYS H 87 8.39 6.86 -60.46
CA CYS H 87 8.21 6.24 -59.15
C CYS H 87 9.40 6.61 -58.27
N GLN H 88 9.11 7.07 -57.05
CA GLN H 88 10.12 7.69 -56.21
C GLN H 88 10.04 7.13 -54.79
N ALA H 89 11.19 7.10 -54.13
CA ALA H 89 11.29 6.70 -52.73
C ALA H 89 12.47 7.43 -52.11
N TRP H 90 12.49 7.47 -50.78
CA TRP H 90 13.54 8.13 -50.02
C TRP H 90 14.40 7.09 -49.33
N ASP H 91 15.70 7.37 -49.26
CA ASP H 91 16.58 6.63 -48.35
C ASP H 91 17.72 7.53 -47.90
N SER H 92 18.08 7.41 -46.62
CA SER H 92 19.15 8.18 -45.99
C SER H 92 19.18 9.63 -46.46
N ASN H 93 18.01 10.28 -46.43
CA ASN H 93 17.86 11.68 -46.81
C ASN H 93 18.19 11.95 -48.28
N THR H 94 18.05 10.93 -49.12
CA THR H 94 18.29 11.06 -50.56
C THR H 94 17.08 10.51 -51.30
N ALA H 95 16.78 11.11 -52.45
CA ALA H 95 15.61 10.74 -53.24
C ALA H 95 16.02 9.84 -54.40
N VAL H 96 15.36 8.69 -54.51
CA VAL H 96 15.65 7.72 -55.56
C VAL H 96 14.44 7.62 -56.47
N PHE H 97 14.68 7.62 -57.79
CA PHE H 97 13.61 7.53 -58.77
C PHE H 97 13.72 6.21 -59.55
N GLY H 98 12.63 5.89 -60.24
CA GLY H 98 12.64 4.78 -61.18
C GLY H 98 12.82 5.26 -62.61
N GLY H 99 12.89 4.29 -63.53
CA GLY H 99 13.16 4.62 -64.93
C GLY H 99 12.05 5.43 -65.57
N GLY H 100 10.81 5.05 -65.33
CA GLY H 100 9.68 5.71 -65.96
C GLY H 100 8.92 4.81 -66.90
N THR H 101 7.64 5.13 -67.14
CA THR H 101 6.80 4.34 -68.03
C THR H 101 6.00 5.28 -68.92
N LYS H 102 5.86 4.89 -70.19
CA LYS H 102 5.14 5.69 -71.17
C LYS H 102 3.72 5.15 -71.30
N LEU H 103 2.74 5.90 -70.79
CA LEU H 103 1.34 5.50 -70.89
C LEU H 103 0.81 5.98 -72.23
N THR H 104 0.68 5.05 -73.18
CA THR H 104 0.17 5.37 -74.50
C THR H 104 -1.34 5.25 -74.50
N VAL H 105 -2.01 6.22 -75.13
CA VAL H 105 -3.46 6.23 -75.24
C VAL H 105 -3.80 6.02 -76.72
N LEU H 106 -4.62 5.02 -76.99
CA LEU H 106 -4.94 4.62 -78.37
C LEU H 106 -6.13 5.40 -78.91
N PRO I 1 -37.27 -35.87 16.25
CA PRO I 1 -36.16 -36.81 16.23
C PRO I 1 -36.56 -38.15 15.63
N SER I 2 -36.80 -39.13 16.48
CA SER I 2 -37.29 -40.43 16.03
C SER I 2 -38.51 -40.93 16.80
N ALA I 3 -38.79 -40.41 17.99
CA ALA I 3 -39.96 -40.80 18.78
C ALA I 3 -40.54 -39.54 19.43
N LEU I 4 -41.66 -39.07 18.90
CA LEU I 4 -42.33 -37.89 19.44
C LEU I 4 -43.37 -38.35 20.46
N THR I 5 -43.04 -38.19 21.75
CA THR I 5 -43.95 -38.59 22.80
C THR I 5 -45.04 -37.54 23.00
N GLN I 6 -46.25 -38.00 23.30
CA GLN I 6 -47.41 -37.13 23.37
C GLN I 6 -48.41 -37.73 24.34
N PRO I 7 -49.04 -36.89 25.19
CA PRO I 7 -50.00 -37.41 26.15
C PRO I 7 -51.21 -38.00 25.45
N PRO I 8 -51.89 -38.97 26.06
CA PRO I 8 -53.02 -39.57 25.37
C PRO I 8 -54.28 -38.69 25.27
N SER I 9 -54.59 -37.86 26.27
CA SER I 9 -55.76 -37.01 26.20
C SER I 9 -55.59 -35.79 27.09
N VAL I 10 -56.34 -34.74 26.79
CA VAL I 10 -56.37 -33.54 27.63
C VAL I 10 -57.82 -33.11 27.78
N SER I 11 -58.24 -32.80 29.00
CA SER I 11 -59.63 -32.46 29.28
C SER I 11 -59.74 -30.99 29.63
N VAL I 12 -60.48 -30.24 28.82
CA VAL I 12 -60.57 -28.79 28.97
C VAL I 12 -62.04 -28.38 28.85
N SER I 13 -62.49 -27.54 29.78
CA SER I 13 -63.80 -26.92 29.68
C SER I 13 -63.79 -25.82 28.63
N PRO I 14 -64.95 -25.48 28.07
CA PRO I 14 -65.00 -24.35 27.14
C PRO I 14 -64.52 -23.06 27.78
N GLY I 15 -63.75 -22.28 27.03
CA GLY I 15 -63.21 -21.03 27.51
C GLY I 15 -61.91 -21.13 28.27
N GLN I 16 -61.43 -22.34 28.56
CA GLN I 16 -60.18 -22.49 29.27
C GLN I 16 -59.03 -22.70 28.28
N THR I 17 -57.85 -22.97 28.83
CA THR I 17 -56.63 -23.09 28.03
C THR I 17 -56.22 -24.56 27.97
N ALA I 18 -56.05 -25.08 26.75
CA ALA I 18 -55.50 -26.40 26.56
C ALA I 18 -54.00 -26.31 26.29
N SER I 19 -53.26 -27.30 26.79
CA SER I 19 -51.81 -27.34 26.66
C SER I 19 -51.37 -28.76 26.27
N ILE I 20 -51.29 -28.99 24.96
CA ILE I 20 -50.85 -30.28 24.46
C ILE I 20 -49.34 -30.26 24.25
N THR I 21 -48.66 -31.28 24.77
CA THR I 21 -47.21 -31.33 24.79
C THR I 21 -46.70 -32.39 23.82
N CYS I 22 -45.61 -32.06 23.13
CA CYS I 22 -44.88 -33.01 22.31
C CYS I 22 -43.44 -33.01 22.81
N SER I 23 -42.90 -34.19 23.08
CA SER I 23 -41.55 -34.33 23.60
C SER I 23 -40.74 -35.26 22.71
N GLY I 24 -39.42 -35.06 22.71
CA GLY I 24 -38.52 -35.85 21.90
C GLY I 24 -37.11 -35.33 22.03
N ASP I 25 -36.15 -36.18 21.67
CA ASP I 25 -34.75 -35.87 21.90
C ASP I 25 -34.33 -34.62 21.15
N LYS I 26 -34.08 -33.55 21.90
CA LYS I 26 -33.64 -32.27 21.33
C LYS I 26 -34.62 -31.77 20.26
N LEU I 27 -35.91 -31.80 20.61
CA LEU I 27 -36.94 -31.34 19.67
C LEU I 27 -36.81 -29.86 19.37
N GLY I 28 -36.29 -29.07 20.31
CA GLY I 28 -36.04 -27.67 20.05
C GLY I 28 -35.00 -27.39 18.99
N ASN I 29 -34.22 -28.40 18.60
CA ASN I 29 -33.20 -28.27 17.57
C ASN I 29 -33.76 -28.46 16.17
N LYS I 30 -35.03 -28.83 16.04
CA LYS I 30 -35.69 -29.01 14.75
C LYS I 30 -36.96 -28.19 14.71
N TYR I 31 -37.50 -28.05 13.50
CA TYR I 31 -38.81 -27.43 13.35
C TYR I 31 -39.91 -28.41 13.77
N ALA I 32 -41.00 -27.86 14.29
CA ALA I 32 -42.12 -28.66 14.77
C ALA I 32 -43.38 -28.29 13.99
N TYR I 33 -44.23 -29.29 13.78
CA TYR I 33 -45.45 -29.12 13.00
C TYR I 33 -46.61 -29.80 13.71
N TRP I 34 -47.75 -29.10 13.79
CA TRP I 34 -48.93 -29.60 14.48
C TRP I 34 -50.10 -29.73 13.50
N TYR I 35 -50.82 -30.84 13.61
CA TYR I 35 -51.96 -31.12 12.74
C TYR I 35 -53.19 -31.43 13.59
N GLN I 36 -54.34 -30.95 13.14
CA GLN I 36 -55.62 -31.14 13.82
C GLN I 36 -56.47 -32.11 13.00
N GLN I 37 -56.67 -33.32 13.51
CA GLN I 37 -57.47 -34.32 12.85
C GLN I 37 -58.81 -34.44 13.57
N LYS I 38 -59.90 -34.39 12.82
CA LYS I 38 -61.24 -34.55 13.34
C LYS I 38 -61.81 -35.90 12.93
N PRO I 39 -62.80 -36.42 13.65
CA PRO I 39 -63.32 -37.76 13.32
C PRO I 39 -63.92 -37.81 11.92
N GLY I 40 -63.49 -38.81 11.16
CA GLY I 40 -63.91 -38.92 9.77
C GLY I 40 -63.48 -37.76 8.90
N GLN I 41 -62.33 -37.17 9.17
CA GLN I 41 -61.85 -36.00 8.45
C GLN I 41 -60.35 -36.11 8.22
N SER I 42 -59.88 -35.45 7.16
CA SER I 42 -58.47 -35.41 6.82
C SER I 42 -57.71 -34.53 7.82
N PRO I 43 -56.41 -34.76 7.99
CA PRO I 43 -55.62 -33.90 8.88
C PRO I 43 -55.54 -32.47 8.36
N VAL I 44 -55.43 -31.53 9.29
CA VAL I 44 -55.34 -30.10 8.97
C VAL I 44 -54.18 -29.51 9.74
N LEU I 45 -53.21 -28.92 9.03
CA LEU I 45 -52.08 -28.27 9.66
C LEU I 45 -52.52 -27.00 10.38
N VAL I 46 -52.02 -26.80 11.59
CA VAL I 46 -52.38 -25.63 12.38
C VAL I 46 -51.14 -24.86 12.82
N ILE I 47 -50.01 -25.57 12.94
CA ILE I 47 -48.75 -24.95 13.35
C ILE I 47 -47.63 -25.51 12.47
N PHE I 48 -46.85 -24.62 11.86
CA PHE I 48 -45.66 -25.01 11.13
C PHE I 48 -44.48 -24.16 11.59
N GLN I 49 -43.28 -24.73 11.48
CA GLN I 49 -42.05 -24.05 11.89
C GLN I 49 -42.16 -23.49 13.31
N ASP I 50 -42.41 -24.40 14.25
CA ASP I 50 -42.49 -24.11 15.68
C ASP I 50 -43.70 -23.27 16.08
N THR I 51 -43.76 -22.01 15.66
CA THR I 51 -44.76 -21.08 16.20
C THR I 51 -45.56 -20.35 15.11
N MET I 52 -45.65 -20.88 13.91
CA MET I 52 -46.33 -20.19 12.82
C MET I 52 -47.63 -20.91 12.46
N ARG I 53 -48.67 -20.13 12.17
CA ARG I 53 -49.96 -20.67 11.81
C ARG I 53 -50.24 -20.44 10.33
N PRO I 54 -50.81 -21.43 9.64
CA PRO I 54 -51.26 -21.19 8.27
C PRO I 54 -52.42 -20.20 8.27
N SER I 55 -52.59 -19.54 7.13
CA SER I 55 -53.70 -18.61 6.97
C SER I 55 -55.02 -19.32 7.15
N GLY I 56 -55.92 -18.72 7.93
CA GLY I 56 -57.20 -19.29 8.25
C GLY I 56 -57.27 -20.00 9.59
N ILE I 57 -56.13 -20.38 10.16
CA ILE I 57 -56.16 -20.99 11.49
C ILE I 57 -56.47 -19.92 12.53
N PRO I 58 -57.33 -20.18 13.51
CA PRO I 58 -57.72 -19.11 14.49
C PRO I 58 -56.55 -18.52 15.26
N GLU I 59 -56.68 -17.23 15.58
CA GLU I 59 -55.63 -16.52 16.30
C GLU I 59 -55.35 -17.13 17.67
N ARG I 60 -56.29 -17.91 18.21
CA ARG I 60 -56.13 -18.49 19.54
C ARG I 60 -55.10 -19.61 19.57
N PHE I 61 -54.78 -20.22 18.42
CA PHE I 61 -53.77 -21.26 18.39
C PHE I 61 -52.37 -20.65 18.49
N SER I 62 -51.51 -21.32 19.26
CA SER I 62 -50.13 -20.87 19.42
C SER I 62 -49.29 -22.06 19.87
N ALA I 63 -47.98 -21.95 19.68
CA ALA I 63 -47.09 -23.06 19.97
C ALA I 63 -45.69 -22.55 20.26
N SER I 64 -44.87 -23.44 20.81
CA SER I 64 -43.46 -23.17 21.08
C SER I 64 -42.70 -24.48 21.00
N ASN I 65 -41.37 -24.39 20.87
CA ASN I 65 -40.50 -25.57 20.80
C ASN I 65 -39.15 -25.17 21.38
N SER I 66 -38.94 -25.48 22.66
CA SER I 66 -37.71 -25.17 23.36
C SER I 66 -37.20 -26.39 24.10
N GLY I 67 -35.88 -26.47 24.23
CA GLY I 67 -35.28 -27.61 24.89
C GLY I 67 -35.48 -28.87 24.08
N ASN I 68 -36.25 -29.80 24.63
CA ASN I 68 -36.60 -31.05 23.97
C ASN I 68 -38.09 -31.31 24.08
N THR I 69 -38.90 -30.27 23.89
CA THR I 69 -40.34 -30.37 24.06
C THR I 69 -41.03 -29.25 23.30
N ALA I 70 -42.04 -29.61 22.52
CA ALA I 70 -42.88 -28.65 21.81
C ALA I 70 -44.30 -28.73 22.36
N THR I 71 -44.90 -27.57 22.61
CA THR I 71 -46.23 -27.50 23.20
C THR I 71 -47.18 -26.75 22.28
N LEU I 72 -48.43 -27.17 22.27
CA LEU I 72 -49.50 -26.51 21.53
C LEU I 72 -50.49 -25.94 22.54
N THR I 73 -50.76 -24.64 22.42
CA THR I 73 -51.57 -23.91 23.40
C THR I 73 -52.81 -23.35 22.72
N ILE I 74 -53.98 -23.88 23.07
CA ILE I 74 -55.25 -23.37 22.57
C ILE I 74 -55.89 -22.57 23.69
N SER I 75 -55.68 -21.26 23.65
CA SER I 75 -56.31 -20.38 24.62
C SER I 75 -57.78 -20.16 24.27
N GLY I 76 -58.62 -20.10 25.31
CA GLY I 76 -60.05 -19.92 25.10
C GLY I 76 -60.67 -21.04 24.31
N THR I 77 -60.39 -22.28 24.70
CA THR I 77 -60.83 -23.47 23.99
C THR I 77 -62.34 -23.45 23.74
N GLN I 78 -62.71 -23.40 22.47
CA GLN I 78 -64.11 -23.45 22.06
C GLN I 78 -64.52 -24.90 21.76
N SER I 79 -65.82 -25.08 21.53
CA SER I 79 -66.33 -26.42 21.28
C SER I 79 -65.86 -26.95 19.93
N ILE I 80 -65.65 -26.07 18.95
CA ILE I 80 -65.18 -26.50 17.64
C ILE I 80 -63.79 -27.13 17.76
N ASP I 81 -63.02 -26.71 18.75
CA ASP I 81 -61.64 -27.16 18.89
C ASP I 81 -61.54 -28.62 19.31
N GLU I 82 -62.67 -29.25 19.66
CA GLU I 82 -62.74 -30.70 19.81
C GLU I 82 -62.15 -31.39 18.59
N ALA I 83 -61.03 -32.09 18.77
CA ALA I 83 -60.33 -32.73 17.66
C ALA I 83 -59.18 -33.56 18.22
N ASP I 84 -58.47 -34.22 17.31
CA ASP I 84 -57.28 -35.01 17.61
C ASP I 84 -56.08 -34.24 17.06
N TYR I 85 -55.14 -33.91 17.94
CA TYR I 85 -53.99 -33.08 17.55
C TYR I 85 -52.74 -33.95 17.46
N TYR I 86 -51.94 -33.71 16.42
CA TYR I 86 -50.75 -34.48 16.15
C TYR I 86 -49.52 -33.57 16.14
N CYS I 87 -48.36 -34.19 16.30
CA CYS I 87 -47.08 -33.49 16.34
C CYS I 87 -46.12 -34.18 15.39
N GLN I 88 -45.41 -33.39 14.58
CA GLN I 88 -44.61 -33.91 13.49
C GLN I 88 -43.25 -33.21 13.43
N ALA I 89 -42.26 -33.94 12.94
CA ALA I 89 -40.93 -33.40 12.70
C ALA I 89 -40.29 -34.18 11.56
N TRP I 90 -39.27 -33.58 10.96
CA TRP I 90 -38.56 -34.19 9.84
C TRP I 90 -37.22 -34.73 10.31
N ASP I 91 -36.82 -35.87 9.76
CA ASP I 91 -35.53 -36.47 10.08
C ASP I 91 -34.98 -37.17 8.86
N SER I 92 -33.89 -36.64 8.30
CA SER I 92 -33.21 -37.24 7.15
C SER I 92 -34.19 -37.54 6.02
N ASN I 93 -34.95 -36.52 5.64
CA ASN I 93 -35.94 -36.60 4.55
C ASN I 93 -37.07 -37.57 4.85
N THR I 94 -37.29 -37.88 6.13
CA THR I 94 -38.38 -38.72 6.56
C THR I 94 -39.22 -37.97 7.58
N ALA I 95 -40.54 -38.13 7.49
CA ALA I 95 -41.47 -37.45 8.39
C ALA I 95 -41.77 -38.35 9.58
N VAL I 96 -41.66 -37.80 10.78
CA VAL I 96 -41.92 -38.52 12.02
C VAL I 96 -43.08 -37.85 12.73
N PHE I 97 -44.06 -38.64 13.16
CA PHE I 97 -45.24 -38.14 13.84
C PHE I 97 -45.25 -38.57 15.30
N GLY I 98 -46.11 -37.90 16.08
CA GLY I 98 -46.33 -38.31 17.45
C GLY I 98 -47.60 -39.15 17.59
N GLY I 99 -47.83 -39.63 18.82
CA GLY I 99 -48.95 -40.52 19.05
C GLY I 99 -50.30 -39.87 18.80
N GLY I 100 -50.48 -38.66 19.30
CA GLY I 100 -51.74 -37.97 19.17
C GLY I 100 -52.37 -37.65 20.51
N THR I 101 -53.30 -36.69 20.54
CA THR I 101 -53.99 -36.29 21.75
C THR I 101 -55.38 -35.80 21.42
N LYS I 102 -56.38 -36.30 22.14
CA LYS I 102 -57.76 -35.87 21.97
C LYS I 102 -58.05 -34.73 22.92
N LEU I 103 -58.35 -33.57 22.36
CA LEU I 103 -58.75 -32.39 23.15
C LEU I 103 -60.25 -32.47 23.35
N THR I 104 -60.66 -32.74 24.60
CA THR I 104 -62.08 -32.84 24.93
C THR I 104 -62.57 -31.49 25.42
N VAL I 105 -63.67 -31.01 24.85
CA VAL I 105 -64.29 -29.77 25.28
C VAL I 105 -65.56 -30.12 26.04
N LEU I 106 -65.64 -29.71 27.29
CA LEU I 106 -66.72 -30.11 28.19
C LEU I 106 -68.01 -29.33 27.90
C1 NAG J . -26.67 -1.22 44.20
C2 NAG J . -25.64 -1.72 45.21
C3 NAG J . -26.11 -1.43 46.63
C4 NAG J . -26.43 0.05 46.78
C5 NAG J . -27.46 0.45 45.74
C6 NAG J . -27.86 1.91 45.82
C7 NAG J . -24.15 -3.68 45.02
C8 NAG J . -24.09 -5.17 44.81
N2 NAG J . -25.38 -3.14 45.02
O3 NAG J . -25.11 -1.81 47.57
O4 NAG J . -26.94 0.31 48.08
O5 NAG J . -26.94 0.22 44.42
O6 NAG J . -28.60 2.33 44.68
O7 NAG J . -23.14 -3.02 45.21
C1 NAG K . -27.59 -28.79 17.09
C2 NAG K . -26.84 -29.23 18.34
C3 NAG K . -26.34 -30.66 18.16
C4 NAG K . -27.52 -31.58 17.84
C5 NAG K . -28.28 -31.04 16.63
C6 NAG K . -29.52 -31.84 16.32
C7 NAG K . -25.54 -27.78 19.83
C8 NAG K . -24.36 -26.86 19.95
N2 NAG K . -25.74 -28.33 18.63
O3 NAG K . -25.69 -31.10 19.36
O4 NAG K . -27.06 -32.90 17.56
O5 NAG K . -28.71 -29.68 16.85
O6 NAG K . -29.44 -33.15 16.89
O7 NAG K . -26.28 -28.02 20.78
C1 NAG L . 7.86 9.05 40.07
C2 NAG L . 9.38 8.80 40.10
C3 NAG L . 9.96 9.23 41.45
C4 NAG L . 9.54 10.65 41.80
C5 NAG L . 8.03 10.76 41.74
C6 NAG L . 7.50 12.15 42.04
C7 NAG L . 10.43 7.01 38.79
C8 NAG L . 10.65 5.51 38.69
N2 NAG L . 9.70 7.40 39.83
O3 NAG L . 11.38 9.11 41.45
O4 NAG L . 9.96 10.98 43.12
O5 NAG L . 7.59 10.42 40.42
O6 NAG L . 6.29 12.39 41.34
O7 NAG L . 10.89 7.79 37.98
C1 NAG M . 12.46 -7.66 50.90
C2 NAG M . 11.93 -8.13 52.26
C3 NAG M . 11.39 -6.95 53.06
C4 NAG M . 12.40 -5.80 53.10
C5 NAG M . 12.85 -5.48 51.68
C6 NAG M . 13.83 -4.33 51.64
C7 NAG M . 11.11 -10.44 52.07
C8 NAG M . 9.93 -11.31 51.72
N2 NAG M . 10.88 -9.12 52.09
O3 NAG M . 11.07 -7.40 54.38
O4 NAG M . 11.81 -4.58 53.57
O5 NAG M . 13.43 -6.63 51.09
O6 NAG M . 15.02 -4.75 52.30
O7 NAG M . 12.21 -10.92 52.33
C1 NAG N . 38.73 -28.84 44.49
C2 NAG N . 37.26 -29.16 44.67
C3 NAG N . 36.49 -27.87 44.93
C4 NAG N . 37.06 -27.18 46.17
C5 NAG N . 38.56 -26.91 45.97
C6 NAG N . 39.23 -26.23 47.14
C7 NAG N . 36.61 -31.15 43.40
C8 NAG N . 36.07 -31.64 42.09
N2 NAG N . 36.71 -29.82 43.50
O3 NAG N . 35.12 -28.17 45.13
O4 NAG N . 36.41 -25.94 46.35
O5 NAG N . 39.24 -28.15 45.70
O6 NAG N . 38.29 -25.95 48.17
O7 NAG N . 36.95 -31.91 44.30
C1 NAG O . 30.32 -44.15 35.66
C2 NAG O . 30.73 -44.98 36.90
C3 NAG O . 29.89 -46.25 36.98
C4 NAG O . 28.41 -45.94 36.93
C5 NAG O . 28.11 -45.14 35.66
C6 NAG O . 26.66 -44.72 35.55
C7 NAG O . 32.98 -44.98 37.87
C8 NAG O . 34.41 -45.39 37.67
N2 NAG O . 32.15 -45.29 36.87
O3 NAG O . 30.20 -46.94 38.19
O4 NAG O . 27.65 -47.14 36.92
O5 NAG O . 28.90 -43.94 35.67
O6 NAG O . 26.50 -43.33 35.80
O7 NAG O . 32.60 -44.40 38.88
C1 NAG P . 15.34 -51.85 22.06
C2 NAG P . 15.22 -53.05 23.01
C3 NAG P . 13.82 -53.66 22.90
C4 NAG P . 12.77 -52.58 23.12
C5 NAG P . 13.02 -51.39 22.20
C6 NAG P . 12.06 -50.25 22.38
C7 NAG P . 17.30 -54.28 23.49
C8 NAG P . 18.27 -55.32 23.00
N2 NAG P . 16.24 -54.04 22.70
O3 NAG P . 13.66 -54.72 23.84
O4 NAG P . 11.48 -53.11 22.83
O5 NAG P . 14.34 -50.86 22.41
O6 NAG P . 12.03 -49.70 23.70
O7 NAG P . 17.44 -53.70 24.56
C1 NAG Q . 64.33 -29.38 41.89
C2 NAG Q . 64.36 -28.65 43.24
C3 NAG Q . 65.33 -27.48 43.19
C4 NAG Q . 66.71 -27.92 42.69
C5 NAG Q . 66.56 -28.62 41.35
C6 NAG Q . 67.84 -29.19 40.81
C7 NAG Q . 62.34 -28.66 44.65
C8 NAG Q . 60.98 -28.06 44.87
N2 NAG Q . 63.03 -28.20 43.61
O3 NAG Q . 65.44 -26.87 44.48
O4 NAG Q . 67.56 -26.80 42.52
O5 NAG Q . 65.66 -29.73 41.50
O6 NAG Q . 68.53 -29.97 41.76
O7 NAG Q . 62.80 -29.52 45.39
C1 NAG R . -35.92 15.23 25.61
C2 NAG R . -35.00 16.39 25.17
C3 NAG R . -34.07 16.78 26.32
C4 NAG R . -34.89 17.09 27.57
C5 NAG R . -35.75 15.88 27.91
C6 NAG R . -36.64 16.10 29.12
C7 NAG R . -34.70 16.05 22.75
C8 NAG R . -33.73 15.62 21.70
N2 NAG R . -34.23 16.02 24.00
O3 NAG R . -33.26 17.88 25.95
O4 NAG R . -34.03 17.37 28.67
O5 NAG R . -36.62 15.61 26.80
O6 NAG R . -37.75 16.87 28.71
O7 NAG R . -35.85 16.39 22.50
C1 NAG S . 49.94 -18.26 42.59
C2 NAG S . 50.05 -18.13 44.11
C3 NAG S . 50.12 -16.64 44.52
C4 NAG S . 51.21 -15.92 43.74
C5 NAG S . 51.04 -16.14 42.25
C6 NAG S . 52.16 -15.55 41.42
C7 NAG S . 49.06 -19.91 45.48
C8 NAG S . 47.79 -20.46 46.10
N2 NAG S . 48.93 -18.78 44.78
O3 NAG S . 50.34 -16.51 45.93
O4 NAG S . 51.16 -14.52 44.00
O5 NAG S . 51.00 -17.54 41.96
O6 NAG S . 53.00 -16.56 40.84
O7 NAG S . 50.13 -20.47 45.63
C1 NAG T . -18.36 -27.87 -39.74
C2 NAG T . -17.69 -29.20 -39.39
C3 NAG T . -18.37 -30.35 -40.13
C4 NAG T . -19.87 -30.34 -39.86
C5 NAG T . -20.46 -28.97 -40.19
C6 NAG T . -21.92 -28.85 -39.82
C7 NAG T . -15.33 -29.63 -38.84
C8 NAG T . -13.92 -29.53 -39.32
N2 NAG T . -16.27 -29.18 -39.68
O3 NAG T . -17.81 -31.59 -39.71
O4 NAG T . -20.52 -31.33 -40.66
O5 NAG T . -19.77 -27.95 -39.47
O6 NAG T . -22.36 -27.50 -39.87
O7 NAG T . -15.62 -30.10 -37.74
C1 NAG U . 11.57 -3.79 -41.13
C2 NAG U . 11.94 -5.23 -41.47
C3 NAG U . 13.43 -5.33 -41.80
C4 NAG U . 13.80 -4.33 -42.88
C5 NAG U . 13.36 -2.92 -42.49
C6 NAG U . 13.59 -1.90 -43.57
C7 NAG U . 10.61 -7.03 -40.47
C8 NAG U . 10.40 -7.89 -39.26
N2 NAG U . 11.59 -6.14 -40.39
O3 NAG U . 13.73 -6.65 -42.23
O4 NAG U . 15.21 -4.33 -43.09
O5 NAG U . 11.95 -2.92 -42.21
O6 NAG U . 14.63 -2.31 -44.45
O7 NAG U . 9.93 -7.16 -41.49
C1 NAG V . -13.76 -39.54 -6.06
C2 NAG V . -12.94 -40.11 -4.91
C3 NAG V . -13.32 -41.56 -4.64
C4 NAG V . -14.82 -41.70 -4.43
C5 NAG V . -15.57 -41.09 -5.62
C6 NAG V . -17.06 -41.07 -5.43
C7 NAG V . -10.69 -39.23 -4.44
C8 NAG V . -9.25 -39.23 -4.85
N2 NAG V . -11.51 -40.00 -5.17
O3 NAG V . -12.63 -42.03 -3.49
O4 NAG V . -15.18 -43.07 -4.30
O5 NAG V . -15.16 -39.72 -5.80
O6 NAG V . -17.61 -39.78 -5.70
O7 NAG V . -11.10 -38.56 -3.49
C1 NAG W . 0.87 -50.82 -13.18
C2 NAG W . -0.08 -50.95 -14.36
C3 NAG W . -1.49 -51.23 -13.86
C4 NAG W . -1.51 -52.45 -12.95
C5 NAG W . -0.49 -52.30 -11.83
C6 NAG W . -0.37 -53.53 -10.97
C7 NAG W . 0.24 -49.81 -16.51
C8 NAG W . 0.23 -48.50 -17.23
N2 NAG W . -0.07 -49.77 -15.20
O3 NAG W . -2.37 -51.41 -14.96
O4 NAG W . -2.80 -52.60 -12.38
O5 NAG W . 0.81 -52.02 -12.37
O6 NAG W . 0.55 -53.30 -9.90
O7 NAG W . 0.53 -50.86 -17.07
C1 NAG X . 31.84 -57.35 0.79
C2 NAG X . 31.66 -56.81 -0.63
C3 NAG X . 30.17 -56.74 -0.98
C4 NAG X . 29.51 -58.09 -0.76
C5 NAG X . 29.77 -58.58 0.67
C6 NAG X . 29.25 -59.97 0.92
C7 NAG X . 33.33 -55.27 -1.55
C8 NAG X . 33.84 -53.85 -1.58
N2 NAG X . 32.27 -55.50 -0.77
O3 NAG X . 30.03 -56.35 -2.34
O4 NAG X . 28.11 -57.99 -0.96
O5 NAG X . 31.18 -58.61 0.92
O6 NAG X . 27.84 -59.98 1.08
O7 NAG X . 33.86 -56.16 -2.20
C1 NAG Y . 44.19 -46.07 -9.34
C2 NAG Y . 44.85 -47.29 -9.98
C3 NAG Y . 45.62 -46.88 -11.24
C4 NAG Y . 44.71 -46.10 -12.19
C5 NAG Y . 44.11 -44.92 -11.45
C6 NAG Y . 43.15 -44.11 -12.29
C7 NAG Y . 45.51 -49.18 -8.56
C8 NAG Y . 46.53 -49.72 -7.60
N2 NAG Y . 45.74 -47.96 -9.05
O3 NAG Y . 46.10 -48.04 -11.89
O4 NAG Y . 45.45 -45.64 -13.31
O5 NAG Y . 43.39 -45.38 -10.30
O6 NAG Y . 41.83 -44.64 -12.21
O7 NAG Y . 44.51 -49.83 -8.87
C1 NAG Z . 48.49 -27.07 -19.55
C2 NAG Z . 49.13 -28.03 -20.55
C3 NAG Z . 49.14 -27.42 -21.96
C4 NAG Z . 47.75 -26.94 -22.34
C5 NAG Z . 47.23 -25.98 -21.28
C6 NAG Z . 45.83 -25.51 -21.55
C7 NAG Z . 50.78 -29.50 -19.47
C8 NAG Z . 52.22 -29.71 -19.14
N2 NAG Z . 50.48 -28.39 -20.15
O3 NAG Z . 49.59 -28.40 -22.89
O4 NAG Z . 47.80 -26.28 -23.61
O5 NAG Z . 47.21 -26.64 -20.02
O6 NAG Z . 44.92 -26.60 -21.65
O7 NAG Z . 49.91 -30.32 -19.14
C1 NAG AA . 43.50 -66.57 22.50
C2 NAG AA . 42.51 -67.71 22.23
C3 NAG AA . 41.78 -68.09 23.51
C4 NAG AA . 42.79 -68.40 24.63
C5 NAG AA . 43.77 -67.24 24.79
C6 NAG AA . 44.86 -67.54 25.78
C7 NAG AA . 41.51 -67.96 20.00
C8 NAG AA . 40.46 -67.44 19.06
N2 NAG AA . 41.57 -67.34 21.19
O3 NAG AA . 40.96 -69.23 23.28
O4 NAG AA . 42.10 -68.60 25.85
O5 NAG AA . 44.40 -66.96 23.54
O6 NAG AA . 45.75 -68.53 25.29
O7 NAG AA . 42.26 -68.87 19.71
C1 NAG BA . -33.19 -6.97 -32.76
C2 NAG BA . -33.66 -6.87 -31.32
C3 NAG BA . -33.93 -8.26 -30.73
C4 NAG BA . -34.90 -9.02 -31.63
C5 NAG BA . -34.38 -9.05 -33.06
C6 NAG BA . -35.36 -9.68 -34.03
C7 NAG BA . -32.85 -4.86 -30.15
C8 NAG BA . -31.77 -4.27 -29.30
N2 NAG BA . -32.71 -6.15 -30.50
O3 NAG BA . -34.47 -8.13 -29.42
O4 NAG BA . -35.03 -10.36 -31.16
O5 NAG BA . -34.15 -7.71 -33.53
O6 NAG BA . -36.11 -8.68 -34.72
O7 NAG BA . -33.83 -4.21 -30.51
C1 NAG CA . 27.12 -60.47 15.78
C2 NAG CA . 26.63 -61.82 15.25
C3 NAG CA . 25.21 -62.09 15.75
C4 NAG CA . 25.18 -62.00 17.27
C5 NAG CA . 25.73 -60.66 17.74
C6 NAG CA . 25.87 -60.56 19.24
C7 NAG CA . 27.44 -62.72 13.12
C8 NAG CA . 27.36 -62.64 11.63
N2 NAG CA . 26.67 -61.87 13.80
O3 NAG CA . 24.79 -63.38 15.33
O4 NAG CA . 23.83 -62.14 17.74
O5 NAG CA . 27.06 -60.46 17.20
O6 NAG CA . 27.20 -60.29 19.63
O7 NAG CA . 28.18 -63.51 13.70
C1 NAG DA . 25.95 43.53 -11.11
C2 NAG DA . 27.34 42.90 -11.24
C3 NAG DA . 28.28 43.88 -11.96
C4 NAG DA . 27.69 44.30 -13.29
C5 NAG DA . 26.29 44.86 -13.08
C6 NAG DA . 25.58 45.19 -14.38
C7 NAG DA . 28.52 41.39 -9.72
C8 NAG DA . 29.02 41.17 -8.32
N2 NAG DA . 27.88 42.54 -9.94
O3 NAG DA . 29.54 43.24 -12.16
O4 NAG DA . 28.51 45.29 -13.89
O5 NAG DA . 25.46 43.91 -12.40
O6 NAG DA . 24.20 45.40 -14.18
O7 NAG DA . 28.70 40.56 -10.60
C1 NAG EA . 16.32 31.45 24.10
C2 NAG EA . 17.83 31.60 23.88
C3 NAG EA . 18.57 31.23 25.16
C4 NAG EA . 18.04 32.02 26.35
C5 NAG EA . 16.53 31.85 26.45
C6 NAG EA . 15.92 32.70 27.54
C7 NAG EA . 18.78 31.34 21.65
C8 NAG EA . 19.21 30.37 20.59
N2 NAG EA . 18.29 30.80 22.77
O3 NAG EA . 19.96 31.47 24.99
O4 NAG EA . 18.67 31.58 27.55
O5 NAG EA . 15.90 32.23 25.23
O6 NAG EA . 16.90 33.42 28.26
O7 NAG EA . 18.88 32.55 21.49
C1 NAG FA . 31.35 11.18 -26.09
C2 NAG FA . 31.95 9.77 -26.14
C3 NAG FA . 33.07 9.71 -27.19
C4 NAG FA . 32.58 10.23 -28.53
C5 NAG FA . 31.99 11.62 -28.37
C6 NAG FA . 31.38 12.16 -29.65
C7 NAG FA . 31.81 8.48 -24.06
C8 NAG FA . 32.47 8.18 -22.75
N2 NAG FA . 32.44 9.35 -24.84
O3 NAG FA . 33.51 8.37 -27.32
O4 NAG FA . 33.66 10.27 -29.45
O5 NAG FA . 30.94 11.59 -27.39
O6 NAG FA . 30.11 12.73 -29.41
O7 NAG FA . 30.75 7.96 -24.39
C1 NAG GA . 48.62 11.29 -16.18
C2 NAG GA . 48.65 12.77 -16.56
C3 NAG GA . 48.21 12.94 -18.00
C4 NAG GA . 49.06 12.08 -18.93
C5 NAG GA . 49.05 10.62 -18.46
C6 NAG GA . 49.98 9.74 -19.25
C7 NAG GA . 48.32 14.49 -14.84
C8 NAG GA . 47.32 15.22 -13.99
N2 NAG GA . 47.83 13.58 -15.68
O3 NAG GA . 48.26 14.30 -18.39
O4 NAG GA . 48.53 12.13 -20.25
O5 NAG GA . 49.47 10.54 -17.09
O6 NAG GA . 50.36 8.60 -18.48
O7 NAG GA . 49.53 14.71 -14.76
C1 NAG HA . 63.70 -15.47 -0.06
C2 NAG HA . 63.50 -14.09 0.59
C3 NAG HA . 62.95 -13.10 -0.42
C4 NAG HA . 63.83 -13.06 -1.66
C5 NAG HA . 63.99 -14.47 -2.23
C6 NAG HA . 64.95 -14.53 -3.39
C7 NAG HA . 63.00 -14.01 2.99
C8 NAG HA . 61.95 -14.16 4.05
N2 NAG HA . 62.60 -14.20 1.74
O3 NAG HA . 62.90 -11.81 0.17
O4 NAG HA . 63.24 -12.22 -2.65
O5 NAG HA . 64.52 -15.33 -1.22
O6 NAG HA . 64.74 -13.46 -4.30
O7 NAG HA . 64.16 -13.75 3.28
C1 NAG IA . 60.56 -11.86 18.87
C2 NAG IA . 62.04 -11.60 19.15
C3 NAG IA . 62.22 -10.81 20.45
C4 NAG IA . 61.36 -9.55 20.42
C5 NAG IA . 59.91 -9.92 20.16
C6 NAG IA . 58.99 -8.73 20.06
C7 NAG IA . 63.64 -13.24 18.27
C8 NAG IA . 64.32 -14.55 18.51
N2 NAG IA . 62.78 -12.84 19.22
O3 NAG IA . 63.59 -10.45 20.59
O4 NAG IA . 61.46 -8.87 21.67
O5 NAG IA . 59.83 -10.62 18.91
O6 NAG IA . 58.77 -8.35 18.72
O7 NAG IA . 63.86 -12.57 17.27
C1 NAG JA . 47.23 -4.54 34.78
C2 NAG JA . 48.54 -3.96 35.34
C3 NAG JA . 48.27 -2.73 36.20
C4 NAG JA . 47.42 -1.72 35.47
C5 NAG JA . 46.14 -2.39 34.98
C6 NAG JA . 45.25 -1.47 34.18
C7 NAG JA . 50.33 -5.62 35.62
C8 NAG JA . 50.95 -6.63 36.55
N2 NAG JA . 49.26 -4.98 36.09
O3 NAG JA . 49.51 -2.13 36.58
O4 NAG JA . 47.09 -0.63 36.32
O5 NAG JA . 46.48 -3.50 34.13
O6 NAG JA . 45.83 -1.16 32.93
O7 NAG JA . 50.78 -5.42 34.50
C1 NAG KA . 72.18 -40.07 -3.58
C2 NAG KA . 72.85 -39.39 -4.77
C3 NAG KA . 72.64 -40.19 -6.04
C4 NAG KA . 73.10 -41.62 -5.84
C5 NAG KA . 72.45 -42.23 -4.60
C6 NAG KA . 73.01 -43.59 -4.25
C7 NAG KA . 73.13 -36.95 -4.84
C8 NAG KA . 72.45 -35.62 -5.04
N2 NAG KA . 72.35 -38.02 -4.93
O3 NAG KA . 73.35 -39.59 -7.11
O4 NAG KA . 72.77 -42.41 -6.97
O5 NAG KA . 72.69 -41.40 -3.45
O6 NAG KA . 73.70 -43.57 -3.01
O7 NAG KA . 74.33 -37.03 -4.60
C1 NAG LA . -0.04 44.12 -16.55
C2 NAG LA . -0.65 43.07 -17.47
C3 NAG LA . 0.34 42.66 -18.56
C4 NAG LA . 0.84 43.89 -19.31
C5 NAG LA . 1.41 44.91 -18.32
C6 NAG LA . 1.79 46.21 -18.98
C7 NAG LA . -2.36 41.68 -16.39
C8 NAG LA . -2.63 40.43 -15.60
N2 NAG LA . -1.08 41.89 -16.72
O3 NAG LA . -0.29 41.76 -19.46
O4 NAG LA . 1.84 43.52 -20.23
O5 NAG LA . 0.42 45.24 -17.33
O6 NAG LA . 0.67 47.08 -19.12
O7 NAG LA . -3.26 42.45 -16.70
C1 NAG MA . 61.65 -26.72 -11.24
C2 NAG MA . 62.77 -26.02 -11.98
C3 NAG MA . 62.37 -25.79 -13.44
C4 NAG MA . 61.99 -27.11 -14.09
C5 NAG MA . 60.90 -27.81 -13.26
C6 NAG MA . 60.58 -29.18 -13.77
C7 NAG MA . 64.29 -24.58 -10.72
C8 NAG MA . 64.50 -23.22 -10.11
N2 NAG MA . 63.13 -24.76 -11.34
O3 NAG MA . 63.47 -25.20 -14.14
O4 NAG MA . 61.51 -26.89 -15.41
O5 NAG MA . 61.33 -27.95 -11.90
O6 NAG MA . 60.67 -30.15 -12.73
O7 NAG MA . 65.15 -25.45 -10.64
#